data_2KHW
#
_entry.id   2KHW
#
loop_
_entity.id
_entity.type
_entity.pdbx_description
1 polymer 'Immunoglobulin G-binding protein G, DNA polymerase iota'
2 polymer Ubiquitin
#
loop_
_entity_poly.entity_id
_entity_poly.type
_entity_poly.pdbx_seq_one_letter_code
_entity_poly.pdbx_strand_id
1 'polypeptide(L)'
;MQYKLILNGKTLKGETTTEAVDAATAEKVFKQYANDNGVDGEWTYDDATKTFTVTEGSDEKITFPSDIDPQVFYELPEAV
QKELLAEWKRTGSDFHIGHKLEHHHHHH
;
A
2 'polypeptide(L)' GSHMQIFVKTLTGKTITLEVEPSDTIENVKAKIQDKEGIPPDQQRLIFAGKQLEDGRTLSDYNIQKESTLHLVLRLRGG B
#
# COMPACT_ATOMS: atom_id res chain seq x y z
N LYS A 61 23.40 -8.47 -4.09
CA LYS A 61 23.35 -7.17 -4.82
C LYS A 61 21.90 -6.90 -5.23
N ILE A 62 21.32 -5.85 -4.72
CA ILE A 62 19.90 -5.56 -5.06
C ILE A 62 19.81 -4.25 -5.87
N THR A 63 19.09 -4.28 -6.95
CA THR A 63 18.92 -3.07 -7.79
C THR A 63 17.46 -2.62 -7.73
N PHE A 64 17.20 -1.38 -7.41
CA PHE A 64 15.79 -0.90 -7.31
C PHE A 64 15.51 0.12 -8.43
N PRO A 65 14.37 0.03 -9.10
CA PRO A 65 14.00 0.98 -10.18
C PRO A 65 14.16 2.44 -9.75
N SER A 66 14.15 3.34 -10.70
CA SER A 66 14.30 4.80 -10.41
C SER A 66 13.07 5.32 -9.65
N ASP A 67 12.09 4.48 -9.42
CA ASP A 67 10.86 4.96 -8.69
C ASP A 67 10.64 4.12 -7.42
N ILE A 68 11.58 3.33 -7.04
CA ILE A 68 11.39 2.47 -5.82
C ILE A 68 12.35 2.90 -4.70
N ASP A 69 11.83 3.10 -3.52
CA ASP A 69 12.70 3.49 -2.37
C ASP A 69 12.99 2.25 -1.52
N PRO A 70 14.21 2.08 -1.05
CA PRO A 70 14.61 0.89 -0.23
C PRO A 70 14.01 0.92 1.18
N GLN A 71 13.87 2.09 1.75
CA GLN A 71 13.31 2.20 3.14
C GLN A 71 11.87 1.67 3.18
N VAL A 72 11.06 1.99 2.22
CA VAL A 72 9.65 1.50 2.24
C VAL A 72 9.60 0.05 1.73
N PHE A 73 10.57 -0.35 0.94
CA PHE A 73 10.57 -1.73 0.40
C PHE A 73 10.80 -2.75 1.52
N TYR A 74 11.87 -2.61 2.26
CA TYR A 74 12.14 -3.59 3.34
C TYR A 74 11.00 -3.58 4.36
N GLU A 75 10.17 -2.59 4.34
CA GLU A 75 9.03 -2.54 5.30
C GLU A 75 7.86 -3.39 4.78
N LEU A 76 7.98 -3.88 3.57
CA LEU A 76 6.87 -4.71 3.01
C LEU A 76 7.10 -6.18 3.35
N PRO A 77 6.05 -6.96 3.46
CA PRO A 77 6.17 -8.41 3.77
C PRO A 77 7.08 -9.15 2.78
N GLU A 78 7.66 -10.24 3.20
CA GLU A 78 8.56 -11.00 2.30
C GLU A 78 7.79 -11.52 1.08
N ALA A 79 6.69 -12.20 1.30
CA ALA A 79 5.92 -12.76 0.14
C ALA A 79 5.73 -11.67 -0.92
N VAL A 80 5.38 -10.48 -0.52
CA VAL A 80 5.20 -9.38 -1.51
C VAL A 80 6.59 -8.93 -1.97
N GLN A 81 7.55 -9.00 -1.10
CA GLN A 81 8.93 -8.59 -1.48
C GLN A 81 9.40 -9.47 -2.63
N LYS A 82 9.27 -10.76 -2.48
CA LYS A 82 9.71 -11.70 -3.55
C LYS A 82 8.98 -11.38 -4.85
N GLU A 83 7.68 -11.23 -4.81
CA GLU A 83 6.94 -10.92 -6.07
C GLU A 83 7.50 -9.65 -6.73
N LEU A 84 7.80 -8.65 -5.95
CA LEU A 84 8.34 -7.39 -6.55
C LEU A 84 9.78 -7.62 -7.03
N LEU A 85 10.56 -8.38 -6.30
CA LEU A 85 11.96 -8.64 -6.78
C LEU A 85 11.91 -9.55 -8.00
N ALA A 86 11.03 -10.51 -8.01
CA ALA A 86 10.94 -11.42 -9.18
C ALA A 86 10.55 -10.61 -10.42
N GLU A 87 9.80 -9.55 -10.23
CA GLU A 87 9.40 -8.71 -11.39
C GLU A 87 10.59 -7.88 -11.85
N TRP A 88 11.38 -7.40 -10.91
CA TRP A 88 12.57 -6.60 -11.32
C TRP A 88 13.63 -7.55 -11.89
N LYS A 89 13.54 -8.82 -11.57
CA LYS A 89 14.55 -9.78 -12.09
C LYS A 89 14.12 -10.30 -13.46
N ARG A 90 12.87 -10.67 -13.62
CA ARG A 90 12.43 -11.17 -14.95
C ARG A 90 12.74 -10.11 -16.00
N THR A 91 12.52 -8.86 -15.69
CA THR A 91 12.81 -7.78 -16.67
C THR A 91 14.26 -7.31 -16.47
N GLY A 92 14.71 -7.26 -15.24
CA GLY A 92 16.10 -6.81 -14.99
C GLY A 92 17.07 -7.61 -15.86
N MET B 4 -11.36 9.01 12.03
CA MET B 4 -9.93 8.73 12.30
C MET B 4 -9.14 8.83 10.99
N GLN B 5 -7.99 9.44 11.04
CA GLN B 5 -7.18 9.60 9.79
C GLN B 5 -6.11 8.51 9.71
N ILE B 6 -5.56 8.30 8.55
CA ILE B 6 -4.50 7.26 8.39
C ILE B 6 -3.46 7.73 7.38
N PHE B 7 -2.22 7.42 7.61
CA PHE B 7 -1.15 7.84 6.66
C PHE B 7 -0.85 6.70 5.68
N VAL B 8 -0.59 7.01 4.44
CA VAL B 8 -0.30 5.95 3.43
C VAL B 8 1.05 6.23 2.78
N LYS B 9 2.04 5.44 3.10
CA LYS B 9 3.38 5.65 2.47
C LYS B 9 3.50 4.76 1.23
N THR B 10 3.92 5.32 0.12
CA THR B 10 4.02 4.50 -1.12
C THR B 10 5.41 3.87 -1.24
N LEU B 11 5.64 3.20 -2.33
CA LEU B 11 6.97 2.55 -2.53
C LEU B 11 8.03 3.61 -2.77
N THR B 12 7.63 4.79 -3.17
CA THR B 12 8.63 5.87 -3.42
C THR B 12 8.78 6.74 -2.17
N GLY B 13 8.01 6.48 -1.16
CA GLY B 13 8.13 7.29 0.10
C GLY B 13 7.06 8.38 0.14
N LYS B 14 6.16 8.39 -0.82
CA LYS B 14 5.10 9.44 -0.81
C LYS B 14 4.14 9.18 0.35
N THR B 15 4.03 10.11 1.26
CA THR B 15 3.12 9.90 2.42
C THR B 15 1.83 10.71 2.19
N ILE B 16 0.70 10.10 2.43
CA ILE B 16 -0.59 10.82 2.22
C ILE B 16 -1.48 10.65 3.44
N THR B 17 -2.10 11.70 3.88
CA THR B 17 -3.00 11.61 5.06
C THR B 17 -4.46 11.67 4.58
N LEU B 18 -5.19 10.61 4.74
CA LEU B 18 -6.61 10.61 4.28
C LEU B 18 -7.56 10.40 5.47
N GLU B 19 -8.48 11.31 5.65
CA GLU B 19 -9.45 11.18 6.76
C GLU B 19 -10.39 10.00 6.46
N VAL B 20 -10.60 9.13 7.41
CA VAL B 20 -11.51 7.97 7.16
C VAL B 20 -12.37 7.71 8.40
N GLU B 21 -13.08 6.61 8.41
CA GLU B 21 -13.94 6.29 9.59
C GLU B 21 -13.77 4.81 9.94
N PRO B 22 -13.98 4.46 11.18
CA PRO B 22 -13.84 3.05 11.64
C PRO B 22 -14.75 2.09 10.86
N SER B 23 -15.76 2.62 10.22
CA SER B 23 -16.70 1.75 9.44
C SER B 23 -16.42 1.93 7.95
N ASP B 24 -15.38 2.65 7.58
CA ASP B 24 -15.09 2.85 6.14
C ASP B 24 -14.61 1.53 5.53
N THR B 25 -15.00 1.25 4.31
CA THR B 25 -14.58 -0.03 3.67
C THR B 25 -13.22 0.15 2.99
N ILE B 26 -12.43 -0.89 2.93
CA ILE B 26 -11.10 -0.80 2.28
C ILE B 26 -11.27 -0.26 0.86
N GLU B 27 -12.33 -0.63 0.20
CA GLU B 27 -12.54 -0.14 -1.19
C GLU B 27 -12.62 1.39 -1.20
N ASN B 28 -13.09 1.98 -0.13
CA ASN B 28 -13.19 3.47 -0.09
C ASN B 28 -11.78 4.06 0.08
N VAL B 29 -11.05 3.60 1.06
CA VAL B 29 -9.67 4.14 1.26
C VAL B 29 -8.92 4.06 -0.06
N LYS B 30 -8.97 2.94 -0.72
CA LYS B 30 -8.26 2.79 -2.02
C LYS B 30 -8.69 3.91 -2.96
N ALA B 31 -9.96 4.22 -3.00
CA ALA B 31 -10.44 5.32 -3.90
C ALA B 31 -9.78 6.64 -3.50
N LYS B 32 -9.55 6.83 -2.22
CA LYS B 32 -8.90 8.10 -1.79
C LYS B 32 -7.55 8.23 -2.49
N ILE B 33 -6.71 7.25 -2.39
CA ILE B 33 -5.38 7.33 -3.06
C ILE B 33 -5.60 7.53 -4.56
N GLN B 34 -6.66 6.99 -5.09
CA GLN B 34 -6.93 7.15 -6.56
C GLN B 34 -7.15 8.63 -6.87
N ASP B 35 -8.00 9.29 -6.13
CA ASP B 35 -8.28 10.73 -6.41
C ASP B 35 -7.04 11.58 -6.12
N LYS B 36 -6.15 11.13 -5.29
CA LYS B 36 -4.95 11.94 -4.96
C LYS B 36 -3.74 11.46 -5.79
N GLU B 37 -3.44 10.19 -5.74
CA GLU B 37 -2.28 9.67 -6.51
C GLU B 37 -2.68 9.26 -7.93
N GLY B 38 -3.94 9.25 -8.25
CA GLY B 38 -4.35 8.86 -9.63
C GLY B 38 -4.09 7.37 -9.87
N ILE B 39 -4.01 6.59 -8.83
CA ILE B 39 -3.77 5.13 -9.01
C ILE B 39 -5.10 4.38 -8.87
N PRO B 40 -5.43 3.49 -9.80
CA PRO B 40 -6.70 2.72 -9.74
C PRO B 40 -6.66 1.60 -8.69
N PRO B 41 -7.81 1.13 -8.28
CA PRO B 41 -7.95 0.05 -7.25
C PRO B 41 -7.48 -1.33 -7.74
N ASP B 42 -7.68 -1.62 -8.99
CA ASP B 42 -7.28 -2.96 -9.53
C ASP B 42 -5.76 -3.10 -9.58
N GLN B 43 -5.01 -2.06 -9.29
CA GLN B 43 -3.51 -2.18 -9.37
C GLN B 43 -2.86 -1.76 -8.04
N GLN B 44 -3.49 -0.93 -7.25
CA GLN B 44 -2.84 -0.54 -5.97
C GLN B 44 -3.22 -1.53 -4.88
N ARG B 45 -2.32 -1.82 -3.97
CA ARG B 45 -2.62 -2.79 -2.88
C ARG B 45 -2.26 -2.17 -1.53
N LEU B 46 -3.13 -2.29 -0.56
CA LEU B 46 -2.84 -1.71 0.78
C LEU B 46 -2.50 -2.85 1.75
N ILE B 47 -1.37 -2.75 2.40
CA ILE B 47 -0.95 -3.81 3.37
C ILE B 47 -0.78 -3.19 4.76
N PHE B 48 -1.28 -3.84 5.78
CA PHE B 48 -1.15 -3.31 7.17
C PHE B 48 -0.61 -4.40 8.09
N ALA B 49 0.57 -4.23 8.61
CA ALA B 49 1.13 -5.28 9.52
C ALA B 49 1.34 -6.58 8.73
N GLY B 50 1.78 -6.47 7.50
CA GLY B 50 2.02 -7.69 6.69
C GLY B 50 0.71 -8.38 6.32
N LYS B 51 -0.40 -7.73 6.52
CA LYS B 51 -1.71 -8.38 6.17
C LYS B 51 -2.34 -7.65 4.98
N GLN B 52 -2.87 -8.39 4.05
CA GLN B 52 -3.48 -7.74 2.86
C GLN B 52 -4.92 -7.33 3.19
N LEU B 53 -5.25 -6.08 3.05
CA LEU B 53 -6.63 -5.62 3.37
C LEU B 53 -7.60 -6.17 2.32
N GLU B 54 -8.79 -6.53 2.72
CA GLU B 54 -9.76 -7.08 1.73
C GLU B 54 -10.77 -6.00 1.32
N ASP B 55 -11.22 -6.03 0.10
CA ASP B 55 -12.20 -5.01 -0.37
C ASP B 55 -13.57 -5.29 0.26
N GLY B 56 -13.66 -6.27 1.12
CA GLY B 56 -14.98 -6.60 1.75
C GLY B 56 -14.86 -6.50 3.28
N ARG B 57 -14.20 -5.50 3.79
CA ARG B 57 -14.08 -5.37 5.27
C ARG B 57 -13.94 -3.88 5.63
N THR B 58 -13.99 -3.57 6.92
CA THR B 58 -13.87 -2.15 7.35
C THR B 58 -12.55 -1.93 8.09
N LEU B 59 -12.13 -0.70 8.21
CA LEU B 59 -10.85 -0.43 8.92
C LEU B 59 -10.92 -0.97 10.35
N SER B 60 -12.01 -0.76 11.03
CA SER B 60 -12.13 -1.28 12.42
C SER B 60 -11.97 -2.80 12.41
N ASP B 61 -12.33 -3.44 11.32
CA ASP B 61 -12.20 -4.91 11.25
C ASP B 61 -10.73 -5.31 11.20
N TYR B 62 -9.88 -4.44 10.71
CA TYR B 62 -8.43 -4.78 10.64
C TYR B 62 -7.72 -4.19 11.85
N ASN B 63 -8.46 -3.63 12.76
CA ASN B 63 -7.86 -3.05 13.99
C ASN B 63 -7.03 -1.81 13.63
N ILE B 64 -7.49 -1.03 12.70
CA ILE B 64 -6.73 0.19 12.32
C ILE B 64 -7.25 1.39 13.13
N GLN B 65 -6.36 2.20 13.63
CA GLN B 65 -6.80 3.38 14.45
C GLN B 65 -6.23 4.67 13.85
N LYS B 66 -6.60 5.80 14.40
CA LYS B 66 -6.10 7.09 13.86
C LYS B 66 -4.57 7.11 13.80
N GLU B 67 -4.04 7.99 13.01
CA GLU B 67 -2.56 8.12 12.89
C GLU B 67 -1.94 6.78 12.49
N SER B 68 -2.75 5.82 12.12
CA SER B 68 -2.18 4.51 11.70
C SER B 68 -1.55 4.68 10.31
N THR B 69 -0.50 3.97 10.03
CA THR B 69 0.17 4.09 8.71
C THR B 69 0.03 2.79 7.92
N LEU B 70 -0.23 2.88 6.65
CA LEU B 70 -0.38 1.66 5.82
C LEU B 70 0.66 1.68 4.69
N HIS B 71 0.87 0.58 4.04
CA HIS B 71 1.86 0.54 2.93
C HIS B 71 1.13 0.31 1.60
N LEU B 72 1.53 0.98 0.57
CA LEU B 72 0.85 0.80 -0.75
C LEU B 72 1.79 0.06 -1.71
N VAL B 73 1.33 -1.04 -2.26
CA VAL B 73 2.20 -1.82 -3.20
C VAL B 73 1.58 -1.75 -4.60
N LEU B 74 2.36 -1.41 -5.60
CA LEU B 74 1.82 -1.32 -6.97
C LEU B 74 1.79 -2.71 -7.62
N ARG B 75 0.77 -2.99 -8.38
CA ARG B 75 0.66 -4.31 -9.04
C ARG B 75 1.33 -4.22 -10.43
N LEU B 76 0.74 -4.80 -11.43
CA LEU B 76 1.35 -4.74 -12.79
C LEU B 76 0.35 -4.14 -13.78
N ARG B 77 -0.88 -4.59 -13.72
CA ARG B 77 -1.92 -4.05 -14.65
C ARG B 77 -2.24 -2.60 -14.26
N LYS A 61 23.94 -7.93 -4.39
CA LYS A 61 23.76 -6.58 -4.97
C LYS A 61 22.30 -6.39 -5.38
N ILE A 62 21.60 -5.48 -4.76
CA ILE A 62 20.17 -5.25 -5.12
C ILE A 62 20.03 -3.93 -5.88
N THR A 63 19.33 -3.94 -6.98
CA THR A 63 19.12 -2.69 -7.76
C THR A 63 17.65 -2.32 -7.70
N PHE A 64 17.36 -1.12 -7.27
CA PHE A 64 15.93 -0.69 -7.17
C PHE A 64 15.64 0.40 -8.22
N PRO A 65 14.52 0.33 -8.91
CA PRO A 65 14.15 1.36 -9.92
C PRO A 65 14.30 2.80 -9.41
N SER A 66 14.31 3.74 -10.31
CA SER A 66 14.43 5.17 -9.92
C SER A 66 13.18 5.64 -9.16
N ASP A 67 12.21 4.78 -9.00
CA ASP A 67 10.97 5.20 -8.28
C ASP A 67 10.70 4.28 -7.08
N ILE A 68 11.62 3.41 -6.75
CA ILE A 68 11.39 2.49 -5.58
C ILE A 68 12.29 2.88 -4.40
N ASP A 69 11.71 3.04 -3.25
CA ASP A 69 12.50 3.41 -2.04
C ASP A 69 12.74 2.15 -1.19
N PRO A 70 13.96 1.66 -1.13
CA PRO A 70 14.29 0.44 -0.34
C PRO A 70 13.70 0.48 1.07
N GLN A 71 13.83 1.59 1.74
CA GLN A 71 13.30 1.70 3.13
C GLN A 71 11.84 1.22 3.18
N VAL A 72 11.02 1.67 2.29
CA VAL A 72 9.60 1.20 2.30
C VAL A 72 9.54 -0.24 1.79
N PHE A 73 10.49 -0.63 1.00
CA PHE A 73 10.50 -2.01 0.46
C PHE A 73 10.74 -3.04 1.56
N TYR A 74 11.78 -2.87 2.33
CA TYR A 74 12.08 -3.86 3.39
C TYR A 74 10.94 -3.90 4.42
N GLU A 75 10.11 -2.89 4.47
CA GLU A 75 8.98 -2.90 5.45
C GLU A 75 7.80 -3.69 4.87
N LEU A 76 7.90 -4.12 3.65
CA LEU A 76 6.78 -4.89 3.03
C LEU A 76 6.97 -6.40 3.30
N PRO A 77 5.90 -7.16 3.35
CA PRO A 77 5.97 -8.63 3.61
C PRO A 77 6.90 -9.34 2.62
N GLU A 78 7.47 -10.44 3.02
CA GLU A 78 8.38 -11.19 2.11
C GLU A 78 7.62 -11.68 0.86
N ALA A 79 6.51 -12.34 1.03
CA ALA A 79 5.76 -12.85 -0.15
C ALA A 79 5.61 -11.74 -1.18
N VAL A 80 5.27 -10.55 -0.77
CA VAL A 80 5.13 -9.43 -1.75
C VAL A 80 6.53 -8.98 -2.16
N GLN A 81 7.47 -9.05 -1.26
CA GLN A 81 8.85 -8.64 -1.61
C GLN A 81 9.35 -9.51 -2.77
N LYS A 82 9.20 -10.79 -2.66
CA LYS A 82 9.66 -11.71 -3.74
C LYS A 82 8.94 -11.37 -5.06
N GLU A 83 7.64 -11.25 -5.02
CA GLU A 83 6.89 -10.95 -6.27
C GLU A 83 7.42 -9.66 -6.92
N LEU A 84 7.70 -8.65 -6.15
CA LEU A 84 8.20 -7.39 -6.73
C LEU A 84 9.64 -7.58 -7.24
N LEU A 85 10.44 -8.34 -6.54
CA LEU A 85 11.84 -8.58 -7.03
C LEU A 85 11.79 -9.45 -8.28
N ALA A 86 10.91 -10.42 -8.31
CA ALA A 86 10.83 -11.30 -9.52
C ALA A 86 10.47 -10.46 -10.73
N GLU A 87 9.69 -9.42 -10.52
CA GLU A 87 9.31 -8.53 -11.66
C GLU A 87 10.53 -7.68 -12.05
N TRP A 88 11.29 -7.27 -11.09
CA TRP A 88 12.50 -6.46 -11.42
C TRP A 88 13.61 -7.39 -11.91
N LYS A 89 13.44 -8.67 -11.70
CA LYS A 89 14.48 -9.64 -12.17
C LYS A 89 14.11 -10.13 -13.58
N ARG A 90 12.87 -10.51 -13.79
CA ARG A 90 12.49 -10.98 -15.15
C ARG A 90 12.84 -9.88 -16.16
N THR A 91 12.60 -8.65 -15.82
CA THR A 91 12.94 -7.54 -16.76
C THR A 91 14.39 -7.11 -16.50
N GLY A 92 14.81 -7.11 -15.27
CA GLY A 92 16.21 -6.70 -14.95
C GLY A 92 17.18 -7.78 -15.45
N MET B 4 -11.37 9.10 12.04
CA MET B 4 -9.92 8.85 12.30
C MET B 4 -9.14 8.94 10.98
N GLN B 5 -8.00 9.58 11.00
CA GLN B 5 -7.21 9.71 9.75
C GLN B 5 -6.14 8.63 9.67
N ILE B 6 -5.60 8.40 8.50
CA ILE B 6 -4.55 7.35 8.35
C ILE B 6 -3.53 7.82 7.31
N PHE B 7 -2.28 7.48 7.50
CA PHE B 7 -1.22 7.89 6.54
C PHE B 7 -0.92 6.74 5.58
N VAL B 8 -0.64 7.04 4.34
CA VAL B 8 -0.33 5.97 3.36
C VAL B 8 1.03 6.23 2.71
N LYS B 9 2.01 5.41 2.99
CA LYS B 9 3.35 5.61 2.37
C LYS B 9 3.46 4.72 1.14
N THR B 10 3.91 5.28 0.04
CA THR B 10 4.01 4.45 -1.20
C THR B 10 5.40 3.84 -1.32
N LEU B 11 5.61 3.05 -2.34
CA LEU B 11 6.92 2.40 -2.53
C LEU B 11 8.00 3.46 -2.79
N THR B 12 7.59 4.68 -3.01
CA THR B 12 8.58 5.76 -3.27
C THR B 12 8.75 6.63 -2.01
N GLY B 13 8.01 6.35 -0.98
CA GLY B 13 8.14 7.16 0.27
C GLY B 13 7.11 8.27 0.29
N LYS B 14 6.30 8.38 -0.74
CA LYS B 14 5.27 9.46 -0.75
C LYS B 14 4.26 9.19 0.37
N THR B 15 4.14 10.10 1.30
CA THR B 15 3.17 9.89 2.41
C THR B 15 1.90 10.69 2.12
N ILE B 16 0.75 10.11 2.37
CA ILE B 16 -0.53 10.83 2.10
C ILE B 16 -1.46 10.67 3.31
N THR B 17 -2.10 11.72 3.72
CA THR B 17 -3.03 11.61 4.89
C THR B 17 -4.46 11.64 4.37
N LEU B 18 -5.21 10.60 4.63
CA LEU B 18 -6.63 10.57 4.14
C LEU B 18 -7.58 10.38 5.32
N GLU B 19 -8.49 11.31 5.51
CA GLU B 19 -9.46 11.20 6.62
C GLU B 19 -10.40 10.02 6.36
N VAL B 20 -10.61 9.17 7.34
CA VAL B 20 -11.51 8.00 7.12
C VAL B 20 -12.37 7.78 8.36
N GLU B 21 -13.11 6.70 8.38
CA GLU B 21 -13.98 6.40 9.56
C GLU B 21 -13.82 4.93 9.94
N PRO B 22 -14.08 4.59 11.17
CA PRO B 22 -13.96 3.17 11.65
C PRO B 22 -14.83 2.21 10.85
N SER B 23 -15.81 2.73 10.14
CA SER B 23 -16.70 1.84 9.33
C SER B 23 -16.39 2.01 7.84
N ASP B 24 -15.33 2.71 7.50
CA ASP B 24 -15.03 2.89 6.05
C ASP B 24 -14.54 1.57 5.47
N THR B 25 -14.93 1.26 4.26
CA THR B 25 -14.50 -0.02 3.63
C THR B 25 -13.14 0.16 2.97
N ILE B 26 -12.31 -0.86 3.01
CA ILE B 26 -10.97 -0.75 2.37
C ILE B 26 -11.14 -0.27 0.93
N GLU B 27 -12.21 -0.66 0.29
CA GLU B 27 -12.45 -0.22 -1.11
C GLU B 27 -12.59 1.31 -1.14
N ASN B 28 -13.09 1.90 -0.08
CA ASN B 28 -13.23 3.38 -0.07
C ASN B 28 -11.85 4.01 0.12
N VAL B 29 -11.13 3.59 1.11
CA VAL B 29 -9.77 4.18 1.32
C VAL B 29 -9.00 4.05 0.01
N LYS B 30 -9.03 2.89 -0.60
CA LYS B 30 -8.32 2.68 -1.88
C LYS B 30 -8.73 3.78 -2.87
N ALA B 31 -9.99 4.10 -2.92
CA ALA B 31 -10.45 5.16 -3.86
C ALA B 31 -9.78 6.49 -3.50
N LYS B 32 -9.58 6.74 -2.24
CA LYS B 32 -8.93 8.02 -1.84
C LYS B 32 -7.57 8.13 -2.53
N ILE B 33 -6.73 7.14 -2.38
CA ILE B 33 -5.41 7.20 -3.04
C ILE B 33 -5.60 7.36 -4.56
N GLN B 34 -6.63 6.77 -5.09
CA GLN B 34 -6.88 6.89 -6.56
C GLN B 34 -7.15 8.36 -6.91
N ASP B 35 -8.03 9.01 -6.20
CA ASP B 35 -8.34 10.43 -6.51
C ASP B 35 -7.11 11.32 -6.25
N LYS B 36 -6.20 10.88 -5.42
CA LYS B 36 -5.01 11.72 -5.12
C LYS B 36 -3.81 11.23 -5.93
N GLU B 37 -3.42 9.99 -5.74
CA GLU B 37 -2.24 9.46 -6.48
C GLU B 37 -2.63 9.05 -7.91
N GLY B 38 -3.89 9.09 -8.25
CA GLY B 38 -4.29 8.71 -9.64
C GLY B 38 -4.00 7.22 -9.88
N ILE B 39 -3.98 6.42 -8.85
CA ILE B 39 -3.71 4.97 -9.03
C ILE B 39 -5.03 4.18 -8.91
N PRO B 40 -5.28 3.26 -9.83
CA PRO B 40 -6.53 2.43 -9.80
C PRO B 40 -6.50 1.38 -8.68
N PRO B 41 -7.66 0.98 -8.20
CA PRO B 41 -7.77 -0.03 -7.10
C PRO B 41 -7.39 -1.45 -7.54
N ASP B 42 -7.69 -1.80 -8.76
CA ASP B 42 -7.37 -3.18 -9.24
C ASP B 42 -5.86 -3.39 -9.32
N GLN B 43 -5.09 -2.34 -9.13
CA GLN B 43 -3.60 -2.48 -9.21
C GLN B 43 -2.93 -1.92 -7.95
N GLN B 44 -3.64 -1.17 -7.15
CA GLN B 44 -3.02 -0.62 -5.91
C GLN B 44 -3.38 -1.56 -4.75
N ARG B 45 -2.44 -1.87 -3.90
CA ARG B 45 -2.73 -2.79 -2.76
C ARG B 45 -2.34 -2.13 -1.44
N LEU B 46 -3.19 -2.23 -0.45
CA LEU B 46 -2.86 -1.63 0.87
C LEU B 46 -2.50 -2.74 1.85
N ILE B 47 -1.34 -2.66 2.45
CA ILE B 47 -0.91 -3.72 3.41
C ILE B 47 -0.72 -3.10 4.79
N PHE B 48 -1.20 -3.74 5.82
CA PHE B 48 -1.03 -3.19 7.19
C PHE B 48 -0.48 -4.29 8.10
N ALA B 49 0.68 -4.09 8.68
CA ALA B 49 1.25 -5.15 9.56
C ALA B 49 1.45 -6.45 8.75
N GLY B 50 1.86 -6.32 7.52
CA GLY B 50 2.14 -7.52 6.68
C GLY B 50 0.83 -8.20 6.22
N LYS B 51 -0.30 -7.79 6.74
CA LYS B 51 -1.56 -8.44 6.31
C LYS B 51 -2.17 -7.67 5.14
N GLN B 52 -2.64 -8.36 4.13
CA GLN B 52 -3.23 -7.66 2.97
C GLN B 52 -4.69 -7.30 3.28
N LEU B 53 -5.06 -6.06 3.14
CA LEU B 53 -6.46 -5.66 3.44
C LEU B 53 -7.38 -6.15 2.32
N GLU B 54 -8.60 -6.50 2.65
CA GLU B 54 -9.55 -7.00 1.60
C GLU B 54 -10.54 -5.89 1.24
N ASP B 55 -10.95 -5.84 0.01
CA ASP B 55 -11.92 -4.79 -0.42
C ASP B 55 -13.30 -5.09 0.17
N GLY B 56 -13.43 -6.10 0.98
CA GLY B 56 -14.75 -6.45 1.57
C GLY B 56 -14.70 -6.37 3.10
N ARG B 57 -13.97 -5.43 3.65
CA ARG B 57 -13.91 -5.32 5.14
C ARG B 57 -13.80 -3.85 5.54
N THR B 58 -13.87 -3.57 6.83
CA THR B 58 -13.79 -2.16 7.30
C THR B 58 -12.49 -1.94 8.08
N LEU B 59 -12.08 -0.71 8.24
CA LEU B 59 -10.82 -0.43 8.99
C LEU B 59 -10.93 -0.96 10.42
N SER B 60 -12.05 -0.77 11.07
CA SER B 60 -12.20 -1.25 12.47
C SER B 60 -12.04 -2.77 12.50
N ASP B 61 -12.39 -3.44 11.43
CA ASP B 61 -12.24 -4.93 11.41
C ASP B 61 -10.76 -5.30 11.38
N TYR B 62 -9.91 -4.35 11.07
CA TYR B 62 -8.45 -4.64 11.03
C TYR B 62 -7.76 -4.00 12.24
N ASN B 63 -8.54 -3.40 13.11
CA ASN B 63 -7.95 -2.75 14.31
C ASN B 63 -7.10 -1.55 13.90
N ILE B 64 -7.55 -0.80 12.93
CA ILE B 64 -6.78 0.39 12.49
C ILE B 64 -7.25 1.61 13.29
N GLN B 65 -6.35 2.41 13.77
CA GLN B 65 -6.75 3.62 14.56
C GLN B 65 -6.16 4.88 13.93
N LYS B 66 -6.56 6.01 14.43
CA LYS B 66 -6.07 7.30 13.88
C LYS B 66 -4.53 7.29 13.81
N GLU B 67 -4.00 8.13 12.97
CA GLU B 67 -2.51 8.23 12.84
C GLU B 67 -1.91 6.89 12.43
N SER B 68 -2.71 5.94 12.05
CA SER B 68 -2.17 4.62 11.63
C SER B 68 -1.56 4.79 10.23
N THR B 69 -0.56 4.02 9.90
CA THR B 69 0.08 4.14 8.56
C THR B 69 -0.11 2.84 7.76
N LEU B 70 -0.40 2.96 6.50
CA LEU B 70 -0.59 1.74 5.65
C LEU B 70 0.36 1.80 4.45
N HIS B 71 0.94 0.69 4.07
CA HIS B 71 1.87 0.68 2.92
C HIS B 71 1.09 0.43 1.61
N LEU B 72 1.48 1.08 0.54
CA LEU B 72 0.77 0.87 -0.76
C LEU B 72 1.71 0.12 -1.72
N VAL B 73 1.25 -0.96 -2.29
CA VAL B 73 2.12 -1.74 -3.22
C VAL B 73 1.53 -1.73 -4.63
N LEU B 74 2.33 -1.42 -5.62
CA LEU B 74 1.81 -1.40 -7.01
C LEU B 74 1.74 -2.83 -7.55
N ARG B 75 0.72 -3.14 -8.29
CA ARG B 75 0.58 -4.52 -8.84
C ARG B 75 1.17 -4.56 -10.25
N LEU B 76 0.54 -5.26 -11.16
CA LEU B 76 1.06 -5.33 -12.55
C LEU B 76 -0.04 -4.89 -13.53
N ARG B 77 -1.20 -5.46 -13.42
CA ARG B 77 -2.31 -5.08 -14.33
C ARG B 77 -2.81 -3.68 -13.99
N LYS A 61 23.35 -8.14 -2.93
CA LYS A 61 23.40 -6.87 -3.72
C LYS A 61 22.00 -6.58 -4.24
N ILE A 62 21.40 -5.50 -3.81
CA ILE A 62 20.02 -5.18 -4.27
C ILE A 62 20.00 -3.88 -5.08
N THR A 63 19.33 -3.91 -6.20
CA THR A 63 19.21 -2.68 -7.05
C THR A 63 17.73 -2.30 -7.11
N PHE A 64 17.43 -1.05 -6.84
CA PHE A 64 16.00 -0.62 -6.87
C PHE A 64 15.75 0.38 -8.01
N PRO A 65 14.67 0.23 -8.75
CA PRO A 65 14.32 1.18 -9.86
C PRO A 65 14.41 2.65 -9.43
N SER A 66 14.41 3.54 -10.39
CA SER A 66 14.50 5.00 -10.10
C SER A 66 13.22 5.49 -9.40
N ASP A 67 12.24 4.63 -9.22
CA ASP A 67 10.98 5.07 -8.55
C ASP A 67 10.71 4.23 -7.30
N ILE A 68 11.64 3.40 -6.93
CA ILE A 68 11.43 2.54 -5.73
C ILE A 68 12.35 2.96 -4.58
N ASP A 69 11.77 3.14 -3.41
CA ASP A 69 12.59 3.53 -2.22
C ASP A 69 12.85 2.27 -1.37
N PRO A 70 14.06 2.10 -0.86
CA PRO A 70 14.42 0.91 -0.03
C PRO A 70 13.75 0.95 1.35
N GLN A 71 13.69 2.11 1.94
CA GLN A 71 13.07 2.23 3.30
C GLN A 71 11.65 1.67 3.29
N VAL A 72 10.87 1.98 2.31
CA VAL A 72 9.47 1.46 2.27
C VAL A 72 9.45 0.03 1.74
N PHE A 73 10.44 -0.37 0.99
CA PHE A 73 10.46 -1.75 0.44
C PHE A 73 10.67 -2.78 1.55
N TYR A 74 11.70 -2.62 2.33
CA TYR A 74 11.96 -3.62 3.42
C TYR A 74 10.79 -3.62 4.42
N GLU A 75 9.96 -2.62 4.40
CA GLU A 75 8.81 -2.59 5.35
C GLU A 75 7.66 -3.44 4.79
N LEU A 76 7.78 -3.91 3.57
CA LEU A 76 6.69 -4.73 2.98
C LEU A 76 6.92 -6.22 3.29
N PRO A 77 5.87 -6.99 3.37
CA PRO A 77 5.97 -8.46 3.66
C PRO A 77 6.89 -9.18 2.67
N GLU A 78 7.46 -10.27 3.07
CA GLU A 78 8.38 -11.02 2.16
C GLU A 78 7.62 -11.54 0.93
N ALA A 79 6.51 -12.20 1.12
CA ALA A 79 5.75 -12.74 -0.04
C ALA A 79 5.57 -11.66 -1.10
N VAL A 80 5.20 -10.47 -0.71
CA VAL A 80 5.04 -9.39 -1.72
C VAL A 80 6.42 -8.93 -2.16
N GLN A 81 7.39 -8.99 -1.28
CA GLN A 81 8.76 -8.59 -1.65
C GLN A 81 9.25 -9.48 -2.80
N LYS A 82 9.13 -10.76 -2.64
CA LYS A 82 9.58 -11.70 -3.71
C LYS A 82 8.87 -11.37 -5.03
N GLU A 83 7.57 -11.18 -5.00
CA GLU A 83 6.84 -10.88 -6.26
C GLU A 83 7.39 -9.60 -6.91
N LEU A 84 7.74 -8.62 -6.13
CA LEU A 84 8.27 -7.36 -6.73
C LEU A 84 9.69 -7.57 -7.23
N LEU A 85 10.51 -8.29 -6.51
CA LEU A 85 11.91 -8.53 -7.01
C LEU A 85 11.85 -9.47 -8.21
N ALA A 86 10.98 -10.45 -8.18
CA ALA A 86 10.86 -11.39 -9.33
C ALA A 86 10.43 -10.60 -10.57
N GLU A 87 9.62 -9.60 -10.40
CA GLU A 87 9.19 -8.77 -11.55
C GLU A 87 10.38 -7.96 -12.07
N TRP A 88 11.20 -7.48 -11.18
CA TRP A 88 12.39 -6.70 -11.63
C TRP A 88 13.45 -7.67 -12.14
N LYS A 89 13.28 -8.94 -11.91
CA LYS A 89 14.28 -9.92 -12.41
C LYS A 89 13.87 -10.41 -13.80
N ARG A 90 12.63 -10.77 -13.98
CA ARG A 90 12.19 -11.23 -15.34
C ARG A 90 12.50 -10.13 -16.35
N THR A 91 12.21 -8.90 -16.00
CA THR A 91 12.52 -7.78 -16.94
C THR A 91 13.98 -7.38 -16.77
N GLY A 92 14.47 -7.41 -15.56
CA GLY A 92 15.89 -7.04 -15.31
C GLY A 92 16.79 -7.96 -16.13
N MET B 4 -11.32 8.93 12.17
CA MET B 4 -9.87 8.67 12.41
C MET B 4 -9.11 8.80 11.08
N GLN B 5 -7.99 9.46 11.09
CA GLN B 5 -7.22 9.62 9.82
C GLN B 5 -6.15 8.55 9.71
N ILE B 6 -5.60 8.37 8.54
CA ILE B 6 -4.53 7.34 8.35
C ILE B 6 -3.50 7.85 7.34
N PHE B 7 -2.26 7.47 7.51
CA PHE B 7 -1.20 7.91 6.57
C PHE B 7 -0.89 6.79 5.58
N VAL B 8 -0.59 7.11 4.35
CA VAL B 8 -0.30 6.05 3.35
C VAL B 8 1.07 6.31 2.71
N LYS B 9 2.03 5.45 2.96
CA LYS B 9 3.37 5.64 2.35
C LYS B 9 3.47 4.75 1.11
N THR B 10 3.96 5.27 0.02
CA THR B 10 4.04 4.44 -1.22
C THR B 10 5.42 3.79 -1.33
N LEU B 11 5.65 3.13 -2.43
CA LEU B 11 6.95 2.45 -2.65
C LEU B 11 8.04 3.50 -2.90
N THR B 12 7.65 4.73 -3.14
CA THR B 12 8.65 5.79 -3.40
C THR B 12 8.83 6.65 -2.14
N GLY B 13 8.08 6.38 -1.11
CA GLY B 13 8.23 7.17 0.14
C GLY B 13 7.19 8.30 0.16
N LYS B 14 6.35 8.36 -0.83
CA LYS B 14 5.31 9.43 -0.85
C LYS B 14 4.32 9.19 0.29
N THR B 15 4.22 10.11 1.20
CA THR B 15 3.27 9.93 2.34
C THR B 15 2.00 10.72 2.05
N ILE B 16 0.86 10.15 2.33
CA ILE B 16 -0.42 10.87 2.07
C ILE B 16 -1.34 10.71 3.28
N THR B 17 -1.98 11.76 3.69
CA THR B 17 -2.90 11.68 4.85
C THR B 17 -4.36 11.71 4.34
N LEU B 18 -5.11 10.69 4.62
CA LEU B 18 -6.52 10.65 4.14
C LEU B 18 -7.47 10.42 5.33
N GLU B 19 -8.40 11.31 5.54
CA GLU B 19 -9.37 11.16 6.67
C GLU B 19 -10.28 9.96 6.40
N VAL B 20 -10.44 9.07 7.35
CA VAL B 20 -11.34 7.90 7.13
C VAL B 20 -12.20 7.66 8.37
N GLU B 21 -12.96 6.60 8.37
CA GLU B 21 -13.82 6.29 9.54
C GLU B 21 -13.67 4.80 9.89
N PRO B 22 -13.93 4.45 11.12
CA PRO B 22 -13.81 3.03 11.59
C PRO B 22 -14.71 2.09 10.81
N SER B 23 -15.73 2.61 10.17
CA SER B 23 -16.66 1.75 9.39
C SER B 23 -16.40 1.91 7.89
N ASP B 24 -15.36 2.60 7.53
CA ASP B 24 -15.08 2.78 6.07
C ASP B 24 -14.58 1.47 5.47
N THR B 25 -14.95 1.18 4.26
CA THR B 25 -14.50 -0.10 3.63
C THR B 25 -13.14 0.10 2.96
N ILE B 26 -12.32 -0.91 2.97
CA ILE B 26 -10.98 -0.80 2.33
C ILE B 26 -11.15 -0.29 0.90
N GLU B 27 -12.29 -0.53 0.31
CA GLU B 27 -12.53 -0.07 -1.08
C GLU B 27 -12.55 1.47 -1.09
N ASN B 28 -13.07 2.08 -0.07
CA ASN B 28 -13.11 3.57 -0.04
C ASN B 28 -11.68 4.09 0.13
N VAL B 29 -10.98 3.62 1.13
CA VAL B 29 -9.59 4.10 1.35
C VAL B 29 -8.80 3.94 0.05
N LYS B 30 -9.06 2.89 -0.67
CA LYS B 30 -8.35 2.67 -1.95
C LYS B 30 -8.75 3.77 -2.95
N ALA B 31 -9.96 4.25 -2.85
CA ALA B 31 -10.43 5.32 -3.77
C ALA B 31 -9.75 6.64 -3.39
N LYS B 32 -9.54 6.87 -2.12
CA LYS B 32 -8.87 8.13 -1.69
C LYS B 32 -7.51 8.22 -2.37
N ILE B 33 -6.70 7.20 -2.27
CA ILE B 33 -5.37 7.24 -2.93
C ILE B 33 -5.58 7.41 -4.44
N GLN B 34 -6.60 6.80 -4.98
CA GLN B 34 -6.85 6.93 -6.45
C GLN B 34 -7.07 8.40 -6.82
N ASP B 35 -7.82 9.12 -6.03
CA ASP B 35 -8.09 10.55 -6.36
C ASP B 35 -6.82 11.40 -6.17
N LYS B 36 -5.97 11.04 -5.25
CA LYS B 36 -4.74 11.85 -5.02
C LYS B 36 -3.57 11.30 -5.85
N GLU B 37 -3.32 10.03 -5.78
CA GLU B 37 -2.18 9.45 -6.54
C GLU B 37 -2.60 9.02 -7.95
N GLY B 38 -3.87 9.09 -8.27
CA GLY B 38 -4.30 8.69 -9.64
C GLY B 38 -4.05 7.20 -9.87
N ILE B 39 -4.05 6.41 -8.84
CA ILE B 39 -3.81 4.95 -9.01
C ILE B 39 -5.15 4.18 -8.88
N PRO B 40 -5.46 3.29 -9.80
CA PRO B 40 -6.72 2.50 -9.76
C PRO B 40 -6.68 1.40 -8.69
N PRO B 41 -7.83 0.97 -8.23
CA PRO B 41 -7.94 -0.10 -7.19
C PRO B 41 -7.56 -1.49 -7.70
N ASP B 42 -7.87 -1.79 -8.92
CA ASP B 42 -7.54 -3.14 -9.47
C ASP B 42 -6.03 -3.34 -9.52
N GLN B 43 -5.26 -2.31 -9.23
CA GLN B 43 -3.78 -2.45 -9.29
C GLN B 43 -3.14 -1.93 -7.99
N GLN B 44 -3.82 -1.10 -7.25
CA GLN B 44 -3.20 -0.60 -5.98
C GLN B 44 -3.57 -1.54 -4.83
N ARG B 45 -2.62 -1.86 -3.99
CA ARG B 45 -2.92 -2.78 -2.85
C ARG B 45 -2.51 -2.14 -1.53
N LEU B 46 -3.33 -2.24 -0.52
CA LEU B 46 -3.00 -1.65 0.80
C LEU B 46 -2.62 -2.77 1.78
N ILE B 47 -1.47 -2.67 2.39
CA ILE B 47 -1.03 -3.72 3.35
C ILE B 47 -0.81 -3.09 4.72
N PHE B 48 -1.26 -3.74 5.76
CA PHE B 48 -1.09 -3.19 7.14
C PHE B 48 -0.50 -4.26 8.04
N ALA B 49 0.71 -4.08 8.50
CA ALA B 49 1.33 -5.11 9.39
C ALA B 49 1.53 -6.41 8.60
N GLY B 50 2.01 -6.31 7.39
CA GLY B 50 2.26 -7.54 6.58
C GLY B 50 0.93 -8.23 6.23
N LYS B 51 -0.16 -7.77 6.75
CA LYS B 51 -1.46 -8.43 6.42
C LYS B 51 -2.12 -7.69 5.24
N GLN B 52 -2.67 -8.43 4.31
CA GLN B 52 -3.31 -7.79 3.13
C GLN B 52 -4.74 -7.39 3.47
N LEU B 53 -5.12 -6.17 3.14
CA LEU B 53 -6.51 -5.74 3.44
C LEU B 53 -7.45 -6.21 2.32
N GLU B 54 -8.67 -6.54 2.64
CA GLU B 54 -9.61 -7.02 1.59
C GLU B 54 -10.63 -5.93 1.25
N ASP B 55 -11.07 -5.89 0.02
CA ASP B 55 -12.06 -4.87 -0.39
C ASP B 55 -13.43 -5.19 0.22
N GLY B 56 -13.51 -6.21 1.03
CA GLY B 56 -14.82 -6.58 1.65
C GLY B 56 -14.74 -6.52 3.18
N ARG B 57 -14.18 -5.49 3.73
CA ARG B 57 -14.09 -5.38 5.23
C ARG B 57 -13.94 -3.90 5.62
N THR B 58 -14.00 -3.61 6.90
CA THR B 58 -13.88 -2.19 7.35
C THR B 58 -12.54 -2.00 8.08
N LEU B 59 -12.10 -0.77 8.20
CA LEU B 59 -10.80 -0.50 8.90
C LEU B 59 -10.86 -1.04 10.33
N SER B 60 -11.97 -0.89 11.00
CA SER B 60 -12.08 -1.39 12.40
C SER B 60 -11.92 -2.91 12.41
N ASP B 61 -12.27 -3.57 11.35
CA ASP B 61 -12.14 -5.06 11.33
C ASP B 61 -10.65 -5.42 11.24
N TYR B 62 -9.82 -4.48 10.91
CA TYR B 62 -8.36 -4.76 10.82
C TYR B 62 -7.65 -4.14 12.04
N ASN B 63 -8.40 -3.54 12.91
CA ASN B 63 -7.80 -2.92 14.12
C ASN B 63 -6.99 -1.69 13.72
N ILE B 64 -7.48 -0.92 12.79
CA ILE B 64 -6.73 0.30 12.36
C ILE B 64 -7.23 1.50 13.18
N GLN B 65 -6.32 2.30 13.68
CA GLN B 65 -6.75 3.48 14.49
C GLN B 65 -6.16 4.76 13.88
N LYS B 66 -6.54 5.88 14.43
CA LYS B 66 -6.05 7.17 13.90
C LYS B 66 -4.52 7.18 13.82
N GLU B 67 -3.99 8.04 12.99
CA GLU B 67 -2.52 8.15 12.84
C GLU B 67 -1.89 6.82 12.44
N SER B 68 -2.68 5.88 12.00
CA SER B 68 -2.10 4.57 11.58
C SER B 68 -1.49 4.73 10.18
N THR B 69 -0.47 3.97 9.87
CA THR B 69 0.17 4.09 8.52
C THR B 69 -0.02 2.80 7.73
N LEU B 70 -0.31 2.92 6.45
CA LEU B 70 -0.52 1.70 5.61
C LEU B 70 0.43 1.75 4.39
N HIS B 71 0.97 0.64 4.01
CA HIS B 71 1.90 0.62 2.84
C HIS B 71 1.11 0.36 1.56
N LEU B 72 1.48 1.02 0.49
CA LEU B 72 0.75 0.81 -0.80
C LEU B 72 1.65 0.04 -1.77
N VAL B 73 1.17 -1.04 -2.30
CA VAL B 73 1.99 -1.85 -3.25
C VAL B 73 1.37 -1.78 -4.65
N LEU B 74 2.15 -1.44 -5.64
CA LEU B 74 1.59 -1.35 -7.03
C LEU B 74 1.57 -2.75 -7.65
N ARG B 75 0.57 -3.03 -8.43
CA ARG B 75 0.46 -4.38 -9.07
C ARG B 75 1.06 -4.29 -10.47
N LEU B 76 0.42 -4.90 -11.44
CA LEU B 76 0.96 -4.86 -12.83
C LEU B 76 -0.10 -4.29 -13.77
N ARG B 77 -1.35 -4.48 -13.45
CA ARG B 77 -2.44 -3.96 -14.32
C ARG B 77 -2.64 -2.46 -14.05
N LYS A 61 23.55 -8.20 -3.73
CA LYS A 61 23.56 -6.88 -4.46
C LYS A 61 22.12 -6.57 -4.88
N ILE A 62 21.53 -5.53 -4.33
CA ILE A 62 20.11 -5.23 -4.70
C ILE A 62 20.03 -3.92 -5.48
N THR A 63 19.31 -3.95 -6.58
CA THR A 63 19.14 -2.71 -7.41
C THR A 63 17.67 -2.33 -7.40
N PHE A 64 17.37 -1.11 -7.05
CA PHE A 64 15.93 -0.68 -7.00
C PHE A 64 15.65 0.34 -8.12
N PRO A 65 14.56 0.20 -8.84
CA PRO A 65 14.17 1.16 -9.91
C PRO A 65 14.27 2.62 -9.46
N SER A 66 14.26 3.52 -10.40
CA SER A 66 14.36 4.98 -10.09
C SER A 66 13.10 5.45 -9.35
N ASP A 67 12.12 4.59 -9.16
CA ASP A 67 10.87 5.02 -8.47
C ASP A 67 10.62 4.15 -7.23
N ILE A 68 11.56 3.33 -6.87
CA ILE A 68 11.37 2.44 -5.68
C ILE A 68 12.29 2.86 -4.53
N ASP A 69 11.74 3.04 -3.37
CA ASP A 69 12.56 3.43 -2.18
C ASP A 69 12.85 2.17 -1.34
N PRO A 70 14.04 2.02 -0.83
CA PRO A 70 14.42 0.84 0.00
C PRO A 70 13.75 0.86 1.38
N GLN A 71 13.82 1.98 2.04
CA GLN A 71 13.20 2.11 3.39
C GLN A 71 11.77 1.56 3.39
N VAL A 72 10.99 1.87 2.40
CA VAL A 72 9.59 1.36 2.36
C VAL A 72 9.56 -0.08 1.83
N PHE A 73 10.46 -0.42 0.94
CA PHE A 73 10.48 -1.79 0.38
C PHE A 73 10.70 -2.83 1.48
N TYR A 74 11.75 -2.69 2.25
CA TYR A 74 12.03 -3.67 3.32
C TYR A 74 10.87 -3.69 4.32
N GLU A 75 10.03 -2.71 4.31
CA GLU A 75 8.89 -2.69 5.27
C GLU A 75 7.73 -3.53 4.71
N LEU A 76 7.85 -4.00 3.50
CA LEU A 76 6.75 -4.81 2.90
C LEU A 76 6.98 -6.30 3.21
N PRO A 77 5.93 -7.08 3.29
CA PRO A 77 6.03 -8.54 3.57
C PRO A 77 6.98 -9.26 2.61
N GLU A 78 7.55 -10.35 3.02
CA GLU A 78 8.49 -11.10 2.14
C GLU A 78 7.76 -11.61 0.89
N ALA A 79 6.63 -12.25 1.06
CA ALA A 79 5.89 -12.79 -0.11
C ALA A 79 5.73 -11.71 -1.18
N VAL A 80 5.36 -10.51 -0.79
CA VAL A 80 5.21 -9.43 -1.80
C VAL A 80 6.62 -8.96 -2.21
N GLN A 81 7.55 -9.02 -1.30
CA GLN A 81 8.93 -8.60 -1.63
C GLN A 81 9.45 -9.48 -2.77
N LYS A 82 9.34 -10.77 -2.63
CA LYS A 82 9.82 -11.70 -3.70
C LYS A 82 9.11 -11.39 -5.02
N GLU A 83 7.82 -11.26 -5.00
CA GLU A 83 7.07 -10.99 -6.28
C GLU A 83 7.61 -9.71 -6.94
N LEU A 84 7.86 -8.68 -6.19
CA LEU A 84 8.37 -7.43 -6.81
C LEU A 84 9.81 -7.64 -7.29
N LEU A 85 10.61 -8.37 -6.56
CA LEU A 85 12.01 -8.61 -7.02
C LEU A 85 11.98 -9.53 -8.24
N ALA A 86 11.13 -10.52 -8.23
CA ALA A 86 11.05 -11.44 -9.40
C ALA A 86 10.68 -10.63 -10.65
N GLU A 87 9.92 -9.59 -10.48
CA GLU A 87 9.53 -8.74 -11.64
C GLU A 87 10.75 -7.96 -12.11
N TRP A 88 11.55 -7.47 -11.20
CA TRP A 88 12.76 -6.71 -11.61
C TRP A 88 13.82 -7.67 -12.11
N LYS A 89 13.65 -8.94 -11.88
CA LYS A 89 14.67 -9.93 -12.35
C LYS A 89 14.26 -10.45 -13.74
N ARG A 90 13.02 -10.83 -13.91
CA ARG A 90 12.60 -11.32 -15.25
C ARG A 90 12.93 -10.25 -16.29
N THR A 91 12.70 -9.00 -15.97
CA THR A 91 13.03 -7.91 -16.93
C THR A 91 14.48 -7.47 -16.71
N GLY A 92 14.91 -7.45 -15.48
CA GLY A 92 16.32 -7.05 -15.19
C GLY A 92 17.27 -7.84 -16.08
N MET B 4 -11.30 9.15 12.04
CA MET B 4 -9.86 8.86 12.30
C MET B 4 -9.09 8.92 10.98
N GLN B 5 -7.94 9.53 10.98
CA GLN B 5 -7.15 9.65 9.72
C GLN B 5 -6.08 8.57 9.65
N ILE B 6 -5.51 8.35 8.49
CA ILE B 6 -4.46 7.31 8.35
C ILE B 6 -3.43 7.79 7.31
N PHE B 7 -2.17 7.50 7.54
CA PHE B 7 -1.12 7.92 6.58
C PHE B 7 -0.84 6.78 5.60
N VAL B 8 -0.62 7.10 4.35
CA VAL B 8 -0.34 6.04 3.34
C VAL B 8 1.03 6.27 2.71
N LYS B 9 2.00 5.46 3.03
CA LYS B 9 3.35 5.62 2.44
C LYS B 9 3.45 4.71 1.22
N THR B 10 3.98 5.19 0.13
CA THR B 10 4.06 4.36 -1.09
C THR B 10 5.44 3.71 -1.22
N LEU B 11 5.67 3.05 -2.32
CA LEU B 11 6.98 2.40 -2.54
C LEU B 11 8.04 3.46 -2.79
N THR B 12 7.63 4.67 -3.07
CA THR B 12 8.62 5.76 -3.34
C THR B 12 8.78 6.62 -2.09
N GLY B 13 8.02 6.35 -1.06
CA GLY B 13 8.14 7.15 0.19
C GLY B 13 7.10 8.27 0.21
N LYS B 14 6.24 8.32 -0.78
CA LYS B 14 5.20 9.39 -0.80
C LYS B 14 4.21 9.14 0.34
N THR B 15 4.11 10.06 1.27
CA THR B 15 3.15 9.87 2.39
C THR B 15 1.88 10.66 2.12
N ILE B 16 0.74 10.09 2.39
CA ILE B 16 -0.54 10.79 2.13
C ILE B 16 -1.46 10.67 3.35
N THR B 17 -2.08 11.74 3.76
CA THR B 17 -2.99 11.67 4.93
C THR B 17 -4.44 11.70 4.43
N LEU B 18 -5.18 10.65 4.67
CA LEU B 18 -6.59 10.62 4.19
C LEU B 18 -7.55 10.41 5.37
N GLU B 19 -8.46 11.33 5.57
CA GLU B 19 -9.43 11.21 6.69
C GLU B 19 -10.36 10.02 6.42
N VAL B 20 -10.56 9.17 7.39
CA VAL B 20 -11.47 8.00 7.17
C VAL B 20 -12.31 7.76 8.43
N GLU B 21 -13.06 6.70 8.44
CA GLU B 21 -13.90 6.39 9.64
C GLU B 21 -13.76 4.90 9.97
N PRO B 22 -13.94 4.55 11.22
CA PRO B 22 -13.82 3.13 11.67
C PRO B 22 -14.76 2.20 10.90
N SER B 23 -15.82 2.72 10.35
CA SER B 23 -16.78 1.87 9.60
C SER B 23 -16.52 2.02 8.09
N ASP B 24 -15.49 2.73 7.71
CA ASP B 24 -15.23 2.89 6.25
C ASP B 24 -14.74 1.57 5.67
N THR B 25 -15.12 1.27 4.46
CA THR B 25 -14.69 -0.01 3.83
C THR B 25 -13.32 0.17 3.16
N ILE B 26 -12.55 -0.87 3.08
CA ILE B 26 -11.21 -0.77 2.44
C ILE B 26 -11.36 -0.20 1.02
N GLU B 27 -12.33 -0.66 0.29
CA GLU B 27 -12.53 -0.13 -1.10
C GLU B 27 -12.60 1.39 -1.07
N ASN B 28 -13.17 1.96 -0.04
CA ASN B 28 -13.27 3.44 0.03
C ASN B 28 -11.88 4.03 0.19
N VAL B 29 -11.13 3.58 1.16
CA VAL B 29 -9.75 4.12 1.34
C VAL B 29 -9.00 4.02 0.01
N LYS B 30 -9.08 2.88 -0.61
CA LYS B 30 -8.40 2.70 -1.93
C LYS B 30 -8.81 3.83 -2.88
N ALA B 31 -10.08 4.16 -2.90
CA ALA B 31 -10.57 5.24 -3.79
C ALA B 31 -9.88 6.56 -3.43
N LYS B 32 -9.63 6.79 -2.17
CA LYS B 32 -8.98 8.06 -1.77
C LYS B 32 -7.62 8.18 -2.47
N ILE B 33 -6.78 7.19 -2.37
CA ILE B 33 -5.47 7.26 -3.05
C ILE B 33 -5.68 7.45 -4.55
N GLN B 34 -6.72 6.87 -5.09
CA GLN B 34 -6.97 7.03 -6.56
C GLN B 34 -7.18 8.51 -6.90
N ASP B 35 -7.98 9.20 -6.14
CA ASP B 35 -8.24 10.63 -6.43
C ASP B 35 -7.00 11.48 -6.16
N LYS B 36 -6.11 11.01 -5.31
CA LYS B 36 -4.89 11.81 -5.01
C LYS B 36 -3.71 11.32 -5.85
N GLU B 37 -3.42 10.05 -5.80
CA GLU B 37 -2.27 9.51 -6.57
C GLU B 37 -2.68 9.07 -7.97
N GLY B 38 -3.95 9.06 -8.29
CA GLY B 38 -4.36 8.64 -9.65
C GLY B 38 -4.10 7.14 -9.86
N ILE B 39 -4.07 6.38 -8.79
CA ILE B 39 -3.81 4.92 -8.92
C ILE B 39 -5.13 4.15 -8.72
N PRO B 40 -5.53 3.31 -9.67
CA PRO B 40 -6.79 2.53 -9.55
C PRO B 40 -6.64 1.32 -8.61
N PRO B 41 -7.71 0.87 -8.03
CA PRO B 41 -7.70 -0.29 -7.08
C PRO B 41 -7.28 -1.61 -7.76
N ASP B 42 -7.55 -1.73 -9.03
CA ASP B 42 -7.20 -3.00 -9.74
C ASP B 42 -5.67 -3.19 -9.72
N GLN B 43 -4.93 -2.16 -9.39
CA GLN B 43 -3.44 -2.30 -9.37
C GLN B 43 -2.89 -1.80 -8.03
N GLN B 44 -3.63 -0.98 -7.32
CA GLN B 44 -3.11 -0.47 -6.02
C GLN B 44 -3.43 -1.49 -4.92
N ARG B 45 -2.49 -1.77 -4.06
CA ARG B 45 -2.74 -2.75 -2.96
C ARG B 45 -2.34 -2.14 -1.62
N LEU B 46 -3.19 -2.25 -0.63
CA LEU B 46 -2.86 -1.67 0.70
C LEU B 46 -2.51 -2.81 1.67
N ILE B 47 -1.38 -2.71 2.32
CA ILE B 47 -0.97 -3.77 3.28
C ILE B 47 -0.79 -3.15 4.67
N PHE B 48 -1.31 -3.78 5.69
CA PHE B 48 -1.16 -3.24 7.06
C PHE B 48 -0.59 -4.33 7.96
N ALA B 49 0.61 -4.17 8.44
CA ALA B 49 1.19 -5.24 9.32
C ALA B 49 1.38 -6.52 8.51
N GLY B 50 1.77 -6.39 7.26
CA GLY B 50 2.00 -7.60 6.42
C GLY B 50 0.69 -8.25 6.00
N LYS B 51 -0.43 -7.80 6.51
CA LYS B 51 -1.73 -8.43 6.11
C LYS B 51 -2.34 -7.64 4.95
N GLN B 52 -2.81 -8.32 3.95
CA GLN B 52 -3.44 -7.61 2.79
C GLN B 52 -4.87 -7.23 3.15
N LEU B 53 -5.22 -5.98 3.04
CA LEU B 53 -6.61 -5.55 3.37
C LEU B 53 -7.58 -6.10 2.31
N GLU B 54 -8.75 -6.51 2.72
CA GLU B 54 -9.72 -7.05 1.72
C GLU B 54 -10.71 -5.94 1.33
N ASP B 55 -11.13 -5.92 0.09
CA ASP B 55 -12.08 -4.88 -0.35
C ASP B 55 -13.46 -5.11 0.27
N GLY B 56 -13.58 -6.10 1.13
CA GLY B 56 -14.90 -6.39 1.76
C GLY B 56 -14.80 -6.36 3.29
N ARG B 57 -14.17 -5.34 3.84
CA ARG B 57 -14.08 -5.27 5.33
C ARG B 57 -13.95 -3.80 5.74
N THR B 58 -14.00 -3.53 7.02
CA THR B 58 -13.91 -2.12 7.50
C THR B 58 -12.58 -1.92 8.24
N LEU B 59 -12.15 -0.69 8.36
CA LEU B 59 -10.86 -0.43 9.07
C LEU B 59 -10.94 -0.97 10.50
N SER B 60 -12.06 -0.80 11.16
CA SER B 60 -12.19 -1.31 12.54
C SER B 60 -12.04 -2.83 12.56
N ASP B 61 -12.39 -3.49 11.48
CA ASP B 61 -12.24 -4.98 11.45
C ASP B 61 -10.75 -5.34 11.40
N TYR B 62 -9.91 -4.40 11.07
CA TYR B 62 -8.46 -4.69 11.00
C TYR B 62 -7.76 -4.06 12.21
N ASN B 63 -8.53 -3.47 13.08
CA ASN B 63 -7.93 -2.83 14.30
C ASN B 63 -7.09 -1.62 13.89
N ILE B 64 -7.55 -0.86 12.94
CA ILE B 64 -6.78 0.34 12.51
C ILE B 64 -7.25 1.56 13.31
N GLN B 65 -6.33 2.35 13.79
CA GLN B 65 -6.72 3.56 14.58
C GLN B 65 -6.15 4.81 13.91
N LYS B 66 -6.52 5.96 14.41
CA LYS B 66 -6.04 7.22 13.82
C LYS B 66 -4.51 7.21 13.71
N GLU B 67 -3.99 8.09 12.91
CA GLU B 67 -2.50 8.20 12.77
C GLU B 67 -1.90 6.85 12.36
N SER B 68 -2.71 5.89 12.01
CA SER B 68 -2.14 4.58 11.59
C SER B 68 -1.52 4.73 10.20
N THR B 69 -0.48 3.99 9.93
CA THR B 69 0.17 4.10 8.59
C THR B 69 0.00 2.80 7.81
N LEU B 70 -0.30 2.91 6.54
CA LEU B 70 -0.48 1.68 5.70
C LEU B 70 0.53 1.71 4.55
N HIS B 71 0.80 0.58 3.96
CA HIS B 71 1.79 0.54 2.83
C HIS B 71 1.05 0.32 1.51
N LEU B 72 1.46 1.00 0.48
CA LEU B 72 0.78 0.84 -0.85
C LEU B 72 1.72 0.12 -1.82
N VAL B 73 1.27 -0.96 -2.40
CA VAL B 73 2.14 -1.71 -3.36
C VAL B 73 1.53 -1.63 -4.76
N LEU B 74 2.31 -1.27 -5.74
CA LEU B 74 1.78 -1.18 -7.13
C LEU B 74 1.78 -2.58 -7.76
N ARG B 75 0.79 -2.86 -8.57
CA ARG B 75 0.70 -4.19 -9.22
C ARG B 75 1.38 -4.10 -10.59
N LEU B 76 0.82 -4.71 -11.60
CA LEU B 76 1.45 -4.66 -12.95
C LEU B 76 0.48 -4.05 -13.96
N ARG B 77 -0.80 -4.17 -13.72
CA ARG B 77 -1.79 -3.59 -14.67
C ARG B 77 -1.55 -2.09 -14.79
N LYS A 61 23.53 -8.33 -3.25
CA LYS A 61 23.50 -6.97 -3.83
C LYS A 61 22.08 -6.66 -4.34
N ILE A 62 21.45 -5.66 -3.80
CA ILE A 62 20.07 -5.33 -4.24
C ILE A 62 20.06 -3.97 -4.97
N THR A 63 19.44 -3.92 -6.11
CA THR A 63 19.35 -2.66 -6.88
C THR A 63 17.88 -2.23 -6.95
N PHE A 64 17.59 -1.01 -6.62
CA PHE A 64 16.17 -0.54 -6.65
C PHE A 64 16.00 0.55 -7.73
N PRO A 65 14.96 0.49 -8.53
CA PRO A 65 14.68 1.52 -9.57
C PRO A 65 14.79 2.95 -9.02
N SER A 66 14.85 3.90 -9.91
CA SER A 66 14.96 5.34 -9.50
C SER A 66 13.65 5.80 -8.82
N ASP A 67 12.63 4.98 -8.82
CA ASP A 67 11.35 5.40 -8.17
C ASP A 67 11.03 4.50 -6.98
N ILE A 68 11.90 3.58 -6.69
CA ILE A 68 11.65 2.65 -5.54
C ILE A 68 12.51 3.03 -4.34
N ASP A 69 11.89 3.17 -3.19
CA ASP A 69 12.65 3.53 -1.97
C ASP A 69 12.91 2.24 -1.16
N PRO A 70 14.09 2.08 -0.60
CA PRO A 70 14.44 0.86 0.20
C PRO A 70 13.71 0.82 1.54
N GLN A 71 13.60 1.94 2.19
CA GLN A 71 12.93 2.00 3.52
C GLN A 71 11.51 1.44 3.41
N VAL A 72 10.77 1.81 2.40
CA VAL A 72 9.37 1.29 2.28
C VAL A 72 9.37 -0.13 1.73
N PHE A 73 10.40 -0.52 1.02
CA PHE A 73 10.42 -1.89 0.43
C PHE A 73 10.61 -2.94 1.53
N TYR A 74 11.60 -2.80 2.35
CA TYR A 74 11.84 -3.82 3.42
C TYR A 74 10.66 -3.83 4.41
N GLU A 75 9.86 -2.79 4.42
CA GLU A 75 8.70 -2.78 5.35
C GLU A 75 7.56 -3.62 4.77
N LEU A 76 7.70 -4.05 3.54
CA LEU A 76 6.62 -4.87 2.92
C LEU A 76 6.85 -6.36 3.19
N PRO A 77 5.81 -7.14 3.25
CA PRO A 77 5.91 -8.60 3.50
C PRO A 77 6.85 -9.29 2.51
N GLU A 78 7.42 -10.40 2.88
CA GLU A 78 8.35 -11.12 1.97
C GLU A 78 7.62 -11.60 0.71
N ALA A 79 6.52 -12.28 0.87
CA ALA A 79 5.78 -12.80 -0.32
C ALA A 79 5.59 -11.67 -1.34
N VAL A 80 5.22 -10.50 -0.90
CA VAL A 80 5.05 -9.37 -1.86
C VAL A 80 6.44 -8.87 -2.26
N GLN A 81 7.38 -8.99 -1.38
CA GLN A 81 8.76 -8.55 -1.70
C GLN A 81 9.26 -9.37 -2.90
N LYS A 82 9.13 -10.67 -2.82
CA LYS A 82 9.58 -11.55 -3.93
C LYS A 82 8.87 -11.18 -5.23
N GLU A 83 7.57 -11.06 -5.20
CA GLU A 83 6.84 -10.72 -6.46
C GLU A 83 7.40 -9.43 -7.05
N LEU A 84 7.76 -8.48 -6.24
CA LEU A 84 8.30 -7.21 -6.78
C LEU A 84 9.74 -7.42 -7.28
N LEU A 85 10.52 -8.23 -6.60
CA LEU A 85 11.91 -8.48 -7.08
C LEU A 85 11.86 -9.33 -8.35
N ALA A 86 10.99 -10.30 -8.40
CA ALA A 86 10.89 -11.16 -9.62
C ALA A 86 10.49 -10.28 -10.82
N GLU A 87 9.65 -9.31 -10.58
CA GLU A 87 9.25 -8.40 -11.69
C GLU A 87 10.45 -7.57 -12.12
N TRP A 88 11.26 -7.14 -11.18
CA TRP A 88 12.45 -6.34 -11.55
C TRP A 88 13.52 -7.27 -12.12
N LYS A 89 13.37 -8.56 -11.95
CA LYS A 89 14.39 -9.50 -12.49
C LYS A 89 14.03 -9.86 -13.93
N ARG A 90 12.79 -10.17 -14.19
CA ARG A 90 12.39 -10.53 -15.58
C ARG A 90 12.71 -9.35 -16.51
N THR A 91 12.50 -8.14 -16.07
CA THR A 91 12.81 -6.96 -16.95
C THR A 91 14.20 -6.43 -16.63
N GLY A 92 14.58 -6.45 -15.37
CA GLY A 92 15.94 -5.94 -15.00
C GLY A 92 16.97 -6.39 -16.03
N MET B 4 -11.11 9.13 12.13
CA MET B 4 -9.66 8.85 12.33
C MET B 4 -8.94 8.92 10.98
N GLN B 5 -7.80 9.55 10.93
CA GLN B 5 -7.06 9.66 9.64
C GLN B 5 -5.98 8.58 9.56
N ILE B 6 -5.43 8.36 8.39
CA ILE B 6 -4.37 7.33 8.24
C ILE B 6 -3.33 7.79 7.20
N PHE B 7 -2.09 7.46 7.40
CA PHE B 7 -1.04 7.88 6.42
C PHE B 7 -0.78 6.73 5.43
N VAL B 8 -0.55 7.04 4.19
CA VAL B 8 -0.29 5.97 3.19
C VAL B 8 1.08 6.21 2.54
N LYS B 9 2.05 5.39 2.86
CA LYS B 9 3.40 5.56 2.25
C LYS B 9 3.49 4.66 1.01
N THR B 10 3.99 5.19 -0.07
CA THR B 10 4.08 4.37 -1.32
C THR B 10 5.45 3.70 -1.43
N LEU B 11 5.70 3.06 -2.54
CA LEU B 11 7.00 2.37 -2.75
C LEU B 11 8.08 3.42 -2.98
N THR B 12 7.70 4.65 -3.18
CA THR B 12 8.71 5.72 -3.43
C THR B 12 8.86 6.58 -2.18
N GLY B 13 8.09 6.31 -1.16
CA GLY B 13 8.21 7.12 0.09
C GLY B 13 7.15 8.22 0.09
N LYS B 14 6.31 8.27 -0.91
CA LYS B 14 5.25 9.32 -0.95
C LYS B 14 4.27 9.08 0.19
N THR B 15 4.17 9.98 1.11
CA THR B 15 3.23 9.80 2.25
C THR B 15 1.95 10.59 1.96
N ILE B 16 0.81 10.01 2.23
CA ILE B 16 -0.47 10.71 1.96
C ILE B 16 -1.39 10.58 3.17
N THR B 17 -2.00 11.66 3.59
CA THR B 17 -2.91 11.59 4.76
C THR B 17 -4.35 11.63 4.27
N LEU B 18 -5.11 10.61 4.56
CA LEU B 18 -6.53 10.59 4.10
C LEU B 18 -7.47 10.42 5.30
N GLU B 19 -8.35 11.35 5.50
CA GLU B 19 -9.30 11.26 6.65
C GLU B 19 -10.25 10.07 6.40
N VAL B 20 -10.46 9.24 7.39
CA VAL B 20 -11.38 8.07 7.19
C VAL B 20 -12.21 7.85 8.44
N GLU B 21 -12.94 6.76 8.49
CA GLU B 21 -13.77 6.48 9.70
C GLU B 21 -13.65 4.99 10.04
N PRO B 22 -13.82 4.64 11.29
CA PRO B 22 -13.72 3.22 11.74
C PRO B 22 -14.70 2.30 11.00
N SER B 23 -15.79 2.84 10.56
CA SER B 23 -16.80 2.00 9.84
C SER B 23 -16.59 2.13 8.32
N ASP B 24 -15.56 2.82 7.89
CA ASP B 24 -15.34 2.98 6.43
C ASP B 24 -14.87 1.65 5.84
N THR B 25 -15.26 1.35 4.63
CA THR B 25 -14.84 0.06 4.00
C THR B 25 -13.48 0.25 3.30
N ILE B 26 -12.71 -0.80 3.22
CA ILE B 26 -11.38 -0.71 2.55
C ILE B 26 -11.57 -0.21 1.12
N GLU B 27 -12.57 -0.68 0.44
CA GLU B 27 -12.81 -0.23 -0.97
C GLU B 27 -12.83 1.30 -1.02
N ASN B 28 -13.29 1.94 0.03
CA ASN B 28 -13.33 3.42 0.03
C ASN B 28 -11.91 3.97 0.19
N VAL B 29 -11.18 3.50 1.18
CA VAL B 29 -9.79 4.00 1.35
C VAL B 29 -9.05 3.86 0.03
N LYS B 30 -9.11 2.70 -0.56
CA LYS B 30 -8.43 2.49 -1.88
C LYS B 30 -8.85 3.59 -2.85
N ALA B 31 -10.10 3.96 -2.83
CA ALA B 31 -10.58 5.02 -3.75
C ALA B 31 -9.89 6.34 -3.43
N LYS B 32 -9.65 6.61 -2.18
CA LYS B 32 -8.97 7.89 -1.81
C LYS B 32 -7.61 7.96 -2.52
N ILE B 33 -6.79 6.96 -2.36
CA ILE B 33 -5.45 6.98 -3.03
C ILE B 33 -5.65 7.13 -4.54
N GLN B 34 -6.66 6.51 -5.08
CA GLN B 34 -6.91 6.61 -6.55
C GLN B 34 -7.11 8.08 -6.94
N ASP B 35 -7.85 8.82 -6.16
CA ASP B 35 -8.10 10.25 -6.49
C ASP B 35 -6.84 11.07 -6.22
N LYS B 36 -5.96 10.61 -5.37
CA LYS B 36 -4.73 11.39 -5.07
C LYS B 36 -3.54 10.86 -5.89
N GLU B 37 -3.24 9.60 -5.76
CA GLU B 37 -2.08 9.03 -6.51
C GLU B 37 -2.47 8.66 -7.94
N GLY B 38 -3.73 8.73 -8.28
CA GLY B 38 -4.13 8.38 -9.68
C GLY B 38 -3.93 6.88 -9.91
N ILE B 39 -3.94 6.09 -8.87
CA ILE B 39 -3.74 4.62 -9.04
C ILE B 39 -5.09 3.90 -8.85
N PRO B 40 -5.52 3.11 -9.81
CA PRO B 40 -6.81 2.37 -9.70
C PRO B 40 -6.71 1.17 -8.74
N PRO B 41 -7.80 0.75 -8.17
CA PRO B 41 -7.83 -0.39 -7.21
C PRO B 41 -7.42 -1.72 -7.84
N ASP B 42 -7.69 -1.89 -9.12
CA ASP B 42 -7.34 -3.17 -9.78
C ASP B 42 -5.83 -3.43 -9.69
N GLN B 43 -5.05 -2.42 -9.40
CA GLN B 43 -3.57 -2.61 -9.32
C GLN B 43 -3.02 -2.08 -8.00
N GLN B 44 -3.78 -1.29 -7.29
CA GLN B 44 -3.29 -0.74 -5.99
C GLN B 44 -3.59 -1.74 -4.87
N ARG B 45 -2.62 -2.00 -4.03
CA ARG B 45 -2.86 -2.96 -2.90
C ARG B 45 -2.44 -2.31 -1.58
N LEU B 46 -3.27 -2.39 -0.58
CA LEU B 46 -2.92 -1.78 0.73
C LEU B 46 -2.55 -2.90 1.72
N ILE B 47 -1.40 -2.79 2.33
CA ILE B 47 -0.97 -3.83 3.30
C ILE B 47 -0.77 -3.19 4.68
N PHE B 48 -1.24 -3.83 5.71
CA PHE B 48 -1.09 -3.27 7.08
C PHE B 48 -0.55 -4.36 8.02
N ALA B 49 0.60 -4.15 8.60
CA ALA B 49 1.17 -5.19 9.50
C ALA B 49 1.37 -6.49 8.72
N GLY B 50 1.87 -6.39 7.52
CA GLY B 50 2.12 -7.62 6.70
C GLY B 50 0.81 -8.33 6.37
N LYS B 51 -0.30 -7.64 6.36
CA LYS B 51 -1.59 -8.30 6.02
C LYS B 51 -2.28 -7.54 4.89
N GLN B 52 -2.88 -8.24 3.97
CA GLN B 52 -3.56 -7.57 2.83
C GLN B 52 -5.00 -7.23 3.22
N LEU B 53 -5.38 -5.99 3.10
CA LEU B 53 -6.77 -5.59 3.46
C LEU B 53 -7.74 -6.13 2.41
N GLU B 54 -8.93 -6.49 2.81
CA GLU B 54 -9.91 -7.01 1.84
C GLU B 54 -10.89 -5.91 1.45
N ASP B 55 -11.29 -5.86 0.20
CA ASP B 55 -12.23 -4.81 -0.23
C ASP B 55 -13.61 -5.03 0.41
N GLY B 56 -13.72 -6.03 1.25
CA GLY B 56 -15.03 -6.32 1.89
C GLY B 56 -14.90 -6.28 3.42
N ARG B 57 -14.15 -5.35 3.95
CA ARG B 57 -14.00 -5.27 5.43
C ARG B 57 -13.90 -3.80 5.85
N THR B 58 -14.00 -3.54 7.13
CA THR B 58 -13.92 -2.13 7.61
C THR B 58 -12.59 -1.88 8.33
N LEU B 59 -12.15 -0.66 8.38
CA LEU B 59 -10.86 -0.36 9.07
C LEU B 59 -10.90 -0.89 10.50
N SER B 60 -12.00 -0.71 11.19
CA SER B 60 -12.10 -1.21 12.58
C SER B 60 -11.93 -2.73 12.59
N ASP B 61 -12.28 -3.38 11.51
CA ASP B 61 -12.14 -4.87 11.47
C ASP B 61 -10.66 -5.24 11.39
N TYR B 62 -9.81 -4.30 11.07
CA TYR B 62 -8.35 -4.61 10.99
C TYR B 62 -7.64 -3.97 12.19
N ASN B 63 -8.39 -3.38 13.08
CA ASN B 63 -7.78 -2.74 14.27
C ASN B 63 -6.97 -1.51 13.83
N ILE B 64 -7.49 -0.75 12.91
CA ILE B 64 -6.76 0.46 12.44
C ILE B 64 -7.23 1.67 13.23
N GLN B 65 -6.31 2.48 13.70
CA GLN B 65 -6.71 3.69 14.48
C GLN B 65 -6.09 4.93 13.84
N LYS B 66 -6.39 6.08 14.36
CA LYS B 66 -5.85 7.34 13.77
C LYS B 66 -4.33 7.28 13.64
N GLU B 67 -3.79 8.10 12.80
CA GLU B 67 -2.31 8.17 12.62
C GLU B 67 -1.75 6.79 12.22
N SER B 68 -2.59 5.87 11.83
CA SER B 68 -2.06 4.54 11.40
C SER B 68 -1.45 4.67 10.01
N THR B 69 -0.43 3.90 9.71
CA THR B 69 0.23 4.01 8.38
C THR B 69 0.02 2.72 7.58
N LEU B 70 -0.28 2.85 6.31
CA LEU B 70 -0.50 1.64 5.45
C LEU B 70 0.43 1.71 4.23
N HIS B 71 0.93 0.58 3.78
CA HIS B 71 1.85 0.59 2.61
C HIS B 71 1.08 0.35 1.32
N LEU B 72 1.47 1.00 0.25
CA LEU B 72 0.77 0.80 -1.06
C LEU B 72 1.68 0.03 -2.01
N VAL B 73 1.20 -1.06 -2.57
CA VAL B 73 2.04 -1.85 -3.52
C VAL B 73 1.42 -1.83 -4.92
N LEU B 74 2.22 -1.55 -5.91
CA LEU B 74 1.68 -1.50 -7.31
C LEU B 74 1.64 -2.93 -7.88
N ARG B 75 0.65 -3.23 -8.66
CA ARG B 75 0.53 -4.60 -9.26
C ARG B 75 1.09 -4.55 -10.69
N LEU B 76 0.42 -5.19 -11.62
CA LEU B 76 0.90 -5.18 -13.03
C LEU B 76 -0.21 -4.65 -13.94
N ARG B 77 -1.44 -4.95 -13.61
CA ARG B 77 -2.58 -4.46 -14.44
C ARG B 77 -2.51 -2.94 -14.56
N LYS A 61 23.96 -8.05 -3.69
CA LYS A 61 23.79 -6.67 -4.24
C LYS A 61 22.34 -6.47 -4.69
N ILE A 62 21.64 -5.54 -4.11
CA ILE A 62 20.22 -5.30 -4.51
C ILE A 62 20.12 -3.99 -5.30
N THR A 63 19.41 -4.02 -6.39
CA THR A 63 19.25 -2.79 -7.23
C THR A 63 17.77 -2.40 -7.25
N PHE A 64 17.45 -1.18 -6.90
CA PHE A 64 16.04 -0.74 -6.90
C PHE A 64 15.83 0.33 -7.99
N PRO A 65 14.77 0.24 -8.77
CA PRO A 65 14.47 1.25 -9.82
C PRO A 65 14.56 2.69 -9.30
N SER A 66 14.62 3.63 -10.21
CA SER A 66 14.70 5.07 -9.81
C SER A 66 13.42 5.52 -9.10
N ASP A 67 12.38 4.74 -9.18
CA ASP A 67 11.10 5.15 -8.50
C ASP A 67 10.83 4.25 -7.29
N ILE A 68 11.77 3.42 -6.92
CA ILE A 68 11.55 2.52 -5.75
C ILE A 68 12.46 2.91 -4.58
N ASP A 69 11.88 3.05 -3.41
CA ASP A 69 12.69 3.41 -2.21
C ASP A 69 12.95 2.13 -1.39
N PRO A 70 14.15 1.97 -0.88
CA PRO A 70 14.50 0.75 -0.07
C PRO A 70 13.81 0.75 1.31
N GLN A 71 13.84 1.85 1.98
CA GLN A 71 13.20 1.94 3.33
C GLN A 71 11.76 1.42 3.28
N VAL A 72 11.00 1.82 2.29
CA VAL A 72 9.58 1.34 2.23
C VAL A 72 9.53 -0.09 1.68
N PHE A 73 10.53 -0.49 0.94
CA PHE A 73 10.51 -1.86 0.36
C PHE A 73 10.73 -2.91 1.46
N TYR A 74 11.75 -2.76 2.26
CA TYR A 74 12.00 -3.77 3.33
C TYR A 74 10.84 -3.79 4.33
N GLU A 75 10.00 -2.78 4.32
CA GLU A 75 8.85 -2.78 5.27
C GLU A 75 7.70 -3.59 4.69
N LEU A 76 7.81 -4.01 3.46
CA LEU A 76 6.71 -4.81 2.84
C LEU A 76 6.90 -6.30 3.12
N PRO A 77 5.84 -7.07 3.19
CA PRO A 77 5.91 -8.53 3.47
C PRO A 77 6.85 -9.25 2.48
N GLU A 78 7.42 -10.36 2.89
CA GLU A 78 8.35 -11.09 1.98
C GLU A 78 7.60 -11.58 0.73
N ALA A 79 6.50 -12.25 0.89
CA ALA A 79 5.76 -12.76 -0.30
C ALA A 79 5.59 -11.65 -1.34
N VAL A 80 5.21 -10.48 -0.91
CA VAL A 80 5.06 -9.35 -1.88
C VAL A 80 6.44 -8.85 -2.27
N GLN A 81 7.38 -8.96 -1.38
CA GLN A 81 8.76 -8.51 -1.70
C GLN A 81 9.30 -9.35 -2.86
N LYS A 82 9.17 -10.64 -2.76
CA LYS A 82 9.66 -11.55 -3.84
C LYS A 82 8.97 -11.22 -5.16
N GLU A 83 7.67 -11.12 -5.17
CA GLU A 83 6.97 -10.82 -6.45
C GLU A 83 7.52 -9.54 -7.08
N LEU A 84 7.80 -8.54 -6.29
CA LEU A 84 8.34 -7.28 -6.86
C LEU A 84 9.78 -7.48 -7.33
N LEU A 85 10.55 -8.28 -6.63
CA LEU A 85 11.96 -8.53 -7.08
C LEU A 85 11.93 -9.42 -8.33
N ALA A 86 11.07 -10.40 -8.37
CA ALA A 86 11.01 -11.29 -9.55
C ALA A 86 10.66 -10.47 -10.79
N GLU A 87 9.87 -9.44 -10.63
CA GLU A 87 9.52 -8.57 -11.79
C GLU A 87 10.73 -7.68 -12.13
N TRP A 88 11.46 -7.27 -11.14
CA TRP A 88 12.65 -6.42 -11.43
C TRP A 88 13.77 -7.32 -11.95
N LYS A 89 13.65 -8.61 -11.73
CA LYS A 89 14.71 -9.54 -12.22
C LYS A 89 14.37 -9.99 -13.64
N ARG A 90 13.15 -10.39 -13.89
CA ARG A 90 12.79 -10.82 -15.26
C ARG A 90 13.15 -9.69 -16.24
N THR A 91 12.92 -8.46 -15.85
CA THR A 91 13.26 -7.33 -16.77
C THR A 91 14.68 -6.82 -16.42
N GLY A 92 15.02 -6.82 -15.17
CA GLY A 92 16.38 -6.35 -14.75
C GLY A 92 17.43 -6.83 -15.77
N MET B 4 -11.19 9.15 12.01
CA MET B 4 -9.75 8.87 12.26
C MET B 4 -8.98 8.92 10.94
N GLN B 5 -7.84 9.55 10.93
CA GLN B 5 -7.06 9.65 9.66
C GLN B 5 -6.00 8.54 9.60
N ILE B 6 -5.46 8.31 8.43
CA ILE B 6 -4.42 7.27 8.28
C ILE B 6 -3.39 7.72 7.23
N PHE B 7 -2.14 7.43 7.45
CA PHE B 7 -1.09 7.85 6.47
C PHE B 7 -0.81 6.72 5.49
N VAL B 8 -0.60 7.03 4.24
CA VAL B 8 -0.30 5.97 3.23
C VAL B 8 1.06 6.22 2.59
N LYS B 9 2.03 5.40 2.89
CA LYS B 9 3.38 5.59 2.28
C LYS B 9 3.51 4.69 1.06
N THR B 10 4.03 5.21 -0.02
CA THR B 10 4.15 4.38 -1.26
C THR B 10 5.53 3.75 -1.36
N LEU B 11 5.80 3.11 -2.46
CA LEU B 11 7.12 2.46 -2.67
C LEU B 11 8.19 3.53 -2.90
N THR B 12 7.78 4.74 -3.16
CA THR B 12 8.77 5.82 -3.40
C THR B 12 8.93 6.67 -2.13
N GLY B 13 8.16 6.38 -1.11
CA GLY B 13 8.27 7.17 0.15
C GLY B 13 7.23 8.28 0.16
N LYS B 14 6.40 8.35 -0.84
CA LYS B 14 5.35 9.41 -0.88
C LYS B 14 4.35 9.15 0.25
N THR B 15 4.22 10.06 1.17
CA THR B 15 3.26 9.86 2.28
C THR B 15 1.97 10.64 2.01
N ILE B 16 0.84 10.07 2.29
CA ILE B 16 -0.44 10.79 2.03
C ILE B 16 -1.37 10.61 3.23
N THR B 17 -2.03 11.67 3.63
CA THR B 17 -2.96 11.57 4.79
C THR B 17 -4.39 11.57 4.27
N LEU B 18 -5.14 10.53 4.57
CA LEU B 18 -6.55 10.47 4.08
C LEU B 18 -7.50 10.27 5.26
N GLU B 19 -8.41 11.19 5.44
CA GLU B 19 -9.39 11.09 6.57
C GLU B 19 -10.33 9.90 6.33
N VAL B 20 -10.54 9.07 7.32
CA VAL B 20 -11.44 7.91 7.12
C VAL B 20 -12.30 7.69 8.37
N GLU B 21 -13.05 6.62 8.40
CA GLU B 21 -13.91 6.33 9.60
C GLU B 21 -13.78 4.86 9.96
N PRO B 22 -13.99 4.51 11.20
CA PRO B 22 -13.89 3.09 11.67
C PRO B 22 -14.83 2.16 10.90
N SER B 23 -15.88 2.69 10.36
CA SER B 23 -16.85 1.82 9.61
C SER B 23 -16.60 1.98 8.10
N ASP B 24 -15.58 2.69 7.71
CA ASP B 24 -15.31 2.86 6.26
C ASP B 24 -14.81 1.54 5.67
N THR B 25 -15.17 1.24 4.44
CA THR B 25 -14.70 -0.03 3.83
C THR B 25 -13.34 0.19 3.17
N ILE B 26 -12.50 -0.82 3.17
CA ILE B 26 -11.17 -0.69 2.55
C ILE B 26 -11.34 -0.16 1.12
N GLU B 27 -12.41 -0.56 0.48
CA GLU B 27 -12.66 -0.09 -0.91
C GLU B 27 -12.69 1.44 -0.92
N ASN B 28 -13.26 2.04 0.09
CA ASN B 28 -13.31 3.53 0.13
C ASN B 28 -11.89 4.09 0.27
N VAL B 29 -11.15 3.63 1.24
CA VAL B 29 -9.76 4.13 1.40
C VAL B 29 -9.03 3.98 0.07
N LYS B 30 -9.12 2.84 -0.54
CA LYS B 30 -8.45 2.61 -1.84
C LYS B 30 -8.86 3.71 -2.82
N ALA B 31 -10.11 4.10 -2.79
CA ALA B 31 -10.59 5.17 -3.71
C ALA B 31 -9.90 6.49 -3.36
N LYS B 32 -9.67 6.74 -2.10
CA LYS B 32 -9.00 8.00 -1.70
C LYS B 32 -7.65 8.09 -2.41
N ILE B 33 -6.83 7.08 -2.30
CA ILE B 33 -5.51 7.11 -2.97
C ILE B 33 -5.70 7.28 -4.48
N GLN B 34 -6.73 6.68 -5.03
CA GLN B 34 -6.97 6.82 -6.49
C GLN B 34 -7.16 8.29 -6.86
N ASP B 35 -7.99 8.99 -6.13
CA ASP B 35 -8.23 10.43 -6.45
C ASP B 35 -6.97 11.25 -6.20
N LYS B 36 -6.12 10.83 -5.32
CA LYS B 36 -4.88 11.62 -5.05
C LYS B 36 -3.70 11.09 -5.87
N GLU B 37 -3.39 9.83 -5.72
CA GLU B 37 -2.24 9.27 -6.48
C GLU B 37 -2.64 8.86 -7.89
N GLY B 38 -3.90 8.93 -8.24
CA GLY B 38 -4.31 8.56 -9.63
C GLY B 38 -4.07 7.06 -9.86
N ILE B 39 -4.05 6.28 -8.81
CA ILE B 39 -3.83 4.81 -8.98
C ILE B 39 -5.16 4.05 -8.78
N PRO B 40 -5.54 3.19 -9.72
CA PRO B 40 -6.81 2.42 -9.59
C PRO B 40 -6.69 1.26 -8.60
N PRO B 41 -7.79 0.78 -8.09
CA PRO B 41 -7.81 -0.34 -7.09
C PRO B 41 -7.37 -1.68 -7.69
N ASP B 42 -7.60 -1.89 -8.95
CA ASP B 42 -7.21 -3.19 -9.57
C ASP B 42 -5.68 -3.29 -9.66
N GLN B 43 -4.99 -2.23 -9.31
CA GLN B 43 -3.49 -2.28 -9.36
C GLN B 43 -2.90 -1.81 -8.03
N GLN B 44 -3.65 -1.07 -7.25
CA GLN B 44 -3.10 -0.59 -5.95
C GLN B 44 -3.45 -1.61 -4.85
N ARG B 45 -2.53 -1.87 -3.96
CA ARG B 45 -2.79 -2.86 -2.87
C ARG B 45 -2.44 -2.22 -1.52
N LEU B 46 -3.31 -2.33 -0.56
CA LEU B 46 -3.02 -1.75 0.78
C LEU B 46 -2.65 -2.86 1.76
N ILE B 47 -1.50 -2.77 2.36
CA ILE B 47 -1.06 -3.82 3.34
C ILE B 47 -0.85 -3.18 4.71
N PHE B 48 -1.31 -3.81 5.75
CA PHE B 48 -1.14 -3.25 7.12
C PHE B 48 -0.57 -4.33 8.05
N ALA B 49 0.64 -4.15 8.51
CA ALA B 49 1.23 -5.18 9.40
C ALA B 49 1.41 -6.48 8.62
N GLY B 50 1.86 -6.39 7.40
CA GLY B 50 2.08 -7.61 6.59
C GLY B 50 0.76 -8.31 6.28
N LYS B 51 -0.34 -7.70 6.61
CA LYS B 51 -1.66 -8.33 6.33
C LYS B 51 -2.33 -7.63 5.14
N GLN B 52 -2.92 -8.38 4.25
CA GLN B 52 -3.57 -7.77 3.06
C GLN B 52 -5.01 -7.35 3.43
N LEU B 53 -5.35 -6.11 3.21
CA LEU B 53 -6.73 -5.66 3.53
C LEU B 53 -7.70 -6.15 2.45
N GLU B 54 -8.90 -6.49 2.81
CA GLU B 54 -9.88 -6.98 1.81
C GLU B 54 -10.88 -5.87 1.45
N ASP B 55 -11.28 -5.82 0.21
CA ASP B 55 -12.25 -4.76 -0.21
C ASP B 55 -13.62 -5.05 0.38
N GLY B 56 -13.74 -6.08 1.17
CA GLY B 56 -15.07 -6.42 1.78
C GLY B 56 -14.99 -6.36 3.31
N ARG B 57 -14.25 -5.42 3.84
CA ARG B 57 -14.15 -5.32 5.34
C ARG B 57 -14.04 -3.84 5.73
N THR B 58 -14.08 -3.57 7.01
CA THR B 58 -13.98 -2.14 7.48
C THR B 58 -12.68 -1.93 8.24
N LEU B 59 -12.27 -0.70 8.38
CA LEU B 59 -11.00 -0.42 9.11
C LEU B 59 -11.10 -0.93 10.56
N SER B 60 -12.22 -0.73 11.20
CA SER B 60 -12.37 -1.19 12.60
C SER B 60 -12.21 -2.71 12.63
N ASP B 61 -12.54 -3.38 11.56
CA ASP B 61 -12.41 -4.86 11.53
C ASP B 61 -10.92 -5.22 11.45
N TYR B 62 -10.09 -4.26 11.15
CA TYR B 62 -8.63 -4.53 11.06
C TYR B 62 -7.92 -3.93 12.26
N ASN B 63 -8.65 -3.31 13.15
CA ASN B 63 -8.02 -2.70 14.36
C ASN B 63 -7.15 -1.49 13.95
N ILE B 64 -7.55 -0.78 12.92
CA ILE B 64 -6.77 0.41 12.49
C ILE B 64 -7.21 1.62 13.29
N GLN B 65 -6.26 2.39 13.79
CA GLN B 65 -6.63 3.59 14.59
C GLN B 65 -6.04 4.85 13.93
N LYS B 66 -6.43 5.99 14.40
CA LYS B 66 -5.93 7.27 13.82
C LYS B 66 -4.41 7.24 13.70
N GLU B 67 -3.89 8.10 12.86
CA GLU B 67 -2.42 8.20 12.70
C GLU B 67 -1.81 6.85 12.31
N SER B 68 -2.61 5.91 11.91
CA SER B 68 -2.05 4.59 11.51
C SER B 68 -1.44 4.73 10.11
N THR B 69 -0.42 3.96 9.82
CA THR B 69 0.22 4.07 8.47
C THR B 69 0.02 2.77 7.68
N LEU B 70 -0.30 2.89 6.42
CA LEU B 70 -0.51 1.68 5.58
C LEU B 70 0.43 1.73 4.37
N HIS B 71 1.01 0.62 3.99
CA HIS B 71 1.93 0.62 2.83
C HIS B 71 1.15 0.37 1.54
N LEU B 72 1.51 1.03 0.47
CA LEU B 72 0.80 0.84 -0.82
C LEU B 72 1.72 0.11 -1.81
N VAL B 73 1.25 -0.95 -2.41
CA VAL B 73 2.09 -1.70 -3.39
C VAL B 73 1.49 -1.60 -4.78
N LEU B 74 2.27 -1.22 -5.75
CA LEU B 74 1.74 -1.11 -7.14
C LEU B 74 1.75 -2.49 -7.79
N ARG B 75 0.79 -2.76 -8.62
CA ARG B 75 0.72 -4.10 -9.28
C ARG B 75 1.36 -4.00 -10.67
N LEU B 76 0.77 -4.59 -11.66
CA LEU B 76 1.36 -4.54 -13.03
C LEU B 76 0.33 -3.93 -13.99
N ARG B 77 -0.90 -3.82 -13.58
CA ARG B 77 -1.95 -3.24 -14.46
C ARG B 77 -2.30 -1.83 -13.98
N LYS A 61 24.04 -8.27 -3.93
CA LYS A 61 23.92 -6.89 -4.48
C LYS A 61 22.48 -6.66 -4.93
N ILE A 62 21.81 -5.69 -4.36
CA ILE A 62 20.40 -5.43 -4.75
C ILE A 62 20.32 -4.10 -5.51
N THR A 63 19.62 -4.09 -6.61
CA THR A 63 19.46 -2.84 -7.41
C THR A 63 17.99 -2.44 -7.38
N PHE A 64 17.70 -1.21 -7.00
CA PHE A 64 16.27 -0.77 -6.95
C PHE A 64 16.02 0.32 -8.02
N PRO A 65 14.92 0.26 -8.72
CA PRO A 65 14.56 1.29 -9.75
C PRO A 65 14.71 2.72 -9.24
N SER A 66 14.73 3.66 -10.15
CA SER A 66 14.85 5.10 -9.77
C SER A 66 13.57 5.58 -9.07
N ASP A 67 12.58 4.73 -8.95
CA ASP A 67 11.31 5.16 -8.29
C ASP A 67 11.04 4.28 -7.05
N ILE A 68 11.96 3.44 -6.69
CA ILE A 68 11.73 2.54 -5.52
C ILE A 68 12.61 2.96 -4.33
N ASP A 69 12.00 3.14 -3.20
CA ASP A 69 12.75 3.52 -1.97
C ASP A 69 12.91 2.27 -1.09
N PRO A 70 14.11 1.74 -0.95
CA PRO A 70 14.35 0.52 -0.14
C PRO A 70 13.66 0.59 1.24
N GLN A 71 13.76 1.71 1.90
CA GLN A 71 13.13 1.86 3.24
C GLN A 71 11.69 1.35 3.22
N VAL A 72 10.92 1.73 2.25
CA VAL A 72 9.50 1.26 2.20
C VAL A 72 9.47 -0.17 1.65
N PHE A 73 10.46 -0.57 0.92
CA PHE A 73 10.47 -1.94 0.34
C PHE A 73 10.69 -2.99 1.43
N TYR A 74 11.73 -2.85 2.21
CA TYR A 74 11.99 -3.86 3.27
C TYR A 74 10.83 -3.88 4.27
N GLU A 75 10.01 -2.86 4.28
CA GLU A 75 8.87 -2.85 5.24
C GLU A 75 7.70 -3.67 4.66
N LEU A 76 7.82 -4.12 3.44
CA LEU A 76 6.72 -4.91 2.83
C LEU A 76 6.95 -6.41 3.10
N PRO A 77 5.90 -7.18 3.18
CA PRO A 77 6.00 -8.65 3.43
C PRO A 77 6.94 -9.34 2.43
N GLU A 78 7.50 -10.44 2.82
CA GLU A 78 8.42 -11.17 1.89
C GLU A 78 7.68 -11.66 0.65
N ALA A 79 6.56 -12.32 0.82
CA ALA A 79 5.81 -12.84 -0.36
C ALA A 79 5.64 -11.72 -1.40
N VAL A 80 5.28 -10.55 -0.98
CA VAL A 80 5.13 -9.43 -1.95
C VAL A 80 6.52 -8.95 -2.37
N GLN A 81 7.47 -9.05 -1.47
CA GLN A 81 8.86 -8.63 -1.80
C GLN A 81 9.36 -9.49 -2.97
N LYS A 82 9.25 -10.78 -2.86
CA LYS A 82 9.72 -11.69 -3.95
C LYS A 82 9.01 -11.33 -5.26
N GLU A 83 7.72 -11.19 -5.24
CA GLU A 83 7.00 -10.86 -6.52
C GLU A 83 7.56 -9.57 -7.12
N LEU A 84 7.86 -8.59 -6.31
CA LEU A 84 8.40 -7.32 -6.86
C LEU A 84 9.84 -7.52 -7.33
N LEU A 85 10.62 -8.29 -6.62
CA LEU A 85 12.02 -8.53 -7.07
C LEU A 85 11.99 -9.39 -8.34
N ALA A 86 11.12 -10.35 -8.40
CA ALA A 86 11.04 -11.21 -9.62
C ALA A 86 10.69 -10.34 -10.82
N GLU A 87 9.93 -9.30 -10.61
CA GLU A 87 9.57 -8.39 -11.74
C GLU A 87 10.80 -7.55 -12.09
N TRP A 88 11.58 -7.18 -11.11
CA TRP A 88 12.80 -6.38 -11.40
C TRP A 88 13.89 -7.31 -11.92
N LYS A 89 13.77 -8.59 -11.68
CA LYS A 89 14.81 -9.53 -12.19
C LYS A 89 14.43 -9.99 -13.59
N ARG A 90 13.19 -10.37 -13.81
CA ARG A 90 12.80 -10.80 -15.18
C ARG A 90 13.17 -9.70 -16.16
N THR A 91 12.94 -8.47 -15.79
CA THR A 91 13.32 -7.35 -16.68
C THR A 91 14.78 -6.98 -16.40
N GLY A 92 15.18 -7.08 -15.16
CA GLY A 92 16.58 -6.73 -14.81
C GLY A 92 16.78 -5.24 -15.06
N MET B 4 -11.31 9.26 12.03
CA MET B 4 -9.87 8.95 12.28
C MET B 4 -9.11 9.00 10.96
N GLN B 5 -7.95 9.60 10.95
CA GLN B 5 -7.18 9.69 9.67
C GLN B 5 -6.12 8.60 9.60
N ILE B 6 -5.57 8.39 8.44
CA ILE B 6 -4.52 7.34 8.28
C ILE B 6 -3.49 7.79 7.24
N PHE B 7 -2.24 7.50 7.46
CA PHE B 7 -1.19 7.92 6.49
C PHE B 7 -0.90 6.77 5.51
N VAL B 8 -0.65 7.08 4.27
CA VAL B 8 -0.36 6.01 3.27
C VAL B 8 0.99 6.26 2.61
N LYS B 9 1.96 5.42 2.88
CA LYS B 9 3.30 5.60 2.26
C LYS B 9 3.40 4.70 1.03
N THR B 10 3.99 5.17 -0.03
CA THR B 10 4.08 4.33 -1.26
C THR B 10 5.47 3.70 -1.38
N LEU B 11 5.72 3.05 -2.48
CA LEU B 11 7.03 2.39 -2.69
C LEU B 11 8.11 3.46 -2.90
N THR B 12 7.71 4.68 -3.14
CA THR B 12 8.72 5.75 -3.36
C THR B 12 8.86 6.61 -2.11
N GLY B 13 8.07 6.34 -1.10
CA GLY B 13 8.17 7.13 0.16
C GLY B 13 7.13 8.25 0.15
N LYS B 14 6.32 8.32 -0.87
CA LYS B 14 5.28 9.39 -0.92
C LYS B 14 4.27 9.14 0.21
N THR B 15 4.16 10.06 1.13
CA THR B 15 3.20 9.87 2.25
C THR B 15 1.93 10.67 1.97
N ILE B 16 0.79 10.10 2.26
CA ILE B 16 -0.49 10.81 2.00
C ILE B 16 -1.40 10.66 3.21
N THR B 17 -2.04 11.73 3.64
CA THR B 17 -2.95 11.64 4.80
C THR B 17 -4.39 11.65 4.29
N LEU B 18 -5.16 10.64 4.61
CA LEU B 18 -6.56 10.58 4.12
C LEU B 18 -7.52 10.39 5.31
N GLU B 19 -8.42 11.32 5.51
CA GLU B 19 -9.38 11.23 6.64
C GLU B 19 -10.32 10.04 6.41
N VAL B 20 -10.47 9.18 7.40
CA VAL B 20 -11.39 8.01 7.23
C VAL B 20 -12.23 7.81 8.49
N GLU B 21 -12.97 6.74 8.56
CA GLU B 21 -13.81 6.47 9.76
C GLU B 21 -13.73 4.98 10.10
N PRO B 22 -13.92 4.62 11.34
CA PRO B 22 -13.86 3.20 11.80
C PRO B 22 -14.79 2.30 10.99
N SER B 23 -15.85 2.83 10.44
CA SER B 23 -16.79 1.99 9.65
C SER B 23 -16.50 2.15 8.16
N ASP B 24 -15.45 2.83 7.80
CA ASP B 24 -15.15 3.02 6.36
C ASP B 24 -14.69 1.68 5.75
N THR B 25 -15.10 1.39 4.55
CA THR B 25 -14.70 0.11 3.90
C THR B 25 -13.35 0.26 3.22
N ILE B 26 -12.58 -0.79 3.16
CA ILE B 26 -11.24 -0.71 2.49
C ILE B 26 -11.42 -0.19 1.07
N GLU B 27 -12.42 -0.67 0.37
CA GLU B 27 -12.64 -0.20 -1.03
C GLU B 27 -12.70 1.32 -1.04
N ASN B 28 -13.27 1.93 -0.04
CA ASN B 28 -13.35 3.41 -0.01
C ASN B 28 -11.94 3.98 0.18
N VAL B 29 -11.21 3.48 1.13
CA VAL B 29 -9.82 3.98 1.34
C VAL B 29 -9.08 3.92 0.00
N LYS B 30 -9.13 2.78 -0.64
CA LYS B 30 -8.46 2.63 -1.95
C LYS B 30 -8.87 3.78 -2.89
N ALA B 31 -10.12 4.18 -2.82
CA ALA B 31 -10.59 5.29 -3.69
C ALA B 31 -9.89 6.59 -3.31
N LYS B 32 -9.66 6.81 -2.05
CA LYS B 32 -8.99 8.06 -1.61
C LYS B 32 -7.63 8.17 -2.33
N ILE B 33 -6.81 7.15 -2.25
CA ILE B 33 -5.50 7.21 -2.95
C ILE B 33 -5.73 7.36 -4.45
N GLN B 34 -6.79 6.79 -4.95
CA GLN B 34 -7.09 6.89 -6.42
C GLN B 34 -7.31 8.36 -6.80
N ASP B 35 -8.16 9.05 -6.09
CA ASP B 35 -8.44 10.47 -6.43
C ASP B 35 -7.17 11.33 -6.25
N LYS B 36 -6.30 10.94 -5.36
CA LYS B 36 -5.06 11.75 -5.15
C LYS B 36 -3.90 11.20 -6.00
N GLU B 37 -3.55 9.96 -5.81
CA GLU B 37 -2.41 9.38 -6.56
C GLU B 37 -2.85 8.92 -7.96
N GLY B 38 -4.11 8.95 -8.28
CA GLY B 38 -4.55 8.52 -9.64
C GLY B 38 -4.25 7.03 -9.85
N ILE B 39 -4.19 6.27 -8.79
CA ILE B 39 -3.91 4.80 -8.94
C ILE B 39 -5.22 4.01 -8.77
N PRO B 40 -5.55 3.13 -9.70
CA PRO B 40 -6.79 2.32 -9.62
C PRO B 40 -6.67 1.20 -8.57
N PRO B 41 -7.78 0.75 -8.03
CA PRO B 41 -7.80 -0.33 -7.00
C PRO B 41 -7.40 -1.70 -7.54
N ASP B 42 -7.65 -1.96 -8.79
CA ASP B 42 -7.29 -3.30 -9.36
C ASP B 42 -5.77 -3.44 -9.45
N GLN B 43 -5.04 -2.38 -9.21
CA GLN B 43 -3.55 -2.47 -9.29
C GLN B 43 -2.94 -1.98 -7.97
N GLN B 44 -3.66 -1.22 -7.20
CA GLN B 44 -3.10 -0.73 -5.91
C GLN B 44 -3.44 -1.72 -4.81
N ARG B 45 -2.51 -2.02 -3.94
CA ARG B 45 -2.78 -2.98 -2.85
C ARG B 45 -2.39 -2.33 -1.51
N LEU B 46 -3.25 -2.42 -0.53
CA LEU B 46 -2.92 -1.81 0.79
C LEU B 46 -2.57 -2.91 1.78
N ILE B 47 -1.40 -2.81 2.37
CA ILE B 47 -0.98 -3.84 3.35
C ILE B 47 -0.74 -3.16 4.70
N PHE B 48 -1.24 -3.74 5.77
CA PHE B 48 -1.06 -3.13 7.11
C PHE B 48 -0.49 -4.18 8.06
N ALA B 49 0.73 -4.03 8.49
CA ALA B 49 1.32 -5.04 9.40
C ALA B 49 1.48 -6.36 8.63
N GLY B 50 1.85 -6.28 7.38
CA GLY B 50 2.04 -7.52 6.57
C GLY B 50 0.71 -8.19 6.27
N LYS B 51 -0.40 -7.60 6.65
CA LYS B 51 -1.71 -8.24 6.36
C LYS B 51 -2.37 -7.57 5.15
N GLN B 52 -2.94 -8.34 4.28
CA GLN B 52 -3.57 -7.75 3.06
C GLN B 52 -5.01 -7.35 3.39
N LEU B 53 -5.37 -6.11 3.15
CA LEU B 53 -6.75 -5.66 3.45
C LEU B 53 -7.70 -6.16 2.35
N GLU B 54 -8.91 -6.55 2.72
CA GLU B 54 -9.87 -7.04 1.70
C GLU B 54 -10.84 -5.93 1.34
N ASP B 55 -11.23 -5.84 0.09
CA ASP B 55 -12.18 -4.78 -0.33
C ASP B 55 -13.55 -5.00 0.32
N GLY B 56 -13.66 -5.99 1.17
CA GLY B 56 -14.98 -6.27 1.82
C GLY B 56 -14.84 -6.26 3.35
N ARG B 57 -14.24 -5.24 3.90
CA ARG B 57 -14.11 -5.17 5.39
C ARG B 57 -13.99 -3.70 5.81
N THR B 58 -14.07 -3.43 7.09
CA THR B 58 -13.98 -2.02 7.58
C THR B 58 -12.67 -1.80 8.33
N LEU B 59 -12.24 -0.58 8.43
CA LEU B 59 -10.96 -0.30 9.16
C LEU B 59 -11.04 -0.86 10.58
N SER B 60 -12.16 -0.69 11.23
CA SER B 60 -12.29 -1.22 12.62
C SER B 60 -12.13 -2.75 12.62
N ASP B 61 -12.47 -3.39 11.54
CA ASP B 61 -12.34 -4.87 11.48
C ASP B 61 -10.85 -5.24 11.38
N TYR B 62 -10.01 -4.28 11.06
CA TYR B 62 -8.55 -4.57 10.96
C TYR B 62 -7.84 -3.99 12.18
N ASN B 63 -8.58 -3.42 13.07
CA ASN B 63 -7.97 -2.82 14.30
C ASN B 63 -7.13 -1.61 13.90
N ILE B 64 -7.60 -0.83 12.96
CA ILE B 64 -6.83 0.37 12.52
C ILE B 64 -7.32 1.59 13.31
N GLN B 65 -6.42 2.39 13.79
CA GLN B 65 -6.83 3.61 14.57
C GLN B 65 -6.22 4.85 13.90
N LYS B 66 -6.56 6.02 14.40
CA LYS B 66 -6.04 7.26 13.78
C LYS B 66 -4.51 7.21 13.67
N GLU B 67 -3.97 8.07 12.84
CA GLU B 67 -2.50 8.15 12.67
C GLU B 67 -1.91 6.79 12.27
N SER B 68 -2.72 5.85 11.88
CA SER B 68 -2.18 4.53 11.46
C SER B 68 -1.55 4.68 10.08
N THR B 69 -0.52 3.92 9.79
CA THR B 69 0.14 4.03 8.47
C THR B 69 -0.04 2.73 7.68
N LEU B 70 -0.33 2.85 6.40
CA LEU B 70 -0.53 1.64 5.56
C LEU B 70 0.41 1.71 4.35
N HIS B 71 0.97 0.59 3.94
CA HIS B 71 1.89 0.61 2.78
C HIS B 71 1.11 0.36 1.49
N LEU B 72 1.49 1.01 0.42
CA LEU B 72 0.78 0.81 -0.88
C LEU B 72 1.67 0.02 -1.83
N VAL B 73 1.19 -1.07 -2.36
CA VAL B 73 2.00 -1.88 -3.31
C VAL B 73 1.43 -1.77 -4.72
N LEU B 74 2.23 -1.39 -5.67
CA LEU B 74 1.72 -1.27 -7.07
C LEU B 74 1.72 -2.65 -7.73
N ARG B 75 0.76 -2.91 -8.56
CA ARG B 75 0.69 -4.24 -9.23
C ARG B 75 1.36 -4.13 -10.62
N LEU B 76 0.77 -4.72 -11.62
CA LEU B 76 1.37 -4.67 -12.98
C LEU B 76 0.36 -4.07 -13.97
N ARG B 77 -0.86 -3.89 -13.55
CA ARG B 77 -1.88 -3.30 -14.46
C ARG B 77 -1.98 -1.79 -14.23
N LYS A 61 23.76 -8.29 -3.80
CA LYS A 61 23.68 -6.96 -4.47
C LYS A 61 22.22 -6.70 -4.88
N ILE A 62 21.63 -5.65 -4.36
CA ILE A 62 20.22 -5.36 -4.71
C ILE A 62 20.12 -4.06 -5.53
N THR A 63 19.38 -4.09 -6.61
CA THR A 63 19.21 -2.88 -7.45
C THR A 63 17.73 -2.49 -7.43
N PHE A 64 17.44 -1.23 -7.16
CA PHE A 64 16.03 -0.78 -7.11
C PHE A 64 15.74 0.21 -8.25
N PRO A 65 14.62 0.08 -8.94
CA PRO A 65 14.24 1.02 -10.03
C PRO A 65 14.36 2.50 -9.62
N SER A 66 14.35 3.37 -10.57
CA SER A 66 14.45 4.84 -10.29
C SER A 66 13.20 5.34 -9.56
N ASP A 67 12.24 4.49 -9.33
CA ASP A 67 11.00 4.95 -8.63
C ASP A 67 10.74 4.11 -7.37
N ILE A 68 11.68 3.29 -6.98
CA ILE A 68 11.47 2.43 -5.76
C ILE A 68 12.37 2.88 -4.62
N ASP A 69 11.78 3.08 -3.46
CA ASP A 69 12.57 3.48 -2.26
C ASP A 69 12.96 2.22 -1.47
N PRO A 70 14.20 2.14 -1.01
CA PRO A 70 14.68 0.96 -0.23
C PRO A 70 14.09 0.87 1.18
N GLN A 71 13.85 1.99 1.80
CA GLN A 71 13.29 1.98 3.19
C GLN A 71 11.82 1.53 3.18
N VAL A 72 11.06 1.90 2.19
CA VAL A 72 9.64 1.46 2.17
C VAL A 72 9.57 0.02 1.69
N PHE A 73 10.56 -0.42 0.96
CA PHE A 73 10.57 -1.82 0.43
C PHE A 73 10.82 -2.82 1.57
N TYR A 74 11.88 -2.64 2.31
CA TYR A 74 12.18 -3.60 3.41
C TYR A 74 11.03 -3.61 4.43
N GLU A 75 10.19 -2.61 4.42
CA GLU A 75 9.06 -2.59 5.38
C GLU A 75 7.89 -3.42 4.83
N LEU A 76 8.02 -3.90 3.62
CA LEU A 76 6.92 -4.73 3.03
C LEU A 76 7.14 -6.21 3.37
N PRO A 77 6.09 -6.97 3.44
CA PRO A 77 6.18 -8.44 3.76
C PRO A 77 7.12 -9.17 2.79
N GLU A 78 7.69 -10.26 3.22
CA GLU A 78 8.61 -11.02 2.33
C GLU A 78 7.86 -11.56 1.11
N ALA A 79 6.75 -12.22 1.31
CA ALA A 79 6.00 -12.78 0.16
C ALA A 79 5.81 -11.71 -0.92
N VAL A 80 5.48 -10.50 -0.55
CA VAL A 80 5.32 -9.43 -1.56
C VAL A 80 6.71 -8.99 -2.02
N GLN A 81 7.66 -9.05 -1.14
CA GLN A 81 9.05 -8.67 -1.53
C GLN A 81 9.51 -9.57 -2.66
N LYS A 82 9.39 -10.86 -2.48
CA LYS A 82 9.82 -11.81 -3.55
C LYS A 82 9.08 -11.50 -4.85
N GLU A 83 7.78 -11.34 -4.80
CA GLU A 83 7.04 -11.05 -6.07
C GLU A 83 7.57 -9.77 -6.73
N LEU A 84 7.87 -8.77 -5.96
CA LEU A 84 8.38 -7.51 -6.57
C LEU A 84 9.82 -7.73 -7.06
N LEU A 85 10.63 -8.46 -6.32
CA LEU A 85 12.02 -8.71 -6.80
C LEU A 85 11.97 -9.63 -8.01
N ALA A 86 11.09 -10.60 -8.02
CA ALA A 86 11.00 -11.53 -9.18
C ALA A 86 10.61 -10.74 -10.42
N GLU A 87 9.83 -9.71 -10.27
CA GLU A 87 9.43 -8.88 -11.44
C GLU A 87 10.63 -8.03 -11.88
N TRP A 88 11.43 -7.61 -10.95
CA TRP A 88 12.62 -6.80 -11.32
C TRP A 88 13.67 -7.73 -11.92
N LYS A 89 13.54 -9.01 -11.69
CA LYS A 89 14.53 -9.97 -12.25
C LYS A 89 14.07 -10.44 -13.63
N ARG A 90 12.83 -10.78 -13.80
CA ARG A 90 12.39 -11.24 -15.15
C ARG A 90 12.73 -10.15 -16.15
N THR A 91 12.51 -8.91 -15.79
CA THR A 91 12.85 -7.79 -16.70
C THR A 91 14.30 -7.36 -16.45
N GLY A 92 14.71 -7.40 -15.21
CA GLY A 92 16.12 -7.00 -14.87
C GLY A 92 17.07 -7.52 -15.95
N MET B 4 -11.26 8.95 12.17
CA MET B 4 -9.82 8.67 12.41
C MET B 4 -9.05 8.76 11.08
N GLN B 5 -7.93 9.41 11.09
CA GLN B 5 -7.15 9.56 9.82
C GLN B 5 -6.08 8.47 9.72
N ILE B 6 -5.54 8.28 8.55
CA ILE B 6 -4.49 7.22 8.37
C ILE B 6 -3.48 7.71 7.34
N PHE B 7 -2.22 7.40 7.52
CA PHE B 7 -1.17 7.84 6.56
C PHE B 7 -0.90 6.73 5.54
N VAL B 8 -0.67 7.08 4.31
CA VAL B 8 -0.39 6.03 3.28
C VAL B 8 0.97 6.31 2.63
N LYS B 9 1.92 5.43 2.83
CA LYS B 9 3.26 5.63 2.23
C LYS B 9 3.38 4.77 0.96
N THR B 10 3.97 5.30 -0.07
CA THR B 10 4.07 4.52 -1.34
C THR B 10 5.44 3.85 -1.46
N LEU B 11 5.65 3.17 -2.54
CA LEU B 11 6.96 2.48 -2.75
C LEU B 11 8.04 3.53 -3.03
N THR B 12 7.64 4.74 -3.28
CA THR B 12 8.64 5.81 -3.57
C THR B 12 8.81 6.70 -2.33
N GLY B 13 8.04 6.45 -1.30
CA GLY B 13 8.17 7.28 -0.07
C GLY B 13 7.11 8.38 -0.04
N LYS B 14 6.21 8.40 -1.00
CA LYS B 14 5.16 9.45 -1.00
C LYS B 14 4.19 9.17 0.16
N THR B 15 4.07 10.10 1.08
CA THR B 15 3.14 9.90 2.23
C THR B 15 1.87 10.71 2.00
N ILE B 16 0.73 10.15 2.34
CA ILE B 16 -0.54 10.89 2.15
C ILE B 16 -1.45 10.68 3.36
N THR B 17 -2.08 11.72 3.81
CA THR B 17 -3.00 11.59 4.99
C THR B 17 -4.44 11.62 4.49
N LEU B 18 -5.19 10.58 4.72
CA LEU B 18 -6.60 10.55 4.23
C LEU B 18 -7.55 10.32 5.40
N GLU B 19 -8.46 11.23 5.62
CA GLU B 19 -9.43 11.08 6.75
C GLU B 19 -10.33 9.86 6.48
N VAL B 20 -10.49 8.99 7.44
CA VAL B 20 -11.35 7.80 7.23
C VAL B 20 -12.22 7.56 8.46
N GLU B 21 -12.97 6.48 8.47
CA GLU B 21 -13.83 6.19 9.65
C GLU B 21 -13.67 4.71 10.01
N PRO B 22 -13.88 4.37 11.26
CA PRO B 22 -13.77 2.96 11.73
C PRO B 22 -14.69 2.02 10.96
N SER B 23 -15.73 2.54 10.38
CA SER B 23 -16.68 1.69 9.61
C SER B 23 -16.46 1.88 8.11
N ASP B 24 -15.46 2.63 7.72
CA ASP B 24 -15.22 2.85 6.27
C ASP B 24 -14.74 1.53 5.63
N THR B 25 -15.11 1.28 4.41
CA THR B 25 -14.69 0.03 3.73
C THR B 25 -13.32 0.22 3.09
N ILE B 26 -12.54 -0.84 2.99
CA ILE B 26 -11.20 -0.73 2.35
C ILE B 26 -11.34 -0.13 0.95
N GLU B 27 -12.29 -0.59 0.19
CA GLU B 27 -12.50 -0.04 -1.19
C GLU B 27 -12.59 1.48 -1.12
N ASN B 28 -13.20 2.01 -0.10
CA ASN B 28 -13.33 3.50 -0.01
C ASN B 28 -11.95 4.10 0.20
N VAL B 29 -11.22 3.65 1.19
CA VAL B 29 -9.86 4.21 1.40
C VAL B 29 -9.10 4.15 0.08
N LYS B 30 -9.13 3.01 -0.57
CA LYS B 30 -8.44 2.86 -1.87
C LYS B 30 -8.84 4.01 -2.81
N ALA B 31 -10.11 4.29 -2.90
CA ALA B 31 -10.57 5.39 -3.79
C ALA B 31 -9.88 6.69 -3.41
N LYS B 32 -9.66 6.91 -2.14
CA LYS B 32 -8.99 8.16 -1.70
C LYS B 32 -7.64 8.27 -2.41
N ILE B 33 -6.81 7.28 -2.28
CA ILE B 33 -5.47 7.33 -2.94
C ILE B 33 -5.67 7.53 -4.44
N GLN B 34 -6.73 6.99 -4.99
CA GLN B 34 -6.99 7.15 -6.46
C GLN B 34 -7.23 8.63 -6.78
N ASP B 35 -8.01 9.30 -5.98
CA ASP B 35 -8.30 10.75 -6.26
C ASP B 35 -7.05 11.59 -6.08
N LYS B 36 -6.16 11.20 -5.21
CA LYS B 36 -4.93 12.01 -4.98
C LYS B 36 -3.77 11.45 -5.80
N GLU B 37 -3.50 10.18 -5.69
CA GLU B 37 -2.35 9.60 -6.44
C GLU B 37 -2.76 9.18 -7.85
N GLY B 38 -4.02 9.23 -8.18
CA GLY B 38 -4.43 8.85 -9.57
C GLY B 38 -4.19 7.34 -9.81
N ILE B 39 -4.17 6.56 -8.76
CA ILE B 39 -3.94 5.10 -8.95
C ILE B 39 -5.26 4.33 -8.78
N PRO B 40 -5.60 3.45 -9.71
CA PRO B 40 -6.86 2.66 -9.62
C PRO B 40 -6.76 1.53 -8.58
N PRO B 41 -7.87 1.10 -8.05
CA PRO B 41 -7.91 0.04 -7.01
C PRO B 41 -7.50 -1.35 -7.54
N ASP B 42 -7.77 -1.61 -8.80
CA ASP B 42 -7.43 -2.94 -9.37
C ASP B 42 -5.90 -3.13 -9.44
N GLN B 43 -5.14 -2.07 -9.25
CA GLN B 43 -3.66 -2.20 -9.31
C GLN B 43 -3.03 -1.71 -7.99
N GLN B 44 -3.74 -0.93 -7.23
CA GLN B 44 -3.17 -0.44 -5.94
C GLN B 44 -3.43 -1.49 -4.85
N ARG B 45 -2.48 -1.71 -3.99
CA ARG B 45 -2.67 -2.72 -2.90
C ARG B 45 -2.29 -2.10 -1.56
N LEU B 46 -3.15 -2.21 -0.58
CA LEU B 46 -2.83 -1.63 0.75
C LEU B 46 -2.47 -2.76 1.72
N ILE B 47 -1.31 -2.67 2.32
CA ILE B 47 -0.88 -3.73 3.28
C ILE B 47 -0.69 -3.10 4.66
N PHE B 48 -1.20 -3.73 5.68
CA PHE B 48 -1.05 -3.17 7.06
C PHE B 48 -0.53 -4.27 7.99
N ALA B 49 0.60 -4.06 8.61
CA ALA B 49 1.12 -5.12 9.53
C ALA B 49 1.30 -6.43 8.76
N GLY B 50 1.75 -6.35 7.54
CA GLY B 50 1.98 -7.59 6.74
C GLY B 50 0.66 -8.25 6.36
N LYS B 51 -0.46 -7.61 6.62
CA LYS B 51 -1.77 -8.23 6.25
C LYS B 51 -2.35 -7.50 5.04
N GLN B 52 -2.81 -8.23 4.07
CA GLN B 52 -3.40 -7.58 2.86
C GLN B 52 -4.86 -7.22 3.15
N LEU B 53 -5.22 -5.98 2.95
CA LEU B 53 -6.63 -5.56 3.22
C LEU B 53 -7.53 -6.04 2.08
N GLU B 54 -8.72 -6.47 2.40
CA GLU B 54 -9.65 -6.96 1.33
C GLU B 54 -10.67 -5.86 1.02
N ASP B 55 -11.11 -5.78 -0.19
CA ASP B 55 -12.11 -4.74 -0.57
C ASP B 55 -13.46 -5.05 0.07
N GLY B 56 -13.54 -6.07 0.89
CA GLY B 56 -14.84 -6.42 1.52
C GLY B 56 -14.72 -6.41 3.06
N ARG B 57 -14.15 -5.37 3.62
CA ARG B 57 -14.04 -5.31 5.11
C ARG B 57 -13.92 -3.85 5.54
N THR B 58 -13.98 -3.59 6.82
CA THR B 58 -13.88 -2.19 7.31
C THR B 58 -12.59 -2.00 8.09
N LEU B 59 -12.17 -0.76 8.27
CA LEU B 59 -10.91 -0.50 9.01
C LEU B 59 -11.02 -1.05 10.43
N SER B 60 -12.13 -0.86 11.08
CA SER B 60 -12.27 -1.37 12.47
C SER B 60 -12.13 -2.90 12.47
N ASP B 61 -12.47 -3.54 11.39
CA ASP B 61 -12.33 -5.02 11.33
C ASP B 61 -10.85 -5.38 11.26
N TYR B 62 -10.01 -4.43 10.97
CA TYR B 62 -8.55 -4.71 10.89
C TYR B 62 -7.85 -4.12 12.12
N ASN B 63 -8.62 -3.55 13.02
CA ASN B 63 -8.03 -2.95 14.25
C ASN B 63 -7.16 -1.75 13.86
N ILE B 64 -7.60 -0.98 12.90
CA ILE B 64 -6.81 0.21 12.49
C ILE B 64 -7.28 1.43 13.29
N GLN B 65 -6.37 2.22 13.79
CA GLN B 65 -6.76 3.42 14.58
C GLN B 65 -6.17 4.67 13.94
N LYS B 66 -6.53 5.81 14.43
CA LYS B 66 -6.02 7.09 13.87
C LYS B 66 -4.49 7.05 13.75
N GLU B 67 -3.96 7.90 12.93
CA GLU B 67 -2.48 7.97 12.76
C GLU B 67 -1.92 6.63 12.30
N SER B 68 -2.75 5.70 11.90
CA SER B 68 -2.23 4.39 11.44
C SER B 68 -1.61 4.57 10.05
N THR B 69 -0.56 3.83 9.78
CA THR B 69 0.11 3.96 8.45
C THR B 69 -0.06 2.67 7.66
N LEU B 70 -0.36 2.79 6.39
CA LEU B 70 -0.54 1.57 5.54
C LEU B 70 0.40 1.65 4.33
N HIS B 71 0.96 0.55 3.92
CA HIS B 71 1.89 0.57 2.75
C HIS B 71 1.11 0.38 1.45
N LEU B 72 1.48 1.09 0.41
CA LEU B 72 0.77 0.94 -0.89
C LEU B 72 1.69 0.22 -1.88
N VAL B 73 1.22 -0.84 -2.48
CA VAL B 73 2.07 -1.59 -3.46
C VAL B 73 1.45 -1.51 -4.85
N LEU B 74 2.21 -1.17 -5.84
CA LEU B 74 1.66 -1.11 -7.22
C LEU B 74 1.62 -2.51 -7.80
N ARG B 75 0.61 -2.80 -8.58
CA ARG B 75 0.50 -4.17 -9.16
C ARG B 75 1.18 -4.18 -10.53
N LEU B 76 0.61 -4.87 -11.50
CA LEU B 76 1.25 -4.93 -12.85
C LEU B 76 0.25 -4.43 -13.90
N ARG B 77 -1.02 -4.46 -13.60
CA ARG B 77 -2.02 -3.98 -14.59
C ARG B 77 -1.72 -2.52 -14.95
N LYS A 61 24.24 -7.39 -2.92
CA LYS A 61 24.04 -6.24 -3.84
C LYS A 61 22.63 -6.23 -4.42
N ILE A 62 21.84 -5.28 -3.99
CA ILE A 62 20.44 -5.17 -4.50
C ILE A 62 20.30 -3.92 -5.37
N THR A 63 19.55 -4.01 -6.43
CA THR A 63 19.36 -2.84 -7.33
C THR A 63 17.88 -2.45 -7.30
N PHE A 64 17.59 -1.22 -6.93
CA PHE A 64 16.16 -0.78 -6.87
C PHE A 64 15.89 0.26 -7.97
N PRO A 65 14.78 0.15 -8.68
CA PRO A 65 14.40 1.13 -9.73
C PRO A 65 14.52 2.59 -9.26
N SER A 66 14.53 3.51 -10.18
CA SER A 66 14.65 4.95 -9.83
C SER A 66 13.39 5.44 -9.10
N ASP A 67 12.41 4.59 -8.91
CA ASP A 67 11.16 5.02 -8.21
C ASP A 67 10.90 4.14 -6.98
N ILE A 68 11.83 3.29 -6.64
CA ILE A 68 11.62 2.39 -5.46
C ILE A 68 12.52 2.80 -4.29
N ASP A 69 11.95 2.98 -3.13
CA ASP A 69 12.74 3.38 -1.94
C ASP A 69 12.98 2.13 -1.06
N PRO A 70 14.16 1.98 -0.51
CA PRO A 70 14.50 0.81 0.36
C PRO A 70 13.75 0.84 1.70
N GLN A 71 13.74 1.96 2.35
CA GLN A 71 13.04 2.09 3.67
C GLN A 71 11.64 1.48 3.60
N VAL A 72 10.88 1.80 2.58
CA VAL A 72 9.50 1.25 2.48
C VAL A 72 9.55 -0.21 1.98
N PHE A 73 10.34 -0.48 0.99
CA PHE A 73 10.40 -1.86 0.42
C PHE A 73 10.60 -2.89 1.54
N TYR A 74 11.62 -2.72 2.34
CA TYR A 74 11.87 -3.72 3.42
C TYR A 74 10.70 -3.75 4.41
N GLU A 75 9.89 -2.73 4.44
CA GLU A 75 8.73 -2.74 5.38
C GLU A 75 7.60 -3.59 4.80
N LEU A 76 7.74 -4.06 3.59
CA LEU A 76 6.68 -4.89 2.97
C LEU A 76 6.93 -6.37 3.26
N PRO A 77 5.89 -7.17 3.30
CA PRO A 77 6.03 -8.64 3.56
C PRO A 77 6.96 -9.31 2.55
N GLU A 78 7.55 -10.41 2.93
CA GLU A 78 8.48 -11.13 2.00
C GLU A 78 7.74 -11.62 0.76
N ALA A 79 6.63 -12.29 0.95
CA ALA A 79 5.88 -12.81 -0.24
C ALA A 79 5.71 -11.70 -1.28
N VAL A 80 5.34 -10.53 -0.87
CA VAL A 80 5.18 -9.41 -1.83
C VAL A 80 6.57 -8.94 -2.25
N GLN A 81 7.52 -9.04 -1.36
CA GLN A 81 8.91 -8.63 -1.70
C GLN A 81 9.40 -9.48 -2.88
N LYS A 82 9.29 -10.77 -2.75
CA LYS A 82 9.75 -11.68 -3.84
C LYS A 82 9.04 -11.32 -5.17
N GLU A 83 7.75 -11.19 -5.14
CA GLU A 83 7.01 -10.86 -6.41
C GLU A 83 7.56 -9.57 -7.03
N LEU A 84 7.86 -8.58 -6.23
CA LEU A 84 8.38 -7.32 -6.82
C LEU A 84 9.82 -7.51 -7.30
N LEU A 85 10.61 -8.28 -6.60
CA LEU A 85 12.01 -8.51 -7.07
C LEU A 85 11.97 -9.40 -8.33
N ALA A 86 11.10 -10.36 -8.35
CA ALA A 86 11.01 -11.25 -9.55
C ALA A 86 10.65 -10.40 -10.77
N GLU A 87 9.86 -9.37 -10.57
CA GLU A 87 9.49 -8.49 -11.71
C GLU A 87 10.70 -7.64 -12.09
N TRP A 88 11.49 -7.25 -11.13
CA TRP A 88 12.69 -6.45 -11.45
C TRP A 88 13.78 -7.37 -11.97
N LYS A 89 13.59 -8.66 -11.83
CA LYS A 89 14.61 -9.62 -12.34
C LYS A 89 14.24 -10.02 -13.77
N ARG A 90 13.02 -10.39 -14.01
CA ARG A 90 12.63 -10.78 -15.39
C ARG A 90 13.02 -9.63 -16.33
N THR A 91 12.81 -8.41 -15.91
CA THR A 91 13.20 -7.26 -16.78
C THR A 91 14.65 -6.88 -16.48
N GLY A 92 15.06 -6.96 -15.26
CA GLY A 92 16.47 -6.62 -14.91
C GLY A 92 17.43 -7.62 -15.56
N MET B 4 -11.14 9.13 12.07
CA MET B 4 -9.70 8.86 12.31
C MET B 4 -8.95 8.93 10.96
N GLN B 5 -7.80 9.55 10.95
CA GLN B 5 -7.04 9.66 9.67
C GLN B 5 -5.98 8.57 9.58
N ILE B 6 -5.44 8.36 8.41
CA ILE B 6 -4.39 7.31 8.24
C ILE B 6 -3.37 7.77 7.19
N PHE B 7 -2.12 7.46 7.40
CA PHE B 7 -1.08 7.87 6.41
C PHE B 7 -0.83 6.73 5.42
N VAL B 8 -0.64 7.05 4.18
CA VAL B 8 -0.39 6.00 3.16
C VAL B 8 0.99 6.22 2.52
N LYS B 9 1.94 5.37 2.83
CA LYS B 9 3.30 5.54 2.23
C LYS B 9 3.41 4.62 1.02
N THR B 10 3.94 5.12 -0.07
CA THR B 10 4.05 4.27 -1.28
C THR B 10 5.44 3.64 -1.37
N LEU B 11 5.69 2.96 -2.45
CA LEU B 11 7.02 2.29 -2.63
C LEU B 11 8.08 3.36 -2.89
N THR B 12 7.67 4.57 -3.14
CA THR B 12 8.67 5.65 -3.43
C THR B 12 8.84 6.52 -2.19
N GLY B 13 8.08 6.27 -1.15
CA GLY B 13 8.22 7.09 0.09
C GLY B 13 7.18 8.21 0.10
N LYS B 14 6.36 8.29 -0.91
CA LYS B 14 5.32 9.35 -0.94
C LYS B 14 4.31 9.09 0.18
N THR B 15 4.17 10.02 1.09
CA THR B 15 3.21 9.82 2.21
C THR B 15 1.94 10.62 1.93
N ILE B 16 0.79 10.06 2.22
CA ILE B 16 -0.49 10.78 1.95
C ILE B 16 -1.40 10.63 3.17
N THR B 17 -2.03 11.68 3.58
CA THR B 17 -2.95 11.60 4.75
C THR B 17 -4.40 11.64 4.27
N LEU B 18 -5.16 10.62 4.57
CA LEU B 18 -6.58 10.60 4.12
C LEU B 18 -7.51 10.39 5.31
N GLU B 19 -8.40 11.31 5.54
CA GLU B 19 -9.34 11.20 6.69
C GLU B 19 -10.28 10.01 6.43
N VAL B 20 -10.49 9.17 7.41
CA VAL B 20 -11.40 7.99 7.20
C VAL B 20 -12.24 7.75 8.44
N GLU B 21 -13.00 6.69 8.45
CA GLU B 21 -13.85 6.38 9.64
C GLU B 21 -13.73 4.90 9.98
N PRO B 22 -13.90 4.53 11.22
CA PRO B 22 -13.80 3.11 11.67
C PRO B 22 -14.73 2.18 10.88
N SER B 23 -15.80 2.69 10.36
CA SER B 23 -16.74 1.84 9.60
C SER B 23 -16.47 1.98 8.09
N ASP B 24 -15.43 2.68 7.73
CA ASP B 24 -15.13 2.86 6.28
C ASP B 24 -14.65 1.54 5.67
N THR B 25 -15.05 1.25 4.46
CA THR B 25 -14.61 -0.03 3.81
C THR B 25 -13.26 0.20 3.13
N ILE B 26 -12.40 -0.80 3.14
CA ILE B 26 -11.08 -0.64 2.48
C ILE B 26 -11.30 -0.13 1.05
N GLU B 27 -12.39 -0.52 0.44
CA GLU B 27 -12.67 -0.07 -0.96
C GLU B 27 -12.79 1.45 -0.98
N ASN B 28 -13.28 2.05 0.07
CA ASN B 28 -13.40 3.53 0.09
C ASN B 28 -12.01 4.14 0.24
N VAL B 29 -11.26 3.73 1.23
CA VAL B 29 -9.88 4.27 1.40
C VAL B 29 -9.14 4.12 0.07
N LYS B 30 -9.21 2.96 -0.52
CA LYS B 30 -8.54 2.72 -1.82
C LYS B 30 -8.97 3.81 -2.81
N ALA B 31 -10.23 4.16 -2.80
CA ALA B 31 -10.73 5.21 -3.72
C ALA B 31 -10.02 6.54 -3.42
N LYS B 32 -9.74 6.81 -2.18
CA LYS B 32 -9.07 8.09 -1.82
C LYS B 32 -7.71 8.17 -2.54
N ILE B 33 -6.87 7.19 -2.39
CA ILE B 33 -5.55 7.24 -3.08
C ILE B 33 -5.78 7.36 -4.59
N GLN B 34 -6.81 6.74 -5.09
CA GLN B 34 -7.09 6.82 -6.56
C GLN B 34 -7.31 8.27 -6.98
N ASP B 35 -8.11 8.99 -6.26
CA ASP B 35 -8.39 10.41 -6.64
C ASP B 35 -7.15 11.28 -6.37
N LYS B 36 -6.28 10.85 -5.51
CA LYS B 36 -5.07 11.67 -5.21
C LYS B 36 -3.87 11.18 -6.03
N GLU B 37 -3.50 9.94 -5.87
CA GLU B 37 -2.32 9.41 -6.63
C GLU B 37 -2.72 8.97 -8.03
N GLY B 38 -3.98 9.00 -8.37
CA GLY B 38 -4.39 8.57 -9.74
C GLY B 38 -4.15 7.08 -9.94
N ILE B 39 -4.11 6.32 -8.87
CA ILE B 39 -3.88 4.85 -9.00
C ILE B 39 -5.22 4.11 -8.82
N PRO B 40 -5.61 3.27 -9.76
CA PRO B 40 -6.90 2.52 -9.67
C PRO B 40 -6.81 1.38 -8.65
N PRO B 41 -7.92 0.98 -8.09
CA PRO B 41 -7.97 -0.11 -7.07
C PRO B 41 -7.57 -1.48 -7.65
N ASP B 42 -7.85 -1.71 -8.90
CA ASP B 42 -7.50 -3.02 -9.51
C ASP B 42 -5.98 -3.23 -9.51
N GLN B 43 -5.22 -2.19 -9.25
CA GLN B 43 -3.74 -2.34 -9.25
C GLN B 43 -3.15 -1.82 -7.93
N GLN B 44 -3.89 -1.06 -7.19
CA GLN B 44 -3.36 -0.54 -5.90
C GLN B 44 -3.66 -1.55 -4.79
N ARG B 45 -2.67 -1.87 -3.99
CA ARG B 45 -2.88 -2.85 -2.88
C ARG B 45 -2.47 -2.23 -1.56
N LEU B 46 -3.29 -2.34 -0.56
CA LEU B 46 -2.94 -1.75 0.77
C LEU B 46 -2.59 -2.87 1.75
N ILE B 47 -1.44 -2.77 2.36
CA ILE B 47 -1.00 -3.81 3.33
C ILE B 47 -0.80 -3.15 4.70
N PHE B 48 -1.29 -3.76 5.74
CA PHE B 48 -1.14 -3.17 7.10
C PHE B 48 -0.56 -4.24 8.04
N ALA B 49 0.63 -4.04 8.53
CA ALA B 49 1.23 -5.05 9.44
C ALA B 49 1.44 -6.36 8.68
N GLY B 50 1.91 -6.27 7.47
CA GLY B 50 2.17 -7.49 6.66
C GLY B 50 0.86 -8.23 6.37
N LYS B 51 -0.27 -7.58 6.53
CA LYS B 51 -1.56 -8.25 6.24
C LYS B 51 -2.25 -7.57 5.05
N GLN B 52 -2.82 -8.35 4.17
CA GLN B 52 -3.50 -7.76 2.99
C GLN B 52 -4.94 -7.38 3.34
N LEU B 53 -5.31 -6.16 3.11
CA LEU B 53 -6.71 -5.73 3.42
C LEU B 53 -7.66 -6.23 2.33
N GLU B 54 -8.92 -6.36 2.64
CA GLU B 54 -9.90 -6.84 1.61
C GLU B 54 -10.94 -5.75 1.33
N ASP B 55 -11.37 -5.65 0.11
CA ASP B 55 -12.38 -4.61 -0.25
C ASP B 55 -13.73 -4.96 0.40
N GLY B 56 -13.77 -6.01 1.18
CA GLY B 56 -15.06 -6.42 1.83
C GLY B 56 -14.93 -6.35 3.35
N ARG B 57 -14.17 -5.42 3.86
CA ARG B 57 -14.03 -5.30 5.35
C ARG B 57 -13.89 -3.83 5.73
N THR B 58 -13.91 -3.54 7.01
CA THR B 58 -13.79 -2.12 7.45
C THR B 58 -12.47 -1.91 8.19
N LEU B 59 -12.02 -0.68 8.31
CA LEU B 59 -10.74 -0.43 9.03
C LEU B 59 -10.82 -0.99 10.45
N SER B 60 -11.94 -0.79 11.10
CA SER B 60 -12.08 -1.32 12.50
C SER B 60 -11.92 -2.84 12.48
N ASP B 61 -12.27 -3.48 11.41
CA ASP B 61 -12.13 -4.97 11.34
C ASP B 61 -10.65 -5.33 11.31
N TYR B 62 -9.80 -4.39 10.98
CA TYR B 62 -8.34 -4.68 10.93
C TYR B 62 -7.66 -4.06 12.16
N ASN B 63 -8.43 -3.46 13.02
CA ASN B 63 -7.85 -2.83 14.24
C ASN B 63 -6.99 -1.63 13.86
N ILE B 64 -7.43 -0.86 12.89
CA ILE B 64 -6.65 0.33 12.47
C ILE B 64 -7.12 1.55 13.27
N GLN B 65 -6.19 2.34 13.75
CA GLN B 65 -6.58 3.54 14.55
C GLN B 65 -6.01 4.80 13.88
N LYS B 66 -6.38 5.95 14.38
CA LYS B 66 -5.88 7.21 13.78
C LYS B 66 -4.35 7.19 13.68
N GLU B 67 -3.82 8.05 12.86
CA GLU B 67 -2.34 8.16 12.71
C GLU B 67 -1.74 6.80 12.30
N SER B 68 -2.55 5.86 11.92
CA SER B 68 -2.00 4.54 11.49
C SER B 68 -1.42 4.69 10.09
N THR B 69 -0.43 3.91 9.75
CA THR B 69 0.19 4.01 8.40
C THR B 69 -0.04 2.72 7.61
N LEU B 70 -0.38 2.84 6.36
CA LEU B 70 -0.62 1.63 5.52
C LEU B 70 0.32 1.67 4.31
N HIS B 71 0.86 0.55 3.93
CA HIS B 71 1.80 0.54 2.76
C HIS B 71 1.02 0.31 1.47
N LEU B 72 1.39 1.00 0.43
CA LEU B 72 0.70 0.83 -0.88
C LEU B 72 1.62 0.11 -1.85
N VAL B 73 1.17 -0.96 -2.44
CA VAL B 73 2.02 -1.71 -3.41
C VAL B 73 1.40 -1.66 -4.80
N LEU B 74 2.17 -1.31 -5.79
CA LEU B 74 1.63 -1.26 -7.17
C LEU B 74 1.55 -2.68 -7.74
N ARG B 75 0.53 -2.97 -8.49
CA ARG B 75 0.39 -4.34 -9.06
C ARG B 75 1.03 -4.36 -10.45
N LEU B 76 0.43 -5.06 -11.39
CA LEU B 76 1.02 -5.11 -12.76
C LEU B 76 -0.04 -4.67 -13.78
N ARG B 77 -1.18 -5.29 -13.76
CA ARG B 77 -2.27 -4.92 -14.72
C ARG B 77 -3.27 -3.99 -14.03
N LYS A 61 23.36 -8.43 -3.85
CA LYS A 61 23.30 -7.07 -4.46
C LYS A 61 21.85 -6.77 -4.89
N ILE A 62 21.25 -5.75 -4.36
CA ILE A 62 19.84 -5.44 -4.75
C ILE A 62 19.80 -4.12 -5.53
N THR A 63 19.12 -4.13 -6.65
CA THR A 63 18.99 -2.90 -7.47
C THR A 63 17.53 -2.47 -7.48
N PHE A 64 17.25 -1.24 -7.15
CA PHE A 64 15.84 -0.76 -7.12
C PHE A 64 15.61 0.28 -8.23
N PRO A 65 14.51 0.18 -8.97
CA PRO A 65 14.18 1.17 -10.05
C PRO A 65 14.31 2.63 -9.59
N SER A 66 14.33 3.53 -10.53
CA SER A 66 14.45 4.98 -10.20
C SER A 66 13.19 5.48 -9.48
N ASP A 67 12.20 4.64 -9.30
CA ASP A 67 10.95 5.09 -8.62
C ASP A 67 10.68 4.23 -7.38
N ILE A 68 11.60 3.38 -7.02
CA ILE A 68 11.37 2.50 -5.83
C ILE A 68 12.29 2.89 -4.67
N ASP A 69 11.72 3.06 -3.51
CA ASP A 69 12.54 3.43 -2.31
C ASP A 69 12.88 2.16 -1.52
N PRO A 70 14.11 2.01 -1.06
CA PRO A 70 14.53 0.81 -0.29
C PRO A 70 13.96 0.78 1.14
N GLN A 71 13.88 1.93 1.77
CA GLN A 71 13.35 1.99 3.16
C GLN A 71 11.91 1.47 3.19
N VAL A 72 11.09 1.83 2.25
CA VAL A 72 9.69 1.34 2.26
C VAL A 72 9.64 -0.10 1.73
N PHE A 73 10.60 -0.49 0.94
CA PHE A 73 10.59 -1.87 0.38
C PHE A 73 10.81 -2.91 1.49
N TYR A 74 11.85 -2.76 2.26
CA TYR A 74 12.13 -3.75 3.33
C TYR A 74 10.97 -3.75 4.35
N GLU A 75 10.16 -2.74 4.35
CA GLU A 75 9.02 -2.69 5.32
C GLU A 75 7.86 -3.52 4.77
N LEU A 76 7.97 -4.00 3.57
CA LEU A 76 6.85 -4.81 2.98
C LEU A 76 7.07 -6.29 3.31
N PRO A 77 6.01 -7.05 3.41
CA PRO A 77 6.09 -8.51 3.72
C PRO A 77 7.02 -9.25 2.74
N GLU A 78 7.57 -10.35 3.14
CA GLU A 78 8.48 -11.12 2.24
C GLU A 78 7.72 -11.62 1.01
N ALA A 79 6.60 -12.26 1.19
CA ALA A 79 5.84 -12.79 0.03
C ALA A 79 5.65 -11.70 -1.03
N VAL A 80 5.32 -10.50 -0.62
CA VAL A 80 5.16 -9.40 -1.61
C VAL A 80 6.55 -8.96 -2.06
N GLN A 81 7.51 -9.06 -1.18
CA GLN A 81 8.89 -8.68 -1.55
C GLN A 81 9.36 -9.55 -2.72
N LYS A 82 9.20 -10.84 -2.60
CA LYS A 82 9.62 -11.76 -3.70
C LYS A 82 8.89 -11.40 -5.00
N GLU A 83 7.60 -11.23 -4.95
CA GLU A 83 6.85 -10.89 -6.19
C GLU A 83 7.40 -9.60 -6.82
N LEU A 84 7.73 -8.63 -6.02
CA LEU A 84 8.25 -7.36 -6.60
C LEU A 84 9.68 -7.58 -7.14
N LEU A 85 10.48 -8.34 -6.46
CA LEU A 85 11.86 -8.60 -6.98
C LEU A 85 11.77 -9.49 -8.22
N ALA A 86 10.86 -10.42 -8.24
CA ALA A 86 10.73 -11.32 -9.42
C ALA A 86 10.34 -10.48 -10.64
N GLU A 87 9.57 -9.45 -10.43
CA GLU A 87 9.18 -8.58 -11.59
C GLU A 87 10.39 -7.76 -12.04
N TRP A 88 11.16 -7.26 -11.12
CA TRP A 88 12.36 -6.47 -11.50
C TRP A 88 13.44 -7.42 -12.00
N LYS A 89 13.28 -8.70 -11.77
CA LYS A 89 14.31 -9.67 -12.23
C LYS A 89 13.92 -10.20 -13.62
N ARG A 90 12.70 -10.59 -13.82
CA ARG A 90 12.31 -11.10 -15.16
C ARG A 90 12.68 -10.06 -16.21
N THR A 91 12.49 -8.79 -15.89
CA THR A 91 12.85 -7.73 -16.88
C THR A 91 14.28 -7.25 -16.59
N GLY A 92 14.67 -7.17 -15.35
CA GLY A 92 16.05 -6.71 -15.03
C GLY A 92 17.04 -7.80 -15.40
N MET B 4 -11.34 8.92 12.06
CA MET B 4 -9.90 8.64 12.31
C MET B 4 -9.13 8.73 11.00
N GLN B 5 -8.00 9.38 11.01
CA GLN B 5 -7.21 9.52 9.74
C GLN B 5 -6.16 8.43 9.65
N ILE B 6 -5.62 8.22 8.48
CA ILE B 6 -4.57 7.17 8.31
C ILE B 6 -3.54 7.66 7.29
N PHE B 7 -2.28 7.38 7.52
CA PHE B 7 -1.23 7.83 6.57
C PHE B 7 -0.94 6.71 5.57
N VAL B 8 -0.69 7.05 4.33
CA VAL B 8 -0.40 6.01 3.31
C VAL B 8 0.96 6.29 2.67
N LYS B 9 1.93 5.45 2.93
CA LYS B 9 3.27 5.66 2.33
C LYS B 9 3.41 4.76 1.10
N THR B 10 3.98 5.27 0.04
CA THR B 10 4.11 4.44 -1.20
C THR B 10 5.49 3.81 -1.28
N LEU B 11 5.74 3.14 -2.38
CA LEU B 11 7.06 2.48 -2.57
C LEU B 11 8.14 3.54 -2.81
N THR B 12 7.73 4.75 -3.10
CA THR B 12 8.73 5.83 -3.35
C THR B 12 8.88 6.68 -2.08
N GLY B 13 8.11 6.41 -1.06
CA GLY B 13 8.23 7.20 0.19
C GLY B 13 7.18 8.32 0.20
N LYS B 14 6.35 8.39 -0.80
CA LYS B 14 5.31 9.46 -0.83
C LYS B 14 4.30 9.20 0.29
N THR B 15 4.17 10.12 1.21
CA THR B 15 3.20 9.93 2.33
C THR B 15 1.93 10.73 2.04
N ILE B 16 0.79 10.13 2.27
CA ILE B 16 -0.49 10.84 2.01
C ILE B 16 -1.43 10.63 3.19
N THR B 17 -2.08 11.66 3.65
CA THR B 17 -3.02 11.51 4.80
C THR B 17 -4.45 11.54 4.28
N LEU B 18 -5.22 10.54 4.57
CA LEU B 18 -6.63 10.51 4.09
C LEU B 18 -7.59 10.27 5.27
N GLU B 19 -8.48 11.20 5.49
CA GLU B 19 -9.44 11.06 6.62
C GLU B 19 -10.37 9.86 6.35
N VAL B 20 -10.58 9.02 7.32
CA VAL B 20 -11.48 7.84 7.11
C VAL B 20 -12.34 7.62 8.35
N GLU B 21 -13.10 6.55 8.36
CA GLU B 21 -13.97 6.26 9.54
C GLU B 21 -13.82 4.78 9.92
N PRO B 22 -14.03 4.45 11.17
CA PRO B 22 -13.92 3.05 11.66
C PRO B 22 -14.83 2.10 10.87
N SER B 23 -15.80 2.62 10.18
CA SER B 23 -16.72 1.75 9.40
C SER B 23 -16.46 1.92 7.90
N ASP B 24 -15.43 2.64 7.53
CA ASP B 24 -15.15 2.82 6.08
C ASP B 24 -14.63 1.52 5.48
N THR B 25 -14.96 1.23 4.25
CA THR B 25 -14.48 -0.04 3.63
C THR B 25 -13.11 0.18 2.98
N ILE B 26 -12.27 -0.81 3.02
CA ILE B 26 -10.92 -0.67 2.40
C ILE B 26 -11.08 -0.17 0.96
N GLU B 27 -12.12 -0.58 0.30
CA GLU B 27 -12.33 -0.12 -1.11
C GLU B 27 -12.50 1.39 -1.13
N ASN B 28 -13.08 1.96 -0.10
CA ASN B 28 -13.25 3.43 -0.08
C ASN B 28 -11.88 4.08 0.08
N VAL B 29 -11.13 3.66 1.07
CA VAL B 29 -9.76 4.24 1.24
C VAL B 29 -9.04 4.13 -0.10
N LYS B 30 -9.15 3.00 -0.74
CA LYS B 30 -8.48 2.79 -2.05
C LYS B 30 -8.85 3.94 -2.99
N ALA B 31 -10.11 4.26 -3.08
CA ALA B 31 -10.54 5.36 -3.98
C ALA B 31 -9.84 6.65 -3.59
N LYS B 32 -9.60 6.86 -2.33
CA LYS B 32 -8.91 8.11 -1.91
C LYS B 32 -7.54 8.21 -2.58
N ILE B 33 -6.72 7.20 -2.44
CA ILE B 33 -5.38 7.25 -3.09
C ILE B 33 -5.55 7.45 -4.59
N GLN B 34 -6.58 6.91 -5.17
CA GLN B 34 -6.80 7.08 -6.63
C GLN B 34 -7.01 8.57 -6.94
N ASP B 35 -7.89 9.22 -6.25
CA ASP B 35 -8.15 10.66 -6.51
C ASP B 35 -6.90 11.50 -6.26
N LYS B 36 -6.03 11.07 -5.40
CA LYS B 36 -4.80 11.86 -5.11
C LYS B 36 -3.62 11.33 -5.94
N GLU B 37 -3.32 10.08 -5.82
CA GLU B 37 -2.17 9.50 -6.58
C GLU B 37 -2.58 9.08 -7.99
N GLY B 38 -3.83 9.13 -8.32
CA GLY B 38 -4.23 8.73 -9.71
C GLY B 38 -4.01 7.23 -9.92
N ILE B 39 -4.00 6.47 -8.86
CA ILE B 39 -3.78 5.00 -9.01
C ILE B 39 -5.10 4.25 -8.76
N PRO B 40 -5.49 3.34 -9.63
CA PRO B 40 -6.75 2.56 -9.46
C PRO B 40 -6.63 1.57 -8.29
N PRO B 41 -7.72 1.01 -7.85
CA PRO B 41 -7.72 0.05 -6.71
C PRO B 41 -7.38 -1.38 -7.15
N ASP B 42 -7.66 -1.73 -8.38
CA ASP B 42 -7.36 -3.11 -8.85
C ASP B 42 -5.85 -3.30 -9.02
N GLN B 43 -5.09 -2.24 -8.92
CA GLN B 43 -3.61 -2.37 -9.06
C GLN B 43 -2.92 -1.87 -7.79
N GLN B 44 -3.54 -1.00 -7.04
CA GLN B 44 -2.89 -0.52 -5.79
C GLN B 44 -3.28 -1.46 -4.65
N ARG B 45 -2.35 -1.80 -3.80
CA ARG B 45 -2.68 -2.73 -2.67
C ARG B 45 -2.30 -2.08 -1.34
N LEU B 46 -3.17 -2.16 -0.37
CA LEU B 46 -2.86 -1.56 0.96
C LEU B 46 -2.49 -2.69 1.93
N ILE B 47 -1.29 -2.64 2.46
CA ILE B 47 -0.85 -3.70 3.41
C ILE B 47 -0.63 -3.08 4.80
N PHE B 48 -1.12 -3.72 5.81
CA PHE B 48 -0.95 -3.18 7.19
C PHE B 48 -0.39 -4.29 8.07
N ALA B 49 0.72 -4.06 8.72
CA ALA B 49 1.31 -5.14 9.57
C ALA B 49 1.50 -6.40 8.72
N GLY B 50 1.96 -6.22 7.51
CA GLY B 50 2.20 -7.40 6.63
C GLY B 50 0.86 -8.06 6.29
N LYS B 51 -0.22 -7.54 6.78
CA LYS B 51 -1.55 -8.16 6.48
C LYS B 51 -2.15 -7.49 5.24
N GLN B 52 -2.66 -8.27 4.33
CA GLN B 52 -3.28 -7.68 3.11
C GLN B 52 -4.73 -7.31 3.43
N LEU B 53 -5.07 -6.05 3.28
CA LEU B 53 -6.48 -5.63 3.58
C LEU B 53 -7.41 -6.13 2.46
N GLU B 54 -8.59 -6.55 2.82
CA GLU B 54 -9.55 -7.04 1.78
C GLU B 54 -10.46 -5.90 1.34
N ASP B 55 -10.82 -5.87 0.08
CA ASP B 55 -11.71 -4.79 -0.42
C ASP B 55 -13.14 -5.02 0.09
N GLY B 56 -13.34 -6.02 0.92
CA GLY B 56 -14.71 -6.29 1.44
C GLY B 56 -14.70 -6.28 2.97
N ARG B 57 -14.02 -5.35 3.58
CA ARG B 57 -14.00 -5.29 5.07
C ARG B 57 -13.89 -3.83 5.52
N THR B 58 -14.00 -3.60 6.81
CA THR B 58 -13.92 -2.20 7.31
C THR B 58 -12.61 -2.00 8.10
N LEU B 59 -12.17 -0.78 8.23
CA LEU B 59 -10.91 -0.51 8.97
C LEU B 59 -11.02 -1.06 10.40
N SER B 60 -12.13 -0.87 11.03
CA SER B 60 -12.30 -1.39 12.43
C SER B 60 -12.15 -2.91 12.44
N ASP B 61 -12.50 -3.56 11.37
CA ASP B 61 -12.36 -5.05 11.33
C ASP B 61 -10.88 -5.42 11.29
N TYR B 62 -10.03 -4.48 10.99
CA TYR B 62 -8.57 -4.77 10.94
C TYR B 62 -7.91 -4.17 12.18
N ASN B 63 -8.68 -3.59 13.05
CA ASN B 63 -8.12 -2.98 14.29
C ASN B 63 -7.25 -1.78 13.91
N ILE B 64 -7.68 -1.01 12.94
CA ILE B 64 -6.90 0.19 12.54
C ILE B 64 -7.40 1.41 13.32
N GLN B 65 -6.51 2.22 13.82
CA GLN B 65 -6.92 3.42 14.59
C GLN B 65 -6.32 4.67 13.95
N LYS B 66 -6.68 5.82 14.44
CA LYS B 66 -6.14 7.09 13.87
C LYS B 66 -4.62 7.05 13.79
N GLU B 67 -4.07 7.92 12.99
CA GLU B 67 -2.58 8.01 12.87
C GLU B 67 -1.98 6.66 12.44
N SER B 68 -2.80 5.75 11.98
CA SER B 68 -2.24 4.44 11.53
C SER B 68 -1.61 4.62 10.15
N THR B 69 -0.57 3.88 9.84
CA THR B 69 0.09 4.02 8.52
C THR B 69 -0.08 2.73 7.71
N LEU B 70 -0.36 2.86 6.44
CA LEU B 70 -0.55 1.65 5.58
C LEU B 70 0.39 1.75 4.37
N HIS B 71 0.97 0.65 3.97
CA HIS B 71 1.91 0.69 2.80
C HIS B 71 1.14 0.47 1.49
N LEU B 72 1.54 1.15 0.45
CA LEU B 72 0.84 0.98 -0.86
C LEU B 72 1.77 0.23 -1.82
N VAL B 73 1.30 -0.86 -2.40
CA VAL B 73 2.16 -1.64 -3.34
C VAL B 73 1.54 -1.62 -4.74
N LEU B 74 2.33 -1.32 -5.74
CA LEU B 74 1.78 -1.29 -7.13
C LEU B 74 1.73 -2.72 -7.68
N ARG B 75 0.73 -3.03 -8.45
CA ARG B 75 0.59 -4.40 -9.02
C ARG B 75 1.13 -4.40 -10.45
N LEU B 76 0.43 -5.02 -11.36
CA LEU B 76 0.89 -5.05 -12.78
C LEU B 76 -0.22 -4.50 -13.67
N ARG B 77 -1.45 -4.76 -13.32
CA ARG B 77 -2.60 -4.25 -14.14
C ARG B 77 -2.52 -2.73 -14.21
N LYS A 61 23.47 -8.38 -3.95
CA LYS A 61 23.40 -7.02 -4.54
C LYS A 61 21.95 -6.72 -4.95
N ILE A 62 21.33 -5.73 -4.37
CA ILE A 62 19.93 -5.41 -4.74
C ILE A 62 19.86 -4.10 -5.53
N THR A 63 19.17 -4.12 -6.63
CA THR A 63 19.02 -2.89 -7.46
C THR A 63 17.56 -2.47 -7.46
N PHE A 64 17.28 -1.25 -7.10
CA PHE A 64 15.87 -0.78 -7.07
C PHE A 64 15.63 0.24 -8.20
N PRO A 65 14.52 0.12 -8.92
CA PRO A 65 14.19 1.09 -10.01
C PRO A 65 14.34 2.55 -9.58
N SER A 66 14.36 3.44 -10.53
CA SER A 66 14.50 4.90 -10.23
C SER A 66 13.25 5.42 -9.50
N ASP A 67 12.26 4.59 -9.28
CA ASP A 67 11.03 5.07 -8.58
C ASP A 67 10.75 4.20 -7.34
N ILE A 68 11.68 3.36 -6.97
CA ILE A 68 11.45 2.50 -5.78
C ILE A 68 12.38 2.86 -4.63
N ASP A 69 11.83 3.04 -3.46
CA ASP A 69 12.66 3.39 -2.27
C ASP A 69 12.91 2.13 -1.43
N PRO A 70 14.09 1.94 -0.91
CA PRO A 70 14.42 0.75 -0.08
C PRO A 70 13.74 0.77 1.29
N GLN A 71 13.85 1.88 1.98
CA GLN A 71 13.22 2.01 3.32
C GLN A 71 11.77 1.52 3.28
N VAL A 72 11.03 1.88 2.28
CA VAL A 72 9.60 1.42 2.22
C VAL A 72 9.55 -0.01 1.69
N PHE A 73 10.54 -0.44 0.96
CA PHE A 73 10.52 -1.82 0.39
C PHE A 73 10.72 -2.87 1.50
N TYR A 74 11.74 -2.73 2.29
CA TYR A 74 12.00 -3.74 3.35
C TYR A 74 10.82 -3.76 4.35
N GLU A 75 10.00 -2.76 4.35
CA GLU A 75 8.85 -2.76 5.30
C GLU A 75 7.69 -3.58 4.73
N LEU A 76 7.81 -4.05 3.51
CA LEU A 76 6.70 -4.85 2.91
C LEU A 76 6.91 -6.34 3.22
N PRO A 77 5.85 -7.11 3.29
CA PRO A 77 5.93 -8.58 3.58
C PRO A 77 6.86 -9.30 2.59
N GLU A 78 7.39 -10.43 2.99
CA GLU A 78 8.31 -11.19 2.09
C GLU A 78 7.56 -11.66 0.83
N ALA A 79 6.42 -12.28 0.99
CA ALA A 79 5.68 -12.78 -0.20
C ALA A 79 5.53 -11.66 -1.24
N VAL A 80 5.20 -10.47 -0.80
CA VAL A 80 5.08 -9.34 -1.76
C VAL A 80 6.49 -8.88 -2.15
N GLN A 81 7.42 -9.00 -1.26
CA GLN A 81 8.82 -8.60 -1.57
C GLN A 81 9.32 -9.46 -2.75
N LYS A 82 9.17 -10.74 -2.64
CA LYS A 82 9.62 -11.65 -3.73
C LYS A 82 8.94 -11.28 -5.05
N GLU A 83 7.65 -11.11 -5.05
CA GLU A 83 6.94 -10.77 -6.32
C GLU A 83 7.49 -9.49 -6.92
N LEU A 84 7.79 -8.50 -6.12
CA LEU A 84 8.31 -7.23 -6.69
C LEU A 84 9.74 -7.45 -7.21
N LEU A 85 10.55 -8.21 -6.53
CA LEU A 85 11.93 -8.45 -7.05
C LEU A 85 11.84 -9.35 -8.28
N ALA A 86 10.96 -10.31 -8.27
CA ALA A 86 10.83 -11.21 -9.45
C ALA A 86 10.50 -10.38 -10.68
N GLU A 87 9.77 -9.31 -10.51
CA GLU A 87 9.42 -8.43 -11.66
C GLU A 87 10.65 -7.59 -12.02
N TRP A 88 11.39 -7.15 -11.05
CA TRP A 88 12.60 -6.35 -11.36
C TRP A 88 13.71 -7.27 -11.82
N LYS A 89 13.59 -8.54 -11.53
CA LYS A 89 14.62 -9.52 -11.96
C LYS A 89 14.22 -10.10 -13.32
N ARG A 90 12.98 -10.47 -13.48
CA ARG A 90 12.57 -11.04 -14.80
C ARG A 90 12.97 -10.03 -15.88
N THR A 91 12.81 -8.76 -15.61
CA THR A 91 13.21 -7.73 -16.62
C THR A 91 14.64 -7.26 -16.33
N GLY A 92 15.01 -7.18 -15.08
CA GLY A 92 16.39 -6.73 -14.75
C GLY A 92 17.40 -7.68 -15.41
N MET B 4 -11.37 9.00 12.10
CA MET B 4 -9.93 8.72 12.33
C MET B 4 -9.18 8.78 11.00
N GLN B 5 -8.04 9.43 10.97
CA GLN B 5 -7.28 9.54 9.69
C GLN B 5 -6.18 8.46 9.63
N ILE B 6 -5.59 8.28 8.48
CA ILE B 6 -4.52 7.25 8.33
C ILE B 6 -3.49 7.73 7.30
N PHE B 7 -2.23 7.44 7.53
CA PHE B 7 -1.17 7.88 6.57
C PHE B 7 -0.86 6.75 5.59
N VAL B 8 -0.57 7.08 4.36
CA VAL B 8 -0.26 6.03 3.34
C VAL B 8 1.09 6.33 2.69
N LYS B 9 2.06 5.47 2.91
CA LYS B 9 3.40 5.70 2.29
C LYS B 9 3.54 4.82 1.05
N THR B 10 3.93 5.39 -0.06
CA THR B 10 4.05 4.59 -1.31
C THR B 10 5.43 3.93 -1.40
N LEU B 11 5.66 3.26 -2.48
CA LEU B 11 6.97 2.57 -2.67
C LEU B 11 8.05 3.61 -2.96
N THR B 12 7.65 4.82 -3.28
CA THR B 12 8.66 5.88 -3.58
C THR B 12 8.85 6.76 -2.34
N GLY B 13 8.10 6.51 -1.30
CA GLY B 13 8.26 7.33 -0.06
C GLY B 13 7.21 8.44 -0.02
N LYS B 14 6.30 8.46 -0.95
CA LYS B 14 5.25 9.52 -0.94
C LYS B 14 4.28 9.25 0.21
N THR B 15 4.19 10.15 1.16
CA THR B 15 3.27 9.94 2.31
C THR B 15 1.99 10.74 2.05
N ILE B 16 0.86 10.14 2.30
CA ILE B 16 -0.42 10.86 2.06
C ILE B 16 -1.35 10.66 3.26
N THR B 17 -2.02 11.68 3.69
CA THR B 17 -2.95 11.56 4.85
C THR B 17 -4.38 11.57 4.33
N LEU B 18 -5.15 10.57 4.65
CA LEU B 18 -6.56 10.51 4.16
C LEU B 18 -7.52 10.32 5.33
N GLU B 19 -8.42 11.25 5.52
CA GLU B 19 -9.39 11.13 6.64
C GLU B 19 -10.31 9.93 6.38
N VAL B 20 -10.51 9.08 7.35
CA VAL B 20 -11.39 7.90 7.13
C VAL B 20 -12.24 7.67 8.37
N GLU B 21 -12.99 6.59 8.40
CA GLU B 21 -13.84 6.30 9.59
C GLU B 21 -13.70 4.81 9.94
N PRO B 22 -13.90 4.47 11.17
CA PRO B 22 -13.80 3.05 11.63
C PRO B 22 -14.73 2.13 10.84
N SER B 23 -15.77 2.67 10.28
CA SER B 23 -16.73 1.83 9.49
C SER B 23 -16.45 1.99 8.00
N ASP B 24 -15.41 2.69 7.64
CA ASP B 24 -15.11 2.88 6.18
C ASP B 24 -14.64 1.55 5.59
N THR B 25 -15.03 1.27 4.37
CA THR B 25 -14.60 -0.03 3.75
C THR B 25 -13.23 0.14 3.07
N ILE B 26 -12.43 -0.88 3.09
CA ILE B 26 -11.09 -0.80 2.45
C ILE B 26 -11.25 -0.28 1.02
N GLU B 27 -12.32 -0.64 0.36
CA GLU B 27 -12.54 -0.18 -1.04
C GLU B 27 -12.59 1.35 -1.06
N ASN B 28 -13.12 1.96 -0.03
CA ASN B 28 -13.19 3.45 -0.01
C ASN B 28 -11.79 4.02 0.18
N VAL B 29 -11.07 3.58 1.17
CA VAL B 29 -9.69 4.10 1.38
C VAL B 29 -8.90 3.96 0.08
N LYS B 30 -9.04 2.84 -0.57
CA LYS B 30 -8.32 2.62 -1.85
C LYS B 30 -8.70 3.74 -2.84
N ALA B 31 -9.95 4.09 -2.87
CA ALA B 31 -10.40 5.18 -3.79
C ALA B 31 -9.73 6.49 -3.40
N LYS B 32 -9.55 6.71 -2.12
CA LYS B 32 -8.89 7.98 -1.69
C LYS B 32 -7.52 8.08 -2.37
N ILE B 33 -6.71 7.06 -2.23
CA ILE B 33 -5.36 7.10 -2.87
C ILE B 33 -5.54 7.31 -4.38
N GLN B 34 -6.57 6.76 -4.95
CA GLN B 34 -6.80 6.93 -6.42
C GLN B 34 -7.04 8.42 -6.73
N ASP B 35 -7.91 9.05 -6.00
CA ASP B 35 -8.20 10.50 -6.28
C ASP B 35 -6.93 11.34 -6.11
N LYS B 36 -6.04 10.96 -5.24
CA LYS B 36 -4.81 11.78 -5.03
C LYS B 36 -3.62 11.20 -5.82
N GLU B 37 -3.34 9.94 -5.64
CA GLU B 37 -2.18 9.33 -6.35
C GLU B 37 -2.57 8.94 -7.79
N GLY B 38 -3.82 9.00 -8.14
CA GLY B 38 -4.21 8.63 -9.53
C GLY B 38 -3.97 7.14 -9.78
N ILE B 39 -3.87 6.36 -8.75
CA ILE B 39 -3.64 4.90 -8.94
C ILE B 39 -4.96 4.14 -8.80
N PRO B 40 -5.30 3.28 -9.74
CA PRO B 40 -6.58 2.51 -9.69
C PRO B 40 -6.51 1.38 -8.65
N PRO B 41 -7.64 0.92 -8.20
CA PRO B 41 -7.71 -0.16 -7.17
C PRO B 41 -7.30 -1.54 -7.71
N ASP B 42 -7.53 -1.78 -8.97
CA ASP B 42 -7.17 -3.10 -9.56
C ASP B 42 -5.64 -3.25 -9.65
N GLN B 43 -4.91 -2.20 -9.35
CA GLN B 43 -3.42 -2.30 -9.42
C GLN B 43 -2.79 -1.80 -8.11
N GLN B 44 -3.53 -1.09 -7.30
CA GLN B 44 -2.94 -0.60 -6.02
C GLN B 44 -3.32 -1.56 -4.90
N ARG B 45 -2.40 -1.83 -3.99
CA ARG B 45 -2.71 -2.77 -2.88
C ARG B 45 -2.33 -2.13 -1.54
N LEU B 46 -3.18 -2.21 -0.55
CA LEU B 46 -2.87 -1.62 0.78
C LEU B 46 -2.54 -2.74 1.77
N ILE B 47 -1.41 -2.66 2.41
CA ILE B 47 -1.02 -3.70 3.40
C ILE B 47 -0.83 -3.07 4.78
N PHE B 48 -1.35 -3.70 5.80
CA PHE B 48 -1.22 -3.15 7.18
C PHE B 48 -0.65 -4.23 8.09
N ALA B 49 0.58 -4.08 8.52
CA ALA B 49 1.18 -5.12 9.40
C ALA B 49 1.35 -6.42 8.61
N GLY B 50 1.80 -6.31 7.38
CA GLY B 50 2.02 -7.52 6.55
C GLY B 50 0.69 -8.20 6.22
N LYS B 51 -0.41 -7.64 6.64
CA LYS B 51 -1.72 -8.27 6.34
C LYS B 51 -2.35 -7.57 5.12
N GLN B 52 -2.89 -8.33 4.20
CA GLN B 52 -3.51 -7.72 3.00
C GLN B 52 -4.94 -7.28 3.34
N LEU B 53 -5.25 -6.02 3.14
CA LEU B 53 -6.63 -5.55 3.45
C LEU B 53 -7.60 -6.10 2.41
N GLU B 54 -8.78 -6.46 2.82
CA GLU B 54 -9.77 -7.03 1.84
C GLU B 54 -10.80 -5.96 1.48
N ASP B 55 -11.28 -5.98 0.26
CA ASP B 55 -12.30 -4.98 -0.17
C ASP B 55 -13.64 -5.29 0.48
N GLY B 56 -13.69 -6.30 1.32
CA GLY B 56 -14.99 -6.67 1.97
C GLY B 56 -14.87 -6.54 3.49
N ARG B 57 -14.27 -5.49 3.98
CA ARG B 57 -14.15 -5.31 5.45
C ARG B 57 -14.01 -3.83 5.79
N THR B 58 -14.04 -3.50 7.06
CA THR B 58 -13.92 -2.07 7.46
C THR B 58 -12.61 -1.85 8.23
N LEU B 59 -12.18 -0.63 8.35
CA LEU B 59 -10.92 -0.35 9.09
C LEU B 59 -11.00 -0.92 10.50
N SER B 60 -12.10 -0.71 11.17
CA SER B 60 -12.24 -1.24 12.56
C SER B 60 -12.09 -2.77 12.55
N ASP B 61 -12.44 -3.41 11.46
CA ASP B 61 -12.31 -4.89 11.41
C ASP B 61 -10.83 -5.28 11.37
N TYR B 62 -9.98 -4.38 10.96
CA TYR B 62 -8.53 -4.71 10.90
C TYR B 62 -7.83 -4.11 12.14
N ASN B 63 -8.59 -3.56 13.03
CA ASN B 63 -8.01 -2.95 14.27
C ASN B 63 -7.18 -1.73 13.89
N ILE B 64 -7.65 -0.94 12.96
CA ILE B 64 -6.89 0.26 12.54
C ILE B 64 -7.42 1.48 13.30
N GLN B 65 -6.56 2.33 13.78
CA GLN B 65 -7.01 3.53 14.53
C GLN B 65 -6.39 4.78 13.90
N LYS B 66 -6.70 5.93 14.41
CA LYS B 66 -6.15 7.18 13.84
C LYS B 66 -4.62 7.11 13.75
N GLU B 67 -4.07 7.92 12.91
CA GLU B 67 -2.59 8.00 12.77
C GLU B 67 -1.97 6.65 12.38
N SER B 68 -2.71 5.75 11.78
CA SER B 68 -2.10 4.45 11.37
C SER B 68 -1.44 4.62 10.01
N THR B 69 -0.39 3.90 9.77
CA THR B 69 0.31 4.02 8.45
C THR B 69 0.11 2.74 7.64
N LEU B 70 -0.22 2.87 6.38
CA LEU B 70 -0.43 1.67 5.53
C LEU B 70 0.49 1.75 4.30
N HIS B 71 1.09 0.65 3.91
CA HIS B 71 2.00 0.67 2.74
C HIS B 71 1.21 0.42 1.45
N LEU B 72 1.60 1.08 0.39
CA LEU B 72 0.90 0.88 -0.90
C LEU B 72 1.81 0.12 -1.86
N VAL B 73 1.34 -0.95 -2.43
CA VAL B 73 2.19 -1.74 -3.38
C VAL B 73 1.61 -1.62 -4.79
N LEU B 74 2.42 -1.26 -5.75
CA LEU B 74 1.91 -1.15 -7.14
C LEU B 74 1.89 -2.54 -7.78
N ARG B 75 0.91 -2.81 -8.59
CA ARG B 75 0.82 -4.15 -9.23
C ARG B 75 1.43 -4.07 -10.64
N LEU B 76 0.79 -4.63 -11.62
CA LEU B 76 1.34 -4.59 -13.01
C LEU B 76 0.30 -3.98 -13.93
N ARG B 77 -0.96 -4.07 -13.58
CA ARG B 77 -2.03 -3.50 -14.44
C ARG B 77 -1.69 -2.06 -14.78
N LYS A 61 23.74 -8.13 -3.89
CA LYS A 61 23.67 -6.79 -4.53
C LYS A 61 22.24 -6.53 -4.99
N ILE A 62 21.58 -5.55 -4.42
CA ILE A 62 20.18 -5.26 -4.82
C ILE A 62 20.11 -3.96 -5.62
N THR A 63 19.42 -3.99 -6.74
CA THR A 63 19.27 -2.77 -7.57
C THR A 63 17.79 -2.37 -7.55
N PHE A 64 17.50 -1.15 -7.19
CA PHE A 64 16.08 -0.70 -7.14
C PHE A 64 15.81 0.35 -8.24
N PRO A 65 14.70 0.25 -8.94
CA PRO A 65 14.34 1.24 -10.01
C PRO A 65 14.47 2.69 -9.53
N SER A 66 14.47 3.61 -10.46
CA SER A 66 14.60 5.05 -10.12
C SER A 66 13.35 5.54 -9.38
N ASP A 67 12.37 4.69 -9.18
CA ASP A 67 11.14 5.14 -8.46
C ASP A 67 10.87 4.26 -7.24
N ILE A 68 11.79 3.40 -6.89
CA ILE A 68 11.58 2.51 -5.71
C ILE A 68 12.51 2.89 -4.55
N ASP A 69 11.94 3.04 -3.38
CA ASP A 69 12.76 3.41 -2.19
C ASP A 69 13.02 2.15 -1.34
N PRO A 70 14.21 1.99 -0.81
CA PRO A 70 14.57 0.80 0.03
C PRO A 70 13.86 0.81 1.39
N GLN A 71 13.91 1.94 2.05
CA GLN A 71 13.27 2.08 3.40
C GLN A 71 11.85 1.50 3.36
N VAL A 72 11.09 1.81 2.35
CA VAL A 72 9.69 1.27 2.30
C VAL A 72 9.69 -0.17 1.78
N PHE A 73 10.58 -0.50 0.90
CA PHE A 73 10.61 -1.88 0.34
C PHE A 73 10.83 -2.92 1.44
N TYR A 74 11.87 -2.77 2.21
CA TYR A 74 12.15 -3.75 3.28
C TYR A 74 11.00 -3.77 4.29
N GLU A 75 10.18 -2.75 4.31
CA GLU A 75 9.04 -2.74 5.27
C GLU A 75 7.88 -3.57 4.72
N LEU A 76 7.99 -4.04 3.51
CA LEU A 76 6.89 -4.85 2.92
C LEU A 76 7.11 -6.33 3.23
N PRO A 77 6.06 -7.11 3.32
CA PRO A 77 6.16 -8.57 3.60
C PRO A 77 7.09 -9.28 2.61
N GLU A 78 7.65 -10.39 3.00
CA GLU A 78 8.56 -11.14 2.09
C GLU A 78 7.81 -11.63 0.86
N ALA A 79 6.68 -12.26 1.03
CA ALA A 79 5.93 -12.79 -0.15
C ALA A 79 5.74 -11.69 -1.19
N VAL A 80 5.42 -10.50 -0.77
CA VAL A 80 5.27 -9.39 -1.76
C VAL A 80 6.66 -8.95 -2.20
N GLN A 81 7.62 -9.05 -1.33
CA GLN A 81 9.00 -8.67 -1.70
C GLN A 81 9.47 -9.55 -2.86
N LYS A 82 9.28 -10.83 -2.75
CA LYS A 82 9.70 -11.76 -3.84
C LYS A 82 8.98 -11.39 -5.14
N GLU A 83 7.69 -11.22 -5.10
CA GLU A 83 6.95 -10.88 -6.36
C GLU A 83 7.51 -9.58 -6.97
N LEU A 84 7.82 -8.61 -6.15
CA LEU A 84 8.35 -7.34 -6.72
C LEU A 84 9.78 -7.55 -7.25
N LEU A 85 10.58 -8.32 -6.57
CA LEU A 85 11.96 -8.56 -7.09
C LEU A 85 11.89 -9.45 -8.33
N ALA A 86 10.99 -10.40 -8.36
CA ALA A 86 10.87 -11.28 -9.55
C ALA A 86 10.49 -10.44 -10.76
N GLU A 87 9.72 -9.41 -10.56
CA GLU A 87 9.33 -8.53 -11.70
C GLU A 87 10.53 -7.68 -12.12
N TRP A 88 11.29 -7.23 -11.17
CA TRP A 88 12.49 -6.42 -11.53
C TRP A 88 13.57 -7.36 -12.05
N LYS A 89 13.42 -8.64 -11.82
CA LYS A 89 14.43 -9.61 -12.32
C LYS A 89 14.01 -10.12 -13.70
N ARG A 90 12.76 -10.50 -13.87
CA ARG A 90 12.35 -11.00 -15.21
C ARG A 90 12.72 -9.92 -16.25
N THR A 91 12.52 -8.68 -15.91
CA THR A 91 12.90 -7.59 -16.85
C THR A 91 14.36 -7.23 -16.62
N GLY A 92 14.80 -7.25 -15.39
CA GLY A 92 16.23 -6.93 -15.08
C GLY A 92 17.12 -8.05 -15.60
N MET B 4 -11.35 9.11 11.99
CA MET B 4 -9.91 8.84 12.26
C MET B 4 -9.12 8.92 10.94
N GLN B 5 -7.98 9.55 10.96
CA GLN B 5 -7.19 9.68 9.71
C GLN B 5 -6.12 8.59 9.64
N ILE B 6 -5.55 8.37 8.47
CA ILE B 6 -4.50 7.33 8.33
C ILE B 6 -3.47 7.80 7.30
N PHE B 7 -2.23 7.46 7.49
CA PHE B 7 -1.18 7.89 6.53
C PHE B 7 -0.86 6.75 5.56
N VAL B 8 -0.62 7.06 4.32
CA VAL B 8 -0.31 5.99 3.32
C VAL B 8 1.06 6.26 2.69
N LYS B 9 2.02 5.40 2.95
CA LYS B 9 3.36 5.58 2.36
C LYS B 9 3.51 4.65 1.15
N THR B 10 3.92 5.18 0.03
CA THR B 10 4.04 4.33 -1.19
C THR B 10 5.44 3.70 -1.29
N LEU B 11 5.69 3.08 -2.41
CA LEU B 11 7.01 2.42 -2.61
C LEU B 11 8.09 3.49 -2.81
N THR B 12 7.69 4.69 -3.13
CA THR B 12 8.71 5.77 -3.35
C THR B 12 8.85 6.60 -2.08
N GLY B 13 8.08 6.31 -1.07
CA GLY B 13 8.18 7.09 0.20
C GLY B 13 7.15 8.21 0.20
N LYS B 14 6.33 8.29 -0.81
CA LYS B 14 5.29 9.36 -0.85
C LYS B 14 4.29 9.12 0.29
N THR B 15 4.18 10.04 1.20
CA THR B 15 3.23 9.86 2.33
C THR B 15 1.95 10.66 2.07
N ILE B 16 0.81 10.06 2.25
CA ILE B 16 -0.47 10.78 2.01
C ILE B 16 -1.39 10.64 3.23
N THR B 17 -2.04 11.71 3.61
CA THR B 17 -2.95 11.64 4.78
C THR B 17 -4.39 11.65 4.29
N LEU B 18 -5.16 10.65 4.59
CA LEU B 18 -6.57 10.59 4.12
C LEU B 18 -7.53 10.40 5.30
N GLU B 19 -8.44 11.33 5.49
CA GLU B 19 -9.41 11.21 6.63
C GLU B 19 -10.34 10.03 6.35
N VAL B 20 -10.55 9.17 7.32
CA VAL B 20 -11.45 7.99 7.10
C VAL B 20 -12.33 7.77 8.32
N GLU B 21 -13.07 6.70 8.35
CA GLU B 21 -13.94 6.42 9.53
C GLU B 21 -13.79 4.94 9.92
N PRO B 22 -14.01 4.63 11.17
CA PRO B 22 -13.89 3.23 11.67
C PRO B 22 -14.82 2.27 10.91
N SER B 23 -15.87 2.78 10.34
CA SER B 23 -16.81 1.91 9.58
C SER B 23 -16.56 2.05 8.08
N ASP B 24 -15.52 2.75 7.70
CA ASP B 24 -15.26 2.92 6.24
C ASP B 24 -14.77 1.59 5.65
N THR B 25 -15.14 1.30 4.44
CA THR B 25 -14.70 0.02 3.81
C THR B 25 -13.35 0.23 3.11
N ILE B 26 -12.51 -0.78 3.11
CA ILE B 26 -11.18 -0.64 2.45
C ILE B 26 -11.39 -0.13 1.01
N GLU B 27 -12.40 -0.61 0.35
CA GLU B 27 -12.65 -0.14 -1.05
C GLU B 27 -12.73 1.38 -1.09
N ASN B 28 -13.24 1.99 -0.05
CA ASN B 28 -13.33 3.48 -0.03
C ASN B 28 -11.94 4.06 0.15
N VAL B 29 -11.20 3.60 1.12
CA VAL B 29 -9.82 4.13 1.33
C VAL B 29 -9.07 4.06 0.01
N LYS B 30 -9.10 2.91 -0.62
CA LYS B 30 -8.40 2.74 -1.93
C LYS B 30 -8.82 3.86 -2.88
N ALA B 31 -10.09 4.18 -2.91
CA ALA B 31 -10.57 5.25 -3.81
C ALA B 31 -9.88 6.56 -3.46
N LYS B 32 -9.64 6.79 -2.21
CA LYS B 32 -8.96 8.05 -1.80
C LYS B 32 -7.62 8.17 -2.53
N ILE B 33 -6.79 7.16 -2.42
CA ILE B 33 -5.46 7.23 -3.10
C ILE B 33 -5.68 7.39 -4.62
N GLN B 34 -6.73 6.82 -5.15
CA GLN B 34 -6.98 6.93 -6.61
C GLN B 34 -7.17 8.41 -7.00
N ASP B 35 -7.98 9.13 -6.27
CA ASP B 35 -8.21 10.56 -6.61
C ASP B 35 -6.97 11.40 -6.32
N LYS B 36 -6.15 10.99 -5.40
CA LYS B 36 -4.94 11.80 -5.08
C LYS B 36 -3.73 11.31 -5.88
N GLU B 37 -3.47 10.03 -5.85
CA GLU B 37 -2.29 9.48 -6.58
C GLU B 37 -2.67 9.02 -7.99
N GLY B 38 -3.93 9.01 -8.33
CA GLY B 38 -4.32 8.57 -9.71
C GLY B 38 -4.08 7.07 -9.89
N ILE B 39 -4.03 6.32 -8.81
CA ILE B 39 -3.81 4.85 -8.95
C ILE B 39 -5.14 4.11 -8.72
N PRO B 40 -5.54 3.23 -9.62
CA PRO B 40 -6.82 2.47 -9.47
C PRO B 40 -6.74 1.40 -8.38
N PRO B 41 -7.87 0.88 -7.95
CA PRO B 41 -7.95 -0.15 -6.87
C PRO B 41 -7.50 -1.54 -7.32
N ASP B 42 -7.71 -1.87 -8.57
CA ASP B 42 -7.32 -3.22 -9.06
C ASP B 42 -5.79 -3.34 -9.21
N GLN B 43 -5.06 -2.27 -9.03
CA GLN B 43 -3.57 -2.35 -9.19
C GLN B 43 -2.88 -1.92 -7.89
N GLN B 44 -3.49 -1.10 -7.08
CA GLN B 44 -2.81 -0.68 -5.82
C GLN B 44 -3.19 -1.67 -4.71
N ARG B 45 -2.30 -1.91 -3.78
CA ARG B 45 -2.61 -2.86 -2.68
C ARG B 45 -2.26 -2.23 -1.34
N LEU B 46 -3.16 -2.32 -0.38
CA LEU B 46 -2.86 -1.73 0.96
C LEU B 46 -2.51 -2.85 1.94
N ILE B 47 -1.35 -2.77 2.53
CA ILE B 47 -0.91 -3.81 3.50
C ILE B 47 -0.74 -3.20 4.88
N PHE B 48 -1.25 -3.84 5.89
CA PHE B 48 -1.11 -3.29 7.28
C PHE B 48 -0.57 -4.40 8.19
N ALA B 49 0.59 -4.21 8.75
CA ALA B 49 1.14 -5.28 9.63
C ALA B 49 1.31 -6.57 8.80
N GLY B 50 1.71 -6.44 7.56
CA GLY B 50 1.93 -7.64 6.71
C GLY B 50 0.60 -8.28 6.32
N LYS B 51 -0.51 -7.77 6.80
CA LYS B 51 -1.81 -8.38 6.42
C LYS B 51 -2.41 -7.62 5.23
N GLN B 52 -2.86 -8.32 4.24
CA GLN B 52 -3.45 -7.64 3.05
C GLN B 52 -4.91 -7.28 3.34
N LEU B 53 -5.27 -6.04 3.19
CA LEU B 53 -6.68 -5.63 3.46
C LEU B 53 -7.56 -6.07 2.29
N GLU B 54 -8.76 -6.53 2.57
CA GLU B 54 -9.65 -6.98 1.47
C GLU B 54 -10.69 -5.89 1.20
N ASP B 55 -11.14 -5.77 -0.03
CA ASP B 55 -12.15 -4.73 -0.37
C ASP B 55 -13.51 -5.04 0.25
N GLY B 56 -13.60 -6.08 1.04
CA GLY B 56 -14.92 -6.44 1.65
C GLY B 56 -14.85 -6.39 3.18
N ARG B 57 -14.27 -5.36 3.74
CA ARG B 57 -14.18 -5.27 5.23
C ARG B 57 -14.04 -3.80 5.65
N THR B 58 -14.07 -3.54 6.94
CA THR B 58 -13.96 -2.13 7.41
C THR B 58 -12.64 -1.94 8.17
N LEU B 59 -12.20 -0.71 8.31
CA LEU B 59 -10.93 -0.45 9.03
C LEU B 59 -11.01 -1.00 10.45
N SER B 60 -12.13 -0.84 11.11
CA SER B 60 -12.27 -1.36 12.49
C SER B 60 -12.10 -2.88 12.49
N ASP B 61 -12.43 -3.51 11.41
CA ASP B 61 -12.29 -4.99 11.33
C ASP B 61 -10.80 -5.36 11.29
N TYR B 62 -9.97 -4.43 10.93
CA TYR B 62 -8.50 -4.72 10.86
C TYR B 62 -7.82 -4.10 12.09
N ASN B 63 -8.59 -3.52 12.96
CA ASN B 63 -8.01 -2.90 14.18
C ASN B 63 -7.15 -1.69 13.79
N ILE B 64 -7.59 -0.93 12.83
CA ILE B 64 -6.81 0.27 12.42
C ILE B 64 -7.32 1.49 13.19
N GLN B 65 -6.43 2.32 13.66
CA GLN B 65 -6.87 3.53 14.43
C GLN B 65 -6.26 4.79 13.81
N LYS B 66 -6.62 5.92 14.35
CA LYS B 66 -6.11 7.20 13.81
C LYS B 66 -4.58 7.20 13.74
N GLU B 67 -4.05 8.08 12.94
CA GLU B 67 -2.57 8.19 12.84
C GLU B 67 -1.93 6.85 12.44
N SER B 68 -2.72 5.90 12.02
CA SER B 68 -2.12 4.60 11.61
C SER B 68 -1.53 4.73 10.22
N THR B 69 -0.53 3.97 9.91
CA THR B 69 0.12 4.06 8.56
C THR B 69 -0.07 2.77 7.77
N LEU B 70 -0.37 2.88 6.50
CA LEU B 70 -0.57 1.66 5.66
C LEU B 70 0.37 1.72 4.46
N HIS B 71 0.95 0.61 4.08
CA HIS B 71 1.88 0.60 2.92
C HIS B 71 1.11 0.37 1.62
N LEU B 72 1.48 1.04 0.56
CA LEU B 72 0.79 0.84 -0.74
C LEU B 72 1.75 0.12 -1.70
N VAL B 73 1.30 -0.96 -2.29
CA VAL B 73 2.19 -1.71 -3.22
C VAL B 73 1.60 -1.69 -4.63
N LEU B 74 2.39 -1.39 -5.62
CA LEU B 74 1.86 -1.36 -7.02
C LEU B 74 1.82 -2.79 -7.56
N ARG B 75 0.80 -3.11 -8.31
CA ARG B 75 0.67 -4.48 -8.87
C ARG B 75 1.21 -4.48 -10.30
N LEU B 76 0.53 -5.13 -11.21
CA LEU B 76 1.01 -5.17 -12.62
C LEU B 76 -0.10 -4.66 -13.55
N ARG B 77 -1.30 -5.12 -13.35
CA ARG B 77 -2.43 -4.67 -14.22
C ARG B 77 -3.62 -4.28 -13.35
N LYS A 61 23.50 -8.42 -3.97
CA LYS A 61 23.42 -7.04 -4.51
C LYS A 61 21.99 -6.74 -4.94
N ILE A 62 21.35 -5.75 -4.38
CA ILE A 62 19.95 -5.45 -4.78
C ILE A 62 19.89 -4.13 -5.55
N THR A 63 19.22 -4.12 -6.66
CA THR A 63 19.09 -2.88 -7.47
C THR A 63 17.61 -2.46 -7.46
N PHE A 64 17.34 -1.22 -7.11
CA PHE A 64 15.93 -0.76 -7.06
C PHE A 64 15.67 0.31 -8.15
N PRO A 65 14.57 0.24 -8.86
CA PRO A 65 14.21 1.25 -9.89
C PRO A 65 14.35 2.70 -9.40
N SER A 66 14.37 3.63 -10.31
CA SER A 66 14.48 5.07 -9.94
C SER A 66 13.22 5.54 -9.21
N ASP A 67 12.24 4.69 -9.04
CA ASP A 67 10.98 5.12 -8.35
C ASP A 67 10.72 4.22 -7.14
N ILE A 68 11.64 3.35 -6.81
CA ILE A 68 11.41 2.44 -5.64
C ILE A 68 12.32 2.83 -4.47
N ASP A 69 11.73 2.99 -3.31
CA ASP A 69 12.53 3.36 -2.11
C ASP A 69 12.77 2.10 -1.25
N PRO A 70 13.94 1.96 -0.69
CA PRO A 70 14.28 0.78 0.17
C PRO A 70 13.56 0.81 1.52
N GLN A 71 13.61 1.93 2.18
CA GLN A 71 12.95 2.07 3.52
C GLN A 71 11.52 1.52 3.46
N VAL A 72 10.76 1.87 2.47
CA VAL A 72 9.36 1.35 2.40
C VAL A 72 9.35 -0.07 1.84
N PHE A 73 10.36 -0.46 1.10
CA PHE A 73 10.38 -1.82 0.51
C PHE A 73 10.65 -2.88 1.58
N TYR A 74 11.71 -2.75 2.32
CA TYR A 74 12.02 -3.76 3.36
C TYR A 74 10.89 -3.82 4.39
N GLU A 75 10.08 -2.81 4.47
CA GLU A 75 8.94 -2.84 5.45
C GLU A 75 7.80 -3.67 4.86
N LEU A 76 7.93 -4.12 3.65
CA LEU A 76 6.84 -4.93 3.02
C LEU A 76 7.08 -6.42 3.29
N PRO A 77 6.03 -7.22 3.31
CA PRO A 77 6.14 -8.68 3.55
C PRO A 77 7.07 -9.36 2.53
N GLU A 78 7.65 -10.46 2.90
CA GLU A 78 8.57 -11.18 1.95
C GLU A 78 7.82 -11.65 0.71
N ALA A 79 6.69 -12.29 0.88
CA ALA A 79 5.94 -12.81 -0.30
C ALA A 79 5.76 -11.69 -1.34
N VAL A 80 5.41 -10.51 -0.92
CA VAL A 80 5.26 -9.40 -1.89
C VAL A 80 6.65 -8.93 -2.31
N GLN A 81 7.59 -9.03 -1.44
CA GLN A 81 8.98 -8.63 -1.77
C GLN A 81 9.47 -9.47 -2.95
N LYS A 82 9.33 -10.77 -2.84
CA LYS A 82 9.77 -11.67 -3.94
C LYS A 82 9.06 -11.31 -5.25
N GLU A 83 7.76 -11.16 -5.20
CA GLU A 83 7.01 -10.84 -6.46
C GLU A 83 7.52 -9.53 -7.07
N LEU A 84 7.78 -8.53 -6.29
CA LEU A 84 8.26 -7.25 -6.87
C LEU A 84 9.70 -7.42 -7.37
N LEU A 85 10.51 -8.17 -6.68
CA LEU A 85 11.91 -8.38 -7.16
C LEU A 85 11.88 -9.25 -8.41
N ALA A 86 11.00 -10.23 -8.45
CA ALA A 86 10.93 -11.11 -9.66
C ALA A 86 10.54 -10.26 -10.87
N GLU A 87 9.76 -9.24 -10.67
CA GLU A 87 9.36 -8.35 -11.80
C GLU A 87 10.57 -7.52 -12.22
N TRP A 88 11.34 -7.04 -11.28
CA TRP A 88 12.54 -6.25 -11.66
C TRP A 88 13.62 -7.19 -12.19
N LYS A 89 13.45 -8.48 -12.00
CA LYS A 89 14.48 -9.43 -12.50
C LYS A 89 14.11 -9.89 -13.91
N ARG A 90 12.88 -10.28 -14.14
CA ARG A 90 12.51 -10.72 -15.52
C ARG A 90 12.89 -9.60 -16.49
N THR A 91 12.70 -8.37 -16.09
CA THR A 91 13.08 -7.24 -16.99
C THR A 91 14.51 -6.82 -16.66
N GLY A 92 14.88 -6.84 -15.41
CA GLY A 92 16.27 -6.44 -15.03
C GLY A 92 17.27 -7.12 -15.96
N MET B 4 -11.29 9.40 11.94
CA MET B 4 -9.87 9.07 12.22
C MET B 4 -9.07 9.10 10.91
N GLN B 5 -7.91 9.68 10.91
CA GLN B 5 -7.12 9.76 9.66
C GLN B 5 -6.08 8.64 9.61
N ILE B 6 -5.53 8.41 8.45
CA ILE B 6 -4.50 7.34 8.31
C ILE B 6 -3.45 7.78 7.29
N PHE B 7 -2.21 7.47 7.51
CA PHE B 7 -1.14 7.88 6.56
C PHE B 7 -0.87 6.75 5.57
N VAL B 8 -0.65 7.07 4.33
CA VAL B 8 -0.36 6.01 3.31
C VAL B 8 1.02 6.24 2.70
N LYS B 9 1.96 5.39 3.00
CA LYS B 9 3.32 5.57 2.42
C LYS B 9 3.45 4.66 1.20
N THR B 10 3.94 5.18 0.10
CA THR B 10 4.04 4.34 -1.12
C THR B 10 5.43 3.70 -1.24
N LEU B 11 5.66 3.03 -2.33
CA LEU B 11 6.98 2.37 -2.54
C LEU B 11 8.04 3.44 -2.80
N THR B 12 7.62 4.63 -3.10
CA THR B 12 8.61 5.72 -3.38
C THR B 12 8.79 6.59 -2.13
N GLY B 13 8.02 6.33 -1.10
CA GLY B 13 8.16 7.15 0.14
C GLY B 13 7.11 8.25 0.16
N LYS B 14 6.27 8.30 -0.84
CA LYS B 14 5.22 9.37 -0.88
C LYS B 14 4.23 9.12 0.27
N THR B 15 4.13 10.04 1.20
CA THR B 15 3.18 9.84 2.33
C THR B 15 1.91 10.66 2.06
N ILE B 16 0.76 10.06 2.25
CA ILE B 16 -0.51 10.78 1.99
C ILE B 16 -1.42 10.67 3.21
N THR B 17 -2.03 11.76 3.61
CA THR B 17 -2.94 11.71 4.78
C THR B 17 -4.38 11.71 4.28
N LEU B 18 -5.14 10.70 4.62
CA LEU B 18 -6.55 10.65 4.12
C LEU B 18 -7.52 10.44 5.30
N GLU B 19 -8.41 11.38 5.50
CA GLU B 19 -9.39 11.26 6.61
C GLU B 19 -10.31 10.06 6.35
N VAL B 20 -10.50 9.21 7.32
CA VAL B 20 -11.39 8.02 7.11
C VAL B 20 -12.28 7.81 8.33
N GLU B 21 -13.08 6.77 8.33
CA GLU B 21 -13.97 6.49 9.49
C GLU B 21 -13.81 5.03 9.90
N PRO B 22 -14.05 4.72 11.15
CA PRO B 22 -13.93 3.34 11.67
C PRO B 22 -14.85 2.36 10.93
N SER B 23 -15.83 2.87 10.23
CA SER B 23 -16.76 1.98 9.49
C SER B 23 -16.50 2.08 7.98
N ASP B 24 -15.45 2.75 7.59
CA ASP B 24 -15.17 2.89 6.13
C ASP B 24 -14.68 1.55 5.56
N THR B 25 -15.05 1.23 4.35
CA THR B 25 -14.62 -0.05 3.74
C THR B 25 -13.25 0.12 3.07
N ILE B 26 -12.43 -0.91 3.11
CA ILE B 26 -11.09 -0.82 2.46
C ILE B 26 -11.26 -0.32 1.02
N GLU B 27 -12.39 -0.59 0.42
CA GLU B 27 -12.64 -0.13 -0.97
C GLU B 27 -12.66 1.40 -1.01
N ASN B 28 -13.21 2.02 0.01
CA ASN B 28 -13.26 3.52 0.01
C ASN B 28 -11.84 4.06 0.19
N VAL B 29 -11.11 3.59 1.16
CA VAL B 29 -9.72 4.08 1.35
C VAL B 29 -8.98 3.97 0.03
N LYS B 30 -9.06 2.83 -0.60
CA LYS B 30 -8.37 2.63 -1.91
C LYS B 30 -8.76 3.76 -2.87
N ALA B 31 -10.01 4.13 -2.86
CA ALA B 31 -10.47 5.23 -3.77
C ALA B 31 -9.77 6.54 -3.41
N LYS B 32 -9.52 6.77 -2.15
CA LYS B 32 -8.84 8.02 -1.75
C LYS B 32 -7.49 8.11 -2.46
N ILE B 33 -6.66 7.10 -2.33
CA ILE B 33 -5.33 7.13 -3.01
C ILE B 33 -5.55 7.28 -4.52
N GLN B 34 -6.58 6.68 -5.06
CA GLN B 34 -6.84 6.79 -6.52
C GLN B 34 -7.01 8.26 -6.92
N ASP B 35 -7.76 9.01 -6.16
CA ASP B 35 -7.98 10.44 -6.51
C ASP B 35 -6.71 11.27 -6.25
N LYS B 36 -5.91 10.88 -5.31
CA LYS B 36 -4.67 11.67 -5.01
C LYS B 36 -3.48 11.15 -5.81
N GLU B 37 -3.26 9.86 -5.81
CA GLU B 37 -2.10 9.30 -6.54
C GLU B 37 -2.49 8.88 -7.96
N GLY B 38 -3.74 8.92 -8.31
CA GLY B 38 -4.12 8.52 -9.70
C GLY B 38 -3.89 7.02 -9.91
N ILE B 39 -3.88 6.25 -8.85
CA ILE B 39 -3.65 4.78 -8.99
C ILE B 39 -5.01 4.04 -8.88
N PRO B 40 -5.32 3.18 -9.81
CA PRO B 40 -6.61 2.42 -9.77
C PRO B 40 -6.57 1.29 -8.73
N PRO B 41 -7.71 0.88 -8.24
CA PRO B 41 -7.80 -0.20 -7.21
C PRO B 41 -7.40 -1.58 -7.74
N ASP B 42 -7.67 -1.84 -9.00
CA ASP B 42 -7.33 -3.17 -9.57
C ASP B 42 -5.81 -3.38 -9.56
N GLN B 43 -5.06 -2.35 -9.25
CA GLN B 43 -3.57 -2.51 -9.24
C GLN B 43 -2.98 -2.00 -7.92
N GLN B 44 -3.69 -1.17 -7.21
CA GLN B 44 -3.13 -0.66 -5.92
C GLN B 44 -3.44 -1.66 -4.80
N ARG B 45 -2.47 -1.96 -3.97
CA ARG B 45 -2.71 -2.92 -2.86
C ARG B 45 -2.30 -2.29 -1.53
N LEU B 46 -3.15 -2.38 -0.54
CA LEU B 46 -2.81 -1.79 0.78
C LEU B 46 -2.47 -2.91 1.77
N ILE B 47 -1.32 -2.83 2.39
CA ILE B 47 -0.91 -3.87 3.37
C ILE B 47 -0.68 -3.22 4.74
N PHE B 48 -1.19 -3.84 5.78
CA PHE B 48 -1.01 -3.27 7.15
C PHE B 48 -0.45 -4.35 8.06
N ALA B 49 0.69 -4.13 8.66
CA ALA B 49 1.26 -5.18 9.55
C ALA B 49 1.40 -6.48 8.75
N GLY B 50 1.86 -6.39 7.53
CA GLY B 50 2.05 -7.62 6.71
C GLY B 50 0.70 -8.25 6.39
N LYS B 51 -0.38 -7.68 6.83
CA LYS B 51 -1.71 -8.27 6.53
C LYS B 51 -2.30 -7.59 5.30
N GLN B 52 -2.79 -8.35 4.37
CA GLN B 52 -3.39 -7.74 3.15
C GLN B 52 -4.83 -7.33 3.46
N LEU B 53 -5.17 -6.08 3.27
CA LEU B 53 -6.56 -5.65 3.57
C LEU B 53 -7.52 -6.25 2.56
N GLU B 54 -8.74 -6.48 2.96
CA GLU B 54 -9.74 -7.08 2.02
C GLU B 54 -10.70 -5.99 1.54
N ASP B 55 -11.09 -6.04 0.30
CA ASP B 55 -12.03 -5.01 -0.23
C ASP B 55 -13.42 -5.26 0.36
N GLY B 56 -13.55 -6.21 1.24
CA GLY B 56 -14.87 -6.51 1.85
C GLY B 56 -14.80 -6.39 3.37
N ARG B 57 -14.03 -5.47 3.88
CA ARG B 57 -13.93 -5.32 5.36
C ARG B 57 -13.83 -3.84 5.73
N THR B 58 -13.93 -3.53 7.00
CA THR B 58 -13.85 -2.11 7.44
C THR B 58 -12.56 -1.87 8.22
N LEU B 59 -12.14 -0.63 8.33
CA LEU B 59 -10.90 -0.33 9.07
C LEU B 59 -11.00 -0.86 10.50
N SER B 60 -12.12 -0.69 11.14
CA SER B 60 -12.27 -1.19 12.54
C SER B 60 -12.14 -2.72 12.55
N ASP B 61 -12.51 -3.37 11.48
CA ASP B 61 -12.39 -4.84 11.44
C ASP B 61 -10.90 -5.23 11.41
N TYR B 62 -10.05 -4.33 11.04
CA TYR B 62 -8.60 -4.64 10.98
C TYR B 62 -7.91 -4.01 12.20
N ASN B 63 -8.67 -3.42 13.08
CA ASN B 63 -8.08 -2.79 14.30
C ASN B 63 -7.23 -1.58 13.91
N ILE B 64 -7.67 -0.81 12.95
CA ILE B 64 -6.89 0.39 12.52
C ILE B 64 -7.41 1.61 13.28
N GLN B 65 -6.52 2.44 13.76
CA GLN B 65 -6.95 3.66 14.50
C GLN B 65 -6.33 4.90 13.87
N LYS B 66 -6.66 6.06 14.38
CA LYS B 66 -6.10 7.31 13.79
C LYS B 66 -4.58 7.25 13.71
N GLU B 67 -4.03 8.11 12.91
CA GLU B 67 -2.54 8.19 12.78
C GLU B 67 -1.95 6.84 12.38
N SER B 68 -2.77 5.90 11.98
CA SER B 68 -2.22 4.57 11.56
C SER B 68 -1.61 4.70 10.17
N THR B 69 -0.59 3.94 9.88
CA THR B 69 0.07 4.04 8.55
C THR B 69 -0.10 2.72 7.77
N LEU B 70 -0.36 2.82 6.49
CA LEU B 70 -0.54 1.59 5.67
C LEU B 70 0.42 1.62 4.48
N HIS B 71 0.96 0.50 4.10
CA HIS B 71 1.90 0.48 2.94
C HIS B 71 1.14 0.23 1.64
N LEU B 72 1.53 0.89 0.58
CA LEU B 72 0.83 0.70 -0.72
C LEU B 72 1.76 -0.02 -1.70
N VAL B 73 1.29 -1.08 -2.31
CA VAL B 73 2.14 -1.83 -3.29
C VAL B 73 1.52 -1.77 -4.68
N LEU B 74 2.29 -1.42 -5.67
CA LEU B 74 1.73 -1.35 -7.05
C LEU B 74 1.71 -2.75 -7.67
N ARG B 75 0.72 -3.04 -8.48
CA ARG B 75 0.62 -4.38 -9.11
C ARG B 75 1.21 -4.30 -10.52
N LEU B 76 0.56 -4.89 -11.49
CA LEU B 76 1.08 -4.85 -12.89
C LEU B 76 0.02 -4.26 -13.81
N ARG B 77 -1.23 -4.52 -13.52
CA ARG B 77 -2.33 -3.98 -14.39
C ARG B 77 -2.98 -2.79 -13.70
N LYS A 61 24.22 -7.41 -3.59
CA LYS A 61 23.97 -6.29 -4.54
C LYS A 61 22.51 -6.28 -5.02
N ILE A 62 21.78 -5.31 -4.56
CA ILE A 62 20.34 -5.18 -4.97
C ILE A 62 20.16 -3.91 -5.79
N THR A 63 19.42 -3.98 -6.86
CA THR A 63 19.17 -2.77 -7.71
C THR A 63 17.70 -2.41 -7.62
N PHE A 64 17.39 -1.20 -7.21
CA PHE A 64 15.97 -0.78 -7.09
C PHE A 64 15.63 0.24 -8.20
N PRO A 65 14.50 0.11 -8.85
CA PRO A 65 14.06 1.07 -9.91
C PRO A 65 14.20 2.53 -9.46
N SER A 66 14.15 3.43 -10.40
CA SER A 66 14.26 4.89 -10.08
C SER A 66 13.04 5.37 -9.29
N ASP A 67 12.07 4.50 -9.05
CA ASP A 67 10.86 4.93 -8.30
C ASP A 67 10.64 4.06 -7.06
N ILE A 68 11.60 3.24 -6.72
CA ILE A 68 11.44 2.37 -5.52
C ILE A 68 12.37 2.80 -4.38
N ASP A 69 11.81 3.00 -3.22
CA ASP A 69 12.64 3.42 -2.05
C ASP A 69 12.95 2.17 -1.19
N PRO A 70 14.17 2.05 -0.70
CA PRO A 70 14.57 0.87 0.14
C PRO A 70 13.89 0.87 1.52
N GLN A 71 13.81 2.02 2.13
CA GLN A 71 13.16 2.11 3.48
C GLN A 71 11.74 1.56 3.43
N VAL A 72 10.98 1.90 2.42
CA VAL A 72 9.58 1.39 2.36
C VAL A 72 9.56 -0.05 1.82
N PHE A 73 10.55 -0.43 1.08
CA PHE A 73 10.55 -1.81 0.51
C PHE A 73 10.81 -2.86 1.59
N TYR A 74 11.90 -2.72 2.31
CA TYR A 74 12.21 -3.72 3.36
C TYR A 74 11.06 -3.77 4.37
N GLU A 75 10.22 -2.76 4.39
CA GLU A 75 9.08 -2.77 5.36
C GLU A 75 7.91 -3.59 4.79
N LEU A 76 8.02 -4.03 3.57
CA LEU A 76 6.90 -4.83 2.97
C LEU A 76 7.09 -6.32 3.29
N PRO A 77 6.02 -7.06 3.37
CA PRO A 77 6.08 -8.53 3.66
C PRO A 77 7.00 -9.26 2.69
N GLU A 78 7.56 -10.36 3.10
CA GLU A 78 8.47 -11.12 2.20
C GLU A 78 7.71 -11.63 0.97
N ALA A 79 6.61 -12.29 1.16
CA ALA A 79 5.85 -12.82 -0.01
C ALA A 79 5.67 -11.73 -1.07
N VAL A 80 5.33 -10.53 -0.66
CA VAL A 80 5.18 -9.43 -1.66
C VAL A 80 6.57 -8.97 -2.09
N GLN A 81 7.52 -9.06 -1.22
CA GLN A 81 8.90 -8.65 -1.58
C GLN A 81 9.39 -9.52 -2.74
N LYS A 82 9.24 -10.81 -2.62
CA LYS A 82 9.69 -11.73 -3.69
C LYS A 82 8.97 -11.40 -5.01
N GLU A 83 7.67 -11.26 -4.97
CA GLU A 83 6.93 -10.95 -6.23
C GLU A 83 7.48 -9.66 -6.86
N LEU A 84 7.74 -8.66 -6.08
CA LEU A 84 8.27 -7.39 -6.67
C LEU A 84 9.69 -7.60 -7.18
N LEU A 85 10.51 -8.33 -6.48
CA LEU A 85 11.90 -8.56 -6.97
C LEU A 85 11.86 -9.46 -8.20
N ALA A 86 11.00 -10.44 -8.21
CA ALA A 86 10.92 -11.35 -9.38
C ALA A 86 10.54 -10.51 -10.61
N GLU A 87 9.79 -9.46 -10.42
CA GLU A 87 9.41 -8.59 -11.55
C GLU A 87 10.64 -7.78 -12.01
N TRP A 88 11.39 -7.26 -11.10
CA TRP A 88 12.59 -6.48 -11.50
C TRP A 88 13.67 -7.43 -12.03
N LYS A 89 13.52 -8.71 -11.79
CA LYS A 89 14.54 -9.67 -12.28
C LYS A 89 14.11 -10.20 -13.66
N ARG A 90 12.88 -10.59 -13.82
CA ARG A 90 12.46 -11.09 -15.17
C ARG A 90 12.84 -10.04 -16.21
N THR A 91 12.67 -8.78 -15.88
CA THR A 91 13.05 -7.70 -16.84
C THR A 91 14.50 -7.29 -16.58
N GLY A 92 14.92 -7.28 -15.35
CA GLY A 92 16.33 -6.88 -15.04
C GLY A 92 17.28 -7.92 -15.64
N MET B 4 -11.28 9.10 12.10
CA MET B 4 -9.84 8.79 12.34
C MET B 4 -9.08 8.89 11.02
N GLN B 5 -7.94 9.52 11.01
CA GLN B 5 -7.17 9.66 9.74
C GLN B 5 -6.08 8.59 9.66
N ILE B 6 -5.50 8.41 8.50
CA ILE B 6 -4.43 7.38 8.34
C ILE B 6 -3.39 7.86 7.32
N PHE B 7 -2.15 7.52 7.51
CA PHE B 7 -1.08 7.94 6.55
C PHE B 7 -0.82 6.80 5.56
N VAL B 8 -0.60 7.11 4.32
CA VAL B 8 -0.32 6.04 3.31
C VAL B 8 1.05 6.28 2.67
N LYS B 9 2.01 5.46 2.98
CA LYS B 9 3.36 5.63 2.38
C LYS B 9 3.47 4.72 1.15
N THR B 10 3.95 5.22 0.05
CA THR B 10 4.03 4.39 -1.17
C THR B 10 5.41 3.75 -1.31
N LEU B 11 5.63 3.04 -2.38
CA LEU B 11 6.94 2.37 -2.58
C LEU B 11 8.01 3.43 -2.88
N THR B 12 7.60 4.64 -3.17
CA THR B 12 8.58 5.71 -3.48
C THR B 12 8.77 6.62 -2.25
N GLY B 13 8.03 6.38 -1.21
CA GLY B 13 8.18 7.22 0.02
C GLY B 13 7.11 8.32 0.03
N LYS B 14 6.23 8.34 -0.93
CA LYS B 14 5.18 9.39 -0.95
C LYS B 14 4.22 9.14 0.22
N THR B 15 4.12 10.08 1.12
CA THR B 15 3.19 9.90 2.29
C THR B 15 1.91 10.70 2.03
N ILE B 16 0.78 10.11 2.30
CA ILE B 16 -0.50 10.81 2.05
C ILE B 16 -1.41 10.66 3.27
N THR B 17 -2.06 11.72 3.68
CA THR B 17 -2.97 11.63 4.86
C THR B 17 -4.41 11.66 4.37
N LEU B 18 -5.18 10.65 4.69
CA LEU B 18 -6.60 10.62 4.24
C LEU B 18 -7.54 10.43 5.43
N GLU B 19 -8.44 11.36 5.62
CA GLU B 19 -9.40 11.23 6.75
C GLU B 19 -10.32 10.03 6.48
N VAL B 20 -10.52 9.18 7.45
CA VAL B 20 -11.41 8.01 7.22
C VAL B 20 -12.25 7.76 8.48
N GLU B 21 -12.99 6.68 8.50
CA GLU B 21 -13.84 6.39 9.70
C GLU B 21 -13.69 4.91 10.05
N PRO B 22 -13.90 4.56 11.30
CA PRO B 22 -13.77 3.15 11.78
C PRO B 22 -14.67 2.20 10.98
N SER B 23 -15.68 2.70 10.33
CA SER B 23 -16.60 1.83 9.55
C SER B 23 -16.34 2.01 8.05
N ASP B 24 -15.32 2.73 7.68
CA ASP B 24 -15.06 2.92 6.21
C ASP B 24 -14.60 1.59 5.61
N THR B 25 -15.03 1.29 4.40
CA THR B 25 -14.63 0.02 3.77
C THR B 25 -13.27 0.18 3.07
N ILE B 26 -12.48 -0.86 3.05
CA ILE B 26 -11.14 -0.78 2.39
C ILE B 26 -11.31 -0.23 0.98
N GLU B 27 -12.34 -0.64 0.28
CA GLU B 27 -12.57 -0.15 -1.10
C GLU B 27 -12.65 1.37 -1.09
N ASN B 28 -13.21 1.94 -0.06
CA ASN B 28 -13.32 3.42 0.00
C ASN B 28 -11.92 4.03 0.19
N VAL B 29 -11.19 3.57 1.18
CA VAL B 29 -9.82 4.13 1.38
C VAL B 29 -9.06 4.04 0.05
N LYS B 30 -9.14 2.91 -0.59
CA LYS B 30 -8.45 2.73 -1.89
C LYS B 30 -8.85 3.86 -2.85
N ALA B 31 -10.13 4.18 -2.89
CA ALA B 31 -10.59 5.27 -3.80
C ALA B 31 -9.89 6.57 -3.43
N LYS B 32 -9.64 6.78 -2.16
CA LYS B 32 -8.97 8.04 -1.74
C LYS B 32 -7.62 8.16 -2.44
N ILE B 33 -6.78 7.16 -2.32
CA ILE B 33 -5.45 7.22 -3.00
C ILE B 33 -5.66 7.41 -4.50
N GLN B 34 -6.71 6.84 -5.03
CA GLN B 34 -6.98 6.98 -6.50
C GLN B 34 -7.23 8.46 -6.84
N ASP B 35 -8.04 9.13 -6.07
CA ASP B 35 -8.35 10.55 -6.36
C ASP B 35 -7.10 11.43 -6.19
N LYS B 36 -6.22 11.06 -5.30
CA LYS B 36 -5.01 11.91 -5.08
C LYS B 36 -3.82 11.37 -5.89
N GLU B 37 -3.54 10.10 -5.78
CA GLU B 37 -2.38 9.53 -6.53
C GLU B 37 -2.79 9.10 -7.94
N GLY B 38 -4.05 9.12 -8.27
CA GLY B 38 -4.46 8.71 -9.65
C GLY B 38 -4.17 7.22 -9.87
N ILE B 39 -4.08 6.45 -8.82
CA ILE B 39 -3.79 5.00 -8.99
C ILE B 39 -5.10 4.21 -8.86
N PRO B 40 -5.43 3.37 -9.83
CA PRO B 40 -6.68 2.57 -9.78
C PRO B 40 -6.57 1.39 -8.79
N PRO B 41 -7.68 0.95 -8.25
CA PRO B 41 -7.70 -0.17 -7.26
C PRO B 41 -7.28 -1.51 -7.88
N ASP B 42 -7.53 -1.69 -9.15
CA ASP B 42 -7.17 -2.98 -9.81
C ASP B 42 -5.65 -3.20 -9.76
N GLN B 43 -4.89 -2.17 -9.47
CA GLN B 43 -3.41 -2.34 -9.41
C GLN B 43 -2.86 -1.83 -8.08
N GLN B 44 -3.65 -1.12 -7.32
CA GLN B 44 -3.14 -0.60 -6.01
C GLN B 44 -3.43 -1.62 -4.91
N ARG B 45 -2.49 -1.85 -4.03
CA ARG B 45 -2.72 -2.83 -2.93
C ARG B 45 -2.32 -2.20 -1.59
N LEU B 46 -3.17 -2.31 -0.60
CA LEU B 46 -2.84 -1.73 0.74
C LEU B 46 -2.49 -2.86 1.72
N ILE B 47 -1.38 -2.74 2.38
CA ILE B 47 -0.97 -3.80 3.35
C ILE B 47 -0.79 -3.19 4.75
N PHE B 48 -1.28 -3.87 5.76
CA PHE B 48 -1.16 -3.33 7.15
C PHE B 48 -0.66 -4.45 8.07
N ALA B 49 0.50 -4.30 8.65
CA ALA B 49 1.02 -5.36 9.55
C ALA B 49 1.27 -6.64 8.74
N GLY B 50 1.72 -6.50 7.53
CA GLY B 50 2.02 -7.69 6.69
C GLY B 50 0.74 -8.41 6.28
N LYS B 51 -0.40 -7.81 6.45
CA LYS B 51 -1.67 -8.49 6.04
C LYS B 51 -2.34 -7.70 4.91
N GLN B 52 -2.83 -8.38 3.92
CA GLN B 52 -3.48 -7.67 2.78
C GLN B 52 -4.91 -7.29 3.16
N LEU B 53 -5.25 -6.03 3.03
CA LEU B 53 -6.63 -5.61 3.38
C LEU B 53 -7.61 -6.14 2.34
N GLU B 54 -8.76 -6.59 2.75
CA GLU B 54 -9.76 -7.13 1.79
C GLU B 54 -10.71 -6.01 1.36
N ASP B 55 -11.10 -6.00 0.12
CA ASP B 55 -12.02 -4.92 -0.36
C ASP B 55 -13.41 -5.13 0.25
N GLY B 56 -13.55 -6.10 1.11
CA GLY B 56 -14.88 -6.36 1.74
C GLY B 56 -14.78 -6.30 3.27
N ARG B 57 -14.05 -5.36 3.80
CA ARG B 57 -13.94 -5.26 5.28
C ARG B 57 -13.85 -3.79 5.69
N THR B 58 -13.92 -3.52 6.96
CA THR B 58 -13.86 -2.11 7.44
C THR B 58 -12.55 -1.86 8.20
N LEU B 59 -12.14 -0.63 8.30
CA LEU B 59 -10.88 -0.34 9.03
C LEU B 59 -10.94 -0.91 10.44
N SER B 60 -12.07 -0.80 11.08
CA SER B 60 -12.19 -1.34 12.47
C SER B 60 -12.02 -2.85 12.44
N ASP B 61 -12.36 -3.49 11.35
CA ASP B 61 -12.22 -4.97 11.27
C ASP B 61 -10.73 -5.33 11.17
N TYR B 62 -9.89 -4.37 10.84
CA TYR B 62 -8.44 -4.65 10.74
C TYR B 62 -7.72 -4.05 11.95
N ASN B 63 -8.47 -3.48 12.86
CA ASN B 63 -7.87 -2.87 14.08
C ASN B 63 -7.04 -1.65 13.69
N ILE B 64 -7.50 -0.88 12.74
CA ILE B 64 -6.75 0.34 12.33
C ILE B 64 -7.29 1.54 13.11
N GLN B 65 -6.41 2.37 13.61
CA GLN B 65 -6.86 3.56 14.39
C GLN B 65 -6.27 4.84 13.80
N LYS B 66 -6.61 5.97 14.35
CA LYS B 66 -6.11 7.26 13.84
C LYS B 66 -4.57 7.27 13.78
N GLU B 67 -4.04 8.11 12.95
CA GLU B 67 -2.56 8.23 12.81
C GLU B 67 -1.94 6.89 12.42
N SER B 68 -2.74 5.94 12.03
CA SER B 68 -2.18 4.62 11.62
C SER B 68 -1.56 4.77 10.23
N THR B 69 -0.52 4.02 9.94
CA THR B 69 0.14 4.13 8.61
C THR B 69 -0.01 2.81 7.85
N LEU B 70 -0.28 2.88 6.57
CA LEU B 70 -0.43 1.64 5.76
C LEU B 70 0.61 1.66 4.63
N HIS B 71 0.80 0.55 3.98
CA HIS B 71 1.80 0.49 2.87
C HIS B 71 1.06 0.28 1.54
N LEU B 72 1.45 0.98 0.52
CA LEU B 72 0.78 0.82 -0.81
C LEU B 72 1.72 0.10 -1.77
N VAL B 73 1.28 -0.97 -2.36
CA VAL B 73 2.15 -1.72 -3.31
C VAL B 73 1.55 -1.65 -4.72
N LEU B 74 2.35 -1.30 -5.69
CA LEU B 74 1.83 -1.22 -7.08
C LEU B 74 1.80 -2.63 -7.68
N ARG B 75 0.81 -2.92 -8.48
CA ARG B 75 0.71 -4.28 -9.08
C ARG B 75 1.38 -4.26 -10.46
N LEU B 76 0.81 -4.93 -11.42
CA LEU B 76 1.43 -4.96 -12.78
C LEU B 76 0.42 -4.47 -13.82
N ARG B 77 -0.83 -4.43 -13.47
CA ARG B 77 -1.86 -3.95 -14.45
C ARG B 77 -1.85 -2.41 -14.47
N LYS A 61 23.85 -7.68 -2.51
CA LYS A 61 23.78 -6.57 -3.50
C LYS A 61 22.40 -6.48 -4.15
N ILE A 62 21.67 -5.45 -3.81
CA ILE A 62 20.30 -5.27 -4.35
C ILE A 62 20.24 -3.98 -5.17
N THR A 63 19.58 -4.02 -6.31
CA THR A 63 19.45 -2.81 -7.16
C THR A 63 17.98 -2.41 -7.20
N PHE A 64 17.67 -1.18 -6.85
CA PHE A 64 16.26 -0.74 -6.85
C PHE A 64 16.01 0.33 -7.93
N PRO A 65 14.93 0.25 -8.66
CA PRO A 65 14.57 1.27 -9.71
C PRO A 65 14.72 2.71 -9.20
N SER A 66 14.73 3.64 -10.12
CA SER A 66 14.85 5.09 -9.75
C SER A 66 13.57 5.57 -9.05
N ASP A 67 12.58 4.73 -8.92
CA ASP A 67 11.31 5.16 -8.26
C ASP A 67 11.02 4.28 -7.04
N ILE A 68 11.92 3.40 -6.70
CA ILE A 68 11.68 2.51 -5.53
C ILE A 68 12.57 2.88 -4.34
N ASP A 69 11.97 3.04 -3.19
CA ASP A 69 12.76 3.39 -1.98
C ASP A 69 12.97 2.11 -1.15
N PRO A 70 14.14 1.90 -0.61
CA PRO A 70 14.43 0.69 0.20
C PRO A 70 13.68 0.69 1.54
N GLN A 71 13.71 1.80 2.22
CA GLN A 71 13.02 1.91 3.53
C GLN A 71 11.57 1.43 3.39
N VAL A 72 10.89 1.80 2.35
CA VAL A 72 9.48 1.35 2.21
C VAL A 72 9.44 -0.08 1.66
N PHE A 73 10.46 -0.50 0.98
CA PHE A 73 10.47 -1.88 0.40
C PHE A 73 10.66 -2.92 1.50
N TYR A 74 11.69 -2.77 2.30
CA TYR A 74 11.95 -3.77 3.36
C TYR A 74 10.77 -3.79 4.35
N GLU A 75 9.95 -2.77 4.36
CA GLU A 75 8.80 -2.76 5.30
C GLU A 75 7.65 -3.59 4.73
N LEU A 76 7.78 -4.06 3.52
CA LEU A 76 6.69 -4.87 2.92
C LEU A 76 6.92 -6.37 3.22
N PRO A 77 5.87 -7.15 3.29
CA PRO A 77 5.99 -8.61 3.57
C PRO A 77 6.93 -9.31 2.59
N GLU A 78 7.49 -10.42 2.99
CA GLU A 78 8.42 -11.16 2.09
C GLU A 78 7.68 -11.65 0.83
N ALA A 79 6.56 -12.30 0.98
CA ALA A 79 5.84 -12.81 -0.23
C ALA A 79 5.68 -11.71 -1.26
N VAL A 80 5.34 -10.51 -0.86
CA VAL A 80 5.22 -9.41 -1.84
C VAL A 80 6.61 -8.94 -2.25
N GLN A 81 7.54 -9.04 -1.35
CA GLN A 81 8.94 -8.64 -1.69
C GLN A 81 9.43 -9.49 -2.86
N LYS A 82 9.29 -10.79 -2.74
CA LYS A 82 9.74 -11.70 -3.82
C LYS A 82 9.03 -11.35 -5.14
N GLU A 83 7.73 -11.21 -5.11
CA GLU A 83 6.99 -10.91 -6.37
C GLU A 83 7.52 -9.61 -7.01
N LEU A 84 7.78 -8.60 -6.23
CA LEU A 84 8.28 -7.34 -6.83
C LEU A 84 9.71 -7.53 -7.34
N LEU A 85 10.52 -8.29 -6.64
CA LEU A 85 11.90 -8.52 -7.13
C LEU A 85 11.86 -9.42 -8.38
N ALA A 86 10.98 -10.39 -8.38
CA ALA A 86 10.88 -11.29 -9.57
C ALA A 86 10.52 -10.47 -10.81
N GLU A 87 9.76 -9.42 -10.64
CA GLU A 87 9.39 -8.57 -11.81
C GLU A 87 10.60 -7.72 -12.20
N TRP A 88 11.36 -7.27 -11.25
CA TRP A 88 12.56 -6.46 -11.59
C TRP A 88 13.63 -7.41 -12.13
N LYS A 89 13.45 -8.69 -11.96
CA LYS A 89 14.46 -9.66 -12.47
C LYS A 89 14.08 -10.10 -13.88
N ARG A 90 12.84 -10.47 -14.12
CA ARG A 90 12.47 -10.89 -15.50
C ARG A 90 12.88 -9.77 -16.45
N THR A 91 12.70 -8.53 -16.04
CA THR A 91 13.11 -7.40 -16.91
C THR A 91 14.60 -7.13 -16.65
N GLY A 92 15.03 -7.29 -15.44
CA GLY A 92 16.47 -7.06 -15.11
C GLY A 92 17.33 -7.89 -16.05
N MET B 4 -11.19 9.10 12.04
CA MET B 4 -9.74 8.82 12.29
C MET B 4 -8.98 8.89 10.97
N GLN B 5 -7.84 9.54 10.96
CA GLN B 5 -7.07 9.65 9.69
C GLN B 5 -6.01 8.55 9.61
N ILE B 6 -5.46 8.35 8.46
CA ILE B 6 -4.41 7.30 8.30
C ILE B 6 -3.39 7.75 7.24
N PHE B 7 -2.13 7.47 7.45
CA PHE B 7 -1.10 7.89 6.47
C PHE B 7 -0.81 6.75 5.49
N VAL B 8 -0.60 7.07 4.23
CA VAL B 8 -0.32 6.00 3.23
C VAL B 8 1.04 6.28 2.57
N LYS B 9 2.00 5.43 2.78
CA LYS B 9 3.33 5.64 2.15
C LYS B 9 3.44 4.77 0.90
N THR B 10 3.99 5.29 -0.16
CA THR B 10 4.09 4.49 -1.40
C THR B 10 5.48 3.88 -1.54
N LEU B 11 5.73 3.23 -2.63
CA LEU B 11 7.05 2.58 -2.85
C LEU B 11 8.13 3.65 -3.05
N THR B 12 7.74 4.86 -3.34
CA THR B 12 8.76 5.93 -3.57
C THR B 12 8.89 6.79 -2.30
N GLY B 13 8.11 6.52 -1.30
CA GLY B 13 8.23 7.33 -0.04
C GLY B 13 7.16 8.42 -0.01
N LYS B 14 6.30 8.47 -0.99
CA LYS B 14 5.24 9.51 -0.99
C LYS B 14 4.26 9.24 0.15
N THR B 15 4.16 10.14 1.09
CA THR B 15 3.22 9.91 2.23
C THR B 15 1.93 10.70 1.99
N ILE B 16 0.81 10.06 2.18
CA ILE B 16 -0.50 10.75 1.95
C ILE B 16 -1.39 10.60 3.19
N THR B 17 -2.04 11.65 3.61
CA THR B 17 -2.92 11.55 4.79
C THR B 17 -4.38 11.57 4.31
N LEU B 18 -5.13 10.54 4.59
CA LEU B 18 -6.54 10.50 4.13
C LEU B 18 -7.49 10.29 5.32
N GLU B 19 -8.41 11.20 5.50
CA GLU B 19 -9.39 11.09 6.62
C GLU B 19 -10.31 9.89 6.38
N VAL B 20 -10.52 9.06 7.36
CA VAL B 20 -11.41 7.87 7.16
C VAL B 20 -12.28 7.67 8.41
N GLU B 21 -13.04 6.61 8.44
CA GLU B 21 -13.91 6.36 9.63
C GLU B 21 -13.81 4.88 10.02
N PRO B 22 -14.06 4.57 11.26
CA PRO B 22 -13.99 3.16 11.78
C PRO B 22 -14.91 2.22 11.00
N SER B 23 -15.98 2.74 10.47
CA SER B 23 -16.93 1.88 9.70
C SER B 23 -16.65 2.04 8.20
N ASP B 24 -15.61 2.74 7.84
CA ASP B 24 -15.33 2.92 6.39
C ASP B 24 -14.83 1.60 5.79
N THR B 25 -15.22 1.31 4.58
CA THR B 25 -14.80 0.03 3.94
C THR B 25 -13.46 0.23 3.24
N ILE B 26 -12.63 -0.78 3.24
CA ILE B 26 -11.31 -0.67 2.56
C ILE B 26 -11.53 -0.17 1.12
N GLU B 27 -12.57 -0.61 0.49
CA GLU B 27 -12.84 -0.17 -0.91
C GLU B 27 -12.87 1.35 -0.96
N ASN B 28 -13.34 1.99 0.08
CA ASN B 28 -13.39 3.48 0.08
C ASN B 28 -11.96 4.02 0.24
N VAL B 29 -11.23 3.55 1.21
CA VAL B 29 -9.83 4.06 1.39
C VAL B 29 -9.09 3.94 0.06
N LYS B 30 -9.13 2.79 -0.54
CA LYS B 30 -8.43 2.60 -1.85
C LYS B 30 -8.84 3.72 -2.82
N ALA B 31 -10.11 4.05 -2.84
CA ALA B 31 -10.59 5.13 -3.75
C ALA B 31 -9.90 6.45 -3.40
N LYS B 32 -9.66 6.69 -2.14
CA LYS B 32 -9.00 7.96 -1.76
C LYS B 32 -7.66 8.07 -2.48
N ILE B 33 -6.82 7.07 -2.36
CA ILE B 33 -5.50 7.13 -3.05
C ILE B 33 -5.72 7.25 -4.56
N GLN B 34 -6.77 6.68 -5.07
CA GLN B 34 -7.02 6.75 -6.54
C GLN B 34 -7.24 8.20 -6.96
N ASP B 35 -8.04 8.93 -6.25
CA ASP B 35 -8.31 10.36 -6.64
C ASP B 35 -7.08 11.24 -6.35
N LYS B 36 -6.27 10.86 -5.39
CA LYS B 36 -5.08 11.71 -5.07
C LYS B 36 -3.86 11.24 -5.86
N GLU B 37 -3.59 9.96 -5.86
CA GLU B 37 -2.40 9.43 -6.59
C GLU B 37 -2.77 9.00 -8.00
N GLY B 38 -4.03 8.99 -8.35
CA GLY B 38 -4.40 8.58 -9.74
C GLY B 38 -4.12 7.09 -9.94
N ILE B 39 -4.04 6.33 -8.89
CA ILE B 39 -3.76 4.87 -9.04
C ILE B 39 -5.08 4.08 -8.85
N PRO B 40 -5.44 3.23 -9.79
CA PRO B 40 -6.69 2.43 -9.68
C PRO B 40 -6.57 1.34 -8.63
N PRO B 41 -7.69 0.89 -8.10
CA PRO B 41 -7.72 -0.16 -7.05
C PRO B 41 -7.30 -1.54 -7.58
N ASP B 42 -7.56 -1.81 -8.82
CA ASP B 42 -7.20 -3.14 -9.38
C ASP B 42 -5.69 -3.33 -9.39
N GLN B 43 -4.93 -2.27 -9.21
CA GLN B 43 -3.45 -2.40 -9.22
C GLN B 43 -2.86 -1.88 -7.91
N GLN B 44 -3.58 -1.05 -7.19
CA GLN B 44 -3.04 -0.54 -5.90
C GLN B 44 -3.38 -1.52 -4.79
N ARG B 45 -2.44 -1.81 -3.91
CA ARG B 45 -2.72 -2.78 -2.81
C ARG B 45 -2.34 -2.15 -1.47
N LEU B 46 -3.21 -2.25 -0.50
CA LEU B 46 -2.90 -1.67 0.83
C LEU B 46 -2.55 -2.79 1.81
N ILE B 47 -1.39 -2.72 2.40
CA ILE B 47 -0.96 -3.78 3.36
C ILE B 47 -0.76 -3.15 4.73
N PHE B 48 -1.24 -3.79 5.77
CA PHE B 48 -1.08 -3.24 7.14
C PHE B 48 -0.57 -4.35 8.06
N ALA B 49 0.61 -4.22 8.60
CA ALA B 49 1.13 -5.29 9.49
C ALA B 49 1.34 -6.56 8.68
N GLY B 50 1.74 -6.43 7.45
CA GLY B 50 2.00 -7.64 6.60
C GLY B 50 0.68 -8.33 6.22
N LYS B 51 -0.44 -7.72 6.48
CA LYS B 51 -1.74 -8.37 6.12
C LYS B 51 -2.40 -7.60 4.97
N GLN B 52 -2.93 -8.30 4.01
CA GLN B 52 -3.58 -7.61 2.85
C GLN B 52 -5.00 -7.23 3.23
N LEU B 53 -5.34 -5.97 3.16
CA LEU B 53 -6.72 -5.54 3.50
C LEU B 53 -7.69 -6.08 2.45
N GLU B 54 -8.90 -6.40 2.83
CA GLU B 54 -9.87 -6.93 1.85
C GLU B 54 -10.85 -5.82 1.45
N ASP B 55 -11.26 -5.80 0.22
CA ASP B 55 -12.21 -4.75 -0.24
C ASP B 55 -13.61 -5.01 0.35
N GLY B 56 -13.73 -6.00 1.20
CA GLY B 56 -15.07 -6.30 1.80
C GLY B 56 -14.98 -6.25 3.33
N ARG B 57 -14.21 -5.35 3.88
CA ARG B 57 -14.12 -5.26 5.37
C ARG B 57 -14.00 -3.79 5.79
N THR B 58 -14.03 -3.55 7.07
CA THR B 58 -13.94 -2.13 7.56
C THR B 58 -12.63 -1.92 8.31
N LEU B 59 -12.20 -0.69 8.43
CA LEU B 59 -10.92 -0.40 9.15
C LEU B 59 -10.99 -0.97 10.58
N SER B 60 -12.10 -0.78 11.24
CA SER B 60 -12.21 -1.31 12.64
C SER B 60 -12.03 -2.82 12.64
N ASP B 61 -12.34 -3.46 11.54
CA ASP B 61 -12.20 -4.94 11.48
C ASP B 61 -10.70 -5.30 11.40
N TYR B 62 -9.88 -4.36 11.03
CA TYR B 62 -8.42 -4.65 10.95
C TYR B 62 -7.70 -4.04 12.15
N ASN B 63 -8.46 -3.46 13.05
CA ASN B 63 -7.84 -2.83 14.26
C ASN B 63 -7.00 -1.61 13.84
N ILE B 64 -7.47 -0.86 12.87
CA ILE B 64 -6.71 0.33 12.43
C ILE B 64 -7.20 1.56 13.19
N GLN B 65 -6.32 2.39 13.66
CA GLN B 65 -6.74 3.59 14.42
C GLN B 65 -6.12 4.85 13.81
N LYS B 66 -6.46 5.98 14.34
CA LYS B 66 -5.93 7.27 13.81
C LYS B 66 -4.40 7.24 13.72
N GLU B 67 -3.87 8.04 12.84
CA GLU B 67 -2.39 8.13 12.67
C GLU B 67 -1.78 6.78 12.27
N SER B 68 -2.59 5.85 11.87
CA SER B 68 -2.04 4.53 11.45
C SER B 68 -1.42 4.68 10.06
N THR B 69 -0.41 3.91 9.76
CA THR B 69 0.25 4.02 8.41
C THR B 69 0.04 2.73 7.63
N LEU B 70 -0.29 2.85 6.37
CA LEU B 70 -0.51 1.63 5.52
C LEU B 70 0.42 1.69 4.30
N HIS B 71 0.99 0.59 3.92
CA HIS B 71 1.91 0.59 2.75
C HIS B 71 1.13 0.36 1.46
N LEU B 72 1.51 1.04 0.40
CA LEU B 72 0.80 0.87 -0.90
C LEU B 72 1.72 0.13 -1.86
N VAL B 73 1.26 -0.95 -2.45
CA VAL B 73 2.11 -1.72 -3.40
C VAL B 73 1.51 -1.65 -4.81
N LEU B 74 2.31 -1.31 -5.77
CA LEU B 74 1.80 -1.23 -7.18
C LEU B 74 1.76 -2.63 -7.77
N ARG B 75 0.79 -2.92 -8.58
CA ARG B 75 0.68 -4.28 -9.18
C ARG B 75 1.31 -4.27 -10.57
N LEU B 76 0.69 -4.93 -11.52
CA LEU B 76 1.24 -4.97 -12.90
C LEU B 76 0.18 -4.47 -13.88
N ARG B 77 -1.07 -4.63 -13.55
CA ARG B 77 -2.15 -4.16 -14.47
C ARG B 77 -2.52 -2.72 -14.12
N LYS A 61 23.94 -8.27 -4.34
CA LYS A 61 23.77 -6.92 -4.93
C LYS A 61 22.31 -6.69 -5.28
N ILE A 62 21.67 -5.71 -4.67
CA ILE A 62 20.24 -5.46 -4.97
C ILE A 62 20.11 -4.18 -5.82
N THR A 63 19.34 -4.25 -6.87
CA THR A 63 19.13 -3.06 -7.74
C THR A 63 17.66 -2.65 -7.67
N PHE A 64 17.38 -1.43 -7.32
CA PHE A 64 15.97 -0.98 -7.22
C PHE A 64 15.66 0.03 -8.35
N PRO A 65 14.52 -0.08 -8.98
CA PRO A 65 14.11 0.86 -10.07
C PRO A 65 14.29 2.33 -9.67
N SER A 66 14.28 3.20 -10.64
CA SER A 66 14.43 4.66 -10.36
C SER A 66 13.21 5.20 -9.60
N ASP A 67 12.24 4.38 -9.33
CA ASP A 67 11.03 4.87 -8.59
C ASP A 67 10.80 4.05 -7.32
N ILE A 68 11.73 3.22 -6.96
CA ILE A 68 11.54 2.38 -5.73
C ILE A 68 12.50 2.81 -4.62
N ASP A 69 11.96 3.04 -3.44
CA ASP A 69 12.81 3.45 -2.29
C ASP A 69 13.10 2.21 -1.42
N PRO A 70 14.31 2.06 -0.93
CA PRO A 70 14.69 0.88 -0.07
C PRO A 70 14.03 0.95 1.31
N GLN A 71 14.08 2.11 1.92
CA GLN A 71 13.48 2.28 3.27
C GLN A 71 12.07 1.69 3.31
N VAL A 72 11.25 1.98 2.34
CA VAL A 72 9.86 1.43 2.35
C VAL A 72 9.86 -0.02 1.87
N PHE A 73 10.63 -0.35 0.88
CA PHE A 73 10.63 -1.74 0.36
C PHE A 73 10.87 -2.75 1.49
N TYR A 74 11.93 -2.58 2.23
CA TYR A 74 12.22 -3.55 3.32
C TYR A 74 11.08 -3.53 4.36
N GLU A 75 10.27 -2.51 4.36
CA GLU A 75 9.15 -2.47 5.34
C GLU A 75 7.96 -3.27 4.80
N LEU A 76 8.05 -3.76 3.59
CA LEU A 76 6.92 -4.55 3.01
C LEU A 76 7.10 -6.04 3.36
N PRO A 77 6.04 -6.78 3.45
CA PRO A 77 6.10 -8.25 3.77
C PRO A 77 7.00 -9.01 2.80
N GLU A 78 7.55 -10.11 3.22
CA GLU A 78 8.44 -10.90 2.33
C GLU A 78 7.67 -11.43 1.11
N ALA A 79 6.53 -12.02 1.33
CA ALA A 79 5.75 -12.57 0.17
C ALA A 79 5.59 -11.51 -0.92
N VAL A 80 5.29 -10.30 -0.54
CA VAL A 80 5.15 -9.22 -1.56
C VAL A 80 6.54 -8.81 -2.02
N GLN A 81 7.50 -8.91 -1.14
CA GLN A 81 8.89 -8.55 -1.52
C GLN A 81 9.34 -9.47 -2.66
N LYS A 82 9.21 -10.76 -2.47
CA LYS A 82 9.61 -11.74 -3.52
C LYS A 82 8.90 -11.41 -4.84
N GLU A 83 7.60 -11.23 -4.80
CA GLU A 83 6.86 -10.93 -6.07
C GLU A 83 7.43 -9.68 -6.75
N LEU A 84 7.78 -8.68 -6.01
CA LEU A 84 8.32 -7.45 -6.66
C LEU A 84 9.74 -7.70 -7.16
N LEU A 85 10.53 -8.45 -6.44
CA LEU A 85 11.92 -8.74 -6.93
C LEU A 85 11.84 -9.70 -8.12
N ALA A 86 10.93 -10.65 -8.08
CA ALA A 86 10.81 -11.61 -9.21
C ALA A 86 10.43 -10.85 -10.48
N GLU A 87 9.65 -9.81 -10.35
CA GLU A 87 9.26 -9.02 -11.55
C GLU A 87 10.46 -8.18 -11.99
N TRP A 88 11.25 -7.74 -11.05
CA TRP A 88 12.46 -6.96 -11.44
C TRP A 88 13.51 -7.94 -11.97
N LYS A 89 13.32 -9.21 -11.72
CA LYS A 89 14.30 -10.22 -12.22
C LYS A 89 13.84 -10.74 -13.58
N ARG A 90 12.58 -11.08 -13.73
CA ARG A 90 12.14 -11.57 -15.07
C ARG A 90 12.52 -10.52 -16.10
N THR A 91 12.35 -9.27 -15.76
CA THR A 91 12.74 -8.17 -16.69
C THR A 91 14.22 -7.85 -16.46
N GLY A 92 14.65 -7.90 -15.22
CA GLY A 92 16.08 -7.61 -14.92
C GLY A 92 16.98 -8.36 -15.91
N MET B 4 -11.44 8.95 12.11
CA MET B 4 -10.00 8.67 12.37
C MET B 4 -9.22 8.79 11.06
N GLN B 5 -8.07 9.43 11.08
CA GLN B 5 -7.28 9.59 9.83
C GLN B 5 -6.20 8.50 9.75
N ILE B 6 -5.64 8.31 8.58
CA ILE B 6 -4.58 7.27 8.42
C ILE B 6 -3.55 7.77 7.41
N PHE B 7 -2.29 7.48 7.64
CA PHE B 7 -1.23 7.93 6.70
C PHE B 7 -0.93 6.82 5.70
N VAL B 8 -0.67 7.16 4.46
CA VAL B 8 -0.38 6.11 3.44
C VAL B 8 0.98 6.39 2.79
N LYS B 9 1.93 5.52 3.01
CA LYS B 9 3.28 5.71 2.39
C LYS B 9 3.41 4.80 1.18
N THR B 10 3.91 5.32 0.09
CA THR B 10 4.03 4.50 -1.15
C THR B 10 5.41 3.83 -1.24
N LEU B 11 5.66 3.16 -2.33
CA LEU B 11 6.97 2.48 -2.51
C LEU B 11 8.06 3.53 -2.72
N THR B 12 7.67 4.72 -3.10
CA THR B 12 8.69 5.78 -3.34
C THR B 12 8.83 6.66 -2.09
N GLY B 13 8.03 6.42 -1.08
CA GLY B 13 8.14 7.25 0.16
C GLY B 13 7.08 8.36 0.15
N LYS B 14 6.23 8.39 -0.83
CA LYS B 14 5.18 9.46 -0.86
C LYS B 14 4.19 9.21 0.28
N THR B 15 4.07 10.15 1.19
CA THR B 15 3.13 9.95 2.33
C THR B 15 1.86 10.78 2.10
N ILE B 16 0.72 10.22 2.41
CA ILE B 16 -0.55 10.96 2.20
C ILE B 16 -1.47 10.75 3.40
N THR B 17 -2.12 11.78 3.85
CA THR B 17 -3.04 11.64 5.03
C THR B 17 -4.48 11.68 4.52
N LEU B 18 -5.25 10.66 4.79
CA LEU B 18 -6.66 10.64 4.32
C LEU B 18 -7.62 10.41 5.48
N GLU B 19 -8.53 11.33 5.69
CA GLU B 19 -9.51 11.18 6.80
C GLU B 19 -10.41 9.98 6.51
N VAL B 20 -10.60 9.10 7.46
CA VAL B 20 -11.47 7.91 7.20
C VAL B 20 -12.33 7.62 8.44
N GLU B 21 -13.04 6.54 8.42
CA GLU B 21 -13.89 6.19 9.60
C GLU B 21 -13.70 4.71 9.93
N PRO B 22 -13.95 4.32 11.15
CA PRO B 22 -13.80 2.90 11.59
C PRO B 22 -14.73 1.97 10.81
N SER B 23 -15.76 2.50 10.22
CA SER B 23 -16.71 1.64 9.45
C SER B 23 -16.45 1.81 7.95
N ASP B 24 -15.42 2.52 7.58
CA ASP B 24 -15.15 2.72 6.12
C ASP B 24 -14.64 1.40 5.51
N THR B 25 -15.00 1.14 4.28
CA THR B 25 -14.55 -0.12 3.64
C THR B 25 -13.18 0.08 2.99
N ILE B 26 -12.38 -0.95 2.94
CA ILE B 26 -11.04 -0.83 2.32
C ILE B 26 -11.20 -0.31 0.89
N GLU B 27 -12.34 -0.54 0.30
CA GLU B 27 -12.58 -0.06 -1.09
C GLU B 27 -12.65 1.47 -1.09
N ASN B 28 -13.19 2.05 -0.06
CA ASN B 28 -13.29 3.54 -0.02
C ASN B 28 -11.89 4.14 0.16
N VAL B 29 -11.15 3.68 1.12
CA VAL B 29 -9.78 4.22 1.32
C VAL B 29 -9.03 4.15 -0.01
N LYS B 30 -9.09 3.02 -0.65
CA LYS B 30 -8.40 2.86 -1.97
C LYS B 30 -8.81 4.01 -2.90
N ALA B 31 -10.07 4.33 -2.94
CA ALA B 31 -10.53 5.44 -3.83
C ALA B 31 -9.85 6.74 -3.43
N LYS B 32 -9.63 6.93 -2.16
CA LYS B 32 -8.97 8.19 -1.71
C LYS B 32 -7.61 8.33 -2.40
N ILE B 33 -6.77 7.35 -2.29
CA ILE B 33 -5.44 7.43 -2.95
C ILE B 33 -5.64 7.60 -4.47
N GLN B 34 -6.69 7.03 -4.99
CA GLN B 34 -6.94 7.15 -6.45
C GLN B 34 -7.17 8.63 -6.83
N ASP B 35 -8.01 9.32 -6.10
CA ASP B 35 -8.29 10.74 -6.43
C ASP B 35 -7.05 11.61 -6.17
N LYS B 36 -6.21 11.21 -5.26
CA LYS B 36 -5.00 12.03 -4.98
C LYS B 36 -3.80 11.53 -5.79
N GLU B 37 -3.50 10.26 -5.71
CA GLU B 37 -2.34 9.71 -6.45
C GLU B 37 -2.73 9.28 -7.87
N GLY B 38 -3.99 9.28 -8.21
CA GLY B 38 -4.37 8.88 -9.60
C GLY B 38 -4.09 7.39 -9.82
N ILE B 39 -4.05 6.61 -8.78
CA ILE B 39 -3.77 5.15 -8.95
C ILE B 39 -5.09 4.37 -8.88
N PRO B 40 -5.35 3.49 -9.82
CA PRO B 40 -6.60 2.68 -9.82
C PRO B 40 -6.57 1.57 -8.76
N PRO B 41 -7.70 1.16 -8.27
CA PRO B 41 -7.80 0.10 -7.22
C PRO B 41 -7.42 -1.30 -7.73
N ASP B 42 -7.71 -1.58 -8.98
CA ASP B 42 -7.38 -2.92 -9.53
C ASP B 42 -5.86 -3.14 -9.53
N GLN B 43 -5.10 -2.11 -9.25
CA GLN B 43 -3.62 -2.26 -9.24
C GLN B 43 -3.02 -1.74 -7.93
N GLN B 44 -3.72 -0.89 -7.23
CA GLN B 44 -3.16 -0.37 -5.95
C GLN B 44 -3.50 -1.36 -4.83
N ARG B 45 -2.56 -1.64 -3.96
CA ARG B 45 -2.84 -2.61 -2.86
C ARG B 45 -2.45 -1.97 -1.51
N LEU B 46 -3.31 -2.07 -0.54
CA LEU B 46 -2.98 -1.48 0.79
C LEU B 46 -2.62 -2.61 1.77
N ILE B 47 -1.47 -2.50 2.40
CA ILE B 47 -1.03 -3.55 3.36
C ILE B 47 -0.91 -2.92 4.75
N PHE B 48 -1.01 -3.71 5.78
CA PHE B 48 -0.89 -3.17 7.16
C PHE B 48 -0.35 -4.25 8.09
N ALA B 49 0.81 -4.07 8.66
CA ALA B 49 1.37 -5.10 9.56
C ALA B 49 1.54 -6.42 8.79
N GLY B 50 2.04 -6.33 7.58
CA GLY B 50 2.27 -7.56 6.78
C GLY B 50 0.95 -8.27 6.49
N LYS B 51 -0.15 -7.56 6.50
CA LYS B 51 -1.46 -8.21 6.21
C LYS B 51 -2.12 -7.52 5.01
N GLN B 52 -2.67 -8.28 4.10
CA GLN B 52 -3.31 -7.67 2.91
C GLN B 52 -4.75 -7.30 3.25
N LEU B 53 -5.11 -6.05 3.08
CA LEU B 53 -6.51 -5.63 3.39
C LEU B 53 -7.45 -6.14 2.30
N GLU B 54 -8.63 -6.57 2.67
CA GLU B 54 -9.58 -7.09 1.65
C GLU B 54 -10.59 -6.00 1.27
N ASP B 55 -11.03 -6.01 0.04
CA ASP B 55 -12.01 -4.98 -0.40
C ASP B 55 -13.39 -5.27 0.19
N GLY B 56 -13.48 -6.29 1.02
CA GLY B 56 -14.79 -6.64 1.63
C GLY B 56 -14.73 -6.54 3.15
N ARG B 57 -13.96 -5.62 3.68
CA ARG B 57 -13.88 -5.49 5.17
C ARG B 57 -13.77 -4.01 5.54
N THR B 58 -13.84 -3.70 6.82
CA THR B 58 -13.75 -2.28 7.25
C THR B 58 -12.45 -2.05 8.01
N LEU B 59 -12.02 -0.82 8.12
CA LEU B 59 -10.75 -0.54 8.85
C LEU B 59 -10.84 -1.09 10.27
N SER B 60 -11.98 -0.96 10.91
CA SER B 60 -12.12 -1.50 12.29
C SER B 60 -11.96 -3.02 12.27
N ASP B 61 -12.29 -3.64 11.17
CA ASP B 61 -12.16 -5.13 11.11
C ASP B 61 -10.68 -5.51 11.06
N TYR B 62 -9.82 -4.58 10.71
CA TYR B 62 -8.37 -4.89 10.64
C TYR B 62 -7.68 -4.31 11.89
N ASN B 63 -8.44 -3.75 12.78
CA ASN B 63 -7.86 -3.16 14.01
C ASN B 63 -7.07 -1.91 13.66
N ILE B 64 -7.58 -1.10 12.77
CA ILE B 64 -6.85 0.15 12.39
C ILE B 64 -7.44 1.34 13.16
N GLN B 65 -6.61 2.20 13.67
CA GLN B 65 -7.11 3.38 14.41
C GLN B 65 -6.47 4.65 13.84
N LYS B 66 -6.79 5.77 14.39
CA LYS B 66 -6.24 7.04 13.87
C LYS B 66 -4.71 7.00 13.79
N GLU B 67 -4.16 7.91 13.05
CA GLU B 67 -2.68 8.01 12.96
C GLU B 67 -2.08 6.68 12.50
N SER B 68 -2.88 5.75 12.04
CA SER B 68 -2.32 4.45 11.57
C SER B 68 -1.67 4.67 10.20
N THR B 69 -0.62 3.94 9.91
CA THR B 69 0.08 4.09 8.60
C THR B 69 -0.07 2.82 7.77
N LEU B 70 -0.32 2.96 6.48
CA LEU B 70 -0.49 1.76 5.62
C LEU B 70 0.45 1.85 4.40
N HIS B 71 0.98 0.73 3.96
CA HIS B 71 1.90 0.74 2.78
C HIS B 71 1.11 0.54 1.48
N LEU B 72 1.50 1.21 0.43
CA LEU B 72 0.79 1.03 -0.88
C LEU B 72 1.72 0.29 -1.85
N VAL B 73 1.25 -0.78 -2.43
CA VAL B 73 2.11 -1.55 -3.37
C VAL B 73 1.48 -1.53 -4.77
N LEU B 74 2.27 -1.23 -5.78
CA LEU B 74 1.72 -1.19 -7.17
C LEU B 74 1.65 -2.61 -7.73
N ARG B 75 0.65 -2.91 -8.50
CA ARG B 75 0.51 -4.27 -9.07
C ARG B 75 1.13 -4.29 -10.48
N LEU B 76 0.52 -4.95 -11.42
CA LEU B 76 1.08 -5.00 -12.79
C LEU B 76 0.04 -4.48 -13.80
N ARG B 77 -1.22 -4.49 -13.42
CA ARG B 77 -2.28 -4.01 -14.35
C ARG B 77 -2.95 -2.77 -13.75
N LYS A 61 23.58 -7.99 -2.22
CA LYS A 61 23.55 -6.87 -3.21
C LYS A 61 22.18 -6.74 -3.86
N ILE A 62 21.48 -5.69 -3.52
CA ILE A 62 20.13 -5.46 -4.07
C ILE A 62 20.09 -4.15 -4.87
N THR A 63 19.45 -4.17 -6.02
CA THR A 63 19.36 -2.94 -6.85
C THR A 63 17.89 -2.53 -6.95
N PHE A 64 17.58 -1.29 -6.63
CA PHE A 64 16.17 -0.84 -6.68
C PHE A 64 15.98 0.23 -7.78
N PRO A 65 14.91 0.15 -8.55
CA PRO A 65 14.60 1.16 -9.61
C PRO A 65 14.73 2.60 -9.14
N SER A 66 14.78 3.53 -10.06
CA SER A 66 14.90 4.98 -9.72
C SER A 66 13.61 5.48 -9.06
N ASP A 67 12.61 4.65 -8.94
CA ASP A 67 11.33 5.12 -8.31
C ASP A 67 11.02 4.26 -7.08
N ILE A 68 11.91 3.37 -6.73
CA ILE A 68 11.67 2.49 -5.55
C ILE A 68 12.58 2.86 -4.38
N ASP A 69 12.00 3.02 -3.22
CA ASP A 69 12.82 3.36 -2.02
C ASP A 69 13.04 2.07 -1.20
N PRO A 70 14.24 1.82 -0.74
CA PRO A 70 14.54 0.59 0.05
C PRO A 70 13.82 0.60 1.42
N GLN A 71 13.88 1.71 2.09
CA GLN A 71 13.23 1.83 3.43
C GLN A 71 11.77 1.36 3.35
N VAL A 72 11.04 1.74 2.35
CA VAL A 72 9.62 1.30 2.26
C VAL A 72 9.54 -0.12 1.70
N PHE A 73 10.51 -0.53 0.93
CA PHE A 73 10.49 -1.90 0.35
C PHE A 73 10.69 -2.95 1.44
N TYR A 74 11.71 -2.80 2.23
CA TYR A 74 11.95 -3.81 3.30
C TYR A 74 10.79 -3.82 4.29
N GLU A 75 9.98 -2.80 4.29
CA GLU A 75 8.82 -2.78 5.23
C GLU A 75 7.68 -3.61 4.66
N LEU A 76 7.81 -4.07 3.44
CA LEU A 76 6.72 -4.88 2.82
C LEU A 76 6.93 -6.37 3.15
N PRO A 77 5.87 -7.14 3.22
CA PRO A 77 5.96 -8.60 3.51
C PRO A 77 6.89 -9.32 2.54
N GLU A 78 7.43 -10.44 2.96
CA GLU A 78 8.36 -11.19 2.07
C GLU A 78 7.63 -11.68 0.81
N ALA A 79 6.50 -12.33 0.96
CA ALA A 79 5.77 -12.85 -0.22
C ALA A 79 5.61 -11.74 -1.28
N VAL A 80 5.27 -10.56 -0.85
CA VAL A 80 5.13 -9.44 -1.83
C VAL A 80 6.52 -8.99 -2.24
N GLN A 81 7.46 -9.11 -1.37
CA GLN A 81 8.86 -8.70 -1.71
C GLN A 81 9.34 -9.55 -2.88
N LYS A 82 9.21 -10.85 -2.77
CA LYS A 82 9.65 -11.75 -3.87
C LYS A 82 8.95 -11.37 -5.18
N GLU A 83 7.65 -11.21 -5.15
CA GLU A 83 6.90 -10.87 -6.40
C GLU A 83 7.43 -9.56 -7.01
N LEU A 84 7.72 -8.58 -6.21
CA LEU A 84 8.23 -7.30 -6.78
C LEU A 84 9.66 -7.49 -7.29
N LEU A 85 10.45 -8.29 -6.62
CA LEU A 85 11.84 -8.52 -7.11
C LEU A 85 11.79 -9.38 -8.36
N ALA A 86 10.89 -10.33 -8.42
CA ALA A 86 10.79 -11.20 -9.62
C ALA A 86 10.42 -10.34 -10.83
N GLU A 87 9.63 -9.32 -10.61
CA GLU A 87 9.23 -8.42 -11.75
C GLU A 87 10.44 -7.57 -12.13
N TRP A 88 11.21 -7.14 -11.17
CA TRP A 88 12.40 -6.33 -11.51
C TRP A 88 13.49 -7.26 -12.06
N LYS A 89 13.32 -8.54 -11.91
CA LYS A 89 14.33 -9.49 -12.43
C LYS A 89 13.95 -9.93 -13.85
N ARG A 90 12.71 -10.29 -14.08
CA ARG A 90 12.32 -10.69 -15.46
C ARG A 90 12.71 -9.56 -16.40
N THR A 91 12.51 -8.33 -15.99
CA THR A 91 12.89 -7.18 -16.84
C THR A 91 14.36 -6.83 -16.57
N GLY A 92 14.78 -6.94 -15.34
CA GLY A 92 16.20 -6.61 -15.01
C GLY A 92 17.11 -7.69 -15.60
N MET B 4 -11.33 8.96 12.13
CA MET B 4 -9.87 8.74 12.36
C MET B 4 -9.14 8.85 11.03
N GLN B 5 -8.02 9.53 10.99
CA GLN B 5 -7.27 9.68 9.72
C GLN B 5 -6.18 8.60 9.63
N ILE B 6 -5.62 8.41 8.45
CA ILE B 6 -4.54 7.39 8.30
C ILE B 6 -3.51 7.90 7.27
N PHE B 7 -2.29 7.47 7.39
CA PHE B 7 -1.24 7.91 6.43
C PHE B 7 -0.93 6.78 5.45
N VAL B 8 -0.68 7.11 4.21
CA VAL B 8 -0.36 6.04 3.20
C VAL B 8 1.00 6.32 2.57
N LYS B 9 1.96 5.47 2.81
CA LYS B 9 3.31 5.68 2.22
C LYS B 9 3.47 4.76 1.00
N THR B 10 3.90 5.30 -0.11
CA THR B 10 4.03 4.45 -1.33
C THR B 10 5.42 3.81 -1.40
N LEU B 11 5.67 3.13 -2.48
CA LEU B 11 6.99 2.46 -2.66
C LEU B 11 8.07 3.51 -2.91
N THR B 12 7.69 4.73 -3.14
CA THR B 12 8.69 5.80 -3.40
C THR B 12 8.84 6.68 -2.16
N GLY B 13 8.07 6.43 -1.14
CA GLY B 13 8.19 7.26 0.10
C GLY B 13 7.14 8.38 0.09
N LYS B 14 6.31 8.42 -0.91
CA LYS B 14 5.26 9.48 -0.95
C LYS B 14 4.26 9.23 0.17
N THR B 15 4.14 10.15 1.10
CA THR B 15 3.17 9.95 2.21
C THR B 15 1.90 10.75 1.92
N ILE B 16 0.76 10.17 2.21
CA ILE B 16 -0.52 10.89 1.94
C ILE B 16 -1.44 10.73 3.14
N THR B 17 -2.11 11.78 3.53
CA THR B 17 -3.03 11.68 4.70
C THR B 17 -4.47 11.67 4.20
N LEU B 18 -5.23 10.66 4.53
CA LEU B 18 -6.63 10.59 4.05
C LEU B 18 -7.57 10.37 5.23
N GLU B 19 -8.47 11.29 5.45
CA GLU B 19 -9.43 11.17 6.59
C GLU B 19 -10.33 9.95 6.34
N VAL B 20 -10.50 9.11 7.34
CA VAL B 20 -11.38 7.91 7.14
C VAL B 20 -12.21 7.69 8.39
N GLU B 21 -12.96 6.62 8.43
CA GLU B 21 -13.81 6.35 9.63
C GLU B 21 -13.67 4.86 9.99
N PRO B 22 -13.89 4.53 11.23
CA PRO B 22 -13.79 3.12 11.72
C PRO B 22 -14.71 2.17 10.94
N SER B 23 -15.76 2.69 10.36
CA SER B 23 -16.70 1.83 9.59
C SER B 23 -16.43 1.99 8.09
N ASP B 24 -15.40 2.71 7.71
CA ASP B 24 -15.12 2.90 6.27
C ASP B 24 -14.64 1.58 5.66
N THR B 25 -15.03 1.29 4.45
CA THR B 25 -14.61 0.01 3.80
C THR B 25 -13.25 0.17 3.14
N ILE B 26 -12.44 -0.86 3.15
CA ILE B 26 -11.10 -0.78 2.51
C ILE B 26 -11.24 -0.25 1.08
N GLU B 27 -12.30 -0.63 0.41
CA GLU B 27 -12.52 -0.16 -0.98
C GLU B 27 -12.63 1.37 -1.01
N ASN B 28 -13.23 1.94 0.00
CA ASN B 28 -13.37 3.42 0.03
C ASN B 28 -11.99 4.05 0.22
N VAL B 29 -11.26 3.65 1.21
CA VAL B 29 -9.90 4.22 1.41
C VAL B 29 -9.15 4.11 0.09
N LYS B 30 -9.17 2.96 -0.51
CA LYS B 30 -8.49 2.75 -1.81
C LYS B 30 -8.90 3.84 -2.79
N ALA B 31 -10.17 4.16 -2.84
CA ALA B 31 -10.65 5.21 -3.78
C ALA B 31 -9.95 6.54 -3.45
N LYS B 32 -9.71 6.80 -2.20
CA LYS B 32 -9.03 8.05 -1.81
C LYS B 32 -7.68 8.14 -2.52
N ILE B 33 -6.85 7.15 -2.38
CA ILE B 33 -5.52 7.18 -3.07
C ILE B 33 -5.73 7.34 -4.57
N GLN B 34 -6.79 6.77 -5.10
CA GLN B 34 -7.05 6.89 -6.56
C GLN B 34 -7.28 8.35 -6.94
N ASP B 35 -8.10 9.05 -6.21
CA ASP B 35 -8.38 10.48 -6.54
C ASP B 35 -7.13 11.33 -6.32
N LYS B 36 -6.24 10.92 -5.46
CA LYS B 36 -5.02 11.74 -5.20
C LYS B 36 -3.83 11.19 -6.01
N GLU B 37 -3.50 9.94 -5.80
CA GLU B 37 -2.34 9.36 -6.53
C GLU B 37 -2.73 8.92 -7.94
N GLY B 38 -3.98 8.94 -8.28
CA GLY B 38 -4.39 8.54 -9.66
C GLY B 38 -4.14 7.03 -9.87
N ILE B 39 -4.07 6.27 -8.82
CA ILE B 39 -3.84 4.80 -8.99
C ILE B 39 -5.17 4.04 -8.83
N PRO B 40 -5.51 3.16 -9.73
CA PRO B 40 -6.77 2.38 -9.65
C PRO B 40 -6.70 1.27 -8.59
N PRO B 41 -7.82 0.89 -8.03
CA PRO B 41 -7.87 -0.17 -6.99
C PRO B 41 -7.46 -1.55 -7.51
N ASP B 42 -7.72 -1.81 -8.77
CA ASP B 42 -7.38 -3.14 -9.36
C ASP B 42 -5.86 -3.34 -9.37
N GLN B 43 -5.10 -2.27 -9.23
CA GLN B 43 -3.61 -2.41 -9.24
C GLN B 43 -3.00 -1.89 -7.94
N GLN B 44 -3.73 -1.10 -7.19
CA GLN B 44 -3.17 -0.59 -5.92
C GLN B 44 -3.50 -1.56 -4.78
N ARG B 45 -2.57 -1.83 -3.91
CA ARG B 45 -2.85 -2.77 -2.79
C ARG B 45 -2.43 -2.12 -1.47
N LEU B 46 -3.27 -2.21 -0.46
CA LEU B 46 -2.92 -1.61 0.85
C LEU B 46 -2.55 -2.73 1.83
N ILE B 47 -1.38 -2.65 2.41
CA ILE B 47 -0.94 -3.70 3.37
C ILE B 47 -0.72 -3.09 4.75
N PHE B 48 -1.19 -3.74 5.77
CA PHE B 48 -1.02 -3.20 7.15
C PHE B 48 -0.46 -4.30 8.05
N ALA B 49 0.75 -4.15 8.52
CA ALA B 49 1.33 -5.20 9.39
C ALA B 49 1.55 -6.48 8.56
N GLY B 50 1.96 -6.32 7.34
CA GLY B 50 2.21 -7.51 6.47
C GLY B 50 0.90 -8.22 6.14
N LYS B 51 -0.22 -7.65 6.48
CA LYS B 51 -1.52 -8.31 6.16
C LYS B 51 -2.20 -7.58 4.99
N GLN B 52 -2.72 -8.30 4.05
CA GLN B 52 -3.38 -7.65 2.89
C GLN B 52 -4.82 -7.29 3.26
N LEU B 53 -5.15 -6.02 3.21
CA LEU B 53 -6.54 -5.62 3.57
C LEU B 53 -7.51 -6.14 2.50
N GLU B 54 -8.66 -6.60 2.92
CA GLU B 54 -9.65 -7.13 1.94
C GLU B 54 -10.60 -6.01 1.51
N ASP B 55 -10.98 -6.01 0.27
CA ASP B 55 -11.91 -4.94 -0.22
C ASP B 55 -13.30 -5.17 0.36
N GLY B 56 -13.47 -6.16 1.20
CA GLY B 56 -14.81 -6.45 1.78
C GLY B 56 -14.76 -6.37 3.31
N ARG B 57 -14.04 -5.41 3.85
CA ARG B 57 -13.97 -5.30 5.34
C ARG B 57 -13.86 -3.82 5.73
N THR B 58 -13.91 -3.52 7.00
CA THR B 58 -13.81 -2.10 7.44
C THR B 58 -12.51 -1.89 8.21
N LEU B 59 -12.09 -0.66 8.34
CA LEU B 59 -10.81 -0.38 9.07
C LEU B 59 -10.91 -0.92 10.50
N SER B 60 -12.04 -0.75 11.14
CA SER B 60 -12.18 -1.25 12.54
C SER B 60 -12.02 -2.77 12.55
N ASP B 61 -12.37 -3.44 11.49
CA ASP B 61 -12.23 -4.92 11.46
C ASP B 61 -10.75 -5.30 11.41
N TYR B 62 -9.91 -4.39 11.00
CA TYR B 62 -8.45 -4.70 10.95
C TYR B 62 -7.75 -4.08 12.15
N ASN B 63 -8.51 -3.49 13.03
CA ASN B 63 -7.91 -2.87 14.25
C ASN B 63 -7.06 -1.66 13.85
N ILE B 64 -7.51 -0.90 12.89
CA ILE B 64 -6.75 0.31 12.47
C ILE B 64 -7.27 1.52 13.24
N GLN B 65 -6.38 2.35 13.71
CA GLN B 65 -6.81 3.56 14.48
C GLN B 65 -6.21 4.81 13.86
N LYS B 66 -6.56 5.95 14.37
CA LYS B 66 -6.04 7.22 13.82
C LYS B 66 -4.51 7.19 13.74
N GLU B 67 -3.97 8.03 12.91
CA GLU B 67 -2.49 8.14 12.77
C GLU B 67 -1.88 6.78 12.43
N SER B 68 -2.62 5.92 11.76
CA SER B 68 -2.04 4.59 11.38
C SER B 68 -1.42 4.73 9.99
N THR B 69 -0.39 3.97 9.71
CA THR B 69 0.26 4.06 8.38
C THR B 69 0.06 2.77 7.59
N LEU B 70 -0.26 2.90 6.33
CA LEU B 70 -0.49 1.67 5.49
C LEU B 70 0.43 1.74 4.27
N HIS B 71 1.01 0.63 3.88
CA HIS B 71 1.93 0.64 2.70
C HIS B 71 1.12 0.41 1.41
N LEU B 72 1.48 1.09 0.36
CA LEU B 72 0.76 0.92 -0.94
C LEU B 72 1.68 0.17 -1.92
N VAL B 73 1.20 -0.90 -2.49
CA VAL B 73 2.04 -1.68 -3.44
C VAL B 73 1.43 -1.61 -4.83
N LEU B 74 2.22 -1.26 -5.82
CA LEU B 74 1.68 -1.20 -7.21
C LEU B 74 1.65 -2.59 -7.81
N ARG B 75 0.66 -2.89 -8.59
CA ARG B 75 0.56 -4.25 -9.19
C ARG B 75 1.18 -4.22 -10.60
N LEU B 76 0.55 -4.87 -11.54
CA LEU B 76 1.10 -4.88 -12.93
C LEU B 76 0.02 -4.35 -13.88
N ARG B 77 -1.20 -4.76 -13.69
CA ARG B 77 -2.29 -4.29 -14.58
C ARG B 77 -2.99 -3.09 -13.92
N LYS A 61 23.87 -8.21 -3.74
CA LYS A 61 23.80 -6.91 -4.44
C LYS A 61 22.35 -6.66 -4.89
N ILE A 62 21.72 -5.66 -4.34
CA ILE A 62 20.31 -5.39 -4.73
C ILE A 62 20.21 -4.09 -5.54
N THR A 63 19.50 -4.14 -6.63
CA THR A 63 19.32 -2.92 -7.48
C THR A 63 17.85 -2.52 -7.43
N PHE A 64 17.56 -1.30 -7.07
CA PHE A 64 16.14 -0.86 -6.98
C PHE A 64 15.83 0.15 -8.10
N PRO A 65 14.68 0.02 -8.75
CA PRO A 65 14.27 0.97 -9.83
C PRO A 65 14.42 2.45 -9.42
N SER A 66 14.39 3.32 -10.39
CA SER A 66 14.51 4.79 -10.12
C SER A 66 13.27 5.30 -9.38
N ASP A 67 12.30 4.45 -9.14
CA ASP A 67 11.06 4.91 -8.44
C ASP A 67 10.83 4.10 -7.17
N ILE A 68 11.77 3.28 -6.79
CA ILE A 68 11.59 2.45 -5.56
C ILE A 68 12.48 2.94 -4.42
N ASP A 69 11.89 3.20 -3.29
CA ASP A 69 12.68 3.66 -2.11
C ASP A 69 12.95 2.45 -1.19
N PRO A 70 14.18 2.03 -1.05
CA PRO A 70 14.53 0.86 -0.19
C PRO A 70 13.83 0.92 1.19
N GLN A 71 13.90 2.06 1.81
CA GLN A 71 13.27 2.24 3.15
C GLN A 71 11.82 1.70 3.14
N VAL A 72 11.06 2.02 2.14
CA VAL A 72 9.65 1.53 2.11
C VAL A 72 9.60 0.07 1.61
N PHE A 73 10.58 -0.34 0.86
CA PHE A 73 10.57 -1.74 0.34
C PHE A 73 10.78 -2.75 1.47
N TYR A 74 11.82 -2.58 2.24
CA TYR A 74 12.09 -3.54 3.34
C TYR A 74 10.93 -3.54 4.35
N GLU A 75 10.11 -2.52 4.33
CA GLU A 75 8.97 -2.47 5.29
C GLU A 75 7.81 -3.32 4.77
N LEU A 76 7.91 -3.82 3.57
CA LEU A 76 6.81 -4.66 3.01
C LEU A 76 7.06 -6.13 3.34
N PRO A 77 6.02 -6.92 3.44
CA PRO A 77 6.14 -8.38 3.75
C PRO A 77 7.06 -9.10 2.77
N GLU A 78 7.63 -10.20 3.19
CA GLU A 78 8.55 -10.97 2.29
C GLU A 78 7.80 -11.50 1.06
N ALA A 79 6.68 -12.16 1.25
CA ALA A 79 5.93 -12.72 0.10
C ALA A 79 5.74 -11.65 -0.99
N VAL A 80 5.39 -10.45 -0.61
CA VAL A 80 5.23 -9.38 -1.63
C VAL A 80 6.61 -8.93 -2.07
N GLN A 81 7.57 -9.00 -1.18
CA GLN A 81 8.95 -8.60 -1.53
C GLN A 81 9.43 -9.49 -2.69
N LYS A 82 9.30 -10.78 -2.53
CA LYS A 82 9.74 -11.72 -3.59
C LYS A 82 9.01 -11.41 -4.91
N GLU A 83 7.71 -11.25 -4.87
CA GLU A 83 6.96 -10.98 -6.13
C GLU A 83 7.49 -9.70 -6.80
N LEU A 84 7.80 -8.69 -6.06
CA LEU A 84 8.31 -7.44 -6.70
C LEU A 84 9.73 -7.66 -7.21
N LEU A 85 10.54 -8.41 -6.51
CA LEU A 85 11.93 -8.65 -7.00
C LEU A 85 11.86 -9.60 -8.20
N ALA A 86 10.97 -10.57 -8.16
CA ALA A 86 10.86 -11.53 -9.30
C ALA A 86 10.47 -10.76 -10.57
N GLU A 87 9.67 -9.73 -10.44
CA GLU A 87 9.27 -8.94 -11.64
C GLU A 87 10.46 -8.06 -12.05
N TRP A 88 11.22 -7.59 -11.11
CA TRP A 88 12.40 -6.77 -11.47
C TRP A 88 13.47 -7.70 -12.04
N LYS A 89 13.33 -8.97 -11.81
CA LYS A 89 14.32 -9.94 -12.34
C LYS A 89 13.87 -10.47 -13.70
N ARG A 90 12.61 -10.82 -13.85
CA ARG A 90 12.16 -11.33 -15.18
C ARG A 90 12.55 -10.27 -16.22
N THR A 91 12.37 -9.02 -15.89
CA THR A 91 12.76 -7.94 -16.84
C THR A 91 14.24 -7.62 -16.62
N GLY A 92 14.68 -7.67 -15.40
CA GLY A 92 16.12 -7.38 -15.11
C GLY A 92 16.97 -8.58 -15.54
N MET B 4 -11.25 8.89 12.22
CA MET B 4 -9.80 8.63 12.44
C MET B 4 -9.05 8.76 11.12
N GLN B 5 -7.93 9.42 11.12
CA GLN B 5 -7.16 9.60 9.86
C GLN B 5 -6.09 8.51 9.75
N ILE B 6 -5.55 8.32 8.57
CA ILE B 6 -4.49 7.29 8.40
C ILE B 6 -3.48 7.78 7.36
N PHE B 7 -2.22 7.49 7.57
CA PHE B 7 -1.18 7.94 6.59
C PHE B 7 -0.90 6.81 5.59
N VAL B 8 -0.67 7.16 4.36
CA VAL B 8 -0.38 6.11 3.33
C VAL B 8 0.98 6.38 2.68
N LYS B 9 1.93 5.50 2.88
CA LYS B 9 3.27 5.71 2.26
C LYS B 9 3.39 4.83 1.02
N THR B 10 3.86 5.39 -0.06
CA THR B 10 3.98 4.58 -1.31
C THR B 10 5.35 3.91 -1.43
N LEU B 11 5.58 3.26 -2.53
CA LEU B 11 6.88 2.57 -2.74
C LEU B 11 7.99 3.59 -2.94
N THR B 12 7.63 4.82 -3.22
CA THR B 12 8.68 5.86 -3.43
C THR B 12 8.82 6.73 -2.18
N GLY B 13 8.02 6.47 -1.17
CA GLY B 13 8.13 7.27 0.08
C GLY B 13 7.08 8.39 0.08
N LYS B 14 6.23 8.44 -0.90
CA LYS B 14 5.18 9.51 -0.93
C LYS B 14 4.20 9.26 0.22
N THR B 15 4.10 10.17 1.15
CA THR B 15 3.15 9.97 2.28
C THR B 15 1.87 10.76 2.02
N ILE B 16 0.75 10.21 2.34
CA ILE B 16 -0.54 10.93 2.09
C ILE B 16 -1.46 10.74 3.31
N THR B 17 -2.13 11.79 3.72
CA THR B 17 -3.05 11.68 4.88
C THR B 17 -4.49 11.65 4.37
N LEU B 18 -5.24 10.63 4.72
CA LEU B 18 -6.65 10.56 4.24
C LEU B 18 -7.60 10.31 5.43
N GLU B 19 -8.51 11.22 5.65
CA GLU B 19 -9.47 11.07 6.79
C GLU B 19 -10.39 9.88 6.50
N VAL B 20 -10.59 9.02 7.48
CA VAL B 20 -11.49 7.85 7.26
C VAL B 20 -12.34 7.61 8.51
N GLU B 21 -13.09 6.55 8.54
CA GLU B 21 -13.93 6.25 9.73
C GLU B 21 -13.79 4.76 10.07
N PRO B 22 -13.98 4.40 11.32
CA PRO B 22 -13.87 2.99 11.77
C PRO B 22 -14.77 2.05 10.97
N SER B 23 -15.78 2.58 10.35
CA SER B 23 -16.70 1.73 9.55
C SER B 23 -16.43 1.92 8.05
N ASP B 24 -15.40 2.64 7.71
CA ASP B 24 -15.11 2.86 6.26
C ASP B 24 -14.64 1.55 5.63
N THR B 25 -15.04 1.29 4.41
CA THR B 25 -14.62 0.02 3.74
C THR B 25 -13.27 0.21 3.06
N ILE B 26 -12.46 -0.82 3.04
CA ILE B 26 -11.12 -0.71 2.37
C ILE B 26 -11.31 -0.15 0.96
N GLU B 27 -12.31 -0.62 0.26
CA GLU B 27 -12.56 -0.12 -1.11
C GLU B 27 -12.65 1.41 -1.10
N ASN B 28 -13.18 1.98 -0.05
CA ASN B 28 -13.28 3.47 0.01
C ASN B 28 -11.88 4.06 0.19
N VAL B 29 -11.16 3.60 1.18
CA VAL B 29 -9.79 4.14 1.40
C VAL B 29 -9.02 4.03 0.07
N LYS B 30 -9.11 2.91 -0.58
CA LYS B 30 -8.41 2.72 -1.88
C LYS B 30 -8.81 3.86 -2.83
N ALA B 31 -10.07 4.19 -2.85
CA ALA B 31 -10.55 5.28 -3.75
C ALA B 31 -9.85 6.59 -3.38
N LYS B 32 -9.61 6.81 -2.12
CA LYS B 32 -8.93 8.07 -1.71
C LYS B 32 -7.58 8.17 -2.41
N ILE B 33 -6.75 7.17 -2.30
CA ILE B 33 -5.41 7.22 -2.96
C ILE B 33 -5.61 7.43 -4.47
N GLN B 34 -6.64 6.87 -5.03
CA GLN B 34 -6.87 7.05 -6.50
C GLN B 34 -7.07 8.53 -6.81
N ASP B 35 -7.94 9.20 -6.09
CA ASP B 35 -8.20 10.64 -6.35
C ASP B 35 -6.95 11.47 -6.11
N LYS B 36 -6.09 11.06 -5.23
CA LYS B 36 -4.86 11.86 -4.94
C LYS B 36 -3.68 11.34 -5.77
N GLU B 37 -3.41 10.07 -5.70
CA GLU B 37 -2.26 9.50 -6.45
C GLU B 37 -2.66 9.09 -7.88
N GLY B 38 -3.93 9.15 -8.22
CA GLY B 38 -4.33 8.76 -9.61
C GLY B 38 -4.08 7.26 -9.82
N ILE B 39 -4.05 6.48 -8.78
CA ILE B 39 -3.81 5.03 -8.94
C ILE B 39 -5.15 4.25 -8.80
N PRO B 40 -5.47 3.40 -9.74
CA PRO B 40 -6.74 2.60 -9.67
C PRO B 40 -6.63 1.42 -8.70
N PRO B 41 -7.73 0.95 -8.18
CA PRO B 41 -7.77 -0.18 -7.21
C PRO B 41 -7.35 -1.51 -7.82
N ASP B 42 -7.60 -1.69 -9.09
CA ASP B 42 -7.24 -2.99 -9.75
C ASP B 42 -5.72 -3.20 -9.69
N GLN B 43 -4.97 -2.17 -9.37
CA GLN B 43 -3.49 -2.32 -9.31
C GLN B 43 -2.94 -1.81 -7.97
N GLN B 44 -3.69 -1.05 -7.24
CA GLN B 44 -3.18 -0.53 -5.94
C GLN B 44 -3.46 -1.56 -4.83
N ARG B 45 -2.51 -1.80 -3.97
CA ARG B 45 -2.74 -2.79 -2.88
C ARG B 45 -2.35 -2.16 -1.54
N LEU B 46 -3.21 -2.26 -0.55
CA LEU B 46 -2.88 -1.67 0.79
C LEU B 46 -2.54 -2.80 1.76
N ILE B 47 -1.38 -2.71 2.37
CA ILE B 47 -0.96 -3.76 3.34
C ILE B 47 -0.77 -3.13 4.72
N PHE B 48 -1.24 -3.78 5.74
CA PHE B 48 -1.10 -3.22 7.12
C PHE B 48 -0.55 -4.30 8.06
N ALA B 49 0.59 -4.08 8.65
CA ALA B 49 1.16 -5.11 9.57
C ALA B 49 1.31 -6.43 8.81
N GLY B 50 1.87 -6.38 7.64
CA GLY B 50 2.09 -7.63 6.85
C GLY B 50 0.76 -8.32 6.55
N LYS B 51 -0.33 -7.59 6.51
CA LYS B 51 -1.65 -8.22 6.22
C LYS B 51 -2.29 -7.54 5.01
N GLN B 52 -2.82 -8.32 4.10
CA GLN B 52 -3.46 -7.72 2.90
C GLN B 52 -4.90 -7.32 3.22
N LEU B 53 -5.23 -6.06 3.06
CA LEU B 53 -6.62 -5.62 3.37
C LEU B 53 -7.57 -6.14 2.30
N GLU B 54 -8.77 -6.50 2.67
CA GLU B 54 -9.74 -7.02 1.67
C GLU B 54 -10.66 -5.88 1.23
N ASP B 55 -11.03 -5.87 -0.03
CA ASP B 55 -11.93 -4.78 -0.53
C ASP B 55 -13.34 -4.98 0.03
N GLY B 56 -13.53 -5.96 0.88
CA GLY B 56 -14.89 -6.20 1.46
C GLY B 56 -14.84 -6.22 2.98
N ARG B 57 -14.15 -5.29 3.58
CA ARG B 57 -14.08 -5.27 5.08
C ARG B 57 -13.95 -3.81 5.54
N THR B 58 -13.99 -3.58 6.82
CA THR B 58 -13.89 -2.19 7.34
C THR B 58 -12.57 -2.00 8.10
N LEU B 59 -12.13 -0.77 8.27
CA LEU B 59 -10.86 -0.53 8.99
C LEU B 59 -10.95 -1.07 10.41
N SER B 60 -12.07 -0.89 11.06
CA SER B 60 -12.20 -1.40 12.45
C SER B 60 -12.04 -2.93 12.46
N ASP B 61 -12.39 -3.58 11.38
CA ASP B 61 -12.26 -5.06 11.34
C ASP B 61 -10.77 -5.42 11.27
N TYR B 62 -9.94 -4.47 10.95
CA TYR B 62 -8.47 -4.74 10.88
C TYR B 62 -7.80 -4.16 12.12
N ASN B 63 -8.56 -3.59 13.00
CA ASN B 63 -7.99 -3.00 14.24
C ASN B 63 -7.13 -1.78 13.87
N ILE B 64 -7.57 -1.01 12.91
CA ILE B 64 -6.79 0.20 12.51
C ILE B 64 -7.32 1.41 13.27
N GLN B 65 -6.43 2.24 13.75
CA GLN B 65 -6.88 3.45 14.50
C GLN B 65 -6.22 4.68 13.88
N LYS B 66 -6.52 5.83 14.41
CA LYS B 66 -5.96 7.07 13.86
C LYS B 66 -4.45 7.01 13.74
N GLU B 67 -3.90 7.90 12.97
CA GLU B 67 -2.42 7.96 12.83
C GLU B 67 -1.84 6.62 12.38
N SER B 68 -2.67 5.71 11.95
CA SER B 68 -2.14 4.39 11.48
C SER B 68 -1.53 4.58 10.09
N THR B 69 -0.50 3.82 9.77
CA THR B 69 0.14 3.96 8.43
C THR B 69 -0.06 2.70 7.60
N LEU B 70 -0.38 2.86 6.34
CA LEU B 70 -0.60 1.67 5.46
C LEU B 70 0.33 1.75 4.25
N HIS B 71 0.91 0.66 3.85
CA HIS B 71 1.84 0.68 2.68
C HIS B 71 1.06 0.47 1.38
N LEU B 72 1.45 1.16 0.33
CA LEU B 72 0.75 0.99 -0.98
C LEU B 72 1.68 0.24 -1.94
N VAL B 73 1.22 -0.84 -2.50
CA VAL B 73 2.07 -1.62 -3.44
C VAL B 73 1.48 -1.56 -4.85
N LEU B 74 2.28 -1.24 -5.83
CA LEU B 74 1.76 -1.17 -7.22
C LEU B 74 1.71 -2.58 -7.80
N ARG B 75 0.72 -2.88 -8.59
CA ARG B 75 0.62 -4.25 -9.18
C ARG B 75 1.27 -4.24 -10.56
N LEU B 76 0.67 -4.91 -11.52
CA LEU B 76 1.26 -4.95 -12.89
C LEU B 76 0.24 -4.44 -13.90
N ARG B 77 -0.98 -4.92 -13.84
CA ARG B 77 -2.02 -4.45 -14.79
C ARG B 77 -2.91 -3.42 -14.11
N LYS A 61 23.85 -8.16 -3.75
CA LYS A 61 23.75 -6.84 -4.44
C LYS A 61 22.30 -6.61 -4.89
N ILE A 62 21.66 -5.62 -4.32
CA ILE A 62 20.24 -5.34 -4.71
C ILE A 62 20.16 -4.05 -5.53
N THR A 63 19.43 -4.09 -6.60
CA THR A 63 19.29 -2.87 -7.46
C THR A 63 17.82 -2.46 -7.45
N PHE A 64 17.54 -1.22 -7.13
CA PHE A 64 16.13 -0.76 -7.07
C PHE A 64 15.86 0.27 -8.19
N PRO A 65 14.77 0.14 -8.92
CA PRO A 65 14.41 1.11 -9.99
C PRO A 65 14.52 2.57 -9.51
N SER A 66 14.52 3.49 -10.44
CA SER A 66 14.63 4.93 -10.08
C SER A 66 13.38 5.40 -9.31
N ASP A 67 12.34 4.61 -9.30
CA ASP A 67 11.10 5.05 -8.58
C ASP A 67 10.86 4.17 -7.34
N ILE A 68 11.78 3.33 -6.99
CA ILE A 68 11.58 2.45 -5.81
C ILE A 68 12.52 2.85 -4.66
N ASP A 69 11.99 3.03 -3.49
CA ASP A 69 12.83 3.39 -2.31
C ASP A 69 13.13 2.12 -1.51
N PRO A 70 14.35 1.97 -1.03
CA PRO A 70 14.74 0.75 -0.24
C PRO A 70 14.14 0.75 1.17
N GLN A 71 14.05 1.91 1.78
CA GLN A 71 13.49 1.99 3.16
C GLN A 71 12.06 1.46 3.20
N VAL A 72 11.24 1.81 2.25
CA VAL A 72 9.84 1.31 2.26
C VAL A 72 9.79 -0.12 1.74
N PHE A 73 10.74 -0.51 0.95
CA PHE A 73 10.74 -1.89 0.39
C PHE A 73 10.94 -2.93 1.50
N TYR A 74 11.95 -2.77 2.30
CA TYR A 74 12.20 -3.77 3.38
C TYR A 74 11.03 -3.77 4.38
N GLU A 75 10.21 -2.75 4.36
CA GLU A 75 9.06 -2.72 5.30
C GLU A 75 7.90 -3.55 4.75
N LEU A 76 8.02 -4.02 3.54
CA LEU A 76 6.91 -4.82 2.93
C LEU A 76 7.12 -6.31 3.24
N PRO A 77 6.05 -7.08 3.29
CA PRO A 77 6.14 -8.54 3.57
C PRO A 77 7.04 -9.27 2.58
N GLU A 78 7.59 -10.38 2.97
CA GLU A 78 8.49 -11.14 2.06
C GLU A 78 7.73 -11.62 0.82
N ALA A 79 6.61 -12.26 1.00
CA ALA A 79 5.85 -12.76 -0.18
C ALA A 79 5.73 -11.66 -1.24
N VAL A 80 5.40 -10.46 -0.84
CA VAL A 80 5.30 -9.36 -1.83
C VAL A 80 6.70 -8.93 -2.25
N GLN A 81 7.65 -9.05 -1.36
CA GLN A 81 9.04 -8.68 -1.71
C GLN A 81 9.50 -9.56 -2.88
N LYS A 82 9.32 -10.84 -2.77
CA LYS A 82 9.75 -11.76 -3.86
C LYS A 82 9.05 -11.37 -5.16
N GLU A 83 7.75 -11.18 -5.14
CA GLU A 83 7.03 -10.81 -6.39
C GLU A 83 7.61 -9.52 -6.98
N LEU A 84 8.03 -8.61 -6.15
CA LEU A 84 8.59 -7.33 -6.69
C LEU A 84 10.02 -7.55 -7.18
N LEU A 85 10.82 -8.30 -6.46
CA LEU A 85 12.21 -8.54 -6.94
C LEU A 85 12.14 -9.37 -8.22
N ALA A 86 11.24 -10.31 -8.29
CA ALA A 86 11.12 -11.13 -9.52
C ALA A 86 10.70 -10.25 -10.68
N GLU A 87 9.86 -9.27 -10.42
CA GLU A 87 9.42 -8.34 -11.50
C GLU A 87 10.63 -7.51 -11.96
N TRP A 88 11.52 -7.21 -11.06
CA TRP A 88 12.72 -6.42 -11.44
C TRP A 88 13.73 -7.34 -12.13
N LYS A 89 13.62 -8.63 -11.91
CA LYS A 89 14.58 -9.57 -12.55
C LYS A 89 14.07 -9.95 -13.94
N ARG A 90 12.78 -10.14 -14.10
CA ARG A 90 12.26 -10.50 -15.46
C ARG A 90 12.51 -9.31 -16.39
N THR A 91 12.17 -8.12 -15.96
CA THR A 91 12.43 -6.93 -16.82
C THR A 91 13.94 -6.68 -16.86
N GLY A 92 14.59 -6.90 -15.76
CA GLY A 92 16.07 -6.68 -15.71
C GLY A 92 16.74 -7.51 -16.80
N MET B 4 -11.32 9.11 12.15
CA MET B 4 -9.88 8.81 12.37
C MET B 4 -9.15 8.86 11.03
N GLN B 5 -8.00 9.47 10.99
CA GLN B 5 -7.26 9.56 9.70
C GLN B 5 -6.17 8.49 9.63
N ILE B 6 -5.61 8.28 8.46
CA ILE B 6 -4.54 7.26 8.31
C ILE B 6 -3.52 7.73 7.27
N PHE B 7 -2.26 7.47 7.49
CA PHE B 7 -1.22 7.90 6.51
C PHE B 7 -0.91 6.74 5.56
N VAL B 8 -0.59 7.05 4.32
CA VAL B 8 -0.28 5.96 3.34
C VAL B 8 1.10 6.19 2.71
N LYS B 9 2.06 5.36 3.02
CA LYS B 9 3.41 5.52 2.43
C LYS B 9 3.52 4.56 1.23
N THR B 10 4.12 5.02 0.15
CA THR B 10 4.22 4.16 -1.06
C THR B 10 5.63 3.57 -1.21
N LEU B 11 5.86 2.91 -2.31
CA LEU B 11 7.20 2.28 -2.55
C LEU B 11 8.23 3.37 -2.79
N THR B 12 7.80 4.55 -3.11
CA THR B 12 8.76 5.66 -3.39
C THR B 12 8.93 6.50 -2.12
N GLY B 13 8.15 6.22 -1.10
CA GLY B 13 8.27 7.01 0.16
C GLY B 13 7.24 8.14 0.16
N LYS B 14 6.38 8.18 -0.81
CA LYS B 14 5.34 9.25 -0.85
C LYS B 14 4.33 9.01 0.27
N THR B 15 4.21 9.94 1.19
CA THR B 15 3.25 9.76 2.31
C THR B 15 1.97 10.56 2.02
N ILE B 16 0.83 9.95 2.21
CA ILE B 16 -0.45 10.67 1.93
C ILE B 16 -1.37 10.55 3.15
N THR B 17 -2.01 11.62 3.52
CA THR B 17 -2.93 11.58 4.69
C THR B 17 -4.37 11.58 4.20
N LEU B 18 -5.16 10.61 4.59
CA LEU B 18 -6.58 10.56 4.13
C LEU B 18 -7.52 10.37 5.32
N GLU B 19 -8.41 11.30 5.53
CA GLU B 19 -9.36 11.19 6.67
C GLU B 19 -10.30 10.00 6.41
N VAL B 20 -10.51 9.16 7.39
CA VAL B 20 -11.42 8.00 7.18
C VAL B 20 -12.28 7.79 8.43
N GLU B 21 -13.08 6.75 8.43
CA GLU B 21 -13.95 6.47 9.60
C GLU B 21 -13.82 5.00 9.99
N PRO B 22 -14.07 4.67 11.22
CA PRO B 22 -13.98 3.26 11.72
C PRO B 22 -14.91 2.32 10.95
N SER B 23 -15.91 2.86 10.30
CA SER B 23 -16.85 1.99 9.53
C SER B 23 -16.59 2.12 8.03
N ASP B 24 -15.53 2.78 7.64
CA ASP B 24 -15.25 2.93 6.18
C ASP B 24 -14.79 1.60 5.61
N THR B 25 -15.18 1.30 4.40
CA THR B 25 -14.76 0.01 3.78
C THR B 25 -13.40 0.17 3.11
N ILE B 26 -12.61 -0.88 3.08
CA ILE B 26 -11.26 -0.79 2.44
C ILE B 26 -11.41 -0.22 1.03
N GLU B 27 -12.43 -0.62 0.32
CA GLU B 27 -12.63 -0.11 -1.06
C GLU B 27 -12.70 1.42 -1.04
N ASN B 28 -13.26 2.00 -0.01
CA ASN B 28 -13.34 3.49 0.06
C ASN B 28 -11.94 4.07 0.24
N VAL B 29 -11.22 3.63 1.24
CA VAL B 29 -9.85 4.16 1.45
C VAL B 29 -9.06 4.01 0.15
N LYS B 30 -9.18 2.88 -0.48
CA LYS B 30 -8.46 2.66 -1.76
C LYS B 30 -8.88 3.74 -2.76
N ALA B 31 -10.14 4.10 -2.75
CA ALA B 31 -10.63 5.15 -3.68
C ALA B 31 -9.93 6.47 -3.37
N LYS B 32 -9.68 6.75 -2.11
CA LYS B 32 -9.01 8.02 -1.74
C LYS B 32 -7.65 8.11 -2.44
N ILE B 33 -6.82 7.10 -2.31
CA ILE B 33 -5.49 7.15 -2.98
C ILE B 33 -5.70 7.29 -4.49
N GLN B 34 -6.73 6.70 -5.02
CA GLN B 34 -6.99 6.79 -6.48
C GLN B 34 -7.22 8.24 -6.89
N ASP B 35 -7.99 8.98 -6.13
CA ASP B 35 -8.26 10.40 -6.50
C ASP B 35 -7.03 11.27 -6.28
N LYS B 36 -6.19 10.92 -5.34
CA LYS B 36 -4.98 11.75 -5.08
C LYS B 36 -3.78 11.24 -5.90
N GLU B 37 -3.51 9.96 -5.83
CA GLU B 37 -2.34 9.41 -6.57
C GLU B 37 -2.74 8.95 -7.98
N GLY B 38 -4.00 8.94 -8.31
CA GLY B 38 -4.40 8.49 -9.67
C GLY B 38 -4.15 6.99 -9.83
N ILE B 39 -4.08 6.26 -8.74
CA ILE B 39 -3.84 4.80 -8.85
C ILE B 39 -5.18 4.05 -8.66
N PRO B 40 -5.58 3.23 -9.61
CA PRO B 40 -6.86 2.47 -9.49
C PRO B 40 -6.74 1.30 -8.51
N PRO B 41 -7.83 0.92 -7.90
CA PRO B 41 -7.84 -0.21 -6.90
C PRO B 41 -7.44 -1.55 -7.52
N ASP B 42 -7.72 -1.73 -8.79
CA ASP B 42 -7.38 -3.03 -9.45
C ASP B 42 -5.86 -3.22 -9.46
N GLN B 43 -5.10 -2.18 -9.19
CA GLN B 43 -3.62 -2.31 -9.19
C GLN B 43 -3.05 -1.79 -7.87
N GLN B 44 -3.78 -0.99 -7.15
CA GLN B 44 -3.27 -0.46 -5.86
C GLN B 44 -3.58 -1.47 -4.75
N ARG B 45 -2.62 -1.78 -3.92
CA ARG B 45 -2.86 -2.76 -2.82
C ARG B 45 -2.46 -2.14 -1.48
N LEU B 46 -3.30 -2.23 -0.48
CA LEU B 46 -2.95 -1.65 0.84
C LEU B 46 -2.58 -2.79 1.80
N ILE B 47 -1.40 -2.71 2.37
CA ILE B 47 -0.94 -3.76 3.31
C ILE B 47 -0.75 -3.16 4.70
N PHE B 48 -1.26 -3.79 5.72
CA PHE B 48 -1.11 -3.23 7.09
C PHE B 48 -0.56 -4.33 8.02
N ALA B 49 0.55 -4.09 8.66
CA ALA B 49 1.11 -5.13 9.55
C ALA B 49 1.29 -6.44 8.77
N GLY B 50 1.75 -6.33 7.55
CA GLY B 50 1.97 -7.56 6.73
C GLY B 50 0.64 -8.21 6.37
N LYS B 51 -0.45 -7.60 6.75
CA LYS B 51 -1.78 -8.21 6.42
C LYS B 51 -2.38 -7.50 5.21
N GLN B 52 -2.90 -8.25 4.28
CA GLN B 52 -3.51 -7.61 3.06
C GLN B 52 -4.96 -7.23 3.36
N LEU B 53 -5.32 -5.99 3.16
CA LEU B 53 -6.72 -5.56 3.44
C LEU B 53 -7.65 -6.08 2.35
N GLU B 54 -8.81 -6.54 2.70
CA GLU B 54 -9.76 -7.06 1.68
C GLU B 54 -10.73 -5.94 1.28
N ASP B 55 -11.15 -5.93 0.04
CA ASP B 55 -12.09 -4.86 -0.42
C ASP B 55 -13.49 -5.10 0.17
N GLY B 56 -13.63 -6.09 1.02
CA GLY B 56 -14.97 -6.36 1.62
C GLY B 56 -14.92 -6.34 3.15
N ARG B 57 -14.28 -5.34 3.72
CA ARG B 57 -14.19 -5.26 5.21
C ARG B 57 -14.08 -3.80 5.64
N THR B 58 -14.16 -3.54 6.92
CA THR B 58 -14.07 -2.13 7.42
C THR B 58 -12.76 -1.93 8.19
N LEU B 59 -12.35 -0.70 8.35
CA LEU B 59 -11.07 -0.43 9.09
C LEU B 59 -11.17 -0.96 10.52
N SER B 60 -12.27 -0.74 11.18
CA SER B 60 -12.39 -1.23 12.58
C SER B 60 -12.24 -2.74 12.60
N ASP B 61 -12.58 -3.40 11.53
CA ASP B 61 -12.44 -4.89 11.50
C ASP B 61 -10.96 -5.24 11.40
N TYR B 62 -10.12 -4.28 11.10
CA TYR B 62 -8.66 -4.55 11.00
C TYR B 62 -7.95 -3.95 12.21
N ASN B 63 -8.70 -3.42 13.13
CA ASN B 63 -8.10 -2.79 14.34
C ASN B 63 -7.24 -1.59 13.92
N ILE B 64 -7.70 -0.84 12.97
CA ILE B 64 -6.93 0.36 12.51
C ILE B 64 -7.41 1.58 13.30
N GLN B 65 -6.51 2.40 13.75
CA GLN B 65 -6.91 3.62 14.52
C GLN B 65 -6.30 4.86 13.88
N LYS B 66 -6.64 6.02 14.40
CA LYS B 66 -6.11 7.27 13.83
C LYS B 66 -4.59 7.22 13.70
N GLU B 67 -4.06 8.07 12.88
CA GLU B 67 -2.58 8.14 12.71
C GLU B 67 -1.99 6.78 12.30
N SER B 68 -2.81 5.86 11.90
CA SER B 68 -2.26 4.54 11.47
C SER B 68 -1.63 4.68 10.09
N THR B 69 -0.57 3.96 9.83
CA THR B 69 0.11 4.08 8.50
C THR B 69 -0.06 2.78 7.71
N LEU B 70 -0.33 2.90 6.42
CA LEU B 70 -0.53 1.68 5.59
C LEU B 70 0.42 1.71 4.39
N HIS B 71 1.02 0.61 4.06
CA HIS B 71 1.96 0.57 2.91
C HIS B 71 1.19 0.34 1.61
N LEU B 72 1.57 1.00 0.56
CA LEU B 72 0.85 0.82 -0.73
C LEU B 72 1.76 0.08 -1.73
N VAL B 73 1.27 -0.98 -2.31
CA VAL B 73 2.11 -1.74 -3.30
C VAL B 73 1.47 -1.65 -4.69
N LEU B 74 2.24 -1.29 -5.66
CA LEU B 74 1.69 -1.18 -7.05
C LEU B 74 1.66 -2.56 -7.69
N ARG B 75 0.66 -2.84 -8.48
CA ARG B 75 0.56 -4.18 -9.13
C ARG B 75 1.21 -4.11 -10.51
N LEU B 76 0.61 -4.72 -11.51
CA LEU B 76 1.21 -4.68 -12.87
C LEU B 76 0.18 -4.11 -13.86
N ARG B 77 -1.07 -4.36 -13.64
CA ARG B 77 -2.12 -3.84 -14.55
C ARG B 77 -1.88 -2.34 -14.79
N LYS A 61 24.11 -7.89 -3.74
CA LYS A 61 23.96 -6.56 -4.41
C LYS A 61 22.50 -6.40 -4.87
N ILE A 62 21.79 -5.45 -4.31
CA ILE A 62 20.37 -5.25 -4.71
C ILE A 62 20.23 -3.95 -5.51
N THR A 63 19.50 -4.00 -6.60
CA THR A 63 19.30 -2.78 -7.43
C THR A 63 17.82 -2.40 -7.39
N PHE A 64 17.51 -1.18 -7.02
CA PHE A 64 16.08 -0.76 -6.97
C PHE A 64 15.79 0.27 -8.08
N PRO A 65 14.68 0.14 -8.78
CA PRO A 65 14.31 1.10 -9.85
C PRO A 65 14.43 2.56 -9.43
N SER A 66 14.43 3.46 -10.37
CA SER A 66 14.53 4.91 -10.06
C SER A 66 13.27 5.40 -9.33
N ASP A 67 12.31 4.54 -9.12
CA ASP A 67 11.05 4.99 -8.44
C ASP A 67 10.80 4.12 -7.19
N ILE A 68 11.76 3.33 -6.80
CA ILE A 68 11.56 2.45 -5.61
C ILE A 68 12.48 2.86 -4.46
N ASP A 69 11.92 3.02 -3.29
CA ASP A 69 12.73 3.41 -2.10
C ASP A 69 13.03 2.15 -1.27
N PRO A 70 14.21 2.01 -0.73
CA PRO A 70 14.61 0.82 0.09
C PRO A 70 13.95 0.83 1.48
N GLN A 71 13.82 1.98 2.08
CA GLN A 71 13.20 2.06 3.42
C GLN A 71 11.75 1.55 3.38
N VAL A 72 11.02 1.90 2.36
CA VAL A 72 9.60 1.42 2.28
C VAL A 72 9.57 -0.02 1.76
N PHE A 73 10.57 -0.43 1.02
CA PHE A 73 10.58 -1.82 0.47
C PHE A 73 10.83 -2.85 1.56
N TYR A 74 11.88 -2.69 2.31
CA TYR A 74 12.18 -3.69 3.38
C TYR A 74 11.04 -3.74 4.40
N GLU A 75 10.18 -2.75 4.41
CA GLU A 75 9.05 -2.76 5.37
C GLU A 75 7.88 -3.57 4.80
N LEU A 76 7.98 -4.01 3.58
CA LEU A 76 6.87 -4.80 2.96
C LEU A 76 7.06 -6.29 3.27
N PRO A 77 5.97 -7.04 3.35
CA PRO A 77 6.03 -8.50 3.63
C PRO A 77 6.94 -9.24 2.65
N GLU A 78 7.51 -10.33 3.07
CA GLU A 78 8.41 -11.11 2.17
C GLU A 78 7.64 -11.63 0.94
N ALA A 79 6.53 -12.28 1.14
CA ALA A 79 5.77 -12.81 -0.02
C ALA A 79 5.58 -11.72 -1.07
N VAL A 80 5.25 -10.53 -0.66
CA VAL A 80 5.09 -9.44 -1.66
C VAL A 80 6.47 -8.99 -2.11
N GLN A 81 7.44 -9.08 -1.25
CA GLN A 81 8.82 -8.69 -1.63
C GLN A 81 9.29 -9.57 -2.78
N LYS A 82 9.18 -10.86 -2.62
CA LYS A 82 9.60 -11.80 -3.70
C LYS A 82 8.90 -11.44 -5.01
N GLU A 83 7.60 -11.28 -4.97
CA GLU A 83 6.86 -10.94 -6.23
C GLU A 83 7.40 -9.65 -6.85
N LEU A 84 7.77 -8.69 -6.05
CA LEU A 84 8.29 -7.42 -6.62
C LEU A 84 9.72 -7.63 -7.15
N LEU A 85 10.53 -8.37 -6.45
CA LEU A 85 11.92 -8.61 -6.97
C LEU A 85 11.84 -9.53 -8.19
N ALA A 86 10.96 -10.49 -8.17
CA ALA A 86 10.85 -11.41 -9.34
C ALA A 86 10.40 -10.60 -10.57
N GLU A 87 9.58 -9.61 -10.36
CA GLU A 87 9.12 -8.75 -11.50
C GLU A 87 10.30 -7.92 -11.99
N TRP A 88 11.12 -7.46 -11.09
CA TRP A 88 12.29 -6.65 -11.50
C TRP A 88 13.36 -7.59 -12.05
N LYS A 89 13.21 -8.87 -11.85
CA LYS A 89 14.22 -9.84 -12.38
C LYS A 89 13.80 -10.30 -13.77
N ARG A 90 12.55 -10.63 -13.97
CA ARG A 90 12.10 -11.07 -15.32
C ARG A 90 12.38 -9.95 -16.31
N THR A 91 12.08 -8.73 -15.95
CA THR A 91 12.34 -7.58 -16.89
C THR A 91 13.79 -7.14 -16.73
N GLY A 92 14.29 -7.17 -15.52
CA GLY A 92 15.70 -6.75 -15.29
C GLY A 92 16.64 -7.77 -15.93
N MET B 4 -11.39 8.93 12.04
CA MET B 4 -9.94 8.68 12.31
C MET B 4 -9.15 8.79 10.99
N GLN B 5 -8.02 9.43 11.01
CA GLN B 5 -7.23 9.58 9.76
C GLN B 5 -6.15 8.50 9.68
N ILE B 6 -5.58 8.32 8.51
CA ILE B 6 -4.52 7.29 8.34
C ILE B 6 -3.49 7.79 7.32
N PHE B 7 -2.23 7.50 7.54
CA PHE B 7 -1.19 7.95 6.57
C PHE B 7 -0.89 6.84 5.58
N VAL B 8 -0.65 7.18 4.33
CA VAL B 8 -0.36 6.13 3.32
C VAL B 8 1.00 6.39 2.67
N LYS B 9 1.95 5.53 2.91
CA LYS B 9 3.30 5.72 2.30
C LYS B 9 3.44 4.79 1.10
N THR B 10 3.89 5.31 -0.02
CA THR B 10 4.01 4.45 -1.23
C THR B 10 5.41 3.83 -1.33
N LEU B 11 5.67 3.16 -2.42
CA LEU B 11 7.00 2.51 -2.59
C LEU B 11 8.08 3.57 -2.80
N THR B 12 7.69 4.77 -3.12
CA THR B 12 8.71 5.84 -3.34
C THR B 12 8.83 6.70 -2.09
N GLY B 13 8.05 6.44 -1.09
CA GLY B 13 8.13 7.25 0.16
C GLY B 13 7.08 8.36 0.15
N LYS B 14 6.28 8.43 -0.87
CA LYS B 14 5.22 9.49 -0.92
C LYS B 14 4.24 9.26 0.23
N THR B 15 4.15 10.17 1.16
CA THR B 15 3.20 9.99 2.29
C THR B 15 1.92 10.77 2.02
N ILE B 16 0.79 10.19 2.29
CA ILE B 16 -0.50 10.90 2.05
C ILE B 16 -1.41 10.75 3.27
N THR B 17 -2.06 11.80 3.67
CA THR B 17 -2.96 11.72 4.85
C THR B 17 -4.42 11.74 4.36
N LEU B 18 -5.17 10.70 4.63
CA LEU B 18 -6.58 10.66 4.16
C LEU B 18 -7.52 10.41 5.35
N GLU B 19 -8.45 11.32 5.55
CA GLU B 19 -9.42 11.16 6.68
C GLU B 19 -10.34 9.97 6.38
N VAL B 20 -10.56 9.11 7.34
CA VAL B 20 -11.46 7.94 7.07
C VAL B 20 -12.35 7.68 8.31
N GLU B 21 -13.11 6.62 8.28
CA GLU B 21 -13.98 6.30 9.44
C GLU B 21 -13.81 4.83 9.81
N PRO B 22 -14.06 4.47 11.04
CA PRO B 22 -13.94 3.06 11.52
C PRO B 22 -14.83 2.10 10.74
N SER B 23 -15.85 2.61 10.11
CA SER B 23 -16.77 1.74 9.32
C SER B 23 -16.47 1.90 7.83
N ASP B 24 -15.42 2.59 7.48
CA ASP B 24 -15.10 2.78 6.04
C ASP B 24 -14.60 1.46 5.45
N THR B 25 -14.96 1.16 4.23
CA THR B 25 -14.50 -0.11 3.62
C THR B 25 -13.13 0.08 2.96
N ILE B 26 -12.30 -0.93 3.00
CA ILE B 26 -10.95 -0.82 2.38
C ILE B 26 -11.12 -0.31 0.94
N GLU B 27 -12.29 -0.48 0.38
CA GLU B 27 -12.53 -0.02 -1.01
C GLU B 27 -12.60 1.52 -1.01
N ASN B 28 -13.17 2.09 0.01
CA ASN B 28 -13.27 3.58 0.06
C ASN B 28 -11.87 4.17 0.23
N VAL B 29 -11.14 3.72 1.21
CA VAL B 29 -9.76 4.26 1.40
C VAL B 29 -9.00 4.15 0.08
N LYS B 30 -9.09 3.01 -0.55
CA LYS B 30 -8.39 2.83 -1.85
C LYS B 30 -8.81 3.93 -2.82
N ALA B 31 -10.07 4.25 -2.86
CA ALA B 31 -10.56 5.33 -3.78
C ALA B 31 -9.88 6.65 -3.42
N LYS B 32 -9.60 6.86 -2.17
CA LYS B 32 -8.94 8.14 -1.76
C LYS B 32 -7.58 8.25 -2.47
N ILE B 33 -6.76 7.25 -2.35
CA ILE B 33 -5.43 7.30 -3.03
C ILE B 33 -5.65 7.45 -4.55
N GLN B 34 -6.72 6.89 -5.06
CA GLN B 34 -6.99 6.99 -6.52
C GLN B 34 -7.22 8.45 -6.92
N ASP B 35 -7.98 9.17 -6.15
CA ASP B 35 -8.25 10.60 -6.50
C ASP B 35 -7.02 11.45 -6.24
N LYS B 36 -6.13 11.02 -5.37
CA LYS B 36 -4.92 11.84 -5.09
C LYS B 36 -3.73 11.34 -5.90
N GLU B 37 -3.44 10.06 -5.85
CA GLU B 37 -2.27 9.52 -6.60
C GLU B 37 -2.66 9.11 -8.02
N GLY B 38 -3.93 9.11 -8.34
CA GLY B 38 -4.33 8.71 -9.73
C GLY B 38 -4.12 7.22 -9.95
N ILE B 39 -4.11 6.43 -8.90
CA ILE B 39 -3.91 4.96 -9.07
C ILE B 39 -5.23 4.22 -8.84
N PRO B 40 -5.61 3.32 -9.73
CA PRO B 40 -6.89 2.55 -9.59
C PRO B 40 -6.86 1.53 -8.45
N PRO B 41 -8.00 1.07 -8.02
CA PRO B 41 -8.12 0.08 -6.91
C PRO B 41 -7.70 -1.33 -7.32
N ASP B 42 -7.94 -1.70 -8.54
CA ASP B 42 -7.59 -3.08 -9.00
C ASP B 42 -6.07 -3.25 -9.11
N GLN B 43 -5.31 -2.19 -8.92
CA GLN B 43 -3.82 -2.32 -9.04
C GLN B 43 -3.11 -1.85 -7.77
N GLN B 44 -3.70 -0.96 -7.01
CA GLN B 44 -3.01 -0.49 -5.77
C GLN B 44 -3.38 -1.41 -4.61
N ARG B 45 -2.41 -1.93 -3.91
CA ARG B 45 -2.71 -2.85 -2.78
C ARG B 45 -2.32 -2.18 -1.45
N LEU B 46 -3.17 -2.26 -0.46
CA LEU B 46 -2.85 -1.64 0.85
C LEU B 46 -2.48 -2.75 1.84
N ILE B 47 -1.34 -2.64 2.46
CA ILE B 47 -0.90 -3.69 3.44
C ILE B 47 -0.71 -3.05 4.83
N PHE B 48 -1.22 -3.69 5.85
CA PHE B 48 -1.07 -3.14 7.22
C PHE B 48 -0.49 -4.21 8.14
N ALA B 49 0.74 -4.04 8.58
CA ALA B 49 1.34 -5.06 9.46
C ALA B 49 1.56 -6.36 8.67
N GLY B 50 1.97 -6.24 7.44
CA GLY B 50 2.22 -7.45 6.61
C GLY B 50 0.92 -8.16 6.25
N LYS B 51 -0.21 -7.62 6.64
CA LYS B 51 -1.50 -8.30 6.30
C LYS B 51 -2.15 -7.59 5.09
N GLN B 52 -2.66 -8.35 4.17
CA GLN B 52 -3.30 -7.73 2.97
C GLN B 52 -4.74 -7.34 3.30
N LEU B 53 -5.09 -6.10 3.15
CA LEU B 53 -6.48 -5.68 3.46
C LEU B 53 -7.41 -6.21 2.37
N GLU B 54 -8.62 -6.55 2.73
CA GLU B 54 -9.58 -7.08 1.72
C GLU B 54 -10.55 -5.97 1.31
N ASP B 55 -10.94 -5.96 0.07
CA ASP B 55 -11.90 -4.91 -0.41
C ASP B 55 -13.29 -5.17 0.16
N GLY B 56 -13.42 -6.18 1.00
CA GLY B 56 -14.76 -6.49 1.58
C GLY B 56 -14.70 -6.46 3.10
N ARG B 57 -14.05 -5.47 3.67
CA ARG B 57 -13.98 -5.37 5.16
C ARG B 57 -13.89 -3.90 5.57
N THR B 58 -13.97 -3.63 6.85
CA THR B 58 -13.89 -2.23 7.33
C THR B 58 -12.59 -2.00 8.09
N LEU B 59 -12.17 -0.76 8.21
CA LEU B 59 -10.90 -0.48 8.94
C LEU B 59 -10.98 -1.06 10.36
N SER B 60 -12.10 -0.90 11.02
CA SER B 60 -12.23 -1.44 12.40
C SER B 60 -12.04 -2.96 12.37
N ASP B 61 -12.37 -3.59 11.28
CA ASP B 61 -12.21 -5.06 11.20
C ASP B 61 -10.72 -5.42 11.18
N TYR B 62 -9.88 -4.49 10.83
CA TYR B 62 -8.42 -4.76 10.81
C TYR B 62 -7.75 -4.16 12.04
N ASN B 63 -8.54 -3.59 12.92
CA ASN B 63 -7.98 -2.99 14.15
C ASN B 63 -7.15 -1.76 13.78
N ILE B 64 -7.61 -0.99 12.83
CA ILE B 64 -6.85 0.24 12.43
C ILE B 64 -7.36 1.44 13.23
N GLN B 65 -6.48 2.25 13.73
CA GLN B 65 -6.91 3.44 14.51
C GLN B 65 -6.30 4.70 13.88
N LYS B 66 -6.64 5.84 14.41
CA LYS B 66 -6.11 7.12 13.85
C LYS B 66 -4.59 7.07 13.75
N GLU B 67 -4.06 7.93 12.93
CA GLU B 67 -2.57 8.04 12.79
C GLU B 67 -1.92 6.69 12.43
N SER B 68 -2.62 5.82 11.76
CA SER B 68 -1.99 4.52 11.38
C SER B 68 -1.35 4.67 9.99
N THR B 69 -0.30 3.95 9.73
CA THR B 69 0.38 4.05 8.42
C THR B 69 0.19 2.76 7.62
N LEU B 70 -0.14 2.87 6.36
CA LEU B 70 -0.34 1.66 5.52
C LEU B 70 0.58 1.73 4.30
N HIS B 71 1.15 0.62 3.92
CA HIS B 71 2.06 0.63 2.73
C HIS B 71 1.25 0.37 1.46
N LEU B 72 1.59 1.04 0.39
CA LEU B 72 0.85 0.85 -0.89
C LEU B 72 1.75 0.13 -1.90
N VAL B 73 1.27 -0.93 -2.50
CA VAL B 73 2.11 -1.67 -3.48
C VAL B 73 1.42 -1.68 -4.85
N LEU B 74 2.15 -1.38 -5.90
CA LEU B 74 1.55 -1.38 -7.25
C LEU B 74 1.45 -2.81 -7.78
N ARG B 75 0.41 -3.13 -8.49
CA ARG B 75 0.24 -4.50 -9.03
C ARG B 75 0.80 -4.55 -10.46
N LEU B 76 0.14 -5.24 -11.35
CA LEU B 76 0.65 -5.32 -12.75
C LEU B 76 -0.46 -4.86 -13.71
N ARG B 77 -1.62 -5.45 -13.63
CA ARG B 77 -2.73 -5.05 -14.53
C ARG B 77 -3.21 -3.64 -14.16
N LYS A 61 23.78 -8.15 -4.46
CA LYS A 61 23.65 -6.79 -5.05
C LYS A 61 22.19 -6.54 -5.41
N ILE A 62 21.57 -5.55 -4.81
CA ILE A 62 20.14 -5.26 -5.13
C ILE A 62 20.02 -3.94 -5.88
N THR A 63 19.30 -3.93 -6.96
CA THR A 63 19.11 -2.67 -7.74
C THR A 63 17.63 -2.27 -7.68
N PHE A 64 17.35 -1.06 -7.30
CA PHE A 64 15.93 -0.62 -7.20
C PHE A 64 15.65 0.46 -8.27
N PRO A 65 14.52 0.36 -8.97
CA PRO A 65 14.14 1.38 -10.00
C PRO A 65 14.28 2.82 -9.50
N SER A 66 14.27 3.75 -10.42
CA SER A 66 14.39 5.19 -10.05
C SER A 66 13.14 5.65 -9.28
N ASP A 67 12.17 4.80 -9.09
CA ASP A 67 10.93 5.21 -8.36
C ASP A 67 10.70 4.30 -7.15
N ILE A 68 11.63 3.46 -6.82
CA ILE A 68 11.43 2.55 -5.65
C ILE A 68 12.36 2.92 -4.49
N ASP A 69 11.79 3.07 -3.32
CA ASP A 69 12.61 3.43 -2.12
C ASP A 69 12.94 2.15 -1.34
N PRO A 70 14.15 2.02 -0.85
CA PRO A 70 14.59 0.81 -0.07
C PRO A 70 13.98 0.77 1.34
N GLN A 71 13.84 1.90 1.97
CA GLN A 71 13.27 1.92 3.34
C GLN A 71 11.82 1.44 3.34
N VAL A 72 11.03 1.82 2.37
CA VAL A 72 9.62 1.36 2.34
C VAL A 72 9.56 -0.07 1.79
N PHE A 73 10.54 -0.47 1.03
CA PHE A 73 10.54 -1.84 0.44
C PHE A 73 10.81 -2.89 1.53
N TYR A 74 11.88 -2.75 2.25
CA TYR A 74 12.20 -3.76 3.30
C TYR A 74 11.08 -3.80 4.34
N GLU A 75 10.25 -2.79 4.41
CA GLU A 75 9.14 -2.81 5.40
C GLU A 75 7.97 -3.62 4.84
N LEU A 76 8.07 -4.06 3.62
CA LEU A 76 6.96 -4.85 3.02
C LEU A 76 7.17 -6.34 3.29
N PRO A 77 6.10 -7.11 3.34
CA PRO A 77 6.19 -8.58 3.60
C PRO A 77 7.09 -9.28 2.58
N GLU A 78 7.68 -10.39 2.96
CA GLU A 78 8.57 -11.12 2.02
C GLU A 78 7.78 -11.62 0.79
N ALA A 79 6.66 -12.26 1.00
CA ALA A 79 5.88 -12.78 -0.17
C ALA A 79 5.67 -11.67 -1.20
N VAL A 80 5.32 -10.49 -0.77
CA VAL A 80 5.13 -9.37 -1.74
C VAL A 80 6.50 -8.89 -2.19
N GLN A 81 7.48 -9.00 -1.35
CA GLN A 81 8.85 -8.58 -1.73
C GLN A 81 9.32 -9.44 -2.89
N LYS A 82 9.17 -10.73 -2.77
CA LYS A 82 9.61 -11.64 -3.87
C LYS A 82 8.87 -11.30 -5.17
N GLU A 83 7.58 -11.15 -5.11
CA GLU A 83 6.83 -10.84 -6.37
C GLU A 83 7.38 -9.55 -7.00
N LEU A 84 7.70 -8.57 -6.21
CA LEU A 84 8.23 -7.31 -6.79
C LEU A 84 9.66 -7.53 -7.29
N LEU A 85 10.46 -8.29 -6.59
CA LEU A 85 11.84 -8.55 -7.08
C LEU A 85 11.77 -9.44 -8.31
N ALA A 86 10.90 -10.41 -8.32
CA ALA A 86 10.79 -11.32 -9.50
C ALA A 86 10.41 -10.49 -10.73
N GLU A 87 9.63 -9.46 -10.55
CA GLU A 87 9.25 -8.59 -11.70
C GLU A 87 10.45 -7.76 -12.12
N TRP A 88 11.25 -7.34 -11.19
CA TRP A 88 12.46 -6.54 -11.55
C TRP A 88 13.50 -7.47 -12.15
N LYS A 89 13.36 -8.75 -11.95
CA LYS A 89 14.36 -9.71 -12.50
C LYS A 89 13.94 -10.13 -13.91
N ARG A 90 12.69 -10.45 -14.11
CA ARG A 90 12.25 -10.86 -15.48
C ARG A 90 12.56 -9.73 -16.46
N THR A 91 12.30 -8.50 -16.06
CA THR A 91 12.61 -7.36 -16.95
C THR A 91 14.02 -6.85 -16.65
N GLY A 92 14.39 -6.87 -15.40
CA GLY A 92 15.75 -6.38 -15.02
C GLY A 92 15.64 -4.98 -14.43
N MET B 4 -11.43 9.24 11.96
CA MET B 4 -10.01 8.91 12.23
C MET B 4 -9.23 8.95 10.91
N GLN B 5 -8.06 9.53 10.91
CA GLN B 5 -7.27 9.62 9.64
C GLN B 5 -6.19 8.53 9.61
N ILE B 6 -5.62 8.33 8.45
CA ILE B 6 -4.55 7.29 8.32
C ILE B 6 -3.52 7.75 7.30
N PHE B 7 -2.27 7.47 7.54
CA PHE B 7 -1.21 7.89 6.58
C PHE B 7 -0.89 6.73 5.63
N VAL B 8 -0.60 7.03 4.39
CA VAL B 8 -0.30 5.94 3.42
C VAL B 8 1.08 6.19 2.78
N LYS B 9 2.06 5.38 3.12
CA LYS B 9 3.41 5.58 2.52
C LYS B 9 3.52 4.67 1.28
N THR B 10 4.03 5.18 0.20
CA THR B 10 4.12 4.37 -1.04
C THR B 10 5.51 3.73 -1.17
N LEU B 11 5.74 3.07 -2.27
CA LEU B 11 7.05 2.41 -2.49
C LEU B 11 8.11 3.48 -2.75
N THR B 12 7.70 4.69 -3.02
CA THR B 12 8.68 5.77 -3.29
C THR B 12 8.86 6.63 -2.04
N GLY B 13 8.13 6.34 -1.00
CA GLY B 13 8.28 7.15 0.25
C GLY B 13 7.22 8.26 0.28
N LYS B 14 6.39 8.33 -0.71
CA LYS B 14 5.34 9.39 -0.73
C LYS B 14 4.35 9.13 0.40
N THR B 15 4.22 10.04 1.33
CA THR B 15 3.26 9.84 2.44
C THR B 15 1.98 10.62 2.15
N ILE B 16 0.84 10.02 2.37
CA ILE B 16 -0.44 10.73 2.09
C ILE B 16 -1.38 10.59 3.29
N THR B 17 -2.01 11.66 3.68
CA THR B 17 -2.94 11.61 4.85
C THR B 17 -4.37 11.62 4.33
N LEU B 18 -5.14 10.61 4.62
CA LEU B 18 -6.55 10.57 4.13
C LEU B 18 -7.50 10.40 5.31
N GLU B 19 -8.39 11.35 5.50
CA GLU B 19 -9.36 11.25 6.62
C GLU B 19 -10.31 10.08 6.35
N VAL B 20 -10.53 9.22 7.31
CA VAL B 20 -11.44 8.07 7.07
C VAL B 20 -12.32 7.84 8.30
N GLU B 21 -13.11 6.82 8.28
CA GLU B 21 -14.01 6.52 9.44
C GLU B 21 -13.87 5.04 9.83
N PRO B 22 -14.12 4.70 11.06
CA PRO B 22 -14.02 3.30 11.55
C PRO B 22 -14.93 2.34 10.77
N SER B 23 -15.93 2.86 10.11
CA SER B 23 -16.85 1.97 9.33
C SER B 23 -16.56 2.09 7.84
N ASP B 24 -15.50 2.77 7.48
CA ASP B 24 -15.20 2.91 6.02
C ASP B 24 -14.69 1.58 5.47
N THR B 25 -15.05 1.26 4.25
CA THR B 25 -14.60 -0.03 3.66
C THR B 25 -13.23 0.14 3.00
N ILE B 26 -12.41 -0.87 3.02
CA ILE B 26 -11.07 -0.78 2.37
C ILE B 26 -11.25 -0.26 0.94
N GLU B 27 -12.32 -0.62 0.30
CA GLU B 27 -12.57 -0.15 -1.09
C GLU B 27 -12.65 1.38 -1.11
N ASN B 28 -13.17 1.97 -0.06
CA ASN B 28 -13.26 3.45 -0.03
C ASN B 28 -11.87 4.04 0.15
N VAL B 29 -11.14 3.58 1.13
CA VAL B 29 -9.75 4.10 1.32
C VAL B 29 -9.01 3.98 0.00
N LYS B 30 -9.04 2.82 -0.60
CA LYS B 30 -8.35 2.61 -1.90
C LYS B 30 -8.76 3.72 -2.88
N ALA B 31 -10.01 4.11 -2.83
CA ALA B 31 -10.49 5.18 -3.76
C ALA B 31 -9.78 6.50 -3.42
N LYS B 32 -9.55 6.75 -2.16
CA LYS B 32 -8.86 8.01 -1.76
C LYS B 32 -7.51 8.09 -2.46
N ILE B 33 -6.70 7.08 -2.33
CA ILE B 33 -5.36 7.10 -3.00
C ILE B 33 -5.58 7.27 -4.51
N GLN B 34 -6.63 6.69 -5.04
CA GLN B 34 -6.90 6.83 -6.49
C GLN B 34 -7.14 8.30 -6.84
N ASP B 35 -7.95 8.98 -6.08
CA ASP B 35 -8.24 10.41 -6.37
C ASP B 35 -6.99 11.28 -6.13
N LYS B 36 -6.09 10.83 -5.31
CA LYS B 36 -4.87 11.65 -5.04
C LYS B 36 -3.68 11.14 -5.86
N GLU B 37 -3.37 9.88 -5.75
CA GLU B 37 -2.21 9.31 -6.48
C GLU B 37 -2.61 8.89 -7.90
N GLY B 38 -3.87 8.93 -8.24
CA GLY B 38 -4.28 8.53 -9.61
C GLY B 38 -4.00 7.05 -9.84
N ILE B 39 -3.99 6.26 -8.78
CA ILE B 39 -3.72 4.80 -8.95
C ILE B 39 -5.04 4.02 -8.81
N PRO B 40 -5.37 3.15 -9.75
CA PRO B 40 -6.63 2.36 -9.67
C PRO B 40 -6.55 1.25 -8.63
N PRO B 41 -7.67 0.78 -8.14
CA PRO B 41 -7.72 -0.29 -7.11
C PRO B 41 -7.29 -1.65 -7.66
N ASP B 42 -7.54 -1.88 -8.92
CA ASP B 42 -7.16 -3.19 -9.53
C ASP B 42 -5.64 -3.35 -9.53
N GLN B 43 -4.91 -2.31 -9.20
CA GLN B 43 -3.42 -2.42 -9.20
C GLN B 43 -2.85 -1.92 -7.87
N GLN B 44 -3.59 -1.14 -7.14
CA GLN B 44 -3.07 -0.63 -5.84
C GLN B 44 -3.43 -1.61 -4.73
N ARG B 45 -2.49 -1.94 -3.88
CA ARG B 45 -2.78 -2.90 -2.77
C ARG B 45 -2.37 -2.27 -1.44
N LEU B 46 -3.22 -2.38 -0.43
CA LEU B 46 -2.87 -1.79 0.89
C LEU B 46 -2.51 -2.92 1.87
N ILE B 47 -1.36 -2.81 2.49
CA ILE B 47 -0.92 -3.85 3.47
C ILE B 47 -0.75 -3.21 4.84
N PHE B 48 -1.26 -3.83 5.87
CA PHE B 48 -1.14 -3.26 7.24
C PHE B 48 -0.59 -4.33 8.18
N ALA B 49 0.60 -4.14 8.70
CA ALA B 49 1.17 -5.16 9.60
C ALA B 49 1.38 -6.47 8.83
N GLY B 50 1.94 -6.38 7.65
CA GLY B 50 2.18 -7.60 6.84
C GLY B 50 0.86 -8.30 6.52
N LYS B 51 -0.25 -7.69 6.87
CA LYS B 51 -1.56 -8.32 6.58
C LYS B 51 -2.21 -7.63 5.36
N GLN B 52 -2.78 -8.40 4.48
CA GLN B 52 -3.41 -7.79 3.27
C GLN B 52 -4.84 -7.37 3.60
N LEU B 53 -5.20 -6.15 3.31
CA LEU B 53 -6.59 -5.69 3.60
C LEU B 53 -7.52 -6.18 2.50
N GLU B 54 -8.71 -6.60 2.86
CA GLU B 54 -9.67 -7.10 1.83
C GLU B 54 -10.54 -5.94 1.33
N ASP B 55 -10.85 -5.93 0.07
CA ASP B 55 -11.70 -4.83 -0.47
C ASP B 55 -13.12 -4.95 0.07
N GLY B 56 -13.37 -5.89 0.94
CA GLY B 56 -14.73 -6.06 1.51
C GLY B 56 -14.70 -6.07 3.04
N ARG B 57 -13.92 -5.23 3.64
CA ARG B 57 -13.87 -5.20 5.13
C ARG B 57 -13.81 -3.74 5.60
N THR B 58 -14.00 -3.51 6.87
CA THR B 58 -13.96 -2.11 7.39
C THR B 58 -12.67 -1.88 8.17
N LEU B 59 -12.25 -0.65 8.31
CA LEU B 59 -10.99 -0.37 9.05
C LEU B 59 -11.08 -0.91 10.47
N SER B 60 -12.20 -0.73 11.12
CA SER B 60 -12.34 -1.24 12.52
C SER B 60 -12.20 -2.75 12.53
N ASP B 61 -12.56 -3.41 11.46
CA ASP B 61 -12.42 -4.89 11.42
C ASP B 61 -10.94 -5.26 11.36
N TYR B 62 -10.10 -4.33 11.02
CA TYR B 62 -8.64 -4.63 10.94
C TYR B 62 -7.94 -4.02 12.15
N ASN B 63 -8.70 -3.43 13.04
CA ASN B 63 -8.09 -2.81 14.26
C ASN B 63 -7.25 -1.60 13.85
N ILE B 64 -7.70 -0.83 12.90
CA ILE B 64 -6.92 0.37 12.47
C ILE B 64 -7.39 1.59 13.28
N GLN B 65 -6.47 2.38 13.75
CA GLN B 65 -6.85 3.59 14.53
C GLN B 65 -6.28 4.84 13.86
N LYS B 66 -6.63 6.00 14.35
CA LYS B 66 -6.14 7.26 13.74
C LYS B 66 -4.62 7.24 13.62
N GLU B 67 -4.10 8.11 12.80
CA GLU B 67 -2.63 8.21 12.64
C GLU B 67 -2.03 6.85 12.27
N SER B 68 -2.83 5.89 11.94
CA SER B 68 -2.28 4.56 11.56
C SER B 68 -1.63 4.68 10.18
N THR B 69 -0.55 3.97 9.97
CA THR B 69 0.15 4.06 8.65
C THR B 69 -0.01 2.74 7.88
N LEU B 70 -0.28 2.83 6.61
CA LEU B 70 -0.44 1.60 5.78
C LEU B 70 0.60 1.62 4.65
N HIS B 71 0.84 0.49 4.04
CA HIS B 71 1.83 0.45 2.92
C HIS B 71 1.10 0.26 1.60
N LEU B 72 1.49 0.98 0.58
CA LEU B 72 0.82 0.82 -0.74
C LEU B 72 1.74 0.07 -1.70
N VAL B 73 1.29 -1.02 -2.23
CA VAL B 73 2.15 -1.81 -3.17
C VAL B 73 1.58 -1.71 -4.58
N LEU B 74 2.39 -1.33 -5.53
CA LEU B 74 1.89 -1.22 -6.93
C LEU B 74 1.89 -2.61 -7.58
N ARG B 75 0.91 -2.89 -8.38
CA ARG B 75 0.83 -4.22 -9.04
C ARG B 75 1.44 -4.13 -10.43
N LEU B 76 0.81 -4.72 -11.42
CA LEU B 76 1.36 -4.66 -12.80
C LEU B 76 0.29 -4.09 -13.75
N ARG B 77 -0.91 -4.60 -13.69
CA ARG B 77 -1.98 -4.09 -14.59
C ARG B 77 -2.46 -2.72 -14.08
N LYS A 61 23.52 -8.45 -4.02
CA LYS A 61 23.45 -7.06 -4.53
C LYS A 61 22.02 -6.74 -4.95
N ILE A 62 21.42 -5.73 -4.38
CA ILE A 62 20.02 -5.40 -4.75
C ILE A 62 19.96 -4.05 -5.47
N THR A 63 19.29 -4.01 -6.59
CA THR A 63 19.15 -2.73 -7.35
C THR A 63 17.68 -2.33 -7.35
N PHE A 64 17.38 -1.12 -6.96
CA PHE A 64 15.96 -0.69 -6.92
C PHE A 64 15.70 0.38 -8.01
N PRO A 65 14.61 0.28 -8.74
CA PRO A 65 14.25 1.28 -9.78
C PRO A 65 14.36 2.73 -9.28
N SER A 66 14.38 3.66 -10.19
CA SER A 66 14.47 5.10 -9.81
C SER A 66 13.20 5.56 -9.09
N ASP A 67 12.21 4.70 -8.97
CA ASP A 67 10.95 5.11 -8.28
C ASP A 67 10.69 4.20 -7.07
N ILE A 68 11.61 3.35 -6.73
CA ILE A 68 11.41 2.43 -5.57
C ILE A 68 12.30 2.84 -4.39
N ASP A 69 11.71 3.00 -3.24
CA ASP A 69 12.51 3.38 -2.04
C ASP A 69 12.78 2.12 -1.19
N PRO A 70 13.97 1.99 -0.65
CA PRO A 70 14.34 0.80 0.19
C PRO A 70 13.63 0.80 1.54
N GLN A 71 13.66 1.91 2.22
CA GLN A 71 12.99 2.01 3.55
C GLN A 71 11.57 1.46 3.47
N VAL A 72 10.84 1.80 2.45
CA VAL A 72 9.44 1.30 2.34
C VAL A 72 9.42 -0.14 1.80
N PHE A 73 10.44 -0.54 1.10
CA PHE A 73 10.46 -1.92 0.53
C PHE A 73 10.67 -2.96 1.63
N TYR A 74 11.70 -2.81 2.43
CA TYR A 74 11.94 -3.81 3.50
C TYR A 74 10.78 -3.84 4.48
N GLU A 75 9.96 -2.82 4.50
CA GLU A 75 8.80 -2.82 5.43
C GLU A 75 7.65 -3.66 4.86
N LEU A 76 7.78 -4.11 3.64
CA LEU A 76 6.69 -4.92 3.02
C LEU A 76 6.93 -6.41 3.31
N PRO A 77 5.89 -7.20 3.35
CA PRO A 77 6.00 -8.67 3.62
C PRO A 77 6.93 -9.35 2.62
N GLU A 78 7.50 -10.46 3.00
CA GLU A 78 8.43 -11.19 2.09
C GLU A 78 7.69 -11.67 0.84
N ALA A 79 6.55 -12.32 1.01
CA ALA A 79 5.81 -12.83 -0.18
C ALA A 79 5.64 -11.73 -1.23
N VAL A 80 5.28 -10.55 -0.80
CA VAL A 80 5.13 -9.43 -1.78
C VAL A 80 6.52 -8.96 -2.18
N GLN A 81 7.46 -9.09 -1.30
CA GLN A 81 8.86 -8.67 -1.62
C GLN A 81 9.36 -9.51 -2.79
N LYS A 82 9.25 -10.80 -2.68
CA LYS A 82 9.72 -11.71 -3.76
C LYS A 82 9.02 -11.35 -5.08
N GLU A 83 7.72 -11.22 -5.08
CA GLU A 83 7.00 -10.89 -6.33
C GLU A 83 7.54 -9.60 -6.95
N LEU A 84 7.88 -8.63 -6.14
CA LEU A 84 8.40 -7.35 -6.70
C LEU A 84 9.84 -7.55 -7.19
N LEU A 85 10.62 -8.33 -6.50
CA LEU A 85 12.03 -8.56 -6.97
C LEU A 85 11.99 -9.43 -8.23
N ALA A 86 11.13 -10.42 -8.26
CA ALA A 86 11.05 -11.29 -9.46
C ALA A 86 10.63 -10.43 -10.66
N GLU A 87 9.81 -9.44 -10.44
CA GLU A 87 9.38 -8.56 -11.55
C GLU A 87 10.57 -7.70 -12.00
N TRP A 88 11.37 -7.26 -11.07
CA TRP A 88 12.55 -6.44 -11.46
C TRP A 88 13.63 -7.36 -12.01
N LYS A 89 13.47 -8.65 -11.84
CA LYS A 89 14.50 -9.60 -12.38
C LYS A 89 14.11 -9.99 -13.81
N ARG A 90 12.87 -10.34 -14.04
CA ARG A 90 12.47 -10.72 -15.41
C ARG A 90 12.81 -9.57 -16.36
N THR A 91 12.59 -8.35 -15.94
CA THR A 91 12.93 -7.19 -16.82
C THR A 91 14.37 -6.76 -16.55
N GLY A 92 14.79 -6.80 -15.31
CA GLY A 92 16.19 -6.39 -14.99
C GLY A 92 17.16 -7.49 -15.43
N MET B 4 -11.23 9.02 12.05
CA MET B 4 -9.80 8.69 12.30
C MET B 4 -9.04 8.77 10.98
N GLN B 5 -7.88 9.37 10.97
CA GLN B 5 -7.11 9.49 9.69
C GLN B 5 -6.02 8.42 9.62
N ILE B 6 -5.46 8.22 8.46
CA ILE B 6 -4.37 7.21 8.32
C ILE B 6 -3.34 7.71 7.29
N PHE B 7 -2.08 7.39 7.51
CA PHE B 7 -1.03 7.83 6.55
C PHE B 7 -0.77 6.72 5.54
N VAL B 8 -0.59 7.06 4.30
CA VAL B 8 -0.34 6.03 3.26
C VAL B 8 1.02 6.27 2.61
N LYS B 9 1.99 5.44 2.93
CA LYS B 9 3.33 5.61 2.31
C LYS B 9 3.41 4.75 1.06
N THR B 10 3.93 5.28 -0.01
CA THR B 10 4.00 4.48 -1.26
C THR B 10 5.37 3.80 -1.39
N LEU B 11 5.58 3.12 -2.48
CA LEU B 11 6.88 2.42 -2.69
C LEU B 11 7.95 3.46 -2.98
N THR B 12 7.55 4.67 -3.25
CA THR B 12 8.55 5.73 -3.55
C THR B 12 8.76 6.61 -2.31
N GLY B 13 8.04 6.35 -1.27
CA GLY B 13 8.21 7.16 -0.03
C GLY B 13 7.18 8.28 0.02
N LYS B 14 6.35 8.40 -0.99
CA LYS B 14 5.33 9.48 -0.98
C LYS B 14 4.34 9.21 0.15
N THR B 15 4.22 10.10 1.09
CA THR B 15 3.26 9.89 2.21
C THR B 15 1.99 10.70 1.96
N ILE B 16 0.85 10.12 2.21
CA ILE B 16 -0.43 10.84 1.98
C ILE B 16 -1.34 10.66 3.20
N THR B 17 -1.98 11.72 3.63
CA THR B 17 -2.89 11.61 4.81
C THR B 17 -4.33 11.63 4.31
N LEU B 18 -5.07 10.59 4.56
CA LEU B 18 -6.49 10.55 4.09
C LEU B 18 -7.43 10.33 5.28
N GLU B 19 -8.32 11.26 5.53
CA GLU B 19 -9.27 11.12 6.66
C GLU B 19 -10.20 9.94 6.40
N VAL B 20 -10.40 9.08 7.36
CA VAL B 20 -11.30 7.91 7.14
C VAL B 20 -12.17 7.67 8.37
N GLU B 21 -12.97 6.64 8.35
CA GLU B 21 -13.84 6.35 9.52
C GLU B 21 -13.74 4.85 9.83
N PRO B 22 -13.99 4.47 11.06
CA PRO B 22 -13.92 3.05 11.49
C PRO B 22 -14.86 2.14 10.68
N SER B 23 -15.92 2.70 10.14
CA SER B 23 -16.86 1.88 9.34
C SER B 23 -16.56 2.04 7.85
N ASP B 24 -15.48 2.71 7.51
CA ASP B 24 -15.15 2.89 6.07
C ASP B 24 -14.66 1.56 5.49
N THR B 25 -15.05 1.25 4.27
CA THR B 25 -14.62 -0.05 3.67
C THR B 25 -13.25 0.13 3.00
N ILE B 26 -12.44 -0.91 3.02
CA ILE B 26 -11.10 -0.83 2.37
C ILE B 26 -11.26 -0.32 0.94
N GLU B 27 -12.39 -0.56 0.34
CA GLU B 27 -12.61 -0.09 -1.06
C GLU B 27 -12.71 1.44 -1.08
N ASN B 28 -13.18 2.03 -0.02
CA ASN B 28 -13.29 3.51 0.01
C ASN B 28 -11.90 4.13 0.19
N VAL B 29 -11.17 3.69 1.17
CA VAL B 29 -9.80 4.24 1.38
C VAL B 29 -9.05 4.15 0.05
N LYS B 30 -9.11 3.02 -0.59
CA LYS B 30 -8.41 2.85 -1.89
C LYS B 30 -8.83 3.98 -2.84
N ALA B 31 -10.10 4.25 -2.92
CA ALA B 31 -10.57 5.35 -3.83
C ALA B 31 -9.87 6.66 -3.47
N LYS B 32 -9.64 6.89 -2.21
CA LYS B 32 -8.95 8.15 -1.81
C LYS B 32 -7.60 8.26 -2.54
N ILE B 33 -6.78 7.26 -2.43
CA ILE B 33 -5.46 7.31 -3.11
C ILE B 33 -5.68 7.51 -4.62
N GLN B 34 -6.73 6.94 -5.17
CA GLN B 34 -6.98 7.11 -6.63
C GLN B 34 -7.21 8.60 -6.95
N ASP B 35 -8.12 9.23 -6.26
CA ASP B 35 -8.40 10.67 -6.54
C ASP B 35 -7.14 11.51 -6.34
N LYS B 36 -6.26 11.11 -5.46
CA LYS B 36 -5.02 11.92 -5.24
C LYS B 36 -3.86 11.39 -6.08
N GLU B 37 -3.51 10.15 -5.90
CA GLU B 37 -2.36 9.57 -6.66
C GLU B 37 -2.80 9.10 -8.06
N GLY B 38 -4.06 9.13 -8.37
CA GLY B 38 -4.50 8.67 -9.72
C GLY B 38 -4.22 7.18 -9.90
N ILE B 39 -4.16 6.43 -8.83
CA ILE B 39 -3.89 4.96 -8.95
C ILE B 39 -5.20 4.19 -8.74
N PRO B 40 -5.56 3.29 -9.63
CA PRO B 40 -6.81 2.49 -9.49
C PRO B 40 -6.66 1.38 -8.45
N PRO B 41 -7.76 0.92 -7.89
CA PRO B 41 -7.75 -0.15 -6.85
C PRO B 41 -7.38 -1.52 -7.42
N ASP B 42 -7.68 -1.76 -8.67
CA ASP B 42 -7.36 -3.10 -9.26
C ASP B 42 -5.84 -3.30 -9.32
N GLN B 43 -5.08 -2.25 -9.16
CA GLN B 43 -3.59 -2.39 -9.21
C GLN B 43 -2.96 -1.90 -7.90
N GLN B 44 -3.63 -1.06 -7.16
CA GLN B 44 -3.03 -0.57 -5.89
C GLN B 44 -3.37 -1.56 -4.77
N ARG B 45 -2.42 -1.87 -3.93
CA ARG B 45 -2.68 -2.84 -2.82
C ARG B 45 -2.31 -2.21 -1.48
N LEU B 46 -3.18 -2.31 -0.50
CA LEU B 46 -2.87 -1.72 0.83
C LEU B 46 -2.52 -2.85 1.81
N ILE B 47 -1.36 -2.75 2.43
CA ILE B 47 -0.94 -3.81 3.39
C ILE B 47 -0.72 -3.16 4.77
N PHE B 48 -1.19 -3.81 5.80
CA PHE B 48 -1.04 -3.24 7.17
C PHE B 48 -0.50 -4.32 8.11
N ALA B 49 0.70 -4.16 8.61
CA ALA B 49 1.26 -5.20 9.52
C ALA B 49 1.46 -6.50 8.75
N GLY B 50 1.89 -6.41 7.52
CA GLY B 50 2.14 -7.63 6.71
C GLY B 50 0.83 -8.32 6.35
N LYS B 51 -0.29 -7.80 6.78
CA LYS B 51 -1.59 -8.45 6.45
C LYS B 51 -2.22 -7.73 5.25
N GLN B 52 -2.78 -8.48 4.33
CA GLN B 52 -3.41 -7.84 3.14
C GLN B 52 -4.82 -7.41 3.48
N LEU B 53 -5.16 -6.18 3.23
CA LEU B 53 -6.54 -5.71 3.54
C LEU B 53 -7.51 -6.21 2.47
N GLU B 54 -8.66 -6.68 2.86
CA GLU B 54 -9.64 -7.19 1.86
C GLU B 54 -10.61 -6.08 1.47
N ASP B 55 -11.05 -6.09 0.24
CA ASP B 55 -12.00 -5.03 -0.23
C ASP B 55 -13.38 -5.25 0.40
N GLY B 56 -13.51 -6.22 1.28
CA GLY B 56 -14.83 -6.48 1.91
C GLY B 56 -14.73 -6.40 3.44
N ARG B 57 -13.98 -5.46 3.95
CA ARG B 57 -13.85 -5.35 5.44
C ARG B 57 -13.68 -3.87 5.81
N THR B 58 -14.11 -3.48 6.98
CA THR B 58 -13.98 -2.06 7.40
C THR B 58 -12.66 -1.84 8.13
N LEU B 59 -12.22 -0.61 8.24
CA LEU B 59 -10.94 -0.33 8.93
C LEU B 59 -11.01 -0.87 10.37
N SER B 60 -12.11 -0.68 11.03
CA SER B 60 -12.23 -1.17 12.44
C SER B 60 -12.06 -2.69 12.46
N ASP B 61 -12.42 -3.36 11.40
CA ASP B 61 -12.26 -4.85 11.37
C ASP B 61 -10.78 -5.20 11.30
N TYR B 62 -9.94 -4.24 11.01
CA TYR B 62 -8.48 -4.52 10.93
C TYR B 62 -7.78 -3.85 12.12
N ASN B 63 -8.52 -3.22 12.99
CA ASN B 63 -7.91 -2.55 14.16
C ASN B 63 -7.04 -1.39 13.68
N ILE B 64 -7.50 -0.68 12.69
CA ILE B 64 -6.70 0.47 12.17
C ILE B 64 -7.13 1.75 12.87
N GLN B 65 -6.39 2.16 13.86
CA GLN B 65 -6.76 3.41 14.61
C GLN B 65 -6.14 4.63 13.92
N LYS B 66 -6.46 5.81 14.40
CA LYS B 66 -5.93 7.06 13.78
C LYS B 66 -4.41 7.03 13.69
N GLU B 67 -3.88 7.92 12.91
CA GLU B 67 -2.39 8.03 12.78
C GLU B 67 -1.78 6.69 12.35
N SER B 68 -2.59 5.75 11.95
CA SER B 68 -2.03 4.44 11.51
C SER B 68 -1.41 4.62 10.12
N THR B 69 -0.37 3.88 9.83
CA THR B 69 0.29 4.02 8.49
C THR B 69 0.14 2.72 7.71
N LEU B 70 -0.15 2.82 6.44
CA LEU B 70 -0.32 1.61 5.60
C LEU B 70 0.69 1.65 4.44
N HIS B 71 0.88 0.54 3.76
CA HIS B 71 1.84 0.51 2.63
C HIS B 71 1.10 0.31 1.31
N LEU B 72 1.49 1.01 0.28
CA LEU B 72 0.81 0.85 -1.03
C LEU B 72 1.74 0.11 -1.99
N VAL B 73 1.27 -0.98 -2.56
CA VAL B 73 2.12 -1.76 -3.50
C VAL B 73 1.50 -1.73 -4.90
N LEU B 74 2.28 -1.41 -5.90
CA LEU B 74 1.72 -1.37 -7.28
C LEU B 74 1.64 -2.80 -7.82
N ARG B 75 0.62 -3.11 -8.56
CA ARG B 75 0.47 -4.50 -9.09
C ARG B 75 1.06 -4.55 -10.50
N LEU B 76 0.43 -5.27 -11.39
CA LEU B 76 0.95 -5.37 -12.79
C LEU B 76 -0.17 -4.95 -13.75
N ARG B 77 -1.33 -5.53 -13.61
CA ARG B 77 -2.46 -5.18 -14.50
C ARG B 77 -2.70 -3.68 -14.44
N LYS A 61 23.85 -8.17 -4.11
CA LYS A 61 23.80 -6.84 -4.76
C LYS A 61 22.35 -6.53 -5.12
N ILE A 62 21.74 -5.55 -4.51
CA ILE A 62 20.32 -5.23 -4.85
C ILE A 62 20.23 -3.88 -5.56
N THR A 63 19.56 -3.85 -6.67
CA THR A 63 19.40 -2.58 -7.42
C THR A 63 17.92 -2.18 -7.37
N PHE A 64 17.63 -0.98 -6.94
CA PHE A 64 16.20 -0.55 -6.85
C PHE A 64 15.95 0.56 -7.90
N PRO A 65 14.87 0.48 -8.64
CA PRO A 65 14.52 1.52 -9.66
C PRO A 65 14.62 2.95 -9.12
N SER A 66 14.63 3.90 -10.00
CA SER A 66 14.72 5.34 -9.59
C SER A 66 13.44 5.77 -8.86
N ASP A 67 12.46 4.90 -8.74
CA ASP A 67 11.20 5.29 -8.05
C ASP A 67 10.94 4.36 -6.86
N ILE A 68 11.88 3.52 -6.54
CA ILE A 68 11.68 2.57 -5.40
C ILE A 68 12.58 2.94 -4.22
N ASP A 69 12.00 3.06 -3.04
CA ASP A 69 12.80 3.40 -1.84
C ASP A 69 13.08 2.11 -1.06
N PRO A 70 14.28 1.94 -0.54
CA PRO A 70 14.66 0.71 0.22
C PRO A 70 13.98 0.63 1.60
N GLN A 71 13.71 1.74 2.21
CA GLN A 71 13.07 1.72 3.56
C GLN A 71 11.62 1.25 3.46
N VAL A 72 10.90 1.65 2.45
CA VAL A 72 9.49 1.20 2.33
C VAL A 72 9.46 -0.23 1.77
N PHE A 73 10.48 -0.62 1.06
CA PHE A 73 10.51 -1.99 0.46
C PHE A 73 10.73 -3.06 1.53
N TYR A 74 11.78 -2.94 2.30
CA TYR A 74 12.04 -3.98 3.34
C TYR A 74 10.89 -4.01 4.35
N GLU A 75 10.05 -3.00 4.36
CA GLU A 75 8.91 -3.00 5.33
C GLU A 75 7.74 -3.79 4.75
N LEU A 76 7.83 -4.21 3.52
CA LEU A 76 6.72 -4.99 2.90
C LEU A 76 6.91 -6.48 3.19
N PRO A 77 5.83 -7.23 3.27
CA PRO A 77 5.91 -8.70 3.55
C PRO A 77 6.79 -9.43 2.53
N GLU A 78 7.72 -10.21 2.99
CA GLU A 78 8.63 -10.94 2.08
C GLU A 78 7.85 -11.50 0.87
N ALA A 79 6.73 -12.13 1.10
CA ALA A 79 5.97 -12.69 -0.06
C ALA A 79 5.77 -11.63 -1.13
N VAL A 80 5.41 -10.43 -0.74
CA VAL A 80 5.24 -9.35 -1.76
C VAL A 80 6.62 -8.88 -2.20
N GLN A 81 7.59 -8.96 -1.32
CA GLN A 81 8.96 -8.53 -1.68
C GLN A 81 9.46 -9.39 -2.85
N LYS A 82 9.35 -10.68 -2.71
CA LYS A 82 9.80 -11.60 -3.78
C LYS A 82 9.05 -11.29 -5.09
N GLU A 83 7.76 -11.15 -5.03
CA GLU A 83 7.00 -10.87 -6.29
C GLU A 83 7.51 -9.59 -6.94
N LEU A 84 7.83 -8.59 -6.16
CA LEU A 84 8.32 -7.32 -6.76
C LEU A 84 9.76 -7.52 -7.25
N LEU A 85 10.56 -8.28 -6.56
CA LEU A 85 11.95 -8.51 -7.05
C LEU A 85 11.91 -9.39 -8.30
N ALA A 86 11.03 -10.36 -8.33
CA ALA A 86 10.94 -11.25 -9.51
C ALA A 86 10.52 -10.42 -10.72
N GLU A 87 9.71 -9.41 -10.50
CA GLU A 87 9.27 -8.55 -11.64
C GLU A 87 10.44 -7.66 -12.07
N TRP A 88 11.24 -7.23 -11.15
CA TRP A 88 12.41 -6.38 -11.52
C TRP A 88 13.49 -7.28 -12.10
N LYS A 89 13.41 -8.56 -11.86
CA LYS A 89 14.43 -9.50 -12.40
C LYS A 89 13.95 -10.04 -13.75
N ARG A 90 12.69 -10.39 -13.86
CA ARG A 90 12.20 -10.92 -15.16
C ARG A 90 12.44 -9.86 -16.23
N THR A 91 12.15 -8.61 -15.93
CA THR A 91 12.40 -7.53 -16.93
C THR A 91 13.84 -7.03 -16.76
N GLY A 92 14.30 -6.95 -15.54
CA GLY A 92 15.70 -6.47 -15.30
C GLY A 92 16.63 -7.06 -16.38
N MET B 4 -11.13 9.13 12.04
CA MET B 4 -9.69 8.83 12.25
C MET B 4 -8.97 8.90 10.90
N GLN B 5 -7.82 9.51 10.85
CA GLN B 5 -7.08 9.60 9.57
C GLN B 5 -6.00 8.53 9.50
N ILE B 6 -5.44 8.32 8.33
CA ILE B 6 -4.39 7.28 8.19
C ILE B 6 -3.34 7.74 7.17
N PHE B 7 -2.09 7.42 7.38
CA PHE B 7 -1.04 7.84 6.41
C PHE B 7 -0.79 6.69 5.42
N VAL B 8 -0.64 7.01 4.17
CA VAL B 8 -0.39 5.96 3.16
C VAL B 8 0.98 6.19 2.50
N LYS B 9 1.93 5.36 2.81
CA LYS B 9 3.29 5.53 2.19
C LYS B 9 3.39 4.62 0.97
N THR B 10 3.95 5.11 -0.11
CA THR B 10 4.06 4.28 -1.33
C THR B 10 5.44 3.65 -1.45
N LEU B 11 5.69 2.98 -2.54
CA LEU B 11 7.01 2.34 -2.73
C LEU B 11 8.07 3.41 -3.01
N THR B 12 7.65 4.63 -3.22
CA THR B 12 8.64 5.72 -3.48
C THR B 12 8.82 6.56 -2.21
N GLY B 13 8.08 6.27 -1.19
CA GLY B 13 8.21 7.06 0.07
C GLY B 13 7.17 8.18 0.08
N LYS B 14 6.35 8.27 -0.92
CA LYS B 14 5.31 9.34 -0.95
C LYS B 14 4.30 9.08 0.17
N THR B 15 4.18 9.99 1.09
CA THR B 15 3.21 9.79 2.20
C THR B 15 1.94 10.60 1.93
N ILE B 16 0.80 10.05 2.22
CA ILE B 16 -0.47 10.79 1.97
C ILE B 16 -1.39 10.63 3.18
N THR B 17 -2.02 11.70 3.60
CA THR B 17 -2.94 11.61 4.78
C THR B 17 -4.37 11.64 4.29
N LEU B 18 -5.13 10.62 4.54
CA LEU B 18 -6.55 10.59 4.08
C LEU B 18 -7.48 10.40 5.27
N GLU B 19 -8.36 11.33 5.50
CA GLU B 19 -9.32 11.21 6.64
C GLU B 19 -10.25 10.02 6.38
N VAL B 20 -10.43 9.17 7.35
CA VAL B 20 -11.33 7.99 7.13
C VAL B 20 -12.18 7.75 8.39
N GLU B 21 -12.95 6.71 8.39
CA GLU B 21 -13.79 6.40 9.58
C GLU B 21 -13.67 4.92 9.92
N PRO B 22 -13.90 4.56 11.16
CA PRO B 22 -13.81 3.14 11.61
C PRO B 22 -14.74 2.22 10.81
N SER B 23 -15.75 2.76 10.20
CA SER B 23 -16.69 1.90 9.42
C SER B 23 -16.43 2.04 7.92
N ASP B 24 -15.37 2.72 7.54
CA ASP B 24 -15.08 2.87 6.09
C ASP B 24 -14.61 1.54 5.52
N THR B 25 -15.01 1.22 4.31
CA THR B 25 -14.59 -0.07 3.70
C THR B 25 -13.24 0.11 3.00
N ILE B 26 -12.41 -0.91 3.02
CA ILE B 26 -11.09 -0.79 2.34
C ILE B 26 -11.31 -0.33 0.90
N GLU B 27 -12.48 -0.54 0.37
CA GLU B 27 -12.77 -0.10 -1.02
C GLU B 27 -12.83 1.42 -1.07
N ASN B 28 -13.33 2.04 -0.02
CA ASN B 28 -13.42 3.52 -0.01
C ASN B 28 -12.02 4.12 0.17
N VAL B 29 -11.28 3.64 1.13
CA VAL B 29 -9.90 4.18 1.33
C VAL B 29 -9.15 4.10 0.00
N LYS B 30 -9.14 2.95 -0.60
CA LYS B 30 -8.44 2.78 -1.90
C LYS B 30 -8.88 3.89 -2.87
N ALA B 31 -10.15 4.21 -2.88
CA ALA B 31 -10.64 5.28 -3.80
C ALA B 31 -9.94 6.59 -3.46
N LYS B 32 -9.72 6.85 -2.20
CA LYS B 32 -9.05 8.12 -1.81
C LYS B 32 -7.70 8.21 -2.53
N ILE B 33 -6.88 7.21 -2.40
CA ILE B 33 -5.55 7.25 -3.09
C ILE B 33 -5.77 7.42 -4.60
N GLN B 34 -6.81 6.85 -5.13
CA GLN B 34 -7.07 6.99 -6.59
C GLN B 34 -7.31 8.46 -6.93
N ASP B 35 -8.00 9.17 -6.08
CA ASP B 35 -8.28 10.60 -6.37
C ASP B 35 -7.02 11.44 -6.19
N LYS B 36 -6.12 11.03 -5.35
CA LYS B 36 -4.89 11.83 -5.12
C LYS B 36 -3.72 11.26 -5.95
N GLU B 37 -3.43 10.00 -5.81
CA GLU B 37 -2.28 9.41 -6.57
C GLU B 37 -2.71 9.00 -7.98
N GLY B 38 -3.97 9.05 -8.31
CA GLY B 38 -4.40 8.67 -9.68
C GLY B 38 -4.16 7.18 -9.94
N ILE B 39 -4.13 6.38 -8.89
CA ILE B 39 -3.92 4.91 -9.09
C ILE B 39 -5.24 4.17 -8.89
N PRO B 40 -5.60 3.27 -9.78
CA PRO B 40 -6.88 2.50 -9.67
C PRO B 40 -6.85 1.46 -8.54
N PRO B 41 -8.01 1.01 -8.12
CA PRO B 41 -8.13 0.01 -7.03
C PRO B 41 -7.68 -1.40 -7.43
N ASP B 42 -7.90 -1.79 -8.66
CA ASP B 42 -7.52 -3.16 -9.10
C ASP B 42 -5.99 -3.32 -9.19
N GLN B 43 -5.24 -2.26 -9.02
CA GLN B 43 -3.75 -2.37 -9.12
C GLN B 43 -3.08 -1.92 -7.82
N GLN B 44 -3.69 -1.05 -7.07
CA GLN B 44 -3.04 -0.60 -5.80
C GLN B 44 -3.45 -1.55 -4.67
N ARG B 45 -2.51 -1.99 -3.88
CA ARG B 45 -2.84 -2.93 -2.77
C ARG B 45 -2.48 -2.27 -1.43
N LEU B 46 -3.34 -2.36 -0.46
CA LEU B 46 -3.03 -1.75 0.87
C LEU B 46 -2.66 -2.87 1.85
N ILE B 47 -1.50 -2.76 2.45
CA ILE B 47 -1.05 -3.81 3.42
C ILE B 47 -0.86 -3.17 4.79
N PHE B 48 -1.33 -3.82 5.83
CA PHE B 48 -1.19 -3.26 7.20
C PHE B 48 -0.65 -4.36 8.12
N ALA B 49 0.53 -4.21 8.64
CA ALA B 49 1.09 -5.26 9.54
C ALA B 49 1.32 -6.54 8.74
N GLY B 50 1.79 -6.41 7.52
CA GLY B 50 2.06 -7.62 6.69
C GLY B 50 0.76 -8.32 6.30
N LYS B 51 -0.37 -7.81 6.72
CA LYS B 51 -1.65 -8.46 6.35
C LYS B 51 -2.31 -7.72 5.18
N GLN B 52 -2.85 -8.44 4.23
CA GLN B 52 -3.49 -7.78 3.07
C GLN B 52 -4.93 -7.39 3.42
N LEU B 53 -5.27 -6.14 3.24
CA LEU B 53 -6.66 -5.70 3.56
C LEU B 53 -7.61 -6.24 2.49
N GLU B 54 -8.81 -6.59 2.86
CA GLU B 54 -9.77 -7.13 1.86
C GLU B 54 -10.77 -6.04 1.45
N ASP B 55 -11.21 -6.05 0.24
CA ASP B 55 -12.18 -5.04 -0.23
C ASP B 55 -13.55 -5.32 0.39
N GLY B 56 -13.64 -6.31 1.24
CA GLY B 56 -14.95 -6.65 1.87
C GLY B 56 -14.87 -6.52 3.39
N ARG B 57 -14.08 -5.61 3.89
CA ARG B 57 -13.99 -5.46 5.38
C ARG B 57 -13.86 -3.97 5.73
N THR B 58 -13.97 -3.64 6.99
CA THR B 58 -13.87 -2.21 7.41
C THR B 58 -12.57 -1.96 8.17
N LEU B 59 -12.16 -0.73 8.27
CA LEU B 59 -10.89 -0.43 9.00
C LEU B 59 -10.97 -0.93 10.43
N SER B 60 -12.08 -0.70 11.10
CA SER B 60 -12.20 -1.17 12.50
C SER B 60 -12.04 -2.69 12.56
N ASP B 61 -12.40 -3.37 11.51
CA ASP B 61 -12.26 -4.85 11.50
C ASP B 61 -10.78 -5.21 11.36
N TYR B 62 -9.96 -4.25 11.04
CA TYR B 62 -8.50 -4.53 10.90
C TYR B 62 -7.74 -3.91 12.07
N ASN B 63 -8.46 -3.35 13.01
CA ASN B 63 -7.81 -2.72 14.20
C ASN B 63 -6.97 -1.52 13.76
N ILE B 64 -7.43 -0.79 12.78
CA ILE B 64 -6.68 0.42 12.32
C ILE B 64 -7.15 1.63 13.12
N GLN B 65 -6.24 2.44 13.60
CA GLN B 65 -6.63 3.65 14.39
C GLN B 65 -6.06 4.90 13.75
N LYS B 66 -6.41 6.05 14.26
CA LYS B 66 -5.92 7.32 13.66
C LYS B 66 -4.40 7.31 13.56
N GLU B 67 -3.87 8.14 12.69
CA GLU B 67 -2.39 8.22 12.51
C GLU B 67 -1.81 6.85 12.14
N SER B 68 -2.66 5.90 11.82
CA SER B 68 -2.12 4.56 11.42
C SER B 68 -1.48 4.68 10.04
N THR B 69 -0.43 3.96 9.79
CA THR B 69 0.25 4.05 8.46
C THR B 69 0.08 2.74 7.70
N LEU B 70 -0.22 2.82 6.43
CA LEU B 70 -0.41 1.59 5.61
C LEU B 70 0.60 1.60 4.46
N HIS B 71 0.77 0.48 3.80
CA HIS B 71 1.75 0.43 2.67
C HIS B 71 0.99 0.22 1.36
N LEU B 72 1.38 0.92 0.31
CA LEU B 72 0.69 0.76 -1.00
C LEU B 72 1.61 0.02 -1.96
N VAL B 73 1.15 -1.06 -2.53
CA VAL B 73 2.00 -1.84 -3.47
C VAL B 73 1.39 -1.80 -4.87
N LEU B 74 2.18 -1.47 -5.87
CA LEU B 74 1.65 -1.43 -7.25
C LEU B 74 1.56 -2.86 -7.80
N ARG B 75 0.52 -3.15 -8.54
CA ARG B 75 0.36 -4.51 -9.09
C ARG B 75 0.97 -4.55 -10.50
N LEU B 76 0.36 -5.25 -11.40
CA LEU B 76 0.91 -5.32 -12.80
C LEU B 76 -0.19 -4.88 -13.77
N ARG B 77 -1.40 -5.30 -13.54
CA ARG B 77 -2.51 -4.92 -14.44
C ARG B 77 -2.98 -3.50 -14.09
N LYS A 61 23.46 -8.04 -2.91
CA LYS A 61 23.43 -6.99 -3.97
C LYS A 61 21.99 -6.73 -4.41
N ILE A 62 21.45 -5.59 -4.06
CA ILE A 62 20.05 -5.27 -4.45
C ILE A 62 19.99 -3.94 -5.22
N THR A 63 19.28 -3.93 -6.31
CA THR A 63 19.14 -2.69 -7.12
C THR A 63 17.68 -2.27 -7.14
N PHE A 64 17.39 -1.03 -6.81
CA PHE A 64 15.98 -0.57 -6.79
C PHE A 64 15.76 0.49 -7.90
N PRO A 65 14.69 0.40 -8.66
CA PRO A 65 14.39 1.40 -9.73
C PRO A 65 14.48 2.85 -9.22
N SER A 66 14.51 3.77 -10.14
CA SER A 66 14.60 5.22 -9.78
C SER A 66 13.32 5.70 -9.10
N ASP A 67 12.32 4.84 -8.97
CA ASP A 67 11.05 5.28 -8.33
C ASP A 67 10.74 4.39 -7.11
N ILE A 68 11.62 3.48 -6.78
CA ILE A 68 11.36 2.59 -5.61
C ILE A 68 12.24 3.00 -4.42
N ASP A 69 11.64 3.16 -3.28
CA ASP A 69 12.43 3.55 -2.07
C ASP A 69 12.72 2.28 -1.24
N PRO A 70 13.92 2.15 -0.71
CA PRO A 70 14.31 0.96 0.10
C PRO A 70 13.62 0.93 1.48
N GLN A 71 13.43 2.06 2.08
CA GLN A 71 12.78 2.12 3.42
C GLN A 71 11.35 1.56 3.33
N VAL A 72 10.62 1.89 2.31
CA VAL A 72 9.22 1.36 2.22
C VAL A 72 9.22 -0.07 1.67
N PHE A 73 10.23 -0.44 0.94
CA PHE A 73 10.27 -1.82 0.36
C PHE A 73 10.46 -2.86 1.46
N TYR A 74 11.49 -2.72 2.25
CA TYR A 74 11.74 -3.72 3.33
C TYR A 74 10.56 -3.73 4.31
N GLU A 75 9.75 -2.71 4.29
CA GLU A 75 8.58 -2.68 5.23
C GLU A 75 7.46 -3.56 4.68
N LEU A 76 7.61 -4.06 3.49
CA LEU A 76 6.54 -4.92 2.89
C LEU A 76 6.83 -6.39 3.23
N PRO A 77 5.80 -7.20 3.30
CA PRO A 77 5.95 -8.65 3.61
C PRO A 77 6.91 -9.35 2.64
N GLU A 78 7.49 -10.45 3.06
CA GLU A 78 8.44 -11.17 2.16
C GLU A 78 7.72 -11.67 0.90
N ALA A 79 6.62 -12.35 1.05
CA ALA A 79 5.90 -12.89 -0.15
C ALA A 79 5.74 -11.78 -1.20
N VAL A 80 5.37 -10.60 -0.79
CA VAL A 80 5.21 -9.49 -1.77
C VAL A 80 6.60 -9.00 -2.18
N GLN A 81 7.54 -9.09 -1.29
CA GLN A 81 8.92 -8.65 -1.63
C GLN A 81 9.43 -9.49 -2.80
N LYS A 82 9.30 -10.79 -2.71
CA LYS A 82 9.77 -11.68 -3.80
C LYS A 82 9.05 -11.35 -5.10
N GLU A 83 7.76 -11.22 -5.07
CA GLU A 83 7.01 -10.90 -6.34
C GLU A 83 7.53 -9.60 -6.96
N LEU A 84 7.79 -8.60 -6.16
CA LEU A 84 8.28 -7.31 -6.72
C LEU A 84 9.72 -7.49 -7.24
N LEU A 85 10.53 -8.24 -6.56
CA LEU A 85 11.93 -8.45 -7.06
C LEU A 85 11.87 -9.31 -8.32
N ALA A 86 10.98 -10.27 -8.35
CA ALA A 86 10.88 -11.14 -9.57
C ALA A 86 10.50 -10.26 -10.77
N GLU A 87 9.70 -9.25 -10.54
CA GLU A 87 9.31 -8.35 -11.66
C GLU A 87 10.53 -7.54 -12.11
N TRP A 88 11.33 -7.12 -11.18
CA TRP A 88 12.55 -6.35 -11.56
C TRP A 88 13.59 -7.31 -12.15
N LYS A 89 13.39 -8.59 -11.98
CA LYS A 89 14.37 -9.56 -12.53
C LYS A 89 13.96 -9.98 -13.94
N ARG A 90 12.71 -10.29 -14.14
CA ARG A 90 12.28 -10.68 -15.52
C ARG A 90 12.62 -9.53 -16.47
N THR A 91 12.42 -8.32 -16.06
CA THR A 91 12.76 -7.16 -16.94
C THR A 91 14.22 -6.75 -16.67
N GLY A 92 14.65 -6.84 -15.44
CA GLY A 92 16.05 -6.46 -15.10
C GLY A 92 16.99 -6.94 -16.20
N MET B 4 -11.20 9.40 12.08
CA MET B 4 -9.76 9.07 12.31
C MET B 4 -9.02 9.07 10.97
N GLN B 5 -7.87 9.67 10.93
CA GLN B 5 -7.10 9.73 9.65
C GLN B 5 -6.03 8.65 9.61
N ILE B 6 -5.48 8.39 8.45
CA ILE B 6 -4.42 7.35 8.33
C ILE B 6 -3.37 7.80 7.31
N PHE B 7 -2.13 7.49 7.54
CA PHE B 7 -1.07 7.90 6.57
C PHE B 7 -0.80 6.75 5.60
N VAL B 8 -0.55 7.06 4.36
CA VAL B 8 -0.29 5.98 3.35
C VAL B 8 1.08 6.22 2.69
N LYS B 9 2.03 5.36 2.95
CA LYS B 9 3.37 5.52 2.32
C LYS B 9 3.44 4.65 1.08
N THR B 10 3.89 5.18 -0.02
CA THR B 10 3.95 4.37 -1.27
C THR B 10 5.32 3.71 -1.40
N LEU B 11 5.55 3.05 -2.49
CA LEU B 11 6.85 2.37 -2.69
C LEU B 11 7.93 3.42 -2.95
N THR B 12 7.54 4.64 -3.18
CA THR B 12 8.54 5.71 -3.45
C THR B 12 8.75 6.55 -2.19
N GLY B 13 8.02 6.28 -1.14
CA GLY B 13 8.19 7.07 0.11
C GLY B 13 7.15 8.19 0.15
N LYS B 14 6.31 8.28 -0.85
CA LYS B 14 5.28 9.34 -0.86
C LYS B 14 4.28 9.08 0.27
N THR B 15 4.18 10.00 1.20
CA THR B 15 3.23 9.80 2.34
C THR B 15 1.95 10.61 2.08
N ILE B 16 0.81 9.99 2.22
CA ILE B 16 -0.48 10.70 1.98
C ILE B 16 -1.39 10.55 3.19
N THR B 17 -2.00 11.62 3.62
CA THR B 17 -2.91 11.53 4.81
C THR B 17 -4.35 11.58 4.30
N LEU B 18 -5.13 10.58 4.63
CA LEU B 18 -6.54 10.55 4.15
C LEU B 18 -7.50 10.38 5.34
N GLU B 19 -8.40 11.32 5.51
CA GLU B 19 -9.37 11.23 6.63
C GLU B 19 -10.30 10.02 6.39
N VAL B 20 -10.46 9.19 7.38
CA VAL B 20 -11.34 8.00 7.20
C VAL B 20 -12.18 7.77 8.46
N GLU B 21 -12.92 6.70 8.49
CA GLU B 21 -13.75 6.41 9.69
C GLU B 21 -13.64 4.91 10.01
N PRO B 22 -13.85 4.54 11.25
CA PRO B 22 -13.77 3.11 11.68
C PRO B 22 -14.70 2.20 10.88
N SER B 23 -15.74 2.75 10.30
CA SER B 23 -16.68 1.91 9.50
C SER B 23 -16.40 2.08 8.00
N ASP B 24 -15.34 2.76 7.66
CA ASP B 24 -15.03 2.94 6.20
C ASP B 24 -14.56 1.61 5.61
N THR B 25 -14.96 1.32 4.40
CA THR B 25 -14.55 0.04 3.77
C THR B 25 -13.18 0.20 3.11
N ILE B 26 -12.42 -0.86 3.07
CA ILE B 26 -11.07 -0.78 2.43
C ILE B 26 -11.20 -0.23 1.01
N GLU B 27 -12.21 -0.66 0.29
CA GLU B 27 -12.40 -0.16 -1.10
C GLU B 27 -12.50 1.38 -1.08
N ASN B 28 -13.07 1.93 -0.05
CA ASN B 28 -13.18 3.42 0.00
C ASN B 28 -11.78 4.02 0.16
N VAL B 29 -11.04 3.58 1.15
CA VAL B 29 -9.66 4.11 1.34
C VAL B 29 -8.92 3.99 0.01
N LYS B 30 -8.96 2.82 -0.58
CA LYS B 30 -8.27 2.60 -1.88
C LYS B 30 -8.66 3.71 -2.86
N ALA B 31 -9.91 4.07 -2.89
CA ALA B 31 -10.37 5.14 -3.82
C ALA B 31 -9.70 6.46 -3.47
N LYS B 32 -9.49 6.70 -2.21
CA LYS B 32 -8.84 7.98 -1.79
C LYS B 32 -7.48 8.09 -2.49
N ILE B 33 -6.65 7.10 -2.37
CA ILE B 33 -5.31 7.17 -3.04
C ILE B 33 -5.51 7.29 -4.56
N GLN B 34 -6.55 6.69 -5.07
CA GLN B 34 -6.79 6.77 -6.54
C GLN B 34 -7.04 8.22 -6.96
N ASP B 35 -7.82 8.95 -6.21
CA ASP B 35 -8.10 10.36 -6.60
C ASP B 35 -6.88 11.24 -6.33
N LYS B 36 -6.05 10.87 -5.40
CA LYS B 36 -4.85 11.71 -5.11
C LYS B 36 -3.64 11.21 -5.91
N GLU B 37 -3.36 9.94 -5.84
CA GLU B 37 -2.18 9.39 -6.58
C GLU B 37 -2.56 8.93 -8.00
N GLY B 38 -3.83 8.92 -8.33
CA GLY B 38 -4.21 8.48 -9.70
C GLY B 38 -3.98 6.99 -9.88
N ILE B 39 -3.94 6.24 -8.80
CA ILE B 39 -3.71 4.77 -8.92
C ILE B 39 -5.05 4.03 -8.74
N PRO B 40 -5.45 3.21 -9.70
CA PRO B 40 -6.74 2.46 -9.60
C PRO B 40 -6.64 1.28 -8.64
N PRO B 41 -7.75 0.85 -8.08
CA PRO B 41 -7.78 -0.28 -7.11
C PRO B 41 -7.40 -1.62 -7.75
N ASP B 42 -7.65 -1.79 -9.01
CA ASP B 42 -7.30 -3.08 -9.68
C ASP B 42 -5.78 -3.25 -9.73
N GLN B 43 -5.05 -2.22 -9.38
CA GLN B 43 -3.57 -2.32 -9.41
C GLN B 43 -2.97 -1.88 -8.07
N GLN B 44 -3.72 -1.18 -7.27
CA GLN B 44 -3.18 -0.71 -5.96
C GLN B 44 -3.53 -1.73 -4.87
N ARG B 45 -2.61 -2.00 -3.99
CA ARG B 45 -2.88 -2.98 -2.90
C ARG B 45 -2.48 -2.36 -1.56
N LEU B 46 -3.32 -2.46 -0.56
CA LEU B 46 -2.97 -1.88 0.77
C LEU B 46 -2.62 -3.00 1.75
N ILE B 47 -1.46 -2.91 2.36
CA ILE B 47 -1.04 -3.96 3.33
C ILE B 47 -0.80 -3.31 4.69
N PHE B 48 -1.27 -3.93 5.74
CA PHE B 48 -1.07 -3.35 7.10
C PHE B 48 -0.51 -4.44 8.02
N ALA B 49 0.62 -4.21 8.62
CA ALA B 49 1.20 -5.26 9.51
C ALA B 49 1.35 -6.57 8.73
N GLY B 50 1.88 -6.47 7.53
CA GLY B 50 2.08 -7.71 6.71
C GLY B 50 0.74 -8.35 6.36
N LYS B 51 -0.35 -7.77 6.79
CA LYS B 51 -1.68 -8.38 6.47
C LYS B 51 -2.29 -7.66 5.25
N GLN B 52 -2.81 -8.40 4.32
CA GLN B 52 -3.41 -7.77 3.11
C GLN B 52 -4.87 -7.38 3.43
N LEU B 53 -5.21 -6.13 3.28
CA LEU B 53 -6.60 -5.70 3.57
C LEU B 53 -7.54 -6.22 2.49
N GLU B 54 -8.74 -6.58 2.85
CA GLU B 54 -9.71 -7.11 1.85
C GLU B 54 -10.63 -5.97 1.39
N ASP B 55 -11.01 -5.98 0.14
CA ASP B 55 -11.91 -4.90 -0.37
C ASP B 55 -13.31 -5.09 0.20
N GLY B 56 -13.49 -6.06 1.07
CA GLY B 56 -14.84 -6.30 1.66
C GLY B 56 -14.78 -6.26 3.19
N ARG B 57 -14.08 -5.31 3.74
CA ARG B 57 -14.00 -5.23 5.23
C ARG B 57 -13.89 -3.77 5.66
N THR B 58 -13.95 -3.50 6.95
CA THR B 58 -13.86 -2.10 7.43
C THR B 58 -12.55 -1.89 8.19
N LEU B 59 -12.11 -0.66 8.32
CA LEU B 59 -10.84 -0.40 9.04
C LEU B 59 -10.94 -0.91 10.47
N SER B 60 -12.04 -0.70 11.12
CA SER B 60 -12.19 -1.18 12.52
C SER B 60 -12.06 -2.70 12.56
N ASP B 61 -12.43 -3.37 11.50
CA ASP B 61 -12.32 -4.86 11.48
C ASP B 61 -10.83 -5.25 11.42
N TYR B 62 -9.97 -4.30 11.12
CA TYR B 62 -8.52 -4.61 11.05
C TYR B 62 -7.82 -3.98 12.26
N ASN B 63 -8.57 -3.36 13.13
CA ASN B 63 -7.95 -2.73 14.33
C ASN B 63 -7.11 -1.52 13.91
N ILE B 64 -7.56 -0.76 12.95
CA ILE B 64 -6.78 0.43 12.51
C ILE B 64 -7.24 1.67 13.29
N GLN B 65 -6.33 2.47 13.75
CA GLN B 65 -6.71 3.70 14.50
C GLN B 65 -6.07 4.93 13.85
N LYS B 66 -6.38 6.10 14.33
CA LYS B 66 -5.83 7.34 13.74
C LYS B 66 -4.32 7.26 13.60
N GLU B 67 -3.76 8.10 12.78
CA GLU B 67 -2.29 8.14 12.62
C GLU B 67 -1.75 6.77 12.22
N SER B 68 -2.60 5.84 11.87
CA SER B 68 -2.10 4.50 11.46
C SER B 68 -1.45 4.62 10.08
N THR B 69 -0.40 3.89 9.84
CA THR B 69 0.30 3.98 8.53
C THR B 69 0.08 2.68 7.74
N LEU B 70 -0.24 2.80 6.48
CA LEU B 70 -0.45 1.58 5.64
C LEU B 70 0.53 1.60 4.47
N HIS B 71 0.80 0.46 3.89
CA HIS B 71 1.76 0.41 2.74
C HIS B 71 1.00 0.21 1.44
N LEU B 72 1.38 0.90 0.40
CA LEU B 72 0.69 0.75 -0.91
C LEU B 72 1.61 -0.03 -1.86
N VAL B 73 1.14 -1.11 -2.40
CA VAL B 73 1.98 -1.91 -3.34
C VAL B 73 1.40 -1.81 -4.75
N LEU B 74 2.22 -1.45 -5.71
CA LEU B 74 1.72 -1.34 -7.10
C LEU B 74 1.69 -2.74 -7.73
N ARG B 75 0.69 -3.00 -8.54
CA ARG B 75 0.59 -4.34 -9.18
C ARG B 75 1.30 -4.28 -10.54
N LEU B 76 0.77 -4.91 -11.54
CA LEU B 76 1.44 -4.89 -12.87
C LEU B 76 0.48 -4.36 -13.92
N ARG B 77 -0.80 -4.53 -13.72
CA ARG B 77 -1.79 -4.04 -14.72
C ARG B 77 -2.09 -2.56 -14.43
N LYS A 61 23.26 -8.08 -2.67
CA LYS A 61 23.26 -6.95 -3.65
C LYS A 61 21.86 -6.75 -4.22
N ILE A 62 21.22 -5.67 -3.86
CA ILE A 62 19.85 -5.39 -4.36
C ILE A 62 19.84 -4.09 -5.18
N THR A 63 19.20 -4.12 -6.32
CA THR A 63 19.11 -2.91 -7.17
C THR A 63 17.64 -2.46 -7.23
N PHE A 64 17.36 -1.22 -6.94
CA PHE A 64 15.95 -0.75 -6.96
C PHE A 64 15.75 0.29 -8.09
N PRO A 65 14.67 0.18 -8.84
CA PRO A 65 14.36 1.17 -9.94
C PRO A 65 14.50 2.63 -9.48
N SER A 66 14.55 3.52 -10.42
CA SER A 66 14.68 4.98 -10.09
C SER A 66 13.41 5.51 -9.41
N ASP A 67 12.41 4.68 -9.24
CA ASP A 67 11.15 5.15 -8.58
C ASP A 67 10.85 4.30 -7.35
N ILE A 68 11.74 3.42 -6.98
CA ILE A 68 11.51 2.56 -5.80
C ILE A 68 12.43 2.93 -4.65
N ASP A 69 11.88 3.11 -3.48
CA ASP A 69 12.71 3.47 -2.30
C ASP A 69 12.96 2.20 -1.45
N PRO A 70 14.16 2.02 -0.94
CA PRO A 70 14.50 0.84 -0.10
C PRO A 70 13.82 0.87 1.27
N GLN A 71 13.87 2.00 1.92
CA GLN A 71 13.24 2.15 3.26
C GLN A 71 11.83 1.57 3.28
N VAL A 72 11.01 1.92 2.32
CA VAL A 72 9.62 1.38 2.32
C VAL A 72 9.59 -0.06 1.80
N PHE A 73 10.53 -0.44 0.98
CA PHE A 73 10.53 -1.83 0.44
C PHE A 73 10.76 -2.86 1.55
N TYR A 74 11.80 -2.69 2.32
CA TYR A 74 12.07 -3.68 3.40
C TYR A 74 10.93 -3.68 4.41
N GLU A 75 10.12 -2.67 4.43
CA GLU A 75 8.98 -2.65 5.40
C GLU A 75 7.82 -3.47 4.83
N LEU A 76 7.93 -3.95 3.62
CA LEU A 76 6.84 -4.76 3.02
C LEU A 76 7.05 -6.24 3.34
N PRO A 77 5.99 -7.01 3.41
CA PRO A 77 6.09 -8.47 3.70
C PRO A 77 6.99 -9.19 2.69
N GLU A 78 7.53 -10.32 3.08
CA GLU A 78 8.43 -11.07 2.16
C GLU A 78 7.67 -11.54 0.91
N ALA A 79 6.56 -12.21 1.09
CA ALA A 79 5.79 -12.71 -0.08
C ALA A 79 5.63 -11.61 -1.12
N VAL A 80 5.31 -10.41 -0.71
CA VAL A 80 5.18 -9.30 -1.68
C VAL A 80 6.57 -8.86 -2.13
N GLN A 81 7.52 -8.98 -1.26
CA GLN A 81 8.91 -8.60 -1.62
C GLN A 81 9.37 -9.46 -2.80
N LYS A 82 9.22 -10.74 -2.69
CA LYS A 82 9.63 -11.65 -3.79
C LYS A 82 8.92 -11.28 -5.09
N GLU A 83 7.62 -11.10 -5.03
CA GLU A 83 6.87 -10.77 -6.28
C GLU A 83 7.41 -9.47 -6.90
N LEU A 84 7.67 -8.47 -6.11
CA LEU A 84 8.18 -7.20 -6.68
C LEU A 84 9.61 -7.40 -7.20
N LEU A 85 10.41 -8.18 -6.52
CA LEU A 85 11.80 -8.42 -7.03
C LEU A 85 11.72 -9.30 -8.28
N ALA A 86 10.81 -10.23 -8.31
CA ALA A 86 10.69 -11.11 -9.51
C ALA A 86 10.35 -10.25 -10.73
N GLU A 87 9.63 -9.17 -10.52
CA GLU A 87 9.28 -8.28 -11.66
C GLU A 87 10.51 -7.45 -12.03
N TRP A 88 11.26 -7.00 -11.08
CA TRP A 88 12.46 -6.19 -11.40
C TRP A 88 13.57 -7.13 -11.88
N LYS A 89 13.45 -8.40 -11.61
CA LYS A 89 14.48 -9.37 -12.06
C LYS A 89 14.06 -9.94 -13.41
N ARG A 90 12.83 -10.34 -13.57
CA ARG A 90 12.40 -10.88 -14.88
C ARG A 90 12.74 -9.87 -15.96
N THR A 91 12.55 -8.61 -15.68
CA THR A 91 12.90 -7.55 -16.68
C THR A 91 14.32 -7.06 -16.42
N GLY A 92 14.71 -6.97 -15.17
CA GLY A 92 16.09 -6.50 -14.85
C GLY A 92 17.08 -7.15 -15.82
N MET B 4 -11.12 8.87 12.10
CA MET B 4 -9.67 8.64 12.33
C MET B 4 -8.91 8.71 11.00
N GLN B 5 -7.80 9.37 10.96
CA GLN B 5 -7.04 9.50 9.69
C GLN B 5 -5.94 8.42 9.62
N ILE B 6 -5.40 8.20 8.44
CA ILE B 6 -4.33 7.18 8.30
C ILE B 6 -3.31 7.66 7.25
N PHE B 7 -2.06 7.40 7.47
CA PHE B 7 -1.02 7.84 6.50
C PHE B 7 -0.72 6.70 5.52
N VAL B 8 -0.48 7.02 4.27
CA VAL B 8 -0.18 5.96 3.27
C VAL B 8 1.20 6.21 2.64
N LYS B 9 2.16 5.39 2.95
CA LYS B 9 3.52 5.57 2.35
C LYS B 9 3.64 4.64 1.13
N THR B 10 4.02 5.19 0.00
CA THR B 10 4.13 4.34 -1.23
C THR B 10 5.51 3.69 -1.33
N LEU B 11 5.73 3.00 -2.41
CA LEU B 11 7.05 2.33 -2.62
C LEU B 11 8.12 3.38 -2.89
N THR B 12 7.71 4.58 -3.24
CA THR B 12 8.71 5.64 -3.53
C THR B 12 8.88 6.54 -2.30
N GLY B 13 8.11 6.29 -1.26
CA GLY B 13 8.25 7.13 -0.03
C GLY B 13 7.17 8.22 -0.02
N LYS B 14 6.31 8.24 -0.99
CA LYS B 14 5.23 9.27 -1.01
C LYS B 14 4.29 9.04 0.16
N THR B 15 4.20 9.98 1.07
CA THR B 15 3.29 9.80 2.24
C THR B 15 2.01 10.59 1.99
N ILE B 16 0.88 9.98 2.21
CA ILE B 16 -0.43 10.69 1.98
C ILE B 16 -1.32 10.52 3.21
N THR B 17 -1.97 11.58 3.63
CA THR B 17 -2.86 11.48 4.81
C THR B 17 -4.31 11.49 4.32
N LEU B 18 -5.07 10.48 4.62
CA LEU B 18 -6.48 10.43 4.15
C LEU B 18 -7.43 10.22 5.33
N GLU B 19 -8.36 11.13 5.52
CA GLU B 19 -9.32 11.01 6.66
C GLU B 19 -10.26 9.83 6.39
N VAL B 20 -10.47 8.99 7.37
CA VAL B 20 -11.39 7.82 7.16
C VAL B 20 -12.24 7.60 8.41
N GLU B 21 -13.00 6.54 8.45
CA GLU B 21 -13.84 6.27 9.64
C GLU B 21 -13.75 4.79 10.00
N PRO B 22 -13.95 4.44 11.26
CA PRO B 22 -13.87 3.03 11.72
C PRO B 22 -14.82 2.11 10.94
N SER B 23 -15.87 2.64 10.41
CA SER B 23 -16.83 1.79 9.64
C SER B 23 -16.58 1.96 8.14
N ASP B 24 -15.55 2.66 7.77
CA ASP B 24 -15.27 2.86 6.32
C ASP B 24 -14.79 1.54 5.71
N THR B 25 -15.17 1.26 4.50
CA THR B 25 -14.73 0.00 3.84
C THR B 25 -13.37 0.22 3.16
N ILE B 26 -12.54 -0.80 3.12
CA ILE B 26 -11.20 -0.66 2.48
C ILE B 26 -11.38 -0.12 1.06
N GLU B 27 -12.35 -0.61 0.34
CA GLU B 27 -12.57 -0.12 -1.05
C GLU B 27 -12.65 1.40 -1.07
N ASN B 28 -13.16 1.99 -0.01
CA ASN B 28 -13.26 3.48 0.01
C ASN B 28 -11.86 4.07 0.22
N VAL B 29 -11.16 3.64 1.23
CA VAL B 29 -9.79 4.18 1.46
C VAL B 29 -8.99 4.04 0.17
N LYS B 30 -9.13 2.92 -0.48
CA LYS B 30 -8.40 2.69 -1.76
C LYS B 30 -8.79 3.79 -2.76
N ALA B 31 -10.05 4.11 -2.81
CA ALA B 31 -10.52 5.17 -3.76
C ALA B 31 -9.83 6.49 -3.41
N LYS B 32 -9.58 6.71 -2.16
CA LYS B 32 -8.92 7.99 -1.76
C LYS B 32 -7.57 8.09 -2.47
N ILE B 33 -6.75 7.09 -2.36
CA ILE B 33 -5.42 7.13 -3.04
C ILE B 33 -5.64 7.26 -4.55
N GLN B 34 -6.70 6.69 -5.06
CA GLN B 34 -6.96 6.78 -6.53
C GLN B 34 -7.18 8.24 -6.93
N ASP B 35 -7.95 8.97 -6.18
CA ASP B 35 -8.21 10.40 -6.53
C ASP B 35 -6.97 11.26 -6.24
N LYS B 36 -6.11 10.83 -5.36
CA LYS B 36 -4.90 11.65 -5.05
C LYS B 36 -3.71 11.16 -5.88
N GLU B 37 -3.46 9.88 -5.86
CA GLU B 37 -2.29 9.33 -6.62
C GLU B 37 -2.70 8.89 -8.02
N GLY B 38 -3.96 8.93 -8.36
CA GLY B 38 -4.38 8.52 -9.73
C GLY B 38 -4.11 7.03 -9.94
N ILE B 39 -4.04 6.27 -8.89
CA ILE B 39 -3.79 4.81 -9.04
C ILE B 39 -5.11 4.04 -8.88
N PRO B 40 -5.44 3.14 -9.80
CA PRO B 40 -6.70 2.35 -9.72
C PRO B 40 -6.63 1.27 -8.64
N PRO B 41 -7.76 0.83 -8.14
CA PRO B 41 -7.83 -0.21 -7.08
C PRO B 41 -7.43 -1.60 -7.59
N ASP B 42 -7.70 -1.89 -8.83
CA ASP B 42 -7.35 -3.22 -9.39
C ASP B 42 -5.83 -3.38 -9.44
N GLN B 43 -5.09 -2.34 -9.16
CA GLN B 43 -3.60 -2.45 -9.22
C GLN B 43 -2.99 -1.92 -7.90
N GLN B 44 -3.69 -1.10 -7.18
CA GLN B 44 -3.11 -0.58 -5.91
C GLN B 44 -3.45 -1.56 -4.78
N ARG B 45 -2.51 -1.82 -3.91
CA ARG B 45 -2.77 -2.77 -2.80
C ARG B 45 -2.38 -2.13 -1.46
N LEU B 46 -3.23 -2.23 -0.48
CA LEU B 46 -2.91 -1.62 0.85
C LEU B 46 -2.55 -2.73 1.83
N ILE B 47 -1.40 -2.65 2.45
CA ILE B 47 -0.97 -3.69 3.42
C ILE B 47 -0.78 -3.07 4.80
N PHE B 48 -1.29 -3.70 5.82
CA PHE B 48 -1.15 -3.16 7.21
C PHE B 48 -0.57 -4.24 8.12
N ALA B 49 0.63 -4.06 8.59
CA ALA B 49 1.23 -5.10 9.48
C ALA B 49 1.40 -6.40 8.69
N GLY B 50 1.83 -6.28 7.46
CA GLY B 50 2.05 -7.50 6.63
C GLY B 50 0.72 -8.20 6.33
N LYS B 51 -0.38 -7.50 6.51
CA LYS B 51 -1.70 -8.14 6.24
C LYS B 51 -2.35 -7.47 5.01
N GLN B 52 -2.90 -8.25 4.12
CA GLN B 52 -3.52 -7.64 2.91
C GLN B 52 -4.96 -7.25 3.22
N LEU B 53 -5.32 -6.02 2.98
CA LEU B 53 -6.71 -5.58 3.26
C LEU B 53 -7.64 -6.02 2.12
N GLU B 54 -8.85 -6.39 2.44
CA GLU B 54 -9.80 -6.83 1.37
C GLU B 54 -10.83 -5.73 1.12
N ASP B 55 -11.29 -5.61 -0.10
CA ASP B 55 -12.29 -4.56 -0.43
C ASP B 55 -13.64 -4.91 0.22
N GLY B 56 -13.69 -5.97 0.97
CA GLY B 56 -14.99 -6.36 1.61
C GLY B 56 -14.87 -6.35 3.14
N ARG B 57 -14.22 -5.36 3.70
CA ARG B 57 -14.10 -5.31 5.18
C ARG B 57 -14.00 -3.85 5.64
N THR B 58 -14.03 -3.62 6.92
CA THR B 58 -13.97 -2.22 7.43
C THR B 58 -12.66 -1.99 8.19
N LEU B 59 -12.23 -0.77 8.31
CA LEU B 59 -10.96 -0.48 9.04
C LEU B 59 -11.05 -1.06 10.44
N SER B 60 -12.17 -0.87 11.10
CA SER B 60 -12.32 -1.40 12.48
C SER B 60 -12.17 -2.93 12.45
N ASP B 61 -12.51 -3.54 11.35
CA ASP B 61 -12.36 -5.03 11.26
C ASP B 61 -10.87 -5.37 11.23
N TYR B 62 -10.04 -4.40 10.96
CA TYR B 62 -8.57 -4.66 10.92
C TYR B 62 -7.93 -4.04 12.17
N ASN B 63 -8.72 -3.44 13.01
CA ASN B 63 -8.16 -2.82 14.24
C ASN B 63 -7.27 -1.64 13.88
N ILE B 64 -7.66 -0.87 12.89
CA ILE B 64 -6.84 0.31 12.50
C ILE B 64 -7.29 1.54 13.29
N GLN B 65 -6.36 2.34 13.75
CA GLN B 65 -6.74 3.55 14.52
C GLN B 65 -6.11 4.79 13.87
N LYS B 66 -6.44 5.95 14.38
CA LYS B 66 -5.90 7.20 13.81
C LYS B 66 -4.37 7.16 13.73
N GLU B 67 -3.82 8.01 12.92
CA GLU B 67 -2.34 8.11 12.79
C GLU B 67 -1.73 6.75 12.37
N SER B 68 -2.53 5.81 11.98
CA SER B 68 -1.97 4.51 11.53
C SER B 68 -1.36 4.67 10.14
N THR B 69 -0.34 3.92 9.83
CA THR B 69 0.31 4.06 8.48
C THR B 69 0.10 2.77 7.68
N LEU B 70 -0.20 2.90 6.42
CA LEU B 70 -0.42 1.70 5.56
C LEU B 70 0.51 1.76 4.35
N HIS B 71 1.09 0.66 3.96
CA HIS B 71 2.00 0.67 2.78
C HIS B 71 1.20 0.42 1.50
N LEU B 72 1.58 1.08 0.43
CA LEU B 72 0.85 0.89 -0.86
C LEU B 72 1.75 0.14 -1.84
N VAL B 73 1.27 -0.94 -2.40
CA VAL B 73 2.11 -1.73 -3.36
C VAL B 73 1.49 -1.65 -4.75
N LEU B 74 2.27 -1.31 -5.74
CA LEU B 74 1.72 -1.22 -7.12
C LEU B 74 1.69 -2.62 -7.74
N ARG B 75 0.70 -2.90 -8.53
CA ARG B 75 0.61 -4.24 -9.16
C ARG B 75 1.21 -4.17 -10.57
N LEU B 76 0.57 -4.75 -11.54
CA LEU B 76 1.10 -4.71 -12.93
C LEU B 76 0.05 -4.08 -13.86
N ARG B 77 -1.19 -4.20 -13.51
CA ARG B 77 -2.26 -3.60 -14.36
C ARG B 77 -1.95 -2.12 -14.59
#